data_8TVA
#
_entry.id   8TVA
#
loop_
_entity.id
_entity.type
_entity.pdbx_description
1 polymer 'Maturation protein'
2 polymer 'Fimbrial protein'
3 polymer 'Fimbrial protein'
#
loop_
_entity_poly.entity_id
_entity_poly.type
_entity_poly.pdbx_seq_one_letter_code
_entity_poly.pdbx_strand_id
1 'polypeptide(L)'
;MNMYKWVPESIRDSGEGQPSYSNNGDYAPSGPWVAAGIHTMPQSLRDSMRNSIMVTAQARRDVIGPEWGPDGRFTGYASV
IGTPDPKPADIVNKFTVERRPVSNGNFQQRVKAGDIVVAPYTSDGKITVKLVAGQKDISSTPDYDYRIDSSLASSAGFVV
AGERWYYTKRHFIIPRYFQNWRMRRRKYVTGWVMPTFYSPKEIFNRLKDSLVPDTGLVTQVWADNNTKRMDFLTAMAEIP
QTLSSFLDALGYLGSLIKDFKRRRFFLNKAHQRIRNKLGVSFAERRSQIVSKYDRKIASARKPAIIVKLRQRKEKALKAL
DKMRVREEKKMIREFATQAASLWLSFRYEIMPLYYQSQDVLDVIANSTSEFMTSRDFVAKAINIGIPLEWNLDQENLVSQ
PRHNVMVKSKLSPENNIGKTLSVNPFTTAWELLTLSFVVDWFVNFGDVIAGFTGGYSDDSGATASWRFDDKKVFHLKNIP
SAMVIVDINFYTRQVIDPRLCGGLAFSPKLNLFRYLDAMSLSWNRSRLKISRAT
;
b
2 'polypeptide(L)' TLIELMIVVAIIGILAAIAIPQYQNYIAKSQVSRVMSETGSLKTVIETCILDGKTAANCELGWTNSNLLG BK,BL,BM,BN,BO,BP,BQ,BR,BS,BT,BU,BV,BW,BX,BY,BZ,CA,CB,CC,CD
3 'polypeptide(L)' STAAVTGQTGLTITYPASATESAAIQGTFGNSAAIKIKNQTLTWTRTPEGAWSCATTVEAKFKPAGCAS CE,CF,CG,CH,CI,CJ,CK,CL,CM,CN,CO,CP,CQ,CR,CS,CT,CU,CV,CW,CX
#
# COMPACT_ATOMS: atom_id res chain seq x y z
N MET A 1 -16.70 12.27 10.41
CA MET A 1 -17.56 12.24 9.23
C MET A 1 -16.77 12.63 7.98
N ASN A 2 -17.29 12.25 6.81
CA ASN A 2 -16.60 12.53 5.57
C ASN A 2 -17.62 12.79 4.48
N MET A 3 -17.20 13.53 3.45
CA MET A 3 -17.96 13.70 2.23
C MET A 3 -16.99 13.76 1.06
N TYR A 4 -17.37 13.17 -0.06
CA TYR A 4 -16.54 13.24 -1.25
C TYR A 4 -16.63 14.63 -1.87
N LYS A 5 -15.55 15.25 -2.28
CA LYS A 5 -15.47 16.59 -2.87
C LYS A 5 -14.44 16.55 -3.98
N TRP A 6 -14.65 17.37 -4.97
CA TRP A 6 -13.73 17.54 -6.10
C TRP A 6 -12.38 18.06 -5.61
N VAL A 7 -11.35 17.77 -6.40
CA VAL A 7 -10.00 18.24 -6.11
C VAL A 7 -9.64 19.28 -7.17
N PRO A 8 -9.92 20.56 -6.95
CA PRO A 8 -9.62 21.56 -7.96
C PRO A 8 -8.13 21.67 -8.22
N GLU A 9 -7.79 22.00 -9.46
CA GLU A 9 -6.43 22.27 -9.91
C GLU A 9 -5.52 21.05 -9.86
N SER A 10 -6.09 19.83 -9.77
CA SER A 10 -5.32 18.60 -9.73
C SER A 10 -5.62 17.70 -10.93
N ILE A 11 -6.06 18.30 -12.04
CA ILE A 11 -6.37 17.56 -13.26
C ILE A 11 -5.50 18.12 -14.38
N ARG A 12 -4.85 17.23 -15.12
CA ARG A 12 -3.91 17.62 -16.16
C ARG A 12 -4.28 16.96 -17.47
N ASP A 13 -3.94 17.63 -18.57
CA ASP A 13 -4.11 17.07 -19.91
C ASP A 13 -3.01 16.04 -20.13
N SER A 14 -3.29 14.81 -19.68
CA SER A 14 -2.28 13.75 -19.77
C SER A 14 -1.91 13.43 -21.20
N GLY A 15 -2.88 13.45 -22.11
CA GLY A 15 -2.63 13.19 -23.51
C GLY A 15 -2.97 11.80 -23.99
N GLU A 16 -3.59 10.97 -23.15
CA GLU A 16 -4.02 9.64 -23.59
C GLU A 16 -5.38 9.69 -24.27
N GLY A 17 -5.53 10.64 -25.19
CA GLY A 17 -6.76 10.80 -25.94
C GLY A 17 -6.48 11.10 -27.39
N GLN A 18 -7.06 10.32 -28.29
CA GLN A 18 -6.72 10.39 -29.70
C GLN A 18 -7.82 11.11 -30.47
N PRO A 19 -7.56 12.30 -31.01
CA PRO A 19 -8.53 12.92 -31.93
C PRO A 19 -8.74 12.05 -33.16
N SER A 20 -9.94 12.13 -33.70
CA SER A 20 -10.38 11.22 -34.76
C SER A 20 -10.14 11.88 -36.11
N TYR A 21 -9.16 11.37 -36.84
CA TYR A 21 -8.90 11.75 -38.23
C TYR A 21 -10.09 11.38 -39.12
N SER A 22 -10.55 12.33 -39.92
CA SER A 22 -11.72 12.10 -40.76
C SER A 22 -11.29 11.58 -42.13
N ASN A 23 -11.84 10.42 -42.52
CA ASN A 23 -11.55 9.87 -43.83
C ASN A 23 -12.21 10.66 -44.96
N ASN A 24 -13.41 11.19 -44.72
CA ASN A 24 -14.15 11.86 -45.79
C ASN A 24 -13.49 13.15 -46.23
N GLY A 25 -12.61 13.73 -45.41
CA GLY A 25 -11.94 14.96 -45.79
C GLY A 25 -12.78 16.21 -45.68
N ASP A 26 -13.94 16.13 -45.04
CA ASP A 26 -14.83 17.27 -44.90
C ASP A 26 -15.57 17.13 -43.56
N TYR A 27 -16.66 17.87 -43.40
CA TYR A 27 -17.44 17.87 -42.18
C TYR A 27 -18.61 16.88 -42.22
N ALA A 28 -18.45 15.77 -42.92
CA ALA A 28 -19.50 14.76 -42.97
C ALA A 28 -19.70 14.14 -41.58
N PRO A 29 -20.90 14.17 -41.02
CA PRO A 29 -21.10 13.58 -39.69
C PRO A 29 -20.81 12.09 -39.63
N SER A 30 -21.00 11.37 -40.73
CA SER A 30 -20.80 9.93 -40.77
C SER A 30 -19.57 9.61 -41.61
N GLY A 31 -19.32 8.31 -41.79
CA GLY A 31 -18.18 7.84 -42.54
C GLY A 31 -17.11 7.24 -41.64
N PRO A 32 -16.17 6.51 -42.24
CA PRO A 32 -15.10 5.90 -41.44
C PRO A 32 -14.24 6.96 -40.77
N TRP A 33 -13.70 6.60 -39.60
CA TRP A 33 -12.92 7.55 -38.81
C TRP A 33 -11.67 6.87 -38.29
N VAL A 34 -10.63 7.66 -38.06
CA VAL A 34 -9.32 7.15 -37.71
C VAL A 34 -9.02 7.58 -36.27
N ALA A 35 -7.99 6.98 -35.68
CA ALA A 35 -7.43 7.44 -34.41
C ALA A 35 -6.13 8.19 -34.70
N ALA A 36 -6.17 9.51 -34.56
CA ALA A 36 -5.03 10.36 -34.90
C ALA A 36 -4.34 10.84 -33.63
N GLY A 37 -3.11 11.31 -33.80
CA GLY A 37 -2.32 11.75 -32.67
C GLY A 37 -2.82 13.06 -32.08
N ILE A 38 -2.58 13.22 -30.78
CA ILE A 38 -3.01 14.41 -30.05
C ILE A 38 -2.28 15.66 -30.50
N HIS A 39 -1.06 15.52 -31.04
CA HIS A 39 -0.27 16.70 -31.39
C HIS A 39 -0.83 17.45 -32.60
N THR A 40 -1.73 16.82 -33.37
CA THR A 40 -2.27 17.48 -34.56
C THR A 40 -3.06 18.72 -34.19
N MET A 41 -3.88 18.65 -33.14
CA MET A 41 -4.71 19.77 -32.77
C MET A 41 -3.89 20.84 -32.02
N PRO A 42 -4.24 22.11 -32.16
CA PRO A 42 -3.43 23.17 -31.53
C PRO A 42 -3.45 23.08 -30.02
N GLN A 43 -2.36 23.55 -29.41
CA GLN A 43 -2.26 23.56 -27.96
C GLN A 43 -3.19 24.58 -27.35
N SER A 44 -3.44 25.69 -28.06
CA SER A 44 -4.35 26.71 -27.55
C SER A 44 -5.75 26.16 -27.39
N LEU A 45 -6.23 25.42 -28.39
CA LEU A 45 -7.55 24.79 -28.30
C LEU A 45 -7.59 23.77 -27.17
N ARG A 46 -6.50 23.01 -27.00
CA ARG A 46 -6.43 22.02 -25.93
C ARG A 46 -6.54 22.69 -24.57
N ASP A 47 -5.80 23.79 -24.37
CA ASP A 47 -5.87 24.51 -23.11
C ASP A 47 -7.25 25.12 -22.90
N SER A 48 -7.87 25.64 -23.97
CA SER A 48 -9.19 26.23 -23.85
C SER A 48 -10.22 25.19 -23.42
N MET A 49 -10.19 24.01 -24.05
CA MET A 49 -11.15 22.97 -23.69
C MET A 49 -10.86 22.40 -22.31
N ARG A 50 -9.59 22.30 -21.91
CA ARG A 50 -9.27 21.85 -20.55
C ARG A 50 -9.79 22.85 -19.53
N ASN A 51 -9.61 24.14 -19.79
CA ASN A 51 -10.12 25.17 -18.89
C ASN A 51 -11.64 25.12 -18.80
N SER A 52 -12.30 24.90 -19.94
CA SER A 52 -13.75 24.77 -19.94
C SER A 52 -14.20 23.56 -19.10
N ILE A 53 -13.49 22.44 -19.24
CA ILE A 53 -13.84 21.26 -18.45
C ILE A 53 -13.63 21.52 -16.98
N MET A 54 -12.54 22.20 -16.61
CA MET A 54 -12.28 22.49 -15.21
C MET A 54 -13.36 23.41 -14.63
N VAL A 55 -13.75 24.43 -15.39
CA VAL A 55 -14.81 25.33 -14.95
C VAL A 55 -16.13 24.56 -14.78
N THR A 56 -16.43 23.68 -15.75
CA THR A 56 -17.65 22.89 -15.66
C THR A 56 -17.63 21.97 -14.44
N ALA A 57 -16.48 21.40 -14.11
CA ALA A 57 -16.41 20.42 -13.04
C ALA A 57 -16.38 21.08 -11.66
N GLN A 58 -15.43 21.98 -11.42
CA GLN A 58 -15.24 22.54 -10.09
C GLN A 58 -16.15 23.73 -9.81
N ALA A 59 -16.24 24.67 -10.74
CA ALA A 59 -16.94 25.93 -10.47
C ALA A 59 -18.44 25.76 -10.37
N ARG A 60 -19.00 24.69 -10.94
CA ARG A 60 -20.46 24.55 -10.94
C ARG A 60 -20.99 24.30 -9.52
N ARG A 61 -20.27 23.58 -8.65
CA ARG A 61 -20.71 23.32 -7.28
C ARG A 61 -19.51 22.88 -6.49
N ASP A 62 -19.29 23.63 -5.44
CA ASP A 62 -18.12 23.45 -4.59
C ASP A 62 -18.32 22.30 -3.61
N VAL A 63 -19.34 22.36 -2.75
CA VAL A 63 -19.61 21.35 -1.71
C VAL A 63 -21.06 20.91 -1.83
N ILE A 64 -21.30 19.83 -2.59
CA ILE A 64 -22.64 19.28 -2.79
C ILE A 64 -22.49 17.79 -3.06
N GLY A 65 -23.59 17.06 -2.88
CA GLY A 65 -23.71 15.69 -3.31
C GLY A 65 -24.38 15.54 -4.67
N PRO A 66 -23.67 15.89 -5.76
CA PRO A 66 -24.33 15.89 -7.07
C PRO A 66 -24.57 14.49 -7.59
N GLU A 67 -25.05 14.38 -8.83
CA GLU A 67 -25.31 13.08 -9.44
C GLU A 67 -24.13 12.68 -10.31
N TRP A 68 -23.72 11.42 -10.21
CA TRP A 68 -22.67 10.89 -11.06
C TRP A 68 -23.28 10.42 -12.38
N GLY A 69 -22.58 10.71 -13.48
CA GLY A 69 -23.09 10.43 -14.80
C GLY A 69 -23.41 8.97 -15.02
N PRO A 70 -24.67 8.67 -15.34
CA PRO A 70 -25.03 7.29 -15.67
C PRO A 70 -24.27 6.73 -16.86
N ASP A 71 -23.99 7.58 -17.85
CA ASP A 71 -23.10 7.22 -18.96
C ASP A 71 -21.69 7.75 -18.74
N GLY A 72 -21.41 8.30 -17.56
CA GLY A 72 -20.11 8.85 -17.25
C GLY A 72 -19.93 10.31 -17.59
N ARG A 73 -20.93 10.96 -18.15
CA ARG A 73 -20.84 12.37 -18.54
C ARG A 73 -21.17 13.30 -17.36
N PHE A 74 -20.39 13.17 -16.29
CA PHE A 74 -20.56 14.03 -15.13
C PHE A 74 -19.90 15.39 -15.37
N THR A 75 -20.31 16.37 -14.58
CA THR A 75 -19.77 17.72 -14.68
C THR A 75 -19.22 18.16 -13.33
N GLY A 76 -18.44 17.30 -12.68
CA GLY A 76 -17.99 17.55 -11.33
C GLY A 76 -18.60 16.55 -10.37
N TYR A 77 -17.82 15.53 -10.02
CA TYR A 77 -18.31 14.42 -9.23
C TYR A 77 -17.94 14.64 -7.77
N ALA A 78 -18.94 14.63 -6.90
CA ALA A 78 -18.75 14.64 -5.46
C ALA A 78 -19.82 13.75 -4.85
N SER A 79 -19.66 13.47 -3.56
CA SER A 79 -20.60 12.59 -2.88
C SER A 79 -20.66 12.96 -1.41
N VAL A 80 -21.76 12.55 -0.78
CA VAL A 80 -21.95 12.68 0.67
C VAL A 80 -22.13 11.29 1.25
N ILE A 81 -21.38 11.00 2.31
CA ILE A 81 -21.36 9.67 2.92
C ILE A 81 -22.24 9.70 4.16
N GLY A 82 -23.16 8.75 4.25
CA GLY A 82 -24.10 8.75 5.35
C GLY A 82 -25.12 9.87 5.19
N THR A 83 -25.71 10.25 6.31
CA THR A 83 -26.66 11.36 6.31
C THR A 83 -25.93 12.64 5.97
N PRO A 84 -26.33 13.36 4.92
CA PRO A 84 -25.66 14.63 4.60
C PRO A 84 -25.79 15.63 5.74
N ASP A 85 -24.72 16.36 5.99
CA ASP A 85 -24.63 17.37 7.05
C ASP A 85 -25.56 18.57 6.72
N PRO A 86 -26.56 18.88 7.56
CA PRO A 86 -27.50 19.96 7.26
C PRO A 86 -26.96 21.33 7.65
N LYS A 87 -27.26 22.33 6.82
CA LYS A 87 -27.12 23.75 7.16
C LYS A 87 -27.79 23.99 8.53
N PRO A 88 -27.08 24.51 9.54
CA PRO A 88 -27.71 25.14 10.69
C PRO A 88 -28.63 26.24 10.17
N ALA A 89 -29.94 26.05 10.36
CA ALA A 89 -30.95 26.62 9.47
C ALA A 89 -30.92 28.15 9.36
N ASP A 90 -31.19 28.70 8.17
CA ASP A 90 -31.12 30.13 7.90
C ASP A 90 -32.06 30.92 8.83
N ILE A 91 -31.48 31.68 9.76
CA ILE A 91 -32.21 32.26 10.88
C ILE A 91 -32.92 33.55 10.42
N VAL A 92 -34.09 33.42 9.80
CA VAL A 92 -34.97 34.56 9.47
C VAL A 92 -35.57 35.15 10.76
N ASN A 93 -35.47 36.47 10.91
CA ASN A 93 -36.06 37.24 12.01
C ASN A 93 -36.88 38.38 11.42
N LYS A 94 -38.11 38.64 11.87
CA LYS A 94 -39.05 39.48 11.14
C LYS A 94 -39.42 40.69 12.00
N PHE A 95 -39.41 41.86 11.37
CA PHE A 95 -39.86 43.08 12.04
C PHE A 95 -40.70 43.87 11.05
N THR A 96 -41.96 44.10 11.42
CA THR A 96 -42.91 44.78 10.55
C THR A 96 -43.10 46.21 11.04
N VAL A 97 -42.99 47.17 10.13
CA VAL A 97 -43.15 48.58 10.47
C VAL A 97 -44.64 48.87 10.62
N GLU A 98 -45.05 49.22 11.83
CA GLU A 98 -46.44 49.59 12.08
C GLU A 98 -46.74 50.93 11.41
N ARG A 99 -47.87 50.98 10.72
CA ARG A 99 -48.19 52.14 9.90
C ARG A 99 -48.48 53.36 10.77
N ARG A 100 -48.40 54.53 10.15
CA ARG A 100 -48.84 55.79 10.77
C ARG A 100 -49.77 56.50 9.80
N PRO A 101 -50.97 55.97 9.58
CA PRO A 101 -51.95 56.67 8.74
C PRO A 101 -52.59 57.80 9.52
N VAL A 102 -52.71 58.96 8.88
CA VAL A 102 -53.17 60.17 9.54
C VAL A 102 -54.62 60.40 9.16
N SER A 103 -55.50 60.39 10.15
CA SER A 103 -56.90 60.73 9.93
C SER A 103 -57.01 62.24 9.78
N ASN A 104 -57.37 62.69 8.58
CA ASN A 104 -57.32 64.11 8.25
C ASN A 104 -58.68 64.79 8.35
N GLY A 105 -59.60 64.27 9.15
CA GLY A 105 -60.88 64.93 9.30
C GLY A 105 -61.64 64.94 7.99
N ASN A 106 -62.40 66.01 7.76
CA ASN A 106 -63.19 66.14 6.54
C ASN A 106 -62.24 66.59 5.42
N PHE A 107 -61.56 65.60 4.83
CA PHE A 107 -60.63 65.86 3.75
C PHE A 107 -61.31 66.51 2.57
N GLN A 108 -62.53 66.06 2.26
CA GLN A 108 -63.28 66.68 1.16
C GLN A 108 -63.57 68.14 1.44
N GLN A 109 -63.82 68.48 2.70
CA GLN A 109 -64.12 69.87 3.03
C GLN A 109 -62.93 70.77 2.74
N ARG A 110 -61.75 70.40 3.23
CA ARG A 110 -60.57 71.21 2.98
C ARG A 110 -60.20 71.17 1.50
N VAL A 111 -60.59 70.11 0.80
CA VAL A 111 -60.45 70.10 -0.65
C VAL A 111 -61.31 71.18 -1.27
N LYS A 112 -62.56 71.29 -0.85
CA LYS A 112 -63.41 72.39 -1.29
C LYS A 112 -62.74 73.72 -0.98
N ALA A 113 -62.11 73.80 0.19
CA ALA A 113 -61.35 74.99 0.55
C ALA A 113 -60.14 75.19 -0.35
N GLY A 114 -59.79 74.19 -1.15
CA GLY A 114 -58.62 74.30 -1.98
C GLY A 114 -57.31 74.21 -1.24
N ASP A 115 -57.21 73.33 -0.25
CA ASP A 115 -56.03 73.24 0.58
C ASP A 115 -55.12 72.12 0.06
N ILE A 116 -53.85 72.45 -0.17
CA ILE A 116 -52.86 71.40 -0.36
C ILE A 116 -52.70 70.64 0.94
N VAL A 117 -52.63 69.31 0.85
CA VAL A 117 -52.64 68.48 2.04
C VAL A 117 -51.47 67.52 1.99
N VAL A 118 -50.81 67.35 3.14
CA VAL A 118 -49.74 66.37 3.31
C VAL A 118 -50.02 65.62 4.61
N ALA A 119 -49.35 64.48 4.76
CA ALA A 119 -49.56 63.71 5.96
C ALA A 119 -48.33 62.87 6.24
N PRO A 120 -47.77 62.96 7.45
CA PRO A 120 -46.66 62.06 7.80
C PRO A 120 -47.15 60.64 7.87
N TYR A 121 -46.77 59.84 6.89
CA TYR A 121 -47.39 58.53 6.67
C TYR A 121 -46.31 57.45 6.56
N THR A 122 -46.68 56.26 7.01
CA THR A 122 -45.84 55.08 6.86
C THR A 122 -46.70 53.95 6.33
N SER A 123 -46.17 53.25 5.32
CA SER A 123 -46.77 52.00 4.90
C SER A 123 -46.34 50.88 5.85
N ASP A 124 -46.97 49.71 5.66
CA ASP A 124 -46.68 48.55 6.50
C ASP A 124 -45.35 47.95 6.07
N GLY A 125 -44.26 48.57 6.55
CA GLY A 125 -42.95 48.12 6.17
C GLY A 125 -42.55 46.84 6.89
N LYS A 126 -41.41 46.29 6.46
CA LYS A 126 -40.91 45.04 7.01
C LYS A 126 -39.39 45.06 6.97
N ILE A 127 -38.77 44.40 7.96
CA ILE A 127 -37.33 44.21 7.99
C ILE A 127 -37.06 42.75 8.36
N THR A 128 -36.24 42.08 7.56
CA THR A 128 -35.86 40.70 7.79
C THR A 128 -34.34 40.62 7.87
N VAL A 129 -33.88 39.79 8.80
CA VAL A 129 -32.48 39.43 8.94
C VAL A 129 -32.42 37.92 8.84
N LYS A 130 -31.67 37.37 7.89
CA LYS A 130 -31.36 35.93 7.80
C LYS A 130 -29.90 35.74 8.15
N LEU A 131 -29.61 34.86 9.10
CA LEU A 131 -28.24 34.45 9.41
C LEU A 131 -28.01 33.08 8.80
N VAL A 132 -26.97 32.93 7.97
CA VAL A 132 -26.76 31.74 7.15
C VAL A 132 -25.43 31.12 7.52
N ALA A 133 -25.45 29.91 8.07
CA ALA A 133 -24.22 29.20 8.36
C ALA A 133 -23.46 28.78 7.10
N GLY A 134 -22.15 28.64 7.24
CA GLY A 134 -21.23 28.33 6.15
C GLY A 134 -20.54 27.00 6.31
N GLN A 135 -20.74 26.15 5.31
CA GLN A 135 -19.97 24.95 5.03
C GLN A 135 -18.49 25.29 4.78
N LYS A 136 -17.59 24.94 5.69
CA LYS A 136 -16.17 25.28 5.67
C LYS A 136 -15.30 24.00 5.71
N ASP A 137 -14.57 23.73 4.63
CA ASP A 137 -13.64 22.59 4.54
C ASP A 137 -12.51 22.67 5.57
N ILE A 138 -12.00 21.53 6.03
CA ILE A 138 -10.91 21.46 7.01
C ILE A 138 -9.81 20.43 6.67
N SER A 139 -10.17 19.27 6.13
CA SER A 139 -9.19 18.20 5.84
C SER A 139 -9.73 17.21 4.80
N SER A 140 -8.84 16.38 4.27
CA SER A 140 -9.14 15.32 3.31
C SER A 140 -7.92 14.42 3.23
N THR A 141 -8.16 13.19 2.77
CA THR A 141 -7.05 12.24 2.68
C THR A 141 -7.28 11.20 1.58
N PRO A 142 -8.42 10.50 1.53
CA PRO A 142 -8.62 9.54 0.44
C PRO A 142 -8.70 10.26 -0.90
N ASP A 143 -7.74 9.99 -1.77
CA ASP A 143 -7.59 10.70 -3.03
C ASP A 143 -7.78 9.73 -4.19
N TYR A 144 -8.57 10.14 -5.18
CA TYR A 144 -8.86 9.31 -6.34
C TYR A 144 -8.97 10.18 -7.57
N ASP A 145 -8.43 9.71 -8.69
CA ASP A 145 -8.55 10.37 -9.97
C ASP A 145 -9.28 9.45 -10.93
N TYR A 146 -10.04 10.05 -11.86
CA TYR A 146 -10.83 9.29 -12.81
C TYR A 146 -10.67 9.89 -14.20
N ARG A 147 -10.89 9.05 -15.21
CA ARG A 147 -10.91 9.52 -16.59
C ARG A 147 -12.33 9.60 -17.13
N ILE A 148 -13.06 8.48 -17.12
CA ILE A 148 -14.49 8.46 -17.45
C ILE A 148 -14.76 9.18 -18.75
N ASP A 149 -15.30 10.40 -18.65
CA ASP A 149 -15.65 11.21 -19.81
C ASP A 149 -15.24 12.65 -19.56
N SER A 150 -14.70 13.31 -20.59
CA SER A 150 -14.26 14.69 -20.51
C SER A 150 -14.98 15.58 -21.52
N SER A 151 -16.23 15.27 -21.82
CA SER A 151 -17.05 16.09 -22.72
C SER A 151 -17.71 17.26 -21.99
N LEU A 152 -17.18 17.63 -20.82
CA LEU A 152 -17.75 18.75 -20.08
C LEU A 152 -17.68 20.04 -20.88
N ALA A 153 -16.58 20.26 -21.58
CA ALA A 153 -16.43 21.45 -22.41
C ALA A 153 -17.43 21.40 -23.57
N SER A 154 -17.80 22.59 -24.03
CA SER A 154 -18.71 22.72 -25.17
C SER A 154 -17.94 22.53 -26.47
N SER A 155 -18.56 22.86 -27.59
CA SER A 155 -17.96 22.71 -28.91
C SER A 155 -17.39 24.02 -29.44
N ALA A 156 -16.85 24.85 -28.55
CA ALA A 156 -16.25 26.11 -28.98
C ALA A 156 -15.01 25.84 -29.83
N GLY A 157 -15.01 26.39 -31.04
CA GLY A 157 -13.93 26.15 -31.98
C GLY A 157 -14.03 24.86 -32.76
N PHE A 158 -15.12 24.10 -32.61
CA PHE A 158 -15.31 22.84 -33.31
C PHE A 158 -16.44 22.98 -34.30
N VAL A 159 -16.36 22.27 -35.42
CA VAL A 159 -17.46 22.17 -36.37
C VAL A 159 -18.32 20.98 -35.95
N VAL A 160 -19.58 21.25 -35.61
CA VAL A 160 -20.46 20.20 -35.09
C VAL A 160 -21.06 19.42 -36.25
N ALA A 161 -20.79 18.11 -36.29
CA ALA A 161 -21.36 17.20 -37.28
C ALA A 161 -21.71 15.91 -36.56
N GLY A 162 -22.95 15.83 -36.06
CA GLY A 162 -23.35 14.68 -35.27
C GLY A 162 -22.54 14.60 -33.99
N GLU A 163 -21.87 13.48 -33.76
CA GLU A 163 -21.00 13.29 -32.62
C GLU A 163 -19.60 13.85 -32.85
N ARG A 164 -19.34 14.41 -34.02
CA ARG A 164 -18.00 14.82 -34.42
C ARG A 164 -17.80 16.31 -34.14
N TRP A 165 -16.79 16.63 -33.34
CA TRP A 165 -16.39 18.02 -33.12
C TRP A 165 -15.16 18.30 -33.98
N TYR A 166 -15.43 18.72 -35.22
CA TYR A 166 -14.36 19.01 -36.17
C TYR A 166 -13.68 20.31 -35.79
N TYR A 167 -12.56 20.21 -35.07
CA TYR A 167 -11.74 21.39 -34.83
C TYR A 167 -10.97 21.82 -36.07
N THR A 168 -10.84 20.95 -37.06
CA THR A 168 -10.21 21.27 -38.34
C THR A 168 -11.04 20.66 -39.45
N LYS A 169 -10.70 21.04 -40.69
CA LYS A 169 -11.36 20.49 -41.87
C LYS A 169 -11.08 19.00 -42.05
N ARG A 170 -10.04 18.47 -41.40
CA ARG A 170 -9.60 17.11 -41.65
C ARG A 170 -9.67 16.21 -40.43
N HIS A 171 -9.79 16.76 -39.22
CA HIS A 171 -9.86 15.97 -38.01
C HIS A 171 -11.06 16.41 -37.17
N PHE A 172 -11.52 15.49 -36.32
CA PHE A 172 -12.55 15.79 -35.33
C PHE A 172 -12.20 15.04 -34.05
N ILE A 173 -12.94 15.34 -32.97
CA ILE A 173 -12.77 14.63 -31.71
C ILE A 173 -14.14 14.23 -31.20
N ILE A 174 -14.17 13.20 -30.36
CA ILE A 174 -15.37 12.78 -29.65
C ILE A 174 -15.00 12.67 -28.18
N PRO A 175 -15.10 13.76 -27.39
CA PRO A 175 -14.63 13.72 -26.00
C PRO A 175 -15.36 12.68 -25.15
N ARG A 176 -16.53 12.24 -25.62
CA ARG A 176 -17.15 11.06 -25.03
C ARG A 176 -16.21 9.85 -25.10
N TYR A 177 -15.39 9.77 -26.14
CA TYR A 177 -14.27 8.83 -26.20
C TYR A 177 -12.92 9.51 -26.15
N PHE A 178 -12.78 10.73 -26.68
CA PHE A 178 -11.52 11.47 -26.65
C PHE A 178 -11.29 11.93 -25.20
N GLN A 179 -10.62 11.08 -24.44
CA GLN A 179 -10.41 11.28 -23.02
C GLN A 179 -8.91 11.34 -22.73
N ASN A 180 -8.45 12.51 -22.27
CA ASN A 180 -7.06 12.64 -21.85
C ASN A 180 -6.90 13.51 -20.61
N TRP A 181 -7.91 13.53 -19.73
CA TRP A 181 -7.84 14.29 -18.49
C TRP A 181 -8.15 13.37 -17.33
N ARG A 182 -7.33 13.43 -16.28
CA ARG A 182 -7.51 12.60 -15.08
C ARG A 182 -8.22 13.44 -14.03
N MET A 183 -9.55 13.48 -14.10
CA MET A 183 -10.33 14.24 -13.14
C MET A 183 -10.24 13.60 -11.75
N ARG A 184 -9.97 14.43 -10.75
CA ARG A 184 -9.62 13.97 -9.42
C ARG A 184 -10.73 14.33 -8.42
N ARG A 185 -10.99 13.42 -7.49
CA ARG A 185 -12.00 13.60 -6.45
C ARG A 185 -11.46 13.06 -5.13
N ARG A 186 -11.65 13.82 -4.06
CA ARG A 186 -11.18 13.42 -2.74
C ARG A 186 -12.35 13.28 -1.78
N LYS A 187 -12.04 12.79 -0.59
CA LYS A 187 -13.01 12.53 0.47
C LYS A 187 -12.77 13.58 1.55
N TYR A 188 -13.27 14.80 1.36
CA TYR A 188 -13.10 15.92 2.29
C TYR A 188 -13.90 15.79 3.60
N VAL A 189 -13.54 16.65 4.54
CA VAL A 189 -14.16 16.91 5.83
C VAL A 189 -14.44 18.40 5.88
N THR A 190 -15.60 18.77 6.44
CA THR A 190 -16.11 20.14 6.47
C THR A 190 -17.02 20.34 7.69
N GLY A 191 -17.18 21.57 8.15
CA GLY A 191 -18.05 21.93 9.28
C GLY A 191 -18.87 23.19 9.00
N TRP A 192 -19.95 23.40 9.74
CA TRP A 192 -20.84 24.54 9.55
C TRP A 192 -20.65 25.59 10.65
N VAL A 193 -20.37 26.83 10.25
CA VAL A 193 -20.19 27.98 11.17
C VAL A 193 -21.29 29.03 10.95
N MET A 194 -22.03 29.38 11.99
CA MET A 194 -23.17 30.31 11.90
C MET A 194 -22.74 31.75 12.23
N PRO A 195 -22.94 32.73 11.33
CA PRO A 195 -22.61 34.13 11.57
C PRO A 195 -23.60 34.86 12.47
N THR A 196 -23.31 36.13 12.76
CA THR A 196 -24.13 37.04 13.57
C THR A 196 -24.59 38.23 12.73
N PHE A 197 -25.82 38.70 12.97
CA PHE A 197 -26.22 40.04 12.55
C PHE A 197 -27.18 40.66 13.55
N TYR A 198 -27.33 41.99 13.45
CA TYR A 198 -28.22 42.70 14.36
C TYR A 198 -29.68 42.34 14.09
N SER A 199 -30.52 42.53 15.10
CA SER A 199 -31.94 42.27 14.95
C SER A 199 -32.58 43.28 14.00
N PRO A 200 -33.62 42.88 13.28
CA PRO A 200 -34.32 43.84 12.41
C PRO A 200 -34.91 45.00 13.17
N LYS A 201 -35.31 44.78 14.43
CA LYS A 201 -35.86 45.85 15.25
C LYS A 201 -34.84 46.96 15.45
N GLU A 202 -33.66 46.62 15.95
CA GLU A 202 -32.63 47.63 16.17
C GLU A 202 -32.12 48.21 14.85
N ILE A 203 -32.10 47.40 13.79
CA ILE A 203 -31.70 47.90 12.48
C ILE A 203 -32.64 49.02 12.04
N PHE A 204 -33.95 48.78 12.15
CA PHE A 204 -34.90 49.81 11.77
C PHE A 204 -34.86 51.00 12.73
N ASN A 205 -34.54 50.75 14.01
CA ASN A 205 -34.34 51.86 14.94
C ASN A 205 -33.21 52.76 14.47
N ARG A 206 -32.07 52.16 14.12
CA ARG A 206 -30.97 52.94 13.59
C ARG A 206 -31.34 53.61 12.27
N LEU A 207 -32.22 52.97 11.50
CA LEU A 207 -32.66 53.57 10.24
C LEU A 207 -33.47 54.85 10.49
N LYS A 208 -34.41 54.80 11.43
CA LYS A 208 -35.21 56.00 11.68
C LYS A 208 -34.37 57.07 12.36
N ASP A 209 -33.41 56.66 13.20
CA ASP A 209 -32.47 57.64 13.73
C ASP A 209 -31.66 58.27 12.62
N SER A 210 -31.33 57.49 11.60
CA SER A 210 -30.59 57.97 10.44
C SER A 210 -31.47 58.72 9.45
N LEU A 211 -32.78 58.73 9.65
CA LEU A 211 -33.69 59.43 8.75
C LEU A 211 -33.53 60.94 8.90
N VAL A 212 -32.91 61.57 7.91
CA VAL A 212 -32.66 63.01 7.94
C VAL A 212 -33.03 63.61 6.59
N PRO A 213 -33.84 64.67 6.56
CA PRO A 213 -34.25 65.25 5.27
C PRO A 213 -33.05 65.76 4.48
N ASP A 214 -33.13 65.60 3.17
CA ASP A 214 -32.05 66.01 2.28
C ASP A 214 -32.02 67.53 2.19
N THR A 215 -31.01 68.14 2.83
CA THR A 215 -30.87 69.59 2.77
C THR A 215 -30.62 70.08 1.36
N GLY A 216 -29.79 69.37 0.59
CA GLY A 216 -29.56 69.76 -0.79
C GLY A 216 -30.83 69.71 -1.62
N LEU A 217 -31.60 68.63 -1.47
CA LEU A 217 -32.88 68.56 -2.16
C LEU A 217 -33.82 69.66 -1.70
N VAL A 218 -33.85 69.94 -0.41
CA VAL A 218 -34.72 70.99 0.11
C VAL A 218 -34.37 72.32 -0.53
N THR A 219 -33.08 72.64 -0.60
CA THR A 219 -32.64 73.88 -1.23
C THR A 219 -33.02 73.89 -2.70
N GLN A 220 -32.81 72.78 -3.40
CA GLN A 220 -33.13 72.71 -4.82
C GLN A 220 -34.61 72.97 -5.05
N VAL A 221 -35.46 72.28 -4.30
CA VAL A 221 -36.90 72.39 -4.52
C VAL A 221 -37.40 73.77 -4.10
N TRP A 222 -36.81 74.34 -3.05
CA TRP A 222 -37.20 75.71 -2.68
C TRP A 222 -36.85 76.69 -3.79
N ALA A 223 -35.68 76.51 -4.41
CA ALA A 223 -35.31 77.36 -5.53
C ALA A 223 -36.28 77.17 -6.69
N ASP A 224 -36.64 75.92 -6.99
CA ASP A 224 -37.59 75.65 -8.05
C ASP A 224 -38.93 76.32 -7.77
N ASN A 225 -39.39 76.21 -6.53
CA ASN A 225 -40.65 76.84 -6.14
C ASN A 225 -40.58 78.34 -6.29
N ASN A 226 -39.53 78.96 -5.75
CA ASN A 226 -39.42 80.42 -5.81
C ASN A 226 -39.31 80.92 -7.23
N THR A 227 -38.72 80.12 -8.12
CA THR A 227 -38.65 80.48 -9.53
C THR A 227 -40.03 80.76 -10.10
N LYS A 228 -40.87 79.73 -10.14
CA LYS A 228 -42.23 79.88 -10.64
C LYS A 228 -43.05 80.83 -9.78
N ARG A 229 -42.73 80.95 -8.50
CA ARG A 229 -43.45 81.86 -7.61
C ARG A 229 -43.28 83.30 -8.06
N MET A 230 -42.02 83.71 -8.25
CA MET A 230 -41.79 85.06 -8.75
C MET A 230 -42.19 85.20 -10.21
N ASP A 231 -42.25 84.08 -10.95
CA ASP A 231 -42.80 84.13 -12.29
C ASP A 231 -44.25 84.58 -12.27
N PHE A 232 -45.05 83.97 -11.39
CA PHE A 232 -46.44 84.41 -11.24
C PHE A 232 -46.51 85.84 -10.70
N LEU A 233 -45.67 86.14 -9.70
CA LEU A 233 -45.68 87.48 -9.12
C LEU A 233 -45.35 88.54 -10.17
N THR A 234 -44.59 88.16 -11.20
CA THR A 234 -44.27 89.10 -12.26
C THR A 234 -45.53 89.54 -12.99
N ALA A 235 -46.45 88.61 -13.23
CA ALA A 235 -47.70 88.96 -13.91
C ALA A 235 -48.52 89.94 -13.08
N MET A 236 -48.44 89.82 -11.76
CA MET A 236 -49.24 90.65 -10.86
C MET A 236 -48.75 92.09 -10.80
N ALA A 237 -47.68 92.42 -11.52
CA ALA A 237 -46.99 93.70 -11.32
C ALA A 237 -47.88 94.90 -11.55
N GLU A 238 -48.82 94.83 -12.48
CA GLU A 238 -49.61 96.02 -12.82
C GLU A 238 -50.95 96.07 -12.12
N ILE A 239 -51.34 95.01 -11.42
CA ILE A 239 -52.58 95.04 -10.64
C ILE A 239 -52.56 96.20 -9.65
N PRO A 240 -51.50 96.44 -8.87
CA PRO A 240 -51.54 97.57 -7.93
C PRO A 240 -51.78 98.91 -8.60
N GLN A 241 -51.22 99.13 -9.78
CA GLN A 241 -51.43 100.41 -10.45
C GLN A 241 -52.89 100.58 -10.85
N THR A 242 -53.53 99.51 -11.31
CA THR A 242 -54.97 99.54 -11.54
C THR A 242 -55.71 99.84 -10.25
N LEU A 243 -55.29 99.21 -9.16
CA LEU A 243 -55.96 99.40 -7.88
C LEU A 243 -55.94 100.87 -7.47
N SER A 244 -54.75 101.48 -7.49
CA SER A 244 -54.62 102.87 -7.07
C SER A 244 -55.29 103.81 -8.07
N SER A 245 -55.24 103.45 -9.35
CA SER A 245 -55.91 104.26 -10.37
C SER A 245 -57.40 104.33 -10.09
N PHE A 246 -58.00 103.20 -9.72
CA PHE A 246 -59.38 103.21 -9.30
C PHE A 246 -59.58 103.98 -7.99
N LEU A 247 -58.72 103.72 -7.00
CA LEU A 247 -58.94 104.30 -5.67
C LEU A 247 -58.96 105.82 -5.72
N ASP A 248 -57.94 106.43 -6.33
CA ASP A 248 -57.94 107.89 -6.44
C ASP A 248 -58.97 108.35 -7.47
N ALA A 249 -59.51 107.40 -8.25
CA ALA A 249 -60.70 107.70 -9.05
C ALA A 249 -61.99 107.43 -8.28
N LEU A 250 -61.90 106.83 -7.10
CA LEU A 250 -63.10 106.61 -6.30
C LEU A 250 -63.60 107.88 -5.63
N GLY A 251 -62.76 108.90 -5.50
CA GLY A 251 -63.19 110.12 -4.85
C GLY A 251 -64.35 110.80 -5.55
N TYR A 252 -64.56 110.48 -6.83
CA TYR A 252 -65.58 111.13 -7.66
C TYR A 252 -66.98 110.94 -7.11
N LEU A 253 -67.14 110.10 -6.10
CA LEU A 253 -68.40 109.97 -5.40
C LEU A 253 -68.82 111.29 -4.75
N GLY A 254 -67.88 111.98 -4.09
CA GLY A 254 -68.27 113.14 -3.29
C GLY A 254 -68.94 114.23 -4.10
N SER A 255 -68.32 114.60 -5.23
CA SER A 255 -68.93 115.62 -6.09
C SER A 255 -70.24 115.13 -6.67
N LEU A 256 -70.29 113.85 -7.07
CA LEU A 256 -71.48 113.35 -7.73
C LEU A 256 -72.65 113.25 -6.76
N ILE A 257 -72.39 112.76 -5.54
CA ILE A 257 -73.46 112.73 -4.54
C ILE A 257 -73.84 114.13 -4.09
N LYS A 258 -72.87 115.06 -4.08
CA LYS A 258 -73.21 116.45 -3.81
C LYS A 258 -74.16 116.97 -4.88
N ASP A 259 -73.88 116.64 -6.14
CA ASP A 259 -74.79 117.03 -7.21
C ASP A 259 -76.17 116.40 -6.99
N PHE A 260 -76.21 115.13 -6.61
CA PHE A 260 -77.46 114.52 -6.19
C PHE A 260 -78.23 115.39 -5.22
N LYS A 261 -77.69 115.57 -4.01
CA LYS A 261 -78.49 116.22 -2.96
C LYS A 261 -78.81 117.65 -3.32
N ARG A 262 -77.87 118.34 -3.95
CA ARG A 262 -78.07 119.72 -4.36
C ARG A 262 -79.17 119.85 -5.39
N ARG A 263 -79.14 119.03 -6.44
CA ARG A 263 -80.14 119.15 -7.49
C ARG A 263 -81.50 118.75 -6.97
N ARG A 264 -81.54 117.84 -6.01
CA ARG A 264 -82.79 117.53 -5.33
C ARG A 264 -83.29 118.75 -4.57
N PHE A 265 -82.40 119.46 -3.88
CA PHE A 265 -82.79 120.69 -3.19
C PHE A 265 -83.36 121.69 -4.19
N PHE A 266 -82.71 121.80 -5.35
CA PHE A 266 -83.19 122.63 -6.44
C PHE A 266 -84.63 122.29 -6.83
N LEU A 267 -84.87 121.01 -7.09
CA LEU A 267 -86.20 120.60 -7.52
C LEU A 267 -87.24 120.83 -6.42
N ASN A 268 -86.87 120.52 -5.17
CA ASN A 268 -87.79 120.73 -4.06
C ASN A 268 -88.21 122.18 -3.96
N LYS A 269 -87.24 123.11 -4.02
CA LYS A 269 -87.60 124.51 -3.88
C LYS A 269 -88.41 125.01 -5.07
N ALA A 270 -88.12 124.48 -6.26
CA ALA A 270 -88.93 124.86 -7.43
C ALA A 270 -90.38 124.44 -7.24
N HIS A 271 -90.61 123.16 -6.93
CA HIS A 271 -91.96 122.70 -6.67
C HIS A 271 -92.60 123.46 -5.51
N GLN A 272 -91.80 123.82 -4.51
CA GLN A 272 -92.32 124.45 -3.32
C GLN A 272 -92.86 125.84 -3.64
N ARG A 273 -92.11 126.61 -4.43
CA ARG A 273 -92.60 127.92 -4.84
C ARG A 273 -93.77 127.80 -5.80
N ILE A 274 -93.82 126.74 -6.61
CA ILE A 274 -95.00 126.49 -7.42
C ILE A 274 -96.23 126.33 -6.53
N ARG A 275 -96.09 125.52 -5.48
CA ARG A 275 -97.20 125.32 -4.56
C ARG A 275 -97.62 126.61 -3.88
N ASN A 276 -96.65 127.38 -3.38
CA ASN A 276 -96.99 128.62 -2.69
C ASN A 276 -97.71 129.59 -3.63
N LYS A 277 -97.20 129.74 -4.85
CA LYS A 277 -97.82 130.62 -5.84
C LYS A 277 -99.26 130.20 -6.12
N LEU A 278 -99.48 128.92 -6.39
CA LEU A 278 -100.81 128.48 -6.78
C LEU A 278 -101.78 128.56 -5.60
N GLY A 279 -101.30 128.30 -4.38
CA GLY A 279 -102.16 128.45 -3.21
C GLY A 279 -102.59 129.90 -3.01
N VAL A 280 -101.63 130.83 -3.13
CA VAL A 280 -101.98 132.24 -3.04
C VAL A 280 -102.97 132.62 -4.15
N SER A 281 -102.79 132.04 -5.33
CA SER A 281 -103.72 132.26 -6.43
C SER A 281 -105.13 131.86 -6.02
N PHE A 282 -105.28 130.66 -5.47
CA PHE A 282 -106.61 130.17 -5.10
C PHE A 282 -107.23 131.07 -4.03
N ALA A 283 -106.44 131.45 -3.02
CA ALA A 283 -106.97 132.28 -1.95
C ALA A 283 -107.46 133.62 -2.47
N GLU A 284 -106.69 134.25 -3.37
CA GLU A 284 -107.13 135.53 -3.91
C GLU A 284 -108.36 135.37 -4.80
N ARG A 285 -108.43 134.27 -5.57
CA ARG A 285 -109.63 134.03 -6.38
C ARG A 285 -110.86 133.96 -5.49
N ARG A 286 -110.73 133.22 -4.38
CA ARG A 286 -111.83 133.13 -3.42
C ARG A 286 -112.21 134.51 -2.88
N SER A 287 -111.22 135.28 -2.43
CA SER A 287 -111.53 136.59 -1.84
C SER A 287 -112.22 137.49 -2.86
N GLN A 288 -111.74 137.48 -4.10
CA GLN A 288 -112.35 138.28 -5.15
C GLN A 288 -113.80 137.88 -5.37
N ILE A 289 -114.06 136.58 -5.57
CA ILE A 289 -115.41 136.14 -5.88
C ILE A 289 -116.35 136.44 -4.72
N VAL A 290 -115.91 136.16 -3.49
CA VAL A 290 -116.78 136.34 -2.34
C VAL A 290 -117.08 137.82 -2.12
N SER A 291 -116.09 138.69 -2.34
CA SER A 291 -116.34 140.12 -2.22
C SER A 291 -117.28 140.61 -3.30
N LYS A 292 -117.09 140.13 -4.54
CA LYS A 292 -117.95 140.53 -5.64
C LYS A 292 -119.40 140.18 -5.35
N TYR A 293 -119.64 138.98 -4.82
CA TYR A 293 -121.02 138.59 -4.57
C TYR A 293 -121.57 139.26 -3.31
N ASP A 294 -120.72 139.46 -2.29
CA ASP A 294 -121.19 140.10 -1.05
C ASP A 294 -121.52 141.56 -1.26
N ARG A 295 -120.92 142.24 -2.25
CA ARG A 295 -121.32 143.62 -2.53
C ARG A 295 -122.78 143.69 -2.95
N LYS A 296 -123.22 142.74 -3.77
CA LYS A 296 -124.62 142.68 -4.19
C LYS A 296 -125.50 142.12 -3.09
N ILE A 297 -124.97 141.19 -2.28
CA ILE A 297 -125.73 140.62 -1.18
C ILE A 297 -126.05 141.69 -0.13
N ALA A 298 -125.12 142.61 0.09
CA ALA A 298 -125.28 143.61 1.15
C ALA A 298 -126.55 144.42 0.95
N SER A 299 -126.82 144.86 -0.27
CA SER A 299 -128.06 145.54 -0.60
C SER A 299 -128.72 144.80 -1.76
N ALA A 300 -129.42 143.72 -1.43
CA ALA A 300 -130.37 143.08 -2.31
C ALA A 300 -131.76 143.07 -1.71
N ARG A 301 -131.90 142.51 -0.50
CA ARG A 301 -133.13 142.54 0.29
C ARG A 301 -134.35 142.06 -0.49
N LYS A 302 -134.14 141.30 -1.56
CA LYS A 302 -135.21 140.66 -2.32
C LYS A 302 -134.97 139.16 -2.36
N PRO A 303 -135.96 138.33 -2.03
CA PRO A 303 -135.70 136.88 -1.93
C PRO A 303 -135.11 136.25 -3.18
N ALA A 304 -135.74 136.44 -4.34
CA ALA A 304 -135.25 135.81 -5.56
C ALA A 304 -133.85 136.30 -5.90
N ILE A 305 -133.62 137.62 -5.78
CA ILE A 305 -132.33 138.18 -6.14
C ILE A 305 -131.23 137.66 -5.20
N ILE A 306 -131.49 137.67 -3.89
CA ILE A 306 -130.45 137.27 -2.94
C ILE A 306 -130.18 135.77 -3.07
N VAL A 307 -131.23 134.97 -3.28
CA VAL A 307 -131.04 133.53 -3.42
C VAL A 307 -130.28 133.20 -4.69
N LYS A 308 -130.59 133.90 -5.79
CA LYS A 308 -129.86 133.65 -7.03
C LYS A 308 -128.41 134.11 -6.92
N LEU A 309 -128.17 135.22 -6.23
CA LEU A 309 -126.80 135.67 -6.00
C LEU A 309 -126.02 134.63 -5.19
N ARG A 310 -126.65 134.09 -4.15
CA ARG A 310 -126.01 133.05 -3.35
C ARG A 310 -125.76 131.79 -4.18
N GLN A 311 -126.72 131.42 -5.05
CA GLN A 311 -126.52 130.27 -5.92
C GLN A 311 -125.35 130.47 -6.86
N ARG A 312 -125.25 131.65 -7.47
CA ARG A 312 -124.14 131.92 -8.38
C ARG A 312 -122.81 131.92 -7.66
N LYS A 313 -122.78 132.53 -6.46
CA LYS A 313 -121.55 132.50 -5.67
C LYS A 313 -121.14 131.08 -5.31
N GLU A 314 -122.11 130.25 -4.92
CA GLU A 314 -121.80 128.86 -4.56
C GLU A 314 -121.30 128.09 -5.77
N LYS A 315 -121.90 128.33 -6.94
CA LYS A 315 -121.43 127.67 -8.16
C LYS A 315 -120.00 128.07 -8.49
N ALA A 316 -119.70 129.36 -8.37
CA ALA A 316 -118.33 129.83 -8.62
C ALA A 316 -117.35 129.22 -7.63
N LEU A 317 -117.72 129.18 -6.35
CA LEU A 317 -116.87 128.56 -5.33
C LEU A 317 -116.68 127.07 -5.60
N LYS A 318 -117.71 126.38 -6.07
CA LYS A 318 -117.59 124.96 -6.35
C LYS A 318 -116.64 124.72 -7.53
N ALA A 319 -116.76 125.54 -8.57
CA ALA A 319 -115.84 125.43 -9.70
C ALA A 319 -114.40 125.69 -9.26
N LEU A 320 -114.17 126.78 -8.54
CA LEU A 320 -112.82 127.10 -8.07
C LEU A 320 -112.31 126.02 -7.11
N ASP A 321 -113.22 125.38 -6.37
CA ASP A 321 -112.83 124.35 -5.44
C ASP A 321 -112.38 123.09 -6.18
N LYS A 322 -113.12 122.73 -7.24
CA LYS A 322 -112.69 121.65 -8.11
C LYS A 322 -111.33 121.95 -8.71
N MET A 323 -111.14 123.19 -9.14
CA MET A 323 -109.84 123.61 -9.63
C MET A 323 -108.76 123.38 -8.58
N ARG A 324 -109.03 123.79 -7.34
CA ARG A 324 -108.05 123.67 -6.27
C ARG A 324 -107.69 122.21 -6.03
N VAL A 325 -108.70 121.34 -5.94
CA VAL A 325 -108.44 119.95 -5.60
C VAL A 325 -107.73 119.23 -6.74
N ARG A 326 -108.17 119.44 -7.98
CA ARG A 326 -107.50 118.82 -9.12
C ARG A 326 -106.07 119.33 -9.24
N GLU A 327 -105.87 120.63 -9.02
CA GLU A 327 -104.52 121.18 -9.02
C GLU A 327 -103.64 120.55 -7.97
N GLU A 328 -104.13 120.39 -6.74
CA GLU A 328 -103.27 119.87 -5.69
C GLU A 328 -102.94 118.39 -5.93
N LYS A 329 -103.94 117.60 -6.33
CA LYS A 329 -103.67 116.20 -6.62
C LYS A 329 -102.70 116.06 -7.79
N LYS A 330 -102.88 116.85 -8.83
CA LYS A 330 -102.01 116.76 -9.99
C LYS A 330 -100.64 117.32 -9.69
N MET A 331 -100.54 118.28 -8.77
CA MET A 331 -99.25 118.78 -8.33
C MET A 331 -98.47 117.72 -7.58
N ILE A 332 -99.14 116.99 -6.69
CA ILE A 332 -98.48 115.88 -6.00
C ILE A 332 -98.02 114.83 -7.00
N ARG A 333 -98.89 114.50 -7.96
CA ARG A 333 -98.51 113.52 -8.97
C ARG A 333 -97.34 114.02 -9.83
N GLU A 334 -97.34 115.31 -10.15
CA GLU A 334 -96.26 115.94 -10.90
C GLU A 334 -94.95 115.90 -10.13
N PHE A 335 -94.97 116.24 -8.85
CA PHE A 335 -93.75 116.23 -8.05
C PHE A 335 -93.23 114.81 -7.88
N ALA A 336 -94.14 113.85 -7.76
CA ALA A 336 -93.73 112.44 -7.70
C ALA A 336 -93.10 111.99 -9.00
N THR A 337 -93.66 112.41 -10.14
CA THR A 337 -93.04 112.09 -11.42
C THR A 337 -91.65 112.70 -11.52
N GLN A 338 -91.52 113.95 -11.05
CA GLN A 338 -90.22 114.59 -11.00
C GLN A 338 -89.22 113.75 -10.21
N ALA A 339 -89.61 113.34 -9.00
CA ALA A 339 -88.70 112.58 -8.14
C ALA A 339 -88.34 111.24 -8.78
N ALA A 340 -89.31 110.58 -9.42
CA ALA A 340 -89.04 109.32 -10.09
C ALA A 340 -87.99 109.52 -11.18
N SER A 341 -88.19 110.55 -12.02
CA SER A 341 -87.23 110.81 -13.07
C SER A 341 -85.86 111.16 -12.49
N LEU A 342 -85.84 111.79 -11.32
CA LEU A 342 -84.58 112.25 -10.76
C LEU A 342 -83.78 111.10 -10.15
N TRP A 343 -84.45 110.16 -9.48
CA TRP A 343 -83.78 108.92 -9.08
C TRP A 343 -83.32 108.13 -10.29
N LEU A 344 -84.13 108.10 -11.34
CA LEU A 344 -83.67 107.50 -12.60
C LEU A 344 -82.38 108.15 -13.07
N SER A 345 -82.33 109.48 -13.06
CA SER A 345 -81.17 110.21 -13.55
C SER A 345 -79.95 109.93 -12.70
N PHE A 346 -80.10 109.87 -11.37
CA PHE A 346 -78.95 109.59 -10.51
C PHE A 346 -78.46 108.16 -10.66
N ARG A 347 -79.37 107.21 -10.80
CA ARG A 347 -78.97 105.85 -11.15
C ARG A 347 -78.14 105.86 -12.43
N TYR A 348 -78.61 106.59 -13.43
CA TYR A 348 -77.84 106.69 -14.67
C TYR A 348 -76.50 107.36 -14.45
N GLU A 349 -76.43 108.34 -13.55
CA GLU A 349 -75.15 108.96 -13.22
C GLU A 349 -74.18 107.94 -12.67
N ILE A 350 -74.64 107.08 -11.77
CA ILE A 350 -73.73 106.20 -11.03
C ILE A 350 -73.47 104.91 -11.77
N MET A 351 -74.23 104.61 -12.82
CA MET A 351 -74.11 103.29 -13.42
C MET A 351 -72.79 103.00 -14.18
N PRO A 352 -72.13 103.97 -14.83
CA PRO A 352 -70.87 103.61 -15.52
C PRO A 352 -69.73 103.34 -14.56
N LEU A 353 -69.54 104.24 -13.59
CA LEU A 353 -68.51 104.03 -12.58
C LEU A 353 -68.75 102.73 -11.84
N TYR A 354 -70.00 102.29 -11.77
CA TYR A 354 -70.30 100.96 -11.22
C TYR A 354 -69.59 99.88 -12.01
N TYR A 355 -69.60 100.01 -13.34
CA TYR A 355 -68.93 99.03 -14.18
C TYR A 355 -67.42 99.13 -14.02
N GLN A 356 -66.91 100.35 -13.89
CA GLN A 356 -65.48 100.51 -13.69
C GLN A 356 -65.04 99.92 -12.36
N SER A 357 -65.89 100.01 -11.33
CA SER A 357 -65.49 99.75 -9.95
C SER A 357 -65.74 98.30 -9.54
N GLN A 358 -67.00 97.86 -9.58
CA GLN A 358 -67.32 96.55 -9.02
C GLN A 358 -66.90 95.43 -9.97
N ASP A 359 -66.96 95.68 -11.28
CA ASP A 359 -66.67 94.63 -12.25
C ASP A 359 -65.19 94.55 -12.55
N VAL A 360 -64.60 95.66 -12.98
CA VAL A 360 -63.23 95.65 -13.46
C VAL A 360 -62.26 95.30 -12.34
N LEU A 361 -62.45 95.91 -11.17
CA LEU A 361 -61.57 95.62 -10.05
C LEU A 361 -61.69 94.15 -9.64
N ASP A 362 -62.90 93.60 -9.66
CA ASP A 362 -63.09 92.20 -9.35
C ASP A 362 -62.32 91.31 -10.31
N VAL A 363 -62.49 91.53 -11.62
CA VAL A 363 -61.85 90.66 -12.59
C VAL A 363 -60.34 90.83 -12.52
N ILE A 364 -59.87 92.02 -12.16
CA ILE A 364 -58.44 92.21 -11.91
C ILE A 364 -57.99 91.34 -10.74
N ALA A 365 -58.75 91.37 -9.65
CA ALA A 365 -58.37 90.60 -8.46
C ALA A 365 -58.46 89.11 -8.72
N ASN A 366 -59.22 88.71 -9.74
CA ASN A 366 -59.39 87.29 -10.01
C ASN A 366 -58.09 86.61 -10.42
N SER A 367 -57.10 87.39 -10.88
CA SER A 367 -55.80 86.84 -11.27
C SER A 367 -54.88 86.78 -10.06
N THR A 368 -55.22 85.90 -9.12
CA THR A 368 -54.39 85.74 -7.93
C THR A 368 -54.32 84.26 -7.58
N SER A 369 -53.19 83.87 -6.99
CA SER A 369 -52.96 82.51 -6.50
C SER A 369 -52.94 81.51 -7.63
N GLU A 370 -52.24 80.39 -7.43
CA GLU A 370 -52.15 79.37 -8.45
C GLU A 370 -51.59 78.11 -7.83
N PHE A 371 -52.14 76.96 -8.19
CA PHE A 371 -51.67 75.71 -7.60
C PHE A 371 -50.37 75.26 -8.28
N MET A 372 -49.25 75.54 -7.63
CA MET A 372 -47.94 75.16 -8.14
C MET A 372 -47.25 74.28 -7.12
N THR A 373 -46.39 73.39 -7.62
CA THR A 373 -45.57 72.56 -6.76
C THR A 373 -44.27 72.24 -7.48
N SER A 374 -43.25 71.93 -6.69
CA SER A 374 -41.97 71.49 -7.21
C SER A 374 -41.64 70.13 -6.60
N ARG A 375 -41.04 69.25 -7.41
CA ARG A 375 -40.83 67.87 -7.01
C ARG A 375 -39.39 67.48 -7.22
N ASP A 376 -38.91 66.57 -6.38
CA ASP A 376 -37.55 66.04 -6.49
C ASP A 376 -37.45 64.80 -5.62
N PHE A 377 -36.38 64.04 -5.84
CA PHE A 377 -36.14 62.82 -5.08
C PHE A 377 -34.64 62.55 -5.06
N VAL A 378 -34.24 61.56 -4.26
CA VAL A 378 -32.85 61.13 -4.18
C VAL A 378 -32.80 59.66 -3.82
N ALA A 379 -31.72 59.00 -4.23
CA ALA A 379 -31.39 57.63 -3.84
C ALA A 379 -30.26 57.62 -2.81
N LYS A 380 -30.28 58.56 -1.87
CA LYS A 380 -29.20 58.76 -0.92
C LYS A 380 -28.83 57.47 -0.21
N ALA A 381 -27.53 57.31 0.06
CA ALA A 381 -27.03 56.12 0.74
C ALA A 381 -26.92 56.36 2.23
N ILE A 382 -27.58 55.52 3.01
CA ILE A 382 -27.52 55.58 4.47
C ILE A 382 -26.86 54.31 4.95
N ASN A 383 -25.71 54.45 5.63
CA ASN A 383 -24.93 53.32 6.10
C ASN A 383 -24.88 53.31 7.61
N ILE A 384 -24.76 52.11 8.18
CA ILE A 384 -24.58 51.92 9.60
C ILE A 384 -23.26 51.19 9.81
N GLY A 385 -22.30 51.85 10.44
CA GLY A 385 -21.00 51.25 10.63
C GLY A 385 -21.07 50.01 11.49
N ILE A 386 -20.48 48.93 11.00
CA ILE A 386 -20.47 47.65 11.71
C ILE A 386 -19.02 47.17 11.81
N PRO A 387 -18.52 46.85 12.99
CA PRO A 387 -17.15 46.34 13.09
C PRO A 387 -17.03 44.99 12.38
N LEU A 388 -15.86 44.75 11.81
CA LEU A 388 -15.62 43.49 11.10
C LEU A 388 -15.61 42.29 12.05
N GLU A 389 -15.42 42.52 13.36
CA GLU A 389 -15.49 41.45 14.32
C GLU A 389 -16.91 40.92 14.49
N TRP A 390 -17.90 41.62 13.93
CA TRP A 390 -19.30 41.23 13.97
C TRP A 390 -19.63 40.14 12.95
N ASN A 391 -18.62 39.44 12.45
CA ASN A 391 -18.80 38.34 11.50
C ASN A 391 -19.47 38.82 10.22
N LEU A 392 -18.73 39.65 9.49
CA LEU A 392 -19.19 40.14 8.20
C LEU A 392 -18.00 40.28 7.26
N ASP A 393 -18.29 40.30 5.97
CA ASP A 393 -17.32 40.76 4.99
C ASP A 393 -17.31 42.28 4.91
N GLN A 394 -18.47 42.90 5.04
CA GLN A 394 -18.62 44.35 4.97
C GLN A 394 -18.46 44.97 6.36
N GLU A 395 -18.53 46.29 6.40
CA GLU A 395 -18.46 47.03 7.66
C GLU A 395 -19.48 48.14 7.79
N ASN A 396 -20.34 48.36 6.80
CA ASN A 396 -21.34 49.41 6.87
C ASN A 396 -22.65 48.91 6.31
N LEU A 397 -23.71 49.03 7.09
CA LEU A 397 -25.05 48.61 6.67
C LEU A 397 -25.63 49.71 5.80
N VAL A 398 -25.26 49.69 4.51
CA VAL A 398 -25.57 50.77 3.59
C VAL A 398 -26.97 50.56 3.02
N SER A 399 -27.79 51.60 3.06
CA SER A 399 -29.13 51.58 2.52
C SER A 399 -29.33 52.79 1.60
N GLN A 400 -29.99 52.56 0.47
CA GLN A 400 -30.21 53.60 -0.54
C GLN A 400 -31.69 53.70 -0.86
N PRO A 401 -32.48 54.30 0.03
CA PRO A 401 -33.92 54.42 -0.22
C PRO A 401 -34.22 55.52 -1.21
N ARG A 402 -35.48 55.56 -1.65
CA ARG A 402 -35.98 56.69 -2.42
C ARG A 402 -36.49 57.75 -1.45
N HIS A 403 -35.70 58.78 -1.23
CA HIS A 403 -36.12 59.94 -0.46
C HIS A 403 -36.49 61.05 -1.43
N ASN A 404 -37.71 61.56 -1.30
CA ASN A 404 -38.22 62.60 -2.16
C ASN A 404 -38.81 63.74 -1.34
N VAL A 405 -38.64 64.96 -1.84
CA VAL A 405 -39.03 66.17 -1.13
C VAL A 405 -40.09 66.88 -1.95
N MET A 406 -41.29 67.04 -1.37
CA MET A 406 -42.41 67.64 -2.07
C MET A 406 -42.71 69.01 -1.48
N VAL A 407 -42.73 70.01 -2.34
CA VAL A 407 -43.10 71.37 -1.97
C VAL A 407 -44.21 71.83 -2.90
N LYS A 408 -45.33 72.26 -2.31
CA LYS A 408 -46.48 72.70 -3.06
C LYS A 408 -46.79 74.15 -2.71
N SER A 409 -47.15 74.95 -3.71
CA SER A 409 -47.35 76.39 -3.51
C SER A 409 -48.63 76.81 -4.23
N LYS A 410 -49.68 77.09 -3.44
CA LYS A 410 -50.86 77.76 -3.96
C LYS A 410 -50.79 79.26 -3.79
N LEU A 411 -49.71 79.76 -3.17
CA LEU A 411 -49.39 81.17 -3.11
C LEU A 411 -50.43 81.96 -2.34
N SER A 412 -51.18 82.82 -3.02
CA SER A 412 -51.88 83.87 -2.29
C SER A 412 -53.06 84.48 -3.03
N PRO A 413 -54.25 84.44 -2.43
CA PRO A 413 -55.35 85.26 -2.94
C PRO A 413 -55.62 86.46 -2.05
N GLU A 414 -56.82 86.50 -1.45
CA GLU A 414 -57.26 87.67 -0.67
C GLU A 414 -57.95 87.27 0.63
N ASN A 415 -57.32 86.43 1.44
CA ASN A 415 -57.78 86.07 2.79
C ASN A 415 -59.25 85.64 2.82
N ASN A 416 -59.74 85.13 1.69
CA ASN A 416 -61.13 84.67 1.55
C ASN A 416 -62.11 85.80 1.85
N ILE A 417 -62.02 86.87 1.06
CA ILE A 417 -63.02 87.93 1.13
C ILE A 417 -64.35 87.44 0.52
N GLY A 418 -64.32 87.09 -0.76
CA GLY A 418 -65.46 86.41 -1.38
C GLY A 418 -66.75 87.18 -1.39
N LYS A 419 -67.70 86.74 -0.56
CA LYS A 419 -69.07 87.27 -0.60
C LYS A 419 -69.10 88.76 -0.30
N THR A 420 -68.16 89.26 0.52
CA THR A 420 -68.10 90.69 0.78
C THR A 420 -67.95 91.48 -0.52
N LEU A 421 -67.25 90.91 -1.49
CA LEU A 421 -67.21 91.43 -2.85
C LEU A 421 -68.24 90.79 -3.76
N SER A 422 -68.65 89.55 -3.46
CA SER A 422 -69.66 88.87 -4.27
C SER A 422 -71.05 89.30 -3.84
N VAL A 423 -71.31 90.61 -3.84
CA VAL A 423 -72.56 91.14 -3.32
C VAL A 423 -73.12 92.12 -4.36
N ASN A 424 -72.74 91.89 -5.62
CA ASN A 424 -73.02 92.75 -6.78
C ASN A 424 -74.48 93.17 -6.94
N PRO A 425 -75.47 92.24 -6.80
CA PRO A 425 -76.86 92.58 -7.17
C PRO A 425 -77.47 93.80 -6.51
N PHE A 426 -76.74 94.47 -5.59
CA PHE A 426 -77.33 95.59 -4.87
C PHE A 426 -77.75 96.71 -5.82
N THR A 427 -77.33 96.67 -7.08
CA THR A 427 -77.78 97.63 -8.08
C THR A 427 -78.84 96.94 -8.94
N THR A 428 -80.05 96.86 -8.39
CA THR A 428 -81.23 96.42 -9.14
C THR A 428 -82.50 97.20 -8.83
N ALA A 429 -82.54 98.00 -7.77
CA ALA A 429 -83.76 98.69 -7.34
C ALA A 429 -83.48 100.17 -7.11
N TRP A 430 -82.83 100.81 -8.08
CA TRP A 430 -82.47 102.22 -7.98
C TRP A 430 -83.69 103.10 -7.76
N GLU A 431 -84.88 102.65 -8.16
CA GLU A 431 -86.09 103.41 -7.91
C GLU A 431 -86.27 103.67 -6.43
N LEU A 432 -85.71 102.80 -5.59
CA LEU A 432 -85.65 103.03 -4.14
C LEU A 432 -84.36 102.40 -3.62
N LEU A 433 -83.31 103.21 -3.55
CA LEU A 433 -82.05 102.77 -2.96
C LEU A 433 -81.43 103.81 -2.04
N THR A 434 -81.91 105.05 -2.07
CA THR A 434 -81.40 106.16 -1.28
C THR A 434 -79.97 106.50 -1.66
N LEU A 435 -79.57 107.73 -1.38
CA LEU A 435 -78.16 108.08 -1.50
C LEU A 435 -77.32 107.21 -0.58
N SER A 436 -77.69 107.17 0.71
CA SER A 436 -76.79 106.70 1.75
C SER A 436 -76.43 105.24 1.58
N PHE A 437 -77.39 104.39 1.22
CA PHE A 437 -77.10 102.95 1.16
C PHE A 437 -76.12 102.65 0.04
N VAL A 438 -76.34 103.23 -1.14
CA VAL A 438 -75.41 103.04 -2.25
C VAL A 438 -74.04 103.61 -1.88
N VAL A 439 -74.02 104.79 -1.27
CA VAL A 439 -72.75 105.42 -0.93
C VAL A 439 -71.98 104.57 0.07
N ASP A 440 -72.65 104.05 1.09
CA ASP A 440 -71.98 103.22 2.07
C ASP A 440 -71.51 101.91 1.47
N TRP A 441 -72.27 101.36 0.52
CA TRP A 441 -71.78 100.20 -0.21
C TRP A 441 -70.47 100.51 -0.91
N PHE A 442 -70.43 101.64 -1.59
CA PHE A 442 -69.22 102.02 -2.31
C PHE A 442 -68.06 102.27 -1.34
N VAL A 443 -68.35 102.85 -0.18
CA VAL A 443 -67.30 103.13 0.79
C VAL A 443 -66.73 101.83 1.33
N ASN A 444 -67.60 100.87 1.67
CA ASN A 444 -67.12 99.58 2.15
C ASN A 444 -66.33 98.87 1.06
N PHE A 445 -66.75 99.03 -0.19
CA PHE A 445 -65.99 98.48 -1.30
C PHE A 445 -64.60 99.09 -1.37
N GLY A 446 -64.51 100.41 -1.31
CA GLY A 446 -63.21 101.06 -1.34
C GLY A 446 -62.36 100.66 -0.16
N ASP A 447 -63.00 100.38 0.97
CA ASP A 447 -62.29 99.90 2.15
C ASP A 447 -61.68 98.53 1.90
N VAL A 448 -62.48 97.59 1.41
CA VAL A 448 -62.00 96.22 1.24
C VAL A 448 -60.98 96.15 0.11
N ILE A 449 -61.11 97.04 -0.88
CA ILE A 449 -60.14 97.07 -1.97
C ILE A 449 -58.76 97.46 -1.44
N ALA A 450 -58.71 98.47 -0.57
CA ALA A 450 -57.44 98.84 0.04
C ALA A 450 -56.88 97.73 0.90
N GLY A 451 -57.75 97.02 1.63
CA GLY A 451 -57.31 95.93 2.47
C GLY A 451 -56.85 94.70 1.70
N PHE A 452 -56.95 94.75 0.37
CA PHE A 452 -56.41 93.67 -0.45
C PHE A 452 -54.95 93.40 -0.15
N THR A 453 -54.12 94.44 -0.18
CA THR A 453 -52.68 94.24 -0.13
C THR A 453 -52.24 93.61 1.18
N GLY A 454 -52.70 94.17 2.30
CA GLY A 454 -52.33 93.62 3.59
C GLY A 454 -52.85 92.21 3.80
N GLY A 455 -54.05 91.93 3.30
CA GLY A 455 -54.68 90.63 3.39
C GLY A 455 -54.40 89.70 2.23
N TYR A 456 -53.36 89.97 1.45
CA TYR A 456 -53.05 89.19 0.28
C TYR A 456 -52.26 87.93 0.64
N SER A 457 -51.04 88.12 1.14
CA SER A 457 -50.05 87.03 1.14
C SER A 457 -50.48 85.88 2.04
N ASP A 458 -50.53 84.68 1.48
CA ASP A 458 -50.94 83.51 2.24
C ASP A 458 -49.96 82.35 2.16
N ASP A 459 -49.31 82.15 1.00
CA ASP A 459 -48.30 81.12 0.79
C ASP A 459 -48.84 79.71 1.03
N SER A 460 -47.95 78.73 1.01
CA SER A 460 -48.36 77.32 1.11
C SER A 460 -47.27 76.56 1.85
N GLY A 461 -47.43 75.24 1.94
CA GLY A 461 -46.52 74.42 2.73
C GLY A 461 -45.72 73.41 1.93
N ALA A 462 -45.15 72.41 2.60
CA ALA A 462 -44.29 71.44 1.95
C ALA A 462 -44.09 70.25 2.88
N THR A 463 -43.47 69.20 2.35
CA THR A 463 -43.28 67.95 3.07
C THR A 463 -42.12 67.19 2.44
N ALA A 464 -41.97 65.92 2.82
CA ALA A 464 -40.94 65.06 2.27
C ALA A 464 -41.36 63.61 2.51
N SER A 465 -40.60 62.68 1.96
CA SER A 465 -40.88 61.27 2.20
C SER A 465 -39.68 60.42 1.78
N TRP A 466 -39.60 59.24 2.38
CA TRP A 466 -38.64 58.21 2.03
C TRP A 466 -39.39 56.96 1.58
N ARG A 467 -38.76 56.18 0.69
CA ARG A 467 -39.26 54.86 0.33
C ARG A 467 -38.10 53.88 0.41
N PHE A 468 -37.94 53.26 1.58
CA PHE A 468 -36.89 52.26 1.77
C PHE A 468 -37.25 50.99 1.03
N ASP A 469 -36.31 50.50 0.21
CA ASP A 469 -36.43 49.18 -0.39
C ASP A 469 -35.00 48.66 -0.57
N ASP A 470 -34.52 47.94 0.43
CA ASP A 470 -33.12 47.54 0.49
C ASP A 470 -33.00 46.08 0.91
N LYS A 471 -32.16 45.35 0.18
CA LYS A 471 -31.87 43.95 0.48
C LYS A 471 -30.36 43.75 0.30
N LYS A 472 -29.60 43.95 1.37
CA LYS A 472 -28.15 43.81 1.34
C LYS A 472 -27.76 42.45 1.88
N VAL A 473 -26.98 41.71 1.10
CA VAL A 473 -26.55 40.36 1.44
C VAL A 473 -25.04 40.40 1.66
N PHE A 474 -24.60 39.98 2.84
CA PHE A 474 -23.21 40.14 3.27
C PHE A 474 -22.55 38.78 3.35
N HIS A 475 -21.37 38.66 2.76
CA HIS A 475 -20.58 37.45 2.92
C HIS A 475 -19.95 37.43 4.32
N LEU A 476 -19.43 36.26 4.67
CA LEU A 476 -18.64 36.13 5.86
C LEU A 476 -17.18 36.10 5.47
N LYS A 477 -16.38 36.82 6.25
CA LYS A 477 -14.95 36.90 5.95
C LYS A 477 -14.32 35.51 6.01
N ASN A 478 -13.62 35.15 4.93
CA ASN A 478 -13.00 33.85 4.70
C ASN A 478 -14.02 32.73 4.63
N ILE A 479 -15.33 32.96 4.71
CA ILE A 479 -16.34 31.90 4.72
C ILE A 479 -17.43 32.28 3.71
N PRO A 480 -17.18 32.16 2.39
CA PRO A 480 -18.21 32.48 1.39
C PRO A 480 -19.49 31.70 1.58
N SER A 481 -19.44 30.49 2.11
CA SER A 481 -20.62 29.66 2.32
C SER A 481 -21.56 30.20 3.41
N ALA A 482 -21.04 30.98 4.37
CA ALA A 482 -21.84 31.69 5.36
C ALA A 482 -22.26 33.07 4.83
N MET A 483 -23.41 33.55 5.28
CA MET A 483 -24.02 34.77 4.77
C MET A 483 -24.81 35.48 5.85
N VAL A 484 -25.07 36.75 5.64
CA VAL A 484 -26.19 37.44 6.27
C VAL A 484 -27.03 38.06 5.17
N ILE A 485 -28.36 37.97 5.24
CA ILE A 485 -29.26 38.68 4.34
C ILE A 485 -30.08 39.63 5.19
N VAL A 486 -29.99 40.94 4.96
CA VAL A 486 -30.91 41.88 5.59
C VAL A 486 -31.77 42.56 4.56
N ASP A 487 -33.09 42.37 4.66
CA ASP A 487 -33.99 43.00 3.71
C ASP A 487 -34.87 44.03 4.42
N ILE A 488 -34.93 45.23 3.87
CA ILE A 488 -35.73 46.33 4.41
C ILE A 488 -36.57 46.92 3.29
N ASN A 489 -37.86 47.14 3.56
CA ASN A 489 -38.75 47.71 2.55
C ASN A 489 -39.87 48.46 3.26
N PHE A 490 -39.93 49.77 3.06
CA PHE A 490 -41.04 50.59 3.53
C PHE A 490 -40.97 51.96 2.88
N TYR A 491 -42.11 52.65 2.90
CA TYR A 491 -42.19 54.04 2.47
C TYR A 491 -42.71 54.88 3.62
N THR A 492 -42.05 55.99 3.89
CA THR A 492 -42.35 56.84 5.02
C THR A 492 -42.38 58.30 4.59
N ARG A 493 -43.37 59.04 5.07
CA ARG A 493 -43.59 60.42 4.68
C ARG A 493 -43.38 61.35 5.88
N GLN A 494 -42.71 62.47 5.64
CA GLN A 494 -42.50 63.47 6.68
C GLN A 494 -42.81 64.87 6.16
N VAL A 495 -43.24 65.74 7.07
CA VAL A 495 -43.42 67.14 6.74
C VAL A 495 -42.05 67.81 6.61
N ILE A 496 -42.03 68.96 5.95
CA ILE A 496 -40.78 69.66 5.66
C ILE A 496 -40.33 70.46 6.87
N ASP A 497 -41.08 70.38 7.97
CA ASP A 497 -40.80 71.16 9.17
C ASP A 497 -40.74 72.65 8.84
N PRO A 498 -41.88 73.29 8.61
CA PRO A 498 -41.88 74.72 8.21
C PRO A 498 -41.26 75.66 9.24
N ARG A 499 -40.87 75.17 10.41
CA ARG A 499 -40.21 76.05 11.37
C ARG A 499 -38.76 76.30 10.98
N LEU A 500 -37.94 75.25 10.97
CA LEU A 500 -36.54 75.40 10.59
C LEU A 500 -36.40 75.50 9.07
N CYS A 501 -36.77 74.44 8.38
CA CYS A 501 -36.98 74.47 6.95
C CYS A 501 -38.37 75.03 6.69
N GLY A 502 -38.90 74.83 5.49
CA GLY A 502 -40.26 75.23 5.19
C GLY A 502 -40.45 76.72 5.05
N GLY A 503 -39.55 77.53 5.62
CA GLY A 503 -39.45 78.91 5.21
C GLY A 503 -38.48 78.94 4.05
N LEU A 504 -37.41 79.71 4.17
CA LEU A 504 -36.27 79.61 3.26
C LEU A 504 -36.68 79.79 1.81
N ALA A 505 -37.69 80.61 1.56
CA ALA A 505 -38.33 80.71 0.25
C ALA A 505 -38.42 82.17 -0.18
N PHE A 506 -39.18 82.42 -1.25
CA PHE A 506 -39.35 83.78 -1.75
C PHE A 506 -40.01 84.68 -0.70
N SER A 507 -41.02 84.17 0.01
CA SER A 507 -41.81 84.94 0.96
C SER A 507 -42.48 86.13 0.25
N PRO A 508 -43.50 85.89 -0.58
CA PRO A 508 -44.14 87.00 -1.31
C PRO A 508 -44.79 88.07 -0.42
N LYS A 509 -44.69 87.94 0.89
CA LYS A 509 -45.16 88.99 1.79
C LYS A 509 -44.46 90.31 1.46
N LEU A 510 -43.14 90.24 1.31
CA LEU A 510 -42.34 91.38 0.88
C LEU A 510 -42.64 91.68 -0.59
N ASN A 511 -42.25 92.88 -1.03
CA ASN A 511 -42.54 93.46 -2.32
C ASN A 511 -43.99 93.85 -2.50
N LEU A 512 -44.85 93.64 -1.51
CA LEU A 512 -46.24 94.04 -1.71
C LEU A 512 -46.72 94.98 -0.61
N PHE A 513 -46.31 94.73 0.64
CA PHE A 513 -46.56 95.72 1.68
C PHE A 513 -45.60 96.89 1.58
N ARG A 514 -44.47 96.69 0.89
CA ARG A 514 -43.68 97.82 0.46
C ARG A 514 -44.42 98.61 -0.62
N TYR A 515 -45.38 97.97 -1.27
CA TYR A 515 -46.20 98.55 -2.33
C TYR A 515 -47.38 99.36 -1.81
N LEU A 516 -48.39 99.52 -2.66
CA LEU A 516 -49.50 100.44 -2.49
C LEU A 516 -50.02 100.64 -1.08
N ASP A 517 -50.14 99.56 -0.31
CA ASP A 517 -50.89 99.56 0.94
C ASP A 517 -50.70 100.82 1.77
N ALA A 518 -49.47 101.34 1.79
CA ALA A 518 -49.17 102.56 2.52
C ALA A 518 -49.34 103.79 1.64
N MET A 519 -49.08 103.66 0.34
CA MET A 519 -49.23 104.82 -0.53
C MET A 519 -50.63 104.89 -1.11
N SER A 520 -51.21 103.75 -1.49
CA SER A 520 -52.62 103.74 -1.88
C SER A 520 -53.51 103.99 -0.67
N LEU A 521 -52.92 103.92 0.53
CA LEU A 521 -53.63 104.36 1.72
C LEU A 521 -54.07 105.81 1.58
N SER A 522 -53.36 106.57 0.74
CA SER A 522 -53.75 107.93 0.41
C SER A 522 -55.20 108.03 -0.05
N TRP A 523 -55.79 106.94 -0.52
CA TRP A 523 -57.20 106.94 -0.90
C TRP A 523 -58.10 107.52 0.18
N ASN A 524 -57.63 107.62 1.43
CA ASN A 524 -58.42 108.20 2.49
C ASN A 524 -58.89 109.62 2.14
N ARG A 525 -58.07 110.40 1.44
CA ARG A 525 -58.52 111.71 0.96
C ARG A 525 -59.69 111.56 -0.01
N SER A 526 -59.67 110.49 -0.81
CA SER A 526 -60.77 110.25 -1.73
C SER A 526 -62.06 110.05 -0.96
N ARG A 527 -62.03 109.24 0.09
CA ARG A 527 -63.20 109.06 0.94
C ARG A 527 -63.54 110.35 1.68
N LEU A 528 -62.52 111.15 2.00
CA LEU A 528 -62.79 112.45 2.62
C LEU A 528 -63.65 113.32 1.72
N LYS A 529 -63.25 113.47 0.46
CA LYS A 529 -64.03 114.27 -0.48
C LYS A 529 -65.34 113.58 -0.80
N ILE A 530 -65.35 112.25 -0.74
CA ILE A 530 -66.55 111.44 -0.81
C ILE A 530 -67.57 111.78 0.26
N SER A 531 -67.14 112.05 1.47
CA SER A 531 -68.07 112.07 2.59
C SER A 531 -68.90 113.35 2.60
N ARG A 532 -69.64 113.58 1.52
CA ARG A 532 -70.66 114.62 1.46
C ARG A 532 -70.11 116.00 1.83
N ALA A 533 -68.79 116.11 1.95
CA ALA A 533 -68.14 117.34 2.38
C ALA A 533 -66.69 117.24 1.93
N THR A 534 -66.06 118.41 1.81
CA THR A 534 -64.68 118.52 1.34
C THR A 534 -64.53 118.00 -0.09
N THR B 1 -16.58 -24.77 -104.26
CA THR B 1 -15.66 -24.33 -105.29
C THR B 1 -14.21 -24.49 -104.84
N LEU B 2 -13.29 -24.47 -105.81
CA LEU B 2 -11.88 -24.71 -105.50
C LEU B 2 -11.31 -23.59 -104.64
N ILE B 3 -11.68 -22.33 -104.93
CA ILE B 3 -11.10 -21.19 -104.21
C ILE B 3 -11.53 -21.20 -102.75
N GLU B 4 -12.75 -21.68 -102.47
CA GLU B 4 -13.22 -21.74 -101.09
C GLU B 4 -12.35 -22.69 -100.26
N LEU B 5 -12.00 -23.84 -100.83
CA LEU B 5 -11.19 -24.81 -100.08
C LEU B 5 -9.77 -24.30 -99.87
N MET B 6 -9.26 -23.52 -100.81
CA MET B 6 -7.93 -22.92 -100.64
C MET B 6 -7.90 -21.99 -99.43
N ILE B 7 -8.98 -21.23 -99.22
CA ILE B 7 -9.06 -20.34 -98.06
C ILE B 7 -9.06 -21.17 -96.77
N VAL B 8 -9.72 -22.32 -96.79
CA VAL B 8 -9.73 -23.21 -95.62
C VAL B 8 -8.31 -23.69 -95.32
N VAL B 9 -7.56 -24.07 -96.36
CA VAL B 9 -6.19 -24.55 -96.16
C VAL B 9 -5.32 -23.45 -95.57
N ALA B 10 -5.45 -22.23 -96.08
CA ALA B 10 -4.69 -21.10 -95.53
C ALA B 10 -5.09 -20.82 -94.09
N ILE B 11 -6.39 -20.90 -93.79
CA ILE B 11 -6.86 -20.67 -92.42
C ILE B 11 -6.33 -21.74 -91.48
N ILE B 12 -6.38 -23.01 -91.92
CA ILE B 12 -5.84 -24.09 -91.11
C ILE B 12 -4.34 -23.90 -90.88
N GLY B 13 -3.62 -23.55 -91.94
CA GLY B 13 -2.18 -23.32 -91.80
C GLY B 13 -1.85 -22.15 -90.89
N ILE B 14 -2.63 -21.07 -90.99
CA ILE B 14 -2.42 -19.94 -90.09
C ILE B 14 -2.70 -20.33 -88.65
N LEU B 15 -3.81 -21.04 -88.43
CA LEU B 15 -4.17 -21.44 -87.07
C LEU B 15 -3.16 -22.43 -86.49
N ALA B 16 -2.71 -23.39 -87.30
CA ALA B 16 -1.75 -24.37 -86.81
C ALA B 16 -0.36 -23.78 -86.59
N ALA B 17 -0.08 -22.62 -87.18
CA ALA B 17 1.21 -21.95 -87.03
C ALA B 17 1.19 -20.90 -85.92
N ILE B 18 0.31 -21.07 -84.93
CA ILE B 18 0.22 -20.11 -83.83
C ILE B 18 1.47 -20.21 -82.97
N ALA B 19 1.96 -19.06 -82.51
CA ALA B 19 3.14 -19.03 -81.66
C ALA B 19 2.79 -19.56 -80.26
N ILE B 20 3.63 -20.45 -79.75
CA ILE B 20 3.44 -21.02 -78.42
C ILE B 20 4.37 -20.27 -77.45
N PRO B 21 3.85 -19.63 -76.42
CA PRO B 21 4.71 -18.96 -75.45
C PRO B 21 5.56 -19.96 -74.69
N GLN B 22 6.69 -19.48 -74.18
CA GLN B 22 7.60 -20.35 -73.43
C GLN B 22 6.98 -20.67 -72.08
N TYR B 23 6.11 -21.67 -72.05
CA TYR B 23 5.43 -22.05 -70.82
C TYR B 23 6.34 -22.76 -69.83
N GLN B 24 7.55 -23.13 -70.24
CA GLN B 24 8.47 -23.79 -69.32
C GLN B 24 8.85 -22.89 -68.16
N ASN B 25 9.00 -21.59 -68.42
CA ASN B 25 9.40 -20.65 -67.38
C ASN B 25 8.40 -20.64 -66.23
N TYR B 26 7.10 -20.74 -66.54
CA TYR B 26 6.08 -20.57 -65.51
C TYR B 26 5.99 -21.79 -64.63
N ILE B 27 6.05 -22.99 -65.22
CA ILE B 27 5.99 -24.22 -64.44
C ILE B 27 7.19 -24.32 -63.51
N ALA B 28 8.38 -24.01 -64.03
CA ALA B 28 9.58 -24.03 -63.20
C ALA B 28 9.47 -23.06 -62.03
N LYS B 29 8.85 -21.90 -62.27
CA LYS B 29 8.61 -20.96 -61.18
C LYS B 29 7.68 -21.56 -60.13
N SER B 30 6.63 -22.25 -60.58
CA SER B 30 5.68 -22.85 -59.64
C SER B 30 6.31 -24.01 -58.87
N GLN B 31 7.09 -24.84 -59.56
CA GLN B 31 7.70 -25.99 -58.90
C GLN B 31 8.70 -25.56 -57.83
N VAL B 32 9.53 -24.56 -58.14
CA VAL B 32 10.52 -24.08 -57.19
C VAL B 32 9.83 -23.37 -56.02
N SER B 33 8.78 -22.61 -56.31
CA SER B 33 8.06 -21.90 -55.25
C SER B 33 7.45 -22.87 -54.24
N ARG B 34 6.88 -23.97 -54.72
CA ARG B 34 6.33 -24.98 -53.81
C ARG B 34 7.41 -25.57 -52.91
N VAL B 35 8.60 -25.81 -53.46
CA VAL B 35 9.70 -26.35 -52.67
C VAL B 35 10.13 -25.36 -51.60
N MET B 36 10.07 -24.06 -51.92
CA MET B 36 10.41 -23.04 -50.93
C MET B 36 9.50 -23.13 -49.70
N SER B 37 8.20 -23.31 -49.92
CA SER B 37 7.29 -23.52 -48.80
C SER B 37 7.61 -24.82 -48.08
N GLU B 38 7.90 -25.88 -48.83
CA GLU B 38 8.24 -27.16 -48.21
C GLU B 38 9.55 -27.08 -47.44
N THR B 39 10.58 -26.48 -48.04
CA THR B 39 11.84 -26.29 -47.34
C THR B 39 11.72 -25.26 -46.22
N GLY B 40 10.95 -24.20 -46.45
CA GLY B 40 10.76 -23.19 -45.43
C GLY B 40 9.93 -23.66 -44.25
N SER B 41 9.11 -24.69 -44.44
CA SER B 41 8.32 -25.23 -43.33
C SER B 41 9.19 -25.87 -42.28
N LEU B 42 10.42 -26.26 -42.64
CA LEU B 42 11.36 -26.84 -41.70
C LEU B 42 12.16 -25.79 -40.94
N LYS B 43 11.94 -24.51 -41.22
CA LYS B 43 12.63 -23.46 -40.47
C LYS B 43 12.18 -23.45 -39.01
N THR B 44 10.91 -23.74 -38.76
CA THR B 44 10.39 -23.71 -37.40
C THR B 44 11.04 -24.80 -36.54
N VAL B 45 11.05 -26.03 -37.04
CA VAL B 45 11.55 -27.15 -36.24
C VAL B 45 13.07 -27.06 -36.06
N ILE B 46 13.78 -26.64 -37.11
CA ILE B 46 15.24 -26.55 -37.02
C ILE B 46 15.66 -25.48 -36.01
N GLU B 47 15.00 -24.32 -36.06
CA GLU B 47 15.34 -23.25 -35.12
C GLU B 47 15.07 -23.66 -33.68
N THR B 48 13.94 -24.35 -33.44
CA THR B 48 13.61 -24.79 -32.09
C THR B 48 14.64 -25.80 -31.57
N CYS B 49 15.08 -26.71 -32.45
CA CYS B 49 16.06 -27.70 -32.03
C CYS B 49 17.39 -27.05 -31.66
N ILE B 50 17.82 -26.07 -32.44
CA ILE B 50 19.09 -25.39 -32.16
C ILE B 50 19.00 -24.63 -30.83
N LEU B 51 17.89 -23.93 -30.61
CA LEU B 51 17.71 -23.17 -29.38
C LEU B 51 17.52 -24.08 -28.17
N ASP B 52 16.95 -25.27 -28.37
CA ASP B 52 16.77 -26.23 -27.29
C ASP B 52 18.07 -26.94 -26.92
N GLY B 53 19.11 -26.82 -27.74
CA GLY B 53 20.34 -27.53 -27.49
C GLY B 53 20.32 -28.98 -27.90
N LYS B 54 19.26 -29.43 -28.57
CA LYS B 54 19.17 -30.82 -28.98
C LYS B 54 20.17 -31.12 -30.10
N THR B 55 20.54 -32.40 -30.19
CA THR B 55 21.51 -32.84 -31.19
C THR B 55 20.81 -33.06 -32.53
N ALA B 56 21.61 -33.44 -33.54
CA ALA B 56 21.05 -33.75 -34.84
C ALA B 56 20.11 -34.96 -34.77
N ALA B 57 20.52 -35.98 -34.02
CA ALA B 57 19.68 -37.17 -33.84
C ALA B 57 18.50 -36.92 -32.90
N ASN B 58 18.60 -35.91 -32.03
CA ASN B 58 17.55 -35.60 -31.08
C ASN B 58 16.49 -34.65 -31.64
N CYS B 59 16.65 -34.19 -32.87
CA CYS B 59 15.70 -33.27 -33.49
C CYS B 59 14.70 -34.07 -34.32
N GLU B 60 13.42 -33.95 -33.97
CA GLU B 60 12.36 -34.69 -34.65
C GLU B 60 11.76 -33.81 -35.75
N LEU B 61 11.86 -34.29 -36.99
CA LEU B 61 11.31 -33.58 -38.13
C LEU B 61 9.99 -34.21 -38.56
N GLY B 62 8.98 -33.38 -38.75
CA GLY B 62 7.69 -33.87 -39.21
C GLY B 62 7.54 -33.77 -40.71
N TRP B 63 8.64 -34.00 -41.43
CA TRP B 63 8.66 -33.88 -42.87
C TRP B 63 7.85 -35.00 -43.53
N THR B 64 7.21 -34.68 -44.64
CA THR B 64 6.46 -35.63 -45.44
C THR B 64 7.06 -35.72 -46.83
N ASN B 65 7.07 -36.93 -47.40
CA ASN B 65 7.68 -37.15 -48.71
C ASN B 65 7.00 -36.28 -49.77
N SER B 66 7.82 -35.60 -50.57
CA SER B 66 7.37 -34.70 -51.62
C SER B 66 7.67 -35.32 -52.97
N ASN B 67 6.71 -35.21 -53.90
CA ASN B 67 6.91 -35.72 -55.26
C ASN B 67 8.01 -35.00 -56.01
N LEU B 68 8.35 -33.77 -55.62
CA LEU B 68 9.41 -32.99 -56.26
C LEU B 68 10.76 -33.17 -55.59
N LEU B 69 10.84 -34.01 -54.57
CA LEU B 69 12.06 -34.29 -53.80
C LEU B 69 12.60 -33.05 -53.10
N GLY B 70 11.78 -32.04 -52.88
CA GLY B 70 12.21 -30.82 -52.22
C GLY B 70 12.54 -31.02 -50.75
N THR C 1 19.76 -4.58 39.82
CA THR C 1 20.84 -5.39 39.28
C THR C 1 21.23 -6.51 40.25
N LEU C 2 21.67 -7.64 39.70
CA LEU C 2 22.03 -8.78 40.53
C LEU C 2 23.33 -8.53 41.30
N ILE C 3 24.18 -7.64 40.78
CA ILE C 3 25.41 -7.29 41.49
C ILE C 3 25.09 -6.58 42.80
N GLU C 4 24.10 -5.68 42.77
CA GLU C 4 23.76 -4.92 43.98
C GLU C 4 23.24 -5.85 45.08
N LEU C 5 22.37 -6.79 44.73
CA LEU C 5 21.85 -7.72 45.72
C LEU C 5 22.95 -8.64 46.26
N MET C 6 23.88 -9.05 45.38
CA MET C 6 24.99 -9.88 45.82
C MET C 6 25.89 -9.13 46.80
N ILE C 7 26.09 -7.84 46.58
CA ILE C 7 26.87 -7.03 47.51
C ILE C 7 26.21 -6.99 48.88
N VAL C 8 24.88 -6.83 48.90
CA VAL C 8 24.15 -6.85 50.17
C VAL C 8 24.30 -8.19 50.87
N VAL C 9 24.25 -9.28 50.10
CA VAL C 9 24.45 -10.61 50.67
C VAL C 9 25.85 -10.73 51.26
N ALA C 10 26.86 -10.22 50.54
CA ALA C 10 28.21 -10.22 51.07
C ALA C 10 28.33 -9.37 52.32
N ILE C 11 27.67 -8.20 52.33
CA ILE C 11 27.64 -7.36 53.52
C ILE C 11 26.95 -8.09 54.68
N ILE C 12 25.85 -8.76 54.39
CA ILE C 12 25.13 -9.51 55.43
C ILE C 12 26.03 -10.60 56.00
N GLY C 13 26.73 -11.34 55.12
CA GLY C 13 27.63 -12.37 55.60
C GLY C 13 28.79 -11.82 56.40
N ILE C 14 29.37 -10.71 55.95
CA ILE C 14 30.51 -10.12 56.64
C ILE C 14 30.10 -9.65 58.03
N LEU C 15 29.02 -8.87 58.12
CA LEU C 15 28.62 -8.28 59.39
C LEU C 15 28.21 -9.35 60.40
N ALA C 16 27.46 -10.35 59.96
CA ALA C 16 27.02 -11.40 60.87
C ALA C 16 28.15 -12.32 61.32
N ALA C 17 29.30 -12.28 60.63
CA ALA C 17 30.43 -13.13 60.95
C ALA C 17 31.38 -12.50 61.94
N ILE C 18 30.89 -11.59 62.78
CA ILE C 18 31.77 -10.95 63.76
C ILE C 18 32.25 -11.98 64.78
N ALA C 19 33.38 -11.68 65.41
CA ALA C 19 34.02 -12.58 66.36
C ALA C 19 33.67 -12.16 67.79
N ILE C 20 33.13 -13.10 68.55
CA ILE C 20 32.77 -12.86 69.94
C ILE C 20 34.05 -12.82 70.76
N PRO C 21 34.33 -11.72 71.48
CA PRO C 21 35.58 -11.65 72.24
C PRO C 21 35.51 -12.32 73.60
N GLN C 22 34.92 -13.51 73.66
CA GLN C 22 34.89 -14.35 74.85
C GLN C 22 34.33 -13.58 76.05
N TYR C 23 33.05 -13.22 75.93
CA TYR C 23 32.38 -12.47 76.99
C TYR C 23 32.19 -13.30 78.26
N GLN C 24 32.42 -14.61 78.19
CA GLN C 24 32.29 -15.45 79.38
C GLN C 24 33.25 -15.01 80.48
N ASN C 25 34.43 -14.51 80.11
CA ASN C 25 35.38 -14.03 81.11
C ASN C 25 34.85 -12.80 81.84
N TYR C 26 34.24 -11.87 81.10
CA TYR C 26 33.83 -10.60 81.69
C TYR C 26 32.65 -10.79 82.64
N ILE C 27 31.63 -11.54 82.20
CA ILE C 27 30.41 -11.66 82.99
C ILE C 27 30.68 -12.39 84.30
N ALA C 28 31.42 -13.49 84.23
CA ALA C 28 31.66 -14.29 85.42
C ALA C 28 32.54 -13.56 86.43
N LYS C 29 33.34 -12.60 85.95
CA LYS C 29 34.28 -11.90 86.81
C LYS C 29 33.56 -11.14 87.91
N SER C 30 32.41 -10.55 87.58
CA SER C 30 31.63 -9.82 88.59
C SER C 30 31.07 -10.76 89.66
N GLN C 31 30.78 -12.00 89.26
CA GLN C 31 30.18 -12.96 90.19
C GLN C 31 31.10 -13.23 91.38
N VAL C 32 32.37 -13.51 91.11
CA VAL C 32 33.34 -13.72 92.19
C VAL C 32 33.57 -12.43 92.95
N SER C 33 33.58 -11.30 92.24
CA SER C 33 33.71 -10.01 92.88
C SER C 33 32.57 -9.76 93.85
N ARG C 34 31.34 -10.11 93.46
CA ARG C 34 30.20 -9.97 94.35
C ARG C 34 30.35 -10.86 95.57
N VAL C 35 30.76 -12.12 95.37
CA VAL C 35 30.87 -13.06 96.47
C VAL C 35 31.90 -12.59 97.49
N MET C 36 32.99 -12.00 97.00
CA MET C 36 34.04 -11.50 97.90
C MET C 36 33.46 -10.51 98.91
N SER C 37 32.55 -9.65 98.44
CA SER C 37 31.87 -8.74 99.36
C SER C 37 30.90 -9.51 100.26
N GLU C 38 30.25 -10.54 99.72
CA GLU C 38 29.32 -11.33 100.51
C GLU C 38 30.02 -12.04 101.67
N THR C 39 31.10 -12.77 101.35
CA THR C 39 31.86 -13.44 102.40
C THR C 39 32.67 -12.43 103.21
N GLY C 40 33.01 -11.29 102.61
CA GLY C 40 33.71 -10.26 103.35
C GLY C 40 32.83 -9.56 104.37
N SER C 41 31.51 -9.65 104.17
CA SER C 41 30.58 -9.03 105.11
C SER C 41 30.53 -9.78 106.44
N LEU C 42 30.95 -11.03 106.47
CA LEU C 42 30.94 -11.83 107.70
C LEU C 42 32.25 -11.76 108.46
N LYS C 43 33.20 -10.93 108.01
CA LYS C 43 34.50 -10.82 108.66
C LYS C 43 34.38 -10.34 110.10
N THR C 44 33.67 -9.23 110.29
CA THR C 44 33.55 -8.65 111.62
C THR C 44 32.79 -9.57 112.57
N VAL C 45 31.70 -10.18 112.08
CA VAL C 45 30.89 -11.03 112.93
C VAL C 45 31.68 -12.23 113.42
N ILE C 46 32.45 -12.86 112.54
CA ILE C 46 33.29 -13.98 112.94
C ILE C 46 34.42 -13.49 113.84
N GLU C 47 35.00 -12.33 113.51
CA GLU C 47 36.11 -11.81 114.30
C GLU C 47 35.67 -11.47 115.72
N THR C 48 34.49 -10.85 115.86
CA THR C 48 33.98 -10.54 117.19
C THR C 48 33.69 -11.83 117.98
N CYS C 49 33.16 -12.85 117.30
CA CYS C 49 32.84 -14.10 117.99
C CYS C 49 34.09 -14.78 118.52
N ILE C 50 35.22 -14.66 117.82
CA ILE C 50 36.46 -15.23 118.31
C ILE C 50 36.96 -14.46 119.53
N LEU C 51 36.82 -13.13 119.51
CA LEU C 51 37.40 -12.30 120.57
C LEU C 51 36.73 -12.56 121.91
N ASP C 52 35.40 -12.57 121.95
CA ASP C 52 34.68 -12.67 123.22
C ASP C 52 34.52 -14.10 123.71
N GLY C 53 35.00 -15.09 122.97
CA GLY C 53 34.93 -16.48 123.41
C GLY C 53 33.63 -17.18 123.12
N LYS C 54 32.75 -16.59 122.32
CA LYS C 54 31.48 -17.23 121.99
C LYS C 54 31.73 -18.47 121.13
N THR C 55 30.97 -19.53 121.42
CA THR C 55 31.13 -20.79 120.69
C THR C 55 30.52 -20.67 119.30
N ALA C 56 30.74 -21.72 118.49
CA ALA C 56 30.19 -21.74 117.14
C ALA C 56 28.66 -21.81 117.16
N ALA C 57 28.09 -22.59 118.08
CA ALA C 57 26.65 -22.82 118.08
C ALA C 57 25.88 -21.53 118.37
N ASN C 58 26.33 -20.76 119.36
CA ASN C 58 25.62 -19.56 119.77
C ASN C 58 26.09 -18.30 119.07
N CYS C 59 27.08 -18.40 118.18
CA CYS C 59 27.55 -17.25 117.42
C CYS C 59 26.59 -17.05 116.25
N GLU C 60 25.62 -16.15 116.43
CA GLU C 60 24.62 -15.90 115.40
C GLU C 60 25.18 -15.04 114.29
N LEU C 61 24.67 -15.26 113.08
CA LEU C 61 25.10 -14.54 111.89
C LEU C 61 23.91 -13.84 111.24
N GLY C 62 24.17 -12.69 110.64
CA GLY C 62 23.15 -11.95 109.93
C GLY C 62 23.12 -12.27 108.45
N TRP C 63 23.70 -13.43 108.09
CA TRP C 63 23.82 -13.80 106.70
C TRP C 63 22.45 -14.04 106.07
N THR C 64 22.31 -13.63 104.81
CA THR C 64 21.10 -13.81 104.03
C THR C 64 21.41 -14.66 102.81
N ASN C 65 20.42 -15.45 102.38
CA ASN C 65 20.60 -16.33 101.23
C ASN C 65 20.91 -15.51 99.98
N SER C 66 22.09 -15.74 99.41
CA SER C 66 22.53 -15.01 98.23
C SER C 66 22.09 -15.72 96.96
N ASN C 67 22.08 -14.97 95.86
CA ASN C 67 21.70 -15.54 94.57
C ASN C 67 22.65 -16.66 94.17
N LEU C 68 23.95 -16.44 94.32
CA LEU C 68 24.93 -17.50 94.10
C LEU C 68 25.06 -18.34 95.36
N LEU C 69 25.30 -19.65 95.17
CA LEU C 69 25.41 -20.56 96.30
C LEU C 69 26.59 -20.21 97.21
N GLY C 70 27.65 -19.62 96.66
CA GLY C 70 28.81 -19.26 97.45
C GLY C 70 28.62 -18.00 98.29
N THR D 1 17.18 -11.14 29.34
CA THR D 1 17.74 -11.27 30.68
C THR D 1 16.62 -11.33 31.72
N LEU D 2 15.48 -11.90 31.32
CA LEU D 2 14.35 -11.99 32.23
C LEU D 2 14.66 -12.91 33.41
N ILE D 3 15.49 -13.94 33.20
CA ILE D 3 15.84 -14.84 34.29
C ILE D 3 16.68 -14.13 35.34
N GLU D 4 17.56 -13.22 34.91
CA GLU D 4 18.41 -12.52 35.87
C GLU D 4 17.57 -11.65 36.82
N LEU D 5 16.57 -10.96 36.28
CA LEU D 5 15.69 -10.16 37.11
C LEU D 5 14.91 -10.99 38.13
N MET D 6 14.45 -12.18 37.74
CA MET D 6 13.73 -13.02 38.70
C MET D 6 14.67 -13.50 39.82
N ILE D 7 15.96 -13.61 39.52
CA ILE D 7 16.92 -14.00 40.56
C ILE D 7 17.07 -12.90 41.59
N VAL D 8 17.13 -11.64 41.15
CA VAL D 8 17.11 -10.53 42.09
C VAL D 8 15.86 -10.59 42.94
N VAL D 9 14.71 -10.85 42.30
CA VAL D 9 13.44 -10.91 43.00
C VAL D 9 13.43 -12.06 44.00
N ALA D 10 13.94 -13.22 43.60
CA ALA D 10 13.96 -14.36 44.51
C ALA D 10 14.85 -14.08 45.72
N ILE D 11 16.01 -13.46 45.49
CA ILE D 11 16.87 -13.07 46.60
C ILE D 11 16.18 -12.05 47.49
N ILE D 12 15.51 -11.07 46.87
CA ILE D 12 14.80 -10.05 47.63
C ILE D 12 13.71 -10.68 48.49
N GLY D 13 12.95 -11.62 47.90
CA GLY D 13 11.90 -12.29 48.66
C GLY D 13 12.44 -13.14 49.79
N ILE D 14 13.54 -13.86 49.53
CA ILE D 14 14.14 -14.68 50.58
C ILE D 14 14.65 -13.81 51.72
N LEU D 15 15.32 -12.71 51.39
CA LEU D 15 15.79 -11.79 52.42
C LEU D 15 14.62 -11.21 53.22
N ALA D 16 13.52 -10.89 52.54
CA ALA D 16 12.35 -10.34 53.22
C ALA D 16 11.68 -11.35 54.14
N ALA D 17 12.05 -12.62 54.05
CA ALA D 17 11.47 -13.69 54.87
C ALA D 17 12.40 -14.13 56.00
N ILE D 18 13.33 -13.29 56.41
CA ILE D 18 14.22 -13.65 57.52
C ILE D 18 13.41 -13.69 58.81
N ALA D 19 13.83 -14.58 59.72
CA ALA D 19 13.13 -14.74 61.00
C ALA D 19 13.62 -13.69 61.99
N ILE D 20 12.72 -12.79 62.38
CA ILE D 20 13.04 -11.72 63.32
C ILE D 20 12.90 -12.29 64.73
N PRO D 21 13.95 -12.24 65.55
CA PRO D 21 13.86 -12.77 66.91
C PRO D 21 12.94 -11.93 67.79
N GLN D 22 12.45 -12.56 68.85
CA GLN D 22 11.57 -11.90 69.82
C GLN D 22 12.42 -10.97 70.69
N TYR D 23 12.60 -9.74 70.21
CA TYR D 23 13.40 -8.76 70.92
C TYR D 23 12.71 -8.20 72.16
N GLN D 24 11.43 -8.52 72.37
CA GLN D 24 10.73 -8.05 73.57
C GLN D 24 11.39 -8.62 74.83
N ASN D 25 11.98 -9.81 74.74
CA ASN D 25 12.61 -10.41 75.92
C ASN D 25 13.77 -9.56 76.42
N TYR D 26 14.57 -9.02 75.50
CA TYR D 26 15.71 -8.20 75.90
C TYR D 26 15.25 -6.89 76.52
N ILE D 27 14.28 -6.21 75.88
CA ILE D 27 13.85 -4.90 76.35
C ILE D 27 13.16 -5.01 77.70
N ALA D 28 12.27 -5.99 77.87
CA ALA D 28 11.57 -6.14 79.14
C ALA D 28 12.55 -6.47 80.27
N LYS D 29 13.50 -7.36 80.00
CA LYS D 29 14.49 -7.72 81.03
C LYS D 29 15.37 -6.54 81.37
N SER D 30 15.80 -5.78 80.37
CA SER D 30 16.61 -4.59 80.64
C SER D 30 15.81 -3.54 81.41
N GLN D 31 14.53 -3.39 81.07
CA GLN D 31 13.67 -2.46 81.80
C GLN D 31 13.51 -2.89 83.25
N VAL D 32 13.28 -4.18 83.49
CA VAL D 32 13.17 -4.68 84.86
C VAL D 32 14.49 -4.51 85.59
N SER D 33 15.60 -4.82 84.92
CA SER D 33 16.91 -4.65 85.55
C SER D 33 17.20 -3.18 85.82
N ARG D 34 16.82 -2.30 84.91
CA ARG D 34 17.02 -0.87 85.13
C ARG D 34 16.17 -0.38 86.31
N VAL D 35 14.94 -0.90 86.43
CA VAL D 35 14.13 -0.62 87.62
C VAL D 35 14.70 -1.34 88.83
N MET D 36 15.31 -2.50 88.62
CA MET D 36 15.88 -3.27 89.73
C MET D 36 16.93 -2.46 90.49
N SER D 37 17.82 -1.80 89.76
CA SER D 37 18.86 -1.00 90.42
C SER D 37 18.24 0.19 91.16
N GLU D 38 17.25 0.84 90.56
CA GLU D 38 16.63 2.00 91.19
C GLU D 38 15.94 1.62 92.50
N THR D 39 15.22 0.48 92.50
CA THR D 39 14.55 0.04 93.72
C THR D 39 15.56 -0.30 94.81
N GLY D 40 16.68 -0.93 94.43
CA GLY D 40 17.72 -1.26 95.39
C GLY D 40 18.60 -0.09 95.78
N SER D 41 18.47 1.04 95.08
CA SER D 41 19.28 2.22 95.42
C SER D 41 18.81 2.89 96.69
N LEU D 42 17.62 2.55 97.18
CA LEU D 42 17.07 3.13 98.40
C LEU D 42 17.30 2.26 99.62
N LYS D 43 18.12 1.21 99.52
CA LYS D 43 18.34 0.33 100.66
C LYS D 43 19.03 1.06 101.81
N THR D 44 20.05 1.87 101.50
CA THR D 44 20.82 2.52 102.55
C THR D 44 19.97 3.49 103.37
N VAL D 45 19.15 4.29 102.69
CA VAL D 45 18.33 5.27 103.40
C VAL D 45 17.22 4.59 104.18
N ILE D 46 16.60 3.56 103.60
CA ILE D 46 15.47 2.90 104.26
C ILE D 46 15.95 2.11 105.48
N GLU D 47 17.03 1.35 105.33
CA GLU D 47 17.53 0.57 106.46
C GLU D 47 17.98 1.46 107.60
N THR D 48 18.68 2.56 107.28
CA THR D 48 19.09 3.50 108.32
C THR D 48 17.88 4.17 108.95
N CYS D 49 16.85 4.45 108.15
CA CYS D 49 15.64 5.08 108.67
C CYS D 49 14.94 4.19 109.68
N ILE D 50 14.93 2.87 109.42
CA ILE D 50 14.32 1.94 110.36
C ILE D 50 15.16 1.82 111.63
N LEU D 51 16.48 1.75 111.49
CA LEU D 51 17.35 1.46 112.63
C LEU D 51 17.29 2.57 113.69
N ASP D 52 17.35 3.84 113.27
CA ASP D 52 17.38 4.93 114.23
C ASP D 52 15.99 5.29 114.75
N GLY D 53 14.93 4.71 114.21
CA GLY D 53 13.59 4.89 114.74
C GLY D 53 12.83 6.08 114.22
N LYS D 54 13.26 6.72 113.13
CA LYS D 54 12.51 7.83 112.59
C LYS D 54 11.21 7.36 111.96
N THR D 55 10.18 8.19 112.08
CA THR D 55 8.88 7.89 111.51
C THR D 55 8.88 8.14 110.01
N ALA D 56 7.80 7.70 109.35
CA ALA D 56 7.69 7.87 107.91
C ALA D 56 7.65 9.35 107.52
N ALA D 57 6.98 10.17 108.34
CA ALA D 57 6.85 11.59 108.02
C ALA D 57 8.22 12.29 107.99
N ASN D 58 9.09 11.95 108.94
CA ASN D 58 10.41 12.54 109.00
C ASN D 58 11.44 11.75 108.20
N CYS D 59 11.03 10.64 107.58
CA CYS D 59 11.94 9.76 106.85
C CYS D 59 12.19 10.34 105.47
N GLU D 60 13.13 11.29 105.39
CA GLU D 60 13.43 11.95 104.12
C GLU D 60 14.34 11.08 103.27
N LEU D 61 14.01 10.96 101.99
CA LEU D 61 14.75 10.13 101.05
C LEU D 61 14.87 10.86 99.71
N GLY D 62 16.03 10.73 99.08
CA GLY D 62 16.34 11.48 97.87
C GLY D 62 16.06 10.74 96.57
N TRP D 63 14.83 10.26 96.40
CA TRP D 63 14.47 9.59 95.16
C TRP D 63 14.13 10.61 94.08
N THR D 64 14.61 10.35 92.86
CA THR D 64 14.33 11.18 91.71
C THR D 64 13.37 10.46 90.77
N ASN D 65 12.61 11.24 90.02
CA ASN D 65 11.59 10.67 89.14
C ASN D 65 12.23 9.80 88.07
N SER D 66 11.66 8.63 87.85
CA SER D 66 12.16 7.65 86.90
C SER D 66 11.15 7.46 85.77
N ASN D 67 11.66 7.32 84.54
CA ASN D 67 10.80 7.19 83.37
C ASN D 67 10.02 5.89 83.33
N LEU D 68 10.45 4.87 84.07
CA LEU D 68 9.78 3.57 84.07
C LEU D 68 8.82 3.40 85.24
N LEU D 69 8.60 4.44 86.04
CA LEU D 69 7.66 4.43 87.16
C LEU D 69 8.03 3.40 88.23
N GLY D 70 9.28 2.94 88.25
CA GLY D 70 9.71 1.96 89.22
C GLY D 70 10.35 2.56 90.44
N THR E 1 11.84 -11.82 22.62
CA THR E 1 10.76 -11.08 21.98
C THR E 1 10.65 -9.67 22.54
N LEU E 2 9.88 -8.82 21.85
CA LEU E 2 9.69 -7.45 22.32
C LEU E 2 8.95 -7.41 23.65
N ILE E 3 7.92 -8.25 23.81
CA ILE E 3 7.13 -8.24 25.04
C ILE E 3 7.97 -8.71 26.22
N GLU E 4 8.88 -9.66 25.99
CA GLU E 4 9.73 -10.17 27.07
C GLU E 4 10.65 -9.08 27.60
N LEU E 5 11.25 -8.29 26.71
CA LEU E 5 12.18 -7.26 27.15
C LEU E 5 11.47 -6.10 27.84
N MET E 6 10.29 -5.73 27.36
CA MET E 6 9.54 -4.66 28.02
C MET E 6 9.10 -5.09 29.42
N ILE E 7 8.80 -6.37 29.61
CA ILE E 7 8.53 -6.88 30.95
C ILE E 7 9.75 -6.69 31.83
N VAL E 8 10.95 -6.94 31.28
CA VAL E 8 12.19 -6.67 32.02
C VAL E 8 12.28 -5.19 32.35
N VAL E 9 11.95 -4.33 31.39
CA VAL E 9 11.97 -2.88 31.64
C VAL E 9 10.94 -2.52 32.70
N ALA E 10 9.74 -3.10 32.61
CA ALA E 10 8.71 -2.83 33.60
C ALA E 10 9.15 -3.31 34.98
N ILE E 11 9.77 -4.49 35.06
CA ILE E 11 10.28 -4.98 36.34
C ILE E 11 11.37 -4.05 36.88
N ILE E 12 12.28 -3.61 36.00
CA ILE E 12 13.35 -2.71 36.42
C ILE E 12 12.77 -1.40 36.96
N GLY E 13 11.78 -0.85 36.25
CA GLY E 13 11.18 0.40 36.68
C GLY E 13 10.43 0.26 38.00
N ILE E 14 9.72 -0.85 38.18
CA ILE E 14 8.98 -1.07 39.42
C ILE E 14 9.93 -1.21 40.60
N LEU E 15 10.98 -2.00 40.43
CA LEU E 15 11.92 -2.24 41.52
C LEU E 15 12.71 -0.99 41.88
N ALA E 16 13.12 -0.20 40.87
CA ALA E 16 13.93 0.98 41.13
C ALA E 16 13.14 2.11 41.78
N ALA E 17 11.80 2.01 41.80
CA ALA E 17 10.95 3.04 42.39
C ALA E 17 10.55 2.72 43.82
N ILE E 18 11.39 1.99 44.56
CA ILE E 18 11.05 1.65 45.94
C ILE E 18 11.08 2.91 46.80
N ALA E 19 10.39 2.84 47.93
CA ALA E 19 10.21 3.98 48.82
C ALA E 19 11.23 3.93 49.96
N ILE E 20 11.91 5.04 50.18
CA ILE E 20 12.88 5.16 51.27
C ILE E 20 12.11 5.44 52.55
N PRO E 21 12.21 4.59 53.58
CA PRO E 21 11.48 4.80 54.83
C PRO E 21 12.18 5.75 55.79
N GLN E 22 12.71 6.85 55.24
CA GLN E 22 13.32 7.93 56.01
C GLN E 22 14.32 7.39 57.04
N TYR E 23 15.40 6.80 56.52
CA TYR E 23 16.48 6.30 57.36
C TYR E 23 17.13 7.41 58.19
N GLN E 24 16.81 8.67 57.93
CA GLN E 24 17.35 9.77 58.71
C GLN E 24 16.90 9.70 60.17
N ASN E 25 15.74 9.10 60.44
CA ASN E 25 15.25 8.99 61.81
C ASN E 25 16.16 8.11 62.65
N TYR E 26 16.65 7.01 62.09
CA TYR E 26 17.47 6.08 62.87
C TYR E 26 18.84 6.68 63.18
N ILE E 27 19.48 7.30 62.20
CA ILE E 27 20.83 7.83 62.39
C ILE E 27 20.82 8.99 63.37
N ALA E 28 19.84 9.89 63.25
CA ALA E 28 19.76 11.03 64.16
C ALA E 28 19.53 10.59 65.59
N LYS E 29 18.65 9.61 65.80
CA LYS E 29 18.43 9.08 67.14
C LYS E 29 19.69 8.41 67.68
N SER E 30 20.40 7.67 66.84
CA SER E 30 21.60 6.98 67.28
C SER E 30 22.68 7.97 67.71
N GLN E 31 22.84 9.06 66.97
CA GLN E 31 23.79 10.10 67.38
C GLN E 31 23.37 10.74 68.70
N VAL E 32 22.07 11.00 68.87
CA VAL E 32 21.57 11.55 70.13
C VAL E 32 21.75 10.54 71.26
N SER E 33 21.48 9.27 70.98
CA SER E 33 21.61 8.23 72.01
C SER E 33 23.06 8.05 72.45
N ARG E 34 24.00 8.20 71.51
CA ARG E 34 25.41 8.13 71.88
C ARG E 34 25.82 9.32 72.74
N VAL E 35 25.21 10.47 72.49
CA VAL E 35 25.52 11.67 73.29
C VAL E 35 25.05 11.48 74.73
N MET E 36 24.04 10.63 74.94
CA MET E 36 23.53 10.39 76.29
C MET E 36 24.63 9.90 77.22
N SER E 37 25.38 8.88 76.80
CA SER E 37 26.42 8.32 77.66
C SER E 37 27.57 9.30 77.87
N GLU E 38 27.98 10.00 76.80
CA GLU E 38 29.12 10.90 76.91
C GLU E 38 28.85 12.06 77.86
N THR E 39 27.69 12.70 77.74
CA THR E 39 27.33 13.76 78.67
C THR E 39 26.95 13.20 80.03
N GLY E 40 26.38 11.99 80.06
CA GLY E 40 26.04 11.36 81.32
C GLY E 40 27.22 10.81 82.08
N SER E 41 28.33 10.50 81.38
CA SER E 41 29.50 9.95 82.04
C SER E 41 30.19 10.96 82.95
N LEU E 42 29.89 12.24 82.80
CA LEU E 42 30.50 13.28 83.62
C LEU E 42 29.72 13.53 84.91
N LYS E 43 28.66 12.77 85.17
CA LYS E 43 27.92 12.95 86.42
C LYS E 43 28.78 12.64 87.62
N THR E 44 29.61 11.60 87.54
CA THR E 44 30.45 11.21 88.67
C THR E 44 31.47 12.29 88.99
N VAL E 45 32.18 12.79 87.97
CA VAL E 45 33.22 13.79 88.21
C VAL E 45 32.62 15.11 88.66
N ILE E 46 31.48 15.49 88.10
CA ILE E 46 30.84 16.75 88.49
C ILE E 46 30.31 16.66 89.92
N GLU E 47 29.66 15.54 90.25
CA GLU E 47 29.09 15.38 91.59
C GLU E 47 30.18 15.35 92.66
N THR E 48 31.27 14.62 92.40
CA THR E 48 32.34 14.54 93.37
C THR E 48 32.99 15.89 93.62
N CYS E 49 33.21 16.67 92.55
CA CYS E 49 33.79 18.00 92.70
C CYS E 49 32.88 18.91 93.52
N ILE E 50 31.57 18.85 93.28
CA ILE E 50 30.63 19.67 94.03
C ILE E 50 30.60 19.24 95.50
N LEU E 51 30.57 17.92 95.73
CA LEU E 51 30.57 17.42 97.11
C LEU E 51 31.87 17.77 97.82
N ASP E 52 33.01 17.62 97.15
CA ASP E 52 34.29 17.95 97.76
C ASP E 52 34.41 19.44 98.04
N GLY E 53 33.98 20.28 97.09
CA GLY E 53 34.06 21.71 97.24
C GLY E 53 35.12 22.41 96.42
N LYS E 54 35.78 21.72 95.49
CA LYS E 54 36.78 22.36 94.66
C LYS E 54 36.13 23.32 93.67
N THR E 55 36.94 24.25 93.17
CA THR E 55 36.46 25.25 92.22
C THR E 55 36.39 24.65 90.81
N ALA E 56 35.97 25.49 89.85
CA ALA E 56 35.85 25.03 88.47
C ALA E 56 37.22 24.68 87.90
N ALA E 57 38.24 25.50 88.18
CA ALA E 57 39.57 25.23 87.68
C ALA E 57 40.22 24.05 88.39
N ASN E 58 39.87 23.82 89.66
CA ASN E 58 40.45 22.75 90.45
C ASN E 58 39.80 21.40 90.21
N CYS E 59 38.73 21.34 89.43
CA CYS E 59 38.02 20.09 89.17
C CYS E 59 38.72 19.37 88.02
N GLU E 60 39.36 18.25 88.34
CA GLU E 60 40.06 17.45 87.33
C GLU E 60 39.02 16.65 86.54
N LEU E 61 38.75 17.09 85.31
CA LEU E 61 37.68 16.55 84.48
C LEU E 61 38.30 15.87 83.27
N GLY E 62 38.35 14.54 83.30
CA GLY E 62 38.96 13.77 82.23
C GLY E 62 38.04 13.49 81.06
N TRP E 63 37.81 14.50 80.22
CA TRP E 63 36.94 14.38 79.06
C TRP E 63 37.78 14.14 77.81
N THR E 64 37.36 13.15 77.01
CA THR E 64 38.03 12.83 75.76
C THR E 64 37.25 13.42 74.58
N ASN E 65 37.97 13.74 73.51
CA ASN E 65 37.35 14.33 72.34
C ASN E 65 36.35 13.36 71.71
N SER E 66 35.16 13.88 71.40
CA SER E 66 34.10 13.10 70.78
C SER E 66 33.80 13.67 69.39
N ASN E 67 33.69 12.78 68.40
CA ASN E 67 33.44 13.22 67.03
C ASN E 67 32.08 13.86 66.85
N LEU E 68 31.14 13.66 67.78
CA LEU E 68 29.83 14.27 67.70
C LEU E 68 29.78 15.64 68.37
N LEU E 69 30.92 16.13 68.89
CA LEU E 69 31.05 17.43 69.53
C LEU E 69 30.20 17.57 70.78
N GLY E 70 29.60 16.48 71.26
CA GLY E 70 28.76 16.53 72.44
C GLY E 70 29.54 16.52 73.75
N THR F 1 8.82 -9.00 11.60
CA THR F 1 9.62 -8.04 10.84
C THR F 1 11.03 -7.94 11.40
N LEU F 2 11.99 -7.65 10.53
CA LEU F 2 13.38 -7.51 10.97
C LEU F 2 13.57 -6.29 11.85
N ILE F 3 12.73 -5.26 11.68
CA ILE F 3 12.88 -4.04 12.46
C ILE F 3 12.56 -4.31 13.93
N GLU F 4 11.59 -5.20 14.21
CA GLU F 4 11.22 -5.46 15.59
C GLU F 4 12.33 -6.20 16.34
N LEU F 5 13.06 -7.08 15.65
CA LEU F 5 14.01 -7.95 16.34
C LEU F 5 15.24 -7.19 16.81
N MET F 6 15.82 -6.36 15.93
CA MET F 6 17.07 -5.69 16.25
C MET F 6 16.82 -4.46 17.14
N ILE F 7 15.56 -4.02 17.22
CA ILE F 7 15.19 -3.07 18.27
C ILE F 7 15.34 -3.71 19.64
N VAL F 8 14.95 -4.98 19.77
CA VAL F 8 15.21 -5.72 21.00
C VAL F 8 16.70 -5.81 21.25
N VAL F 9 17.50 -5.99 20.20
CA VAL F 9 18.95 -5.96 20.33
C VAL F 9 19.40 -4.59 20.84
N ALA F 10 18.77 -3.52 20.34
CA ALA F 10 19.08 -2.18 20.85
C ALA F 10 18.67 -2.06 22.32
N ILE F 11 17.51 -2.62 22.68
CA ILE F 11 17.09 -2.62 24.07
C ILE F 11 18.03 -3.47 24.92
N ILE F 12 18.41 -4.64 24.40
CA ILE F 12 19.34 -5.51 25.12
C ILE F 12 20.69 -4.82 25.29
N GLY F 13 21.18 -4.17 24.22
CA GLY F 13 22.43 -3.45 24.32
C GLY F 13 22.38 -2.33 25.34
N ILE F 14 21.25 -1.61 25.40
CA ILE F 14 21.08 -0.58 26.42
C ILE F 14 21.06 -1.19 27.81
N LEU F 15 20.32 -2.30 27.97
CA LEU F 15 20.25 -2.96 29.26
C LEU F 15 21.60 -3.53 29.69
N ALA F 16 22.35 -4.11 28.73
CA ALA F 16 23.63 -4.70 29.06
C ALA F 16 24.71 -3.66 29.32
N ALA F 17 24.51 -2.42 28.88
CA ALA F 17 25.49 -1.35 29.04
C ALA F 17 25.23 -0.49 30.27
N ILE F 18 24.53 -1.01 31.28
CA ILE F 18 24.23 -0.23 32.47
C ILE F 18 25.52 0.08 33.22
N ALA F 19 25.63 1.32 33.69
CA ALA F 19 26.83 1.77 34.39
C ALA F 19 26.90 1.12 35.76
N ILE F 20 28.05 0.53 36.07
CA ILE F 20 28.26 -0.16 37.33
C ILE F 20 28.94 0.80 38.29
N PRO F 21 28.28 1.22 39.37
CA PRO F 21 28.95 2.06 40.37
C PRO F 21 30.02 1.29 41.12
N GLN F 22 30.95 2.04 41.70
CA GLN F 22 32.06 1.43 42.41
C GLN F 22 31.59 0.84 43.74
N TYR F 23 31.17 -0.43 43.70
CA TYR F 23 30.71 -1.11 44.91
C TYR F 23 31.84 -1.41 45.87
N GLN F 24 33.10 -1.22 45.46
CA GLN F 24 34.22 -1.46 46.35
C GLN F 24 34.18 -0.56 47.58
N ASN F 25 33.57 0.62 47.46
CA ASN F 25 33.46 1.51 48.62
C ASN F 25 32.60 0.91 49.72
N TYR F 26 31.50 0.26 49.36
CA TYR F 26 30.64 -0.36 50.37
C TYR F 26 31.33 -1.50 51.09
N ILE F 27 32.04 -2.35 50.34
CA ILE F 27 32.68 -3.52 50.95
C ILE F 27 33.86 -3.09 51.81
N ALA F 28 34.69 -2.17 51.30
CA ALA F 28 35.86 -1.73 52.06
C ALA F 28 35.45 -1.03 53.35
N LYS F 29 34.46 -0.15 53.29
CA LYS F 29 34.03 0.56 54.48
C LYS F 29 33.42 -0.39 55.51
N SER F 30 32.60 -1.34 55.07
CA SER F 30 31.98 -2.28 55.99
C SER F 30 33.02 -3.18 56.65
N GLN F 31 34.00 -3.65 55.87
CA GLN F 31 35.05 -4.50 56.43
C GLN F 31 35.88 -3.75 57.47
N VAL F 32 36.24 -2.51 57.16
CA VAL F 32 37.00 -1.70 58.13
C VAL F 32 36.15 -1.40 59.35
N SER F 33 34.86 -1.08 59.15
CA SER F 33 33.97 -0.81 60.27
C SER F 33 33.83 -2.01 61.18
N ARG F 34 33.97 -3.22 60.63
CA ARG F 34 33.83 -4.42 61.46
C ARG F 34 35.06 -4.63 62.34
N VAL F 35 36.25 -4.30 61.82
CA VAL F 35 37.47 -4.55 62.57
C VAL F 35 37.56 -3.65 63.79
N MET F 36 37.15 -2.39 63.66
CA MET F 36 37.28 -1.44 64.77
C MET F 36 36.46 -1.90 65.97
N SER F 37 35.26 -2.44 65.73
CA SER F 37 34.50 -3.04 66.82
C SER F 37 35.24 -4.26 67.37
N GLU F 38 35.83 -5.06 66.48
CA GLU F 38 36.59 -6.22 66.93
C GLU F 38 37.80 -5.80 67.76
N THR F 39 38.53 -4.78 67.31
CA THR F 39 39.67 -4.30 68.08
C THR F 39 39.22 -3.46 69.26
N GLY F 40 38.09 -2.75 69.12
CA GLY F 40 37.58 -1.93 70.21
C GLY F 40 37.09 -2.73 71.40
N SER F 41 36.73 -3.99 71.19
CA SER F 41 36.37 -4.85 72.32
C SER F 41 37.57 -5.18 73.20
N LEU F 42 38.78 -5.00 72.67
CA LEU F 42 40.01 -5.25 73.42
C LEU F 42 40.34 -4.13 74.40
N LYS F 43 39.67 -2.98 74.30
CA LYS F 43 40.01 -1.83 75.13
C LYS F 43 39.70 -2.09 76.59
N THR F 44 38.54 -2.71 76.88
CA THR F 44 38.11 -2.88 78.26
C THR F 44 39.04 -3.81 79.02
N VAL F 45 39.45 -4.93 78.39
CA VAL F 45 40.22 -5.93 79.11
C VAL F 45 41.64 -5.43 79.39
N ILE F 46 42.26 -4.73 78.45
CA ILE F 46 43.61 -4.24 78.65
C ILE F 46 43.63 -3.10 79.67
N GLU F 47 42.56 -2.30 79.69
CA GLU F 47 42.50 -1.19 80.65
C GLU F 47 42.44 -1.71 82.07
N THR F 48 41.68 -2.79 82.30
CA THR F 48 41.70 -3.42 83.61
C THR F 48 43.07 -4.02 83.91
N CYS F 49 43.77 -4.48 82.88
CA CYS F 49 45.12 -5.01 83.07
C CYS F 49 46.09 -3.91 83.51
N ILE F 50 46.02 -2.74 82.87
CA ILE F 50 46.95 -1.65 83.20
C ILE F 50 46.67 -1.12 84.59
N LEU F 51 45.40 -0.91 84.93
CA LEU F 51 45.05 -0.40 86.25
C LEU F 51 45.42 -1.36 87.37
N ASP F 52 45.38 -2.67 87.11
CA ASP F 52 45.74 -3.68 88.09
C ASP F 52 47.24 -3.95 88.13
N GLY F 53 48.02 -3.37 87.22
CA GLY F 53 49.44 -3.58 87.20
C GLY F 53 49.89 -4.89 86.60
N LYS F 54 49.01 -5.60 85.88
CA LYS F 54 49.39 -6.87 85.29
C LYS F 54 50.40 -6.66 84.16
N THR F 55 51.23 -7.67 83.94
CA THR F 55 52.22 -7.63 82.89
C THR F 55 51.61 -8.07 81.56
N ALA F 56 52.43 -8.03 80.50
CA ALA F 56 51.95 -8.43 79.18
C ALA F 56 51.58 -9.91 79.14
N ALA F 57 52.42 -10.76 79.74
CA ALA F 57 52.11 -12.19 79.77
C ALA F 57 50.98 -12.50 80.75
N ASN F 58 50.87 -11.73 81.83
CA ASN F 58 49.88 -11.98 82.86
C ASN F 58 48.53 -11.36 82.56
N CYS F 59 48.38 -10.67 81.42
CA CYS F 59 47.11 -10.04 81.05
C CYS F 59 46.35 -10.98 80.12
N GLU F 60 45.22 -11.49 80.62
CA GLU F 60 44.38 -12.35 79.80
C GLU F 60 43.69 -11.53 78.72
N LEU F 61 43.49 -12.14 77.55
CA LEU F 61 42.75 -11.51 76.46
C LEU F 61 42.15 -12.62 75.60
N GLY F 62 40.85 -12.85 75.76
CA GLY F 62 40.18 -13.92 75.06
C GLY F 62 39.77 -13.55 73.65
N TRP F 63 40.74 -13.52 72.73
CA TRP F 63 40.49 -13.19 71.34
C TRP F 63 40.16 -14.45 70.55
N THR F 64 39.15 -14.36 69.69
CA THR F 64 38.78 -15.42 68.76
C THR F 64 39.08 -14.96 67.35
N ASN F 65 39.71 -15.85 66.57
CA ASN F 65 40.11 -15.51 65.22
C ASN F 65 38.90 -15.20 64.35
N SER F 66 39.05 -14.20 63.49
CA SER F 66 37.99 -13.75 62.60
C SER F 66 38.40 -14.02 61.15
N ASN F 67 37.41 -13.99 60.26
CA ASN F 67 37.70 -14.16 58.84
C ASN F 67 38.62 -13.05 58.35
N LEU F 68 38.36 -11.81 58.74
CA LEU F 68 39.28 -10.71 58.45
C LEU F 68 40.51 -10.82 59.34
N LEU F 69 41.69 -10.58 58.75
CA LEU F 69 42.92 -10.67 59.52
C LEU F 69 43.00 -9.57 60.58
N GLY F 70 42.27 -8.48 60.40
CA GLY F 70 42.26 -7.39 61.35
C GLY F 70 41.09 -7.44 62.30
N THR G 1 11.50 -11.38 -0.47
CA THR G 1 12.20 -10.94 0.74
C THR G 1 12.38 -12.11 1.71
N LEU G 2 12.52 -13.32 1.17
CA LEU G 2 12.71 -14.49 2.01
C LEU G 2 14.05 -14.45 2.74
N ILE G 3 15.04 -13.74 2.16
CA ILE G 3 16.33 -13.59 2.84
C ILE G 3 16.18 -12.79 4.11
N GLU G 4 15.31 -11.78 4.11
CA GLU G 4 15.08 -11.00 5.33
C GLU G 4 14.40 -11.84 6.40
N LEU G 5 13.44 -12.68 5.99
CA LEU G 5 12.74 -13.52 6.96
C LEU G 5 13.69 -14.53 7.60
N MET G 6 14.58 -15.13 6.80
CA MET G 6 15.52 -16.10 7.34
C MET G 6 16.51 -15.45 8.29
N ILE G 7 16.90 -14.21 8.03
CA ILE G 7 17.75 -13.48 8.95
C ILE G 7 17.05 -13.29 10.29
N VAL G 8 15.74 -13.03 10.26
CA VAL G 8 14.97 -12.94 11.48
C VAL G 8 15.02 -14.26 12.25
N VAL G 9 14.87 -15.38 11.53
CA VAL G 9 15.00 -16.69 12.16
C VAL G 9 16.39 -16.88 12.74
N ALA G 10 17.41 -16.43 12.00
CA ALA G 10 18.78 -16.48 12.52
C ALA G 10 18.93 -15.64 13.78
N ILE G 11 18.32 -14.45 13.79
CA ILE G 11 18.34 -13.62 14.98
C ILE G 11 17.61 -14.32 16.14
N ILE G 12 16.49 -14.98 15.84
CA ILE G 12 15.77 -15.73 16.85
C ILE G 12 16.65 -16.87 17.39
N GLY G 13 17.33 -17.58 16.49
CA GLY G 13 18.18 -18.68 16.93
C GLY G 13 19.38 -18.22 17.74
N ILE G 14 19.98 -17.09 17.36
CA ILE G 14 21.16 -16.60 18.06
C ILE G 14 20.80 -16.17 19.48
N LEU G 15 19.74 -15.38 19.63
CA LEU G 15 19.40 -14.84 20.95
C LEU G 15 18.88 -15.92 21.88
N ALA G 16 18.06 -16.84 21.38
CA ALA G 16 17.43 -17.85 22.24
C ALA G 16 18.44 -18.85 22.79
N ALA G 17 19.63 -18.93 22.20
CA ALA G 17 20.66 -19.87 22.65
C ALA G 17 21.60 -19.25 23.69
N ILE G 18 21.15 -18.23 24.42
CA ILE G 18 22.02 -17.55 25.37
C ILE G 18 22.40 -18.50 26.50
N ALA G 19 23.59 -18.28 27.06
CA ALA G 19 24.13 -19.14 28.11
C ALA G 19 23.70 -18.62 29.47
N ILE G 20 23.05 -19.48 30.25
CA ILE G 20 22.60 -19.15 31.60
C ILE G 20 23.79 -19.24 32.54
N PRO G 21 24.11 -18.16 33.30
CA PRO G 21 25.30 -18.15 34.14
C PRO G 21 25.12 -18.81 35.50
N GLN G 22 24.51 -20.00 35.50
CA GLN G 22 24.41 -20.86 36.69
C GLN G 22 23.82 -20.11 37.88
N TYR G 23 22.56 -19.72 37.73
CA TYR G 23 21.87 -18.96 38.77
C TYR G 23 21.62 -19.77 40.03
N GLN G 24 21.81 -21.09 40.00
CA GLN G 24 21.70 -21.88 41.22
C GLN G 24 22.72 -21.45 42.25
N ASN G 25 23.91 -21.03 41.81
CA ASN G 25 24.96 -20.61 42.72
C ASN G 25 24.55 -19.40 43.56
N TYR G 26 23.92 -18.41 42.93
CA TYR G 26 23.56 -17.18 43.64
C TYR G 26 22.53 -17.45 44.73
N ILE G 27 21.47 -18.18 44.38
CA ILE G 27 20.37 -18.43 45.33
C ILE G 27 20.86 -19.28 46.50
N ALA G 28 21.62 -20.33 46.20
CA ALA G 28 22.06 -21.26 47.24
C ALA G 28 22.95 -20.56 48.26
N LYS G 29 23.88 -19.73 47.78
CA LYS G 29 24.80 -19.05 48.69
C LYS G 29 24.07 -18.08 49.60
N SER G 30 23.15 -17.30 49.05
CA SER G 30 22.42 -16.33 49.85
C SER G 30 21.52 -17.01 50.87
N GLN G 31 20.94 -18.15 50.50
CA GLN G 31 20.11 -18.90 51.43
C GLN G 31 20.93 -19.39 52.62
N VAL G 32 22.15 -19.84 52.37
CA VAL G 32 23.02 -20.29 53.46
C VAL G 32 23.39 -19.12 54.35
N SER G 33 23.68 -17.96 53.75
CA SER G 33 24.07 -16.79 54.55
C SER G 33 22.93 -16.34 55.46
N ARG G 34 21.69 -16.38 54.96
CA ARG G 34 20.54 -15.99 55.78
C ARG G 34 20.38 -16.93 56.98
N VAL G 35 20.56 -18.24 56.76
CA VAL G 35 20.41 -19.21 57.85
C VAL G 35 21.46 -18.97 58.93
N MET G 36 22.69 -18.68 58.51
CA MET G 36 23.74 -18.36 59.48
C MET G 36 23.37 -17.14 60.32
N SER G 37 22.63 -16.20 59.73
CA SER G 37 22.17 -15.04 60.48
C SER G 37 21.11 -15.42 61.52
N GLU G 38 20.17 -16.29 61.13
CA GLU G 38 19.09 -16.65 62.04
C GLU G 38 19.62 -17.41 63.25
N THR G 39 20.53 -18.36 63.03
CA THR G 39 21.18 -19.04 64.15
C THR G 39 22.17 -18.12 64.84
N GLY G 40 22.66 -17.11 64.14
CA GLY G 40 23.55 -16.14 64.76
C GLY G 40 22.85 -15.35 65.86
N SER G 41 21.56 -15.06 65.68
CA SER G 41 20.80 -14.35 66.70
C SER G 41 20.59 -15.17 67.96
N LEU G 42 20.65 -16.50 67.85
CA LEU G 42 20.47 -17.35 69.02
C LEU G 42 21.69 -17.40 69.92
N LYS G 43 22.84 -16.91 69.44
CA LYS G 43 24.06 -16.94 70.24
C LYS G 43 23.92 -16.08 71.50
N THR G 44 23.30 -14.92 71.37
CA THR G 44 23.15 -14.03 72.52
C THR G 44 22.21 -14.61 73.58
N VAL G 45 21.33 -15.54 73.20
CA VAL G 45 20.46 -16.17 74.18
C VAL G 45 21.19 -17.31 74.89
N ILE G 46 21.95 -18.10 74.15
CA ILE G 46 22.70 -19.20 74.75
C ILE G 46 23.78 -18.66 75.68
N GLU G 47 24.44 -17.57 75.28
CA GLU G 47 25.51 -17.01 76.08
C GLU G 47 25.01 -16.54 77.44
N THR G 48 23.85 -15.87 77.45
CA THR G 48 23.26 -15.46 78.73
C THR G 48 22.79 -16.66 79.54
N CYS G 49 22.34 -17.73 78.88
CA CYS G 49 21.91 -18.91 79.60
C CYS G 49 23.09 -19.64 80.23
N ILE G 50 24.21 -19.74 79.50
CA ILE G 50 25.35 -20.49 80.01
C ILE G 50 26.00 -19.75 81.18
N LEU G 51 25.96 -18.42 81.16
CA LEU G 51 26.50 -17.65 82.28
C LEU G 51 25.56 -17.64 83.48
N ASP G 52 24.26 -17.78 83.26
CA ASP G 52 23.30 -17.75 84.36
C ASP G 52 23.16 -19.09 85.06
N GLY G 53 23.69 -20.16 84.48
CA GLY G 53 23.65 -21.47 85.10
C GLY G 53 22.35 -22.23 84.94
N LYS G 54 21.39 -21.69 84.19
CA LYS G 54 20.13 -22.39 83.98
C LYS G 54 20.32 -23.60 83.08
N THR G 55 19.39 -24.55 83.18
CA THR G 55 19.42 -25.74 82.35
C THR G 55 18.71 -25.45 81.01
N ALA G 56 18.59 -26.51 80.19
CA ALA G 56 17.94 -26.36 78.89
C ALA G 56 16.46 -26.01 79.06
N ALA G 57 15.79 -26.64 80.03
CA ALA G 57 14.36 -26.38 80.22
C ALA G 57 14.11 -24.93 80.64
N ASN G 58 14.94 -24.40 81.53
CA ASN G 58 14.80 -23.02 81.99
C ASN G 58 15.24 -22.00 80.95
N CYS G 59 16.07 -22.40 79.98
CA CYS G 59 16.55 -21.48 78.96
C CYS G 59 15.48 -21.33 77.88
N GLU G 60 14.87 -20.15 77.82
CA GLU G 60 13.80 -19.87 76.86
C GLU G 60 14.40 -19.23 75.61
N LEU G 61 14.02 -19.75 74.44
CA LEU G 61 14.51 -19.26 73.16
C LEU G 61 13.45 -18.40 72.49
N GLY G 62 13.87 -17.24 71.99
CA GLY G 62 12.97 -16.37 71.26
C GLY G 62 12.96 -16.70 69.78
N TRP G 63 13.17 -17.96 69.44
CA TRP G 63 13.19 -18.39 68.05
C TRP G 63 11.77 -18.47 67.50
N THR G 64 11.62 -18.11 66.22
CA THR G 64 10.35 -18.20 65.52
C THR G 64 10.51 -19.07 64.28
N ASN G 65 9.42 -19.77 63.92
CA ASN G 65 9.46 -20.63 62.76
C ASN G 65 9.69 -19.82 61.49
N SER G 66 10.56 -20.33 60.63
CA SER G 66 10.95 -19.64 59.40
C SER G 66 10.63 -20.51 58.19
N ASN G 67 10.54 -19.87 57.02
CA ASN G 67 10.33 -20.60 55.78
C ASN G 67 11.44 -21.61 55.51
N LEU G 68 12.65 -21.33 55.97
CA LEU G 68 13.76 -22.27 55.91
C LEU G 68 13.89 -22.98 57.25
N LEU G 69 13.94 -24.31 57.22
CA LEU G 69 14.03 -25.07 58.46
C LEU G 69 15.31 -24.77 59.23
N GLY G 70 16.36 -24.34 58.54
CA GLY G 70 17.62 -24.01 59.20
C GLY G 70 17.52 -22.80 60.12
N THR H 1 9.54 -15.89 -7.75
CA THR H 1 8.56 -16.92 -8.05
C THR H 1 7.40 -16.84 -7.08
N LEU H 2 6.22 -17.30 -7.50
CA LEU H 2 5.06 -17.26 -6.62
C LEU H 2 5.21 -18.21 -5.45
N ILE H 3 5.89 -19.34 -5.64
CA ILE H 3 6.10 -20.28 -4.55
C ILE H 3 6.91 -19.64 -3.43
N GLU H 4 7.82 -18.74 -3.78
CA GLU H 4 8.65 -18.09 -2.77
C GLU H 4 7.82 -17.22 -1.83
N LEU H 5 6.79 -16.54 -2.37
CA LEU H 5 6.08 -15.53 -1.59
C LEU H 5 5.21 -16.16 -0.51
N MET H 6 4.47 -17.22 -0.84
CA MET H 6 3.64 -17.88 0.17
C MET H 6 4.50 -18.53 1.24
N ILE H 7 5.69 -18.98 0.86
CA ILE H 7 6.67 -19.45 1.85
C ILE H 7 7.01 -18.32 2.82
N VAL H 8 7.20 -17.10 2.30
CA VAL H 8 7.36 -15.94 3.16
C VAL H 8 6.09 -15.70 3.97
N VAL H 9 4.92 -15.87 3.33
CA VAL H 9 3.65 -15.71 4.03
C VAL H 9 3.52 -16.72 5.16
N ALA H 10 3.90 -17.98 4.90
CA ALA H 10 3.85 -18.99 5.94
C ALA H 10 4.80 -18.67 7.08
N ILE H 11 6.01 -18.18 6.75
CA ILE H 11 7.01 -17.90 7.78
C ILE H 11 6.54 -16.76 8.69
N ILE H 12 5.97 -15.70 8.11
CA ILE H 12 5.50 -14.59 8.90
C ILE H 12 4.39 -15.03 9.85
N GLY H 13 3.44 -15.82 9.33
CA GLY H 13 2.36 -16.31 10.18
C GLY H 13 2.84 -17.19 11.29
N ILE H 14 3.86 -18.02 11.03
CA ILE H 14 4.42 -18.88 12.06
C ILE H 14 5.05 -18.03 13.16
N LEU H 15 5.80 -17.01 12.77
CA LEU H 15 6.42 -16.12 13.76
C LEU H 15 5.35 -15.37 14.56
N ALA H 16 4.30 -14.90 13.89
CA ALA H 16 3.23 -14.20 14.57
C ALA H 16 2.39 -15.11 15.45
N ALA H 17 2.50 -16.44 15.27
CA ALA H 17 1.74 -17.41 16.05
C ALA H 17 2.56 -17.99 17.20
N ILE H 18 3.64 -17.32 17.60
CA ILE H 18 4.47 -17.82 18.68
C ILE H 18 3.72 -17.70 20.01
N ALA H 19 3.91 -18.69 20.88
CA ALA H 19 3.24 -18.73 22.17
C ALA H 19 3.83 -17.66 23.09
N ILE H 20 2.96 -16.92 23.77
CA ILE H 20 3.36 -15.87 24.71
C ILE H 20 3.17 -16.41 26.13
N PRO H 21 4.21 -16.48 26.95
CA PRO H 21 4.04 -16.92 28.33
C PRO H 21 3.26 -15.90 29.15
N GLN H 22 2.72 -16.39 30.27
CA GLN H 22 1.85 -15.61 31.13
C GLN H 22 2.60 -14.53 31.90
N TYR H 23 2.81 -13.38 31.26
CA TYR H 23 3.56 -12.30 31.90
C TYR H 23 2.82 -11.65 33.05
N GLN H 24 1.54 -11.95 33.24
CA GLN H 24 0.82 -11.42 34.39
C GLN H 24 1.37 -11.98 35.70
N ASN H 25 1.72 -13.27 35.73
CA ASN H 25 2.34 -13.85 36.93
C ASN H 25 3.64 -13.16 37.28
N TYR H 26 4.41 -12.74 36.27
CA TYR H 26 5.75 -12.23 36.51
C TYR H 26 5.73 -10.89 37.23
N ILE H 27 4.86 -9.98 36.80
CA ILE H 27 4.79 -8.65 37.42
C ILE H 27 4.16 -8.72 38.80
N ALA H 28 3.06 -9.49 38.94
CA ALA H 28 2.33 -9.53 40.20
C ALA H 28 3.21 -10.03 41.33
N LYS H 29 4.09 -10.99 41.05
CA LYS H 29 5.03 -11.46 42.06
C LYS H 29 6.00 -10.36 42.47
N SER H 30 6.49 -9.58 41.51
CA SER H 30 7.43 -8.51 41.82
C SER H 30 6.78 -7.41 42.64
N GLN H 31 5.53 -7.07 42.32
CA GLN H 31 4.82 -6.04 43.09
C GLN H 31 4.63 -6.46 44.53
N VAL H 32 4.25 -7.72 44.75
CA VAL H 32 4.14 -8.23 46.11
C VAL H 32 5.50 -8.28 46.79
N SER H 33 6.52 -8.76 46.07
CA SER H 33 7.86 -8.80 46.62
C SER H 33 8.39 -7.41 46.93
N ARG H 34 7.98 -6.42 46.12
CA ARG H 34 8.30 -5.03 46.44
C ARG H 34 7.63 -4.59 47.72
N VAL H 35 6.39 -5.03 47.94
CA VAL H 35 5.67 -4.67 49.17
C VAL H 35 6.31 -5.37 50.37
N MET H 36 6.94 -6.52 50.15
CA MET H 36 7.65 -7.21 51.24
C MET H 36 8.64 -6.29 51.94
N SER H 37 9.47 -5.60 51.16
CA SER H 37 10.48 -4.73 51.75
C SER H 37 9.84 -3.52 52.44
N GLU H 38 8.86 -2.89 51.78
CA GLU H 38 8.26 -1.68 52.35
C GLU H 38 7.47 -1.99 53.62
N THR H 39 6.66 -3.04 53.60
CA THR H 39 5.88 -3.38 54.80
C THR H 39 6.77 -4.01 55.87
N GLY H 40 7.79 -4.76 55.46
CA GLY H 40 8.73 -5.32 56.42
C GLY H 40 9.66 -4.29 57.04
N SER H 41 9.86 -3.15 56.37
CA SER H 41 10.74 -2.12 56.91
C SER H 41 10.12 -1.40 58.10
N LEU H 42 8.79 -1.36 58.19
CA LEU H 42 8.13 -0.70 59.31
C LEU H 42 8.05 -1.58 60.55
N LYS H 43 8.49 -2.83 60.47
CA LYS H 43 8.46 -3.71 61.63
C LYS H 43 9.37 -3.19 62.74
N THR H 44 10.55 -2.69 62.37
CA THR H 44 11.47 -2.14 63.37
C THR H 44 10.88 -0.92 64.05
N VAL H 45 10.22 -0.05 63.28
CA VAL H 45 9.63 1.15 63.84
C VAL H 45 8.52 0.80 64.82
N ILE H 46 7.65 -0.13 64.44
CA ILE H 46 6.55 -0.51 65.33
C ILE H 46 7.07 -1.24 66.55
N GLU H 47 8.09 -2.08 66.38
CA GLU H 47 8.67 -2.79 67.52
C GLU H 47 9.25 -1.83 68.53
N THR H 48 9.95 -0.79 68.07
CA THR H 48 10.45 0.22 68.97
C THR H 48 9.32 0.96 69.66
N CYS H 49 8.21 1.20 68.94
CA CYS H 49 7.09 1.90 69.54
C CYS H 49 6.47 1.10 70.68
N ILE H 50 6.15 -0.18 70.44
CA ILE H 50 5.47 -0.98 71.44
C ILE H 50 6.35 -1.19 72.66
N LEU H 51 7.63 -1.52 72.44
CA LEU H 51 8.53 -1.81 73.55
C LEU H 51 8.86 -0.57 74.37
N ASP H 52 8.96 0.60 73.75
CA ASP H 52 9.19 1.83 74.49
C ASP H 52 7.92 2.34 75.17
N GLY H 53 6.75 1.85 74.78
CA GLY H 53 5.50 2.30 75.35
C GLY H 53 4.84 3.44 74.61
N LYS H 54 5.25 3.72 73.38
CA LYS H 54 4.67 4.80 72.60
C LYS H 54 3.21 4.51 72.30
N THR H 55 2.41 5.57 72.21
CA THR H 55 1.01 5.43 71.84
C THR H 55 0.87 5.49 70.33
N ALA H 56 -0.33 5.17 69.83
CA ALA H 56 -0.55 5.14 68.39
C ALA H 56 -0.30 6.50 67.76
N ALA H 57 -0.79 7.57 68.39
CA ALA H 57 -0.52 8.91 67.89
C ALA H 57 0.93 9.32 68.15
N ASN H 58 1.51 8.86 69.26
CA ASN H 58 2.90 9.14 69.58
C ASN H 58 3.86 8.31 68.72
N CYS H 59 3.44 7.11 68.29
CA CYS H 59 4.25 6.27 67.42
C CYS H 59 4.34 6.94 66.06
N GLU H 60 5.56 7.29 65.65
CA GLU H 60 5.81 8.04 64.43
C GLU H 60 6.36 7.12 63.35
N LEU H 61 6.09 7.47 62.09
CA LEU H 61 6.56 6.69 60.96
C LEU H 61 7.40 7.56 60.04
N GLY H 62 8.46 6.96 59.49
CA GLY H 62 9.23 7.59 58.44
C GLY H 62 8.72 7.12 57.09
N TRP H 63 7.53 6.52 57.09
CA TRP H 63 6.95 5.96 55.89
C TRP H 63 6.69 7.03 54.85
N THR H 64 6.97 6.69 53.58
CA THR H 64 6.74 7.56 52.45
C THR H 64 5.76 6.91 51.48
N ASN H 65 5.07 7.74 50.70
CA ASN H 65 4.03 7.26 49.82
C ASN H 65 4.59 6.28 48.79
N SER H 66 3.87 5.18 48.59
CA SER H 66 4.27 4.12 47.67
C SER H 66 3.29 4.06 46.51
N ASN H 67 3.82 3.93 45.29
CA ASN H 67 2.98 3.91 44.10
C ASN H 67 2.14 2.65 43.98
N LEU H 68 2.51 1.56 44.65
CA LEU H 68 1.68 0.36 44.68
C LEU H 68 0.74 0.33 45.88
N LEU H 69 0.73 1.40 46.68
CA LEU H 69 -0.16 1.55 47.83
C LEU H 69 0.08 0.50 48.90
N GLY H 70 1.22 -0.18 48.85
CA GLY H 70 1.54 -1.21 49.82
C GLY H 70 2.46 -0.72 50.93
N THR I 1 0.63 -16.44 -18.18
CA THR I 1 1.24 -16.44 -16.86
C THR I 1 1.42 -15.02 -16.34
N LEU I 2 0.83 -14.06 -17.05
CA LEU I 2 0.92 -12.66 -16.62
C LEU I 2 0.18 -12.41 -15.31
N ILE I 3 -0.92 -13.14 -15.08
CA ILE I 3 -1.70 -12.95 -13.86
C ILE I 3 -0.92 -13.40 -12.63
N GLU I 4 -0.14 -14.48 -12.75
CA GLU I 4 0.60 -15.00 -11.61
C GLU I 4 1.67 -14.01 -11.13
N LEU I 5 2.37 -13.38 -12.07
CA LEU I 5 3.46 -12.46 -11.69
C LEU I 5 2.90 -11.21 -11.02
N MET I 6 1.77 -10.69 -11.49
CA MET I 6 1.18 -9.53 -10.84
C MET I 6 0.67 -9.86 -9.44
N ILE I 7 0.34 -11.13 -9.20
CA ILE I 7 0.04 -11.57 -7.84
C ILE I 7 1.28 -11.48 -6.97
N VAL I 8 2.45 -11.79 -7.55
CA VAL I 8 3.71 -11.68 -6.81
C VAL I 8 3.97 -10.24 -6.40
N VAL I 9 3.86 -9.31 -7.35
CA VAL I 9 4.13 -7.90 -7.05
C VAL I 9 3.11 -7.37 -6.05
N ALA I 10 1.84 -7.77 -6.19
CA ALA I 10 0.82 -7.34 -5.25
C ALA I 10 1.11 -7.85 -3.84
N ILE I 11 1.58 -9.09 -3.72
CA ILE I 11 1.96 -9.62 -2.42
C ILE I 11 3.15 -8.85 -1.86
N ILE I 12 4.15 -8.57 -2.71
CA ILE I 12 5.31 -7.82 -2.26
C ILE I 12 4.90 -6.42 -1.79
N GLY I 13 4.02 -5.76 -2.56
CA GLY I 13 3.56 -4.45 -2.15
C GLY I 13 2.78 -4.48 -0.84
N ILE I 14 1.97 -5.53 -0.65
CA ILE I 14 1.25 -5.70 0.61
C ILE I 14 2.22 -5.96 1.75
N LEU I 15 3.19 -6.85 1.52
CA LEU I 15 4.16 -7.17 2.56
C LEU I 15 5.02 -5.95 2.92
N ALA I 16 5.43 -5.17 1.92
CA ALA I 16 6.27 -4.00 2.17
C ALA I 16 5.48 -2.84 2.77
N ALA I 17 4.16 -2.93 2.80
CA ALA I 17 3.32 -1.87 3.34
C ALA I 17 2.96 -2.10 4.81
N ILE I 18 3.82 -2.82 5.56
CA ILE I 18 3.53 -3.06 6.97
C ILE I 18 3.59 -1.74 7.74
N ALA I 19 2.81 -1.65 8.82
CA ALA I 19 2.73 -0.45 9.63
C ALA I 19 3.67 -0.59 10.82
N ILE I 20 4.60 0.34 10.94
CA ILE I 20 5.57 0.36 12.04
C ILE I 20 4.85 0.78 13.31
N PRO I 21 4.85 -0.04 14.36
CA PRO I 21 4.12 0.32 15.58
C PRO I 21 4.88 1.28 16.49
N GLN I 22 5.46 2.33 15.92
CA GLN I 22 6.04 3.45 16.66
C GLN I 22 7.03 2.96 17.73
N TYR I 23 8.13 2.37 17.22
CA TYR I 23 9.14 1.82 18.12
C TYR I 23 9.89 2.88 18.92
N GLN I 24 9.75 4.16 18.59
CA GLN I 24 10.42 5.20 19.34
C GLN I 24 9.99 5.20 20.81
N ASN I 25 8.73 4.85 21.08
CA ASN I 25 8.26 4.80 22.46
C ASN I 25 8.96 3.70 23.25
N TYR I 26 9.21 2.55 22.62
CA TYR I 26 9.86 1.44 23.31
C TYR I 26 11.28 1.83 23.74
N ILE I 27 12.06 2.41 22.84
CA ILE I 27 13.45 2.73 23.13
C ILE I 27 13.54 3.87 24.15
N ALA I 28 12.74 4.91 23.95
CA ALA I 28 12.81 6.08 24.82
C ALA I 28 12.46 5.72 26.26
N LYS I 29 11.41 4.90 26.43
CA LYS I 29 11.01 4.51 27.78
C LYS I 29 12.10 3.71 28.48
N SER I 30 12.71 2.76 27.78
CA SER I 30 13.78 1.97 28.36
C SER I 30 15.00 2.82 28.67
N GLN I 31 15.31 3.77 27.78
CA GLN I 31 16.42 4.69 28.03
C GLN I 31 16.17 5.53 29.27
N VAL I 32 14.93 5.99 29.44
CA VAL I 32 14.57 6.74 30.65
C VAL I 32 14.57 5.82 31.87
N SER I 33 14.09 4.58 31.69
CA SER I 33 14.00 3.65 32.81
C SER I 33 15.38 3.33 33.37
N ARG I 34 16.38 3.16 32.50
CA ARG I 34 17.72 2.81 32.94
C ARG I 34 18.33 3.91 33.80
N VAL I 35 17.90 5.16 33.58
CA VAL I 35 18.54 6.29 34.25
C VAL I 35 18.30 6.25 35.75
N MET I 36 17.12 5.81 36.19
CA MET I 36 16.83 5.79 37.62
C MET I 36 17.78 4.87 38.38
N SER I 37 18.08 3.69 37.83
CA SER I 37 18.96 2.75 38.53
C SER I 37 20.36 3.32 38.65
N GLU I 38 20.84 4.02 37.63
CA GLU I 38 22.15 4.68 37.70
C GLU I 38 22.12 5.82 38.71
N THR I 39 21.11 6.70 38.60
CA THR I 39 21.03 7.86 39.48
C THR I 39 20.57 7.45 40.88
N GLY I 40 19.63 6.51 40.97
CA GLY I 40 19.15 6.08 42.27
C GLY I 40 20.21 5.34 43.07
N SER I 41 21.19 4.75 42.37
CA SER I 41 22.32 4.13 43.05
C SER I 41 23.14 5.15 43.82
N LEU I 42 23.03 6.44 43.46
CA LEU I 42 23.76 7.48 44.17
C LEU I 42 23.02 7.98 45.41
N LYS I 43 21.75 7.60 45.58
CA LYS I 43 21.00 8.06 46.75
C LYS I 43 21.61 7.54 48.04
N THR I 44 22.05 6.27 48.04
CA THR I 44 22.62 5.68 49.24
C THR I 44 23.93 6.35 49.65
N VAL I 45 24.62 7.01 48.71
CA VAL I 45 25.84 7.72 49.06
C VAL I 45 25.53 9.14 49.51
N ILE I 46 24.61 9.80 48.83
CA ILE I 46 24.22 11.15 49.21
C ILE I 46 23.60 11.16 50.60
N GLU I 47 22.74 10.18 50.88
CA GLU I 47 22.10 10.10 52.20
C GLU I 47 23.14 9.88 53.30
N THR I 48 24.08 8.96 53.07
CA THR I 48 25.11 8.71 54.07
C THR I 48 25.99 9.93 54.29
N CYS I 49 26.34 10.64 53.21
CA CYS I 49 27.15 11.84 53.34
C CYS I 49 26.41 12.91 54.15
N ILE I 50 25.12 13.08 53.89
CA ILE I 50 24.34 14.09 54.61
C ILE I 50 24.19 13.71 56.08
N LEU I 51 23.84 12.45 56.35
CA LEU I 51 23.67 12.01 57.73
C LEU I 51 24.98 11.96 58.50
N ASP I 52 26.10 11.76 57.80
CA ASP I 52 27.41 11.84 58.44
C ASP I 52 27.87 13.28 58.64
N GLY I 53 27.42 14.19 57.78
CA GLY I 53 27.80 15.58 57.87
C GLY I 53 28.92 16.01 56.98
N LYS I 54 29.32 15.18 56.02
CA LYS I 54 30.41 15.53 55.12
C LYS I 54 30.02 16.68 54.21
N THR I 55 31.02 17.43 53.77
CA THR I 55 30.81 18.53 52.83
C THR I 55 30.67 18.01 51.41
N ALA I 56 30.46 18.94 50.47
CA ALA I 56 30.34 18.56 49.07
C ALA I 56 31.63 17.94 48.54
N ALA I 57 32.76 18.56 48.85
CA ALA I 57 34.04 18.03 48.37
C ALA I 57 34.47 16.80 49.15
N ASN I 58 34.11 16.72 50.43
CA ASN I 58 34.51 15.59 51.27
C ASN I 58 33.63 14.37 51.05
N CYS I 59 32.55 14.47 50.27
CA CYS I 59 31.66 13.35 50.00
C CYS I 59 32.18 12.62 48.77
N GLU I 60 32.77 11.45 48.99
CA GLU I 60 33.23 10.62 47.88
C GLU I 60 32.04 9.97 47.19
N LEU I 61 32.00 10.08 45.87
CA LEU I 61 30.91 9.52 45.07
C LEU I 61 31.47 8.43 44.16
N GLY I 62 30.81 7.28 44.14
CA GLY I 62 31.23 6.18 43.30
C GLY I 62 30.59 6.20 41.93
N TRP I 63 30.42 7.39 41.37
CA TRP I 63 29.81 7.52 40.05
C TRP I 63 30.83 7.24 38.96
N THR I 64 30.40 6.50 37.94
CA THR I 64 31.23 6.17 36.79
C THR I 64 30.51 6.60 35.51
N ASN I 65 31.29 6.96 34.50
CA ASN I 65 30.71 7.45 33.26
C ASN I 65 29.85 6.36 32.59
N SER I 66 28.74 6.79 32.01
CA SER I 66 27.82 5.92 31.31
C SER I 66 27.65 6.37 29.87
N ASN I 67 27.20 5.46 29.01
CA ASN I 67 27.00 5.82 27.61
C ASN I 67 25.96 6.93 27.48
N LEU I 68 24.86 6.82 28.23
CA LEU I 68 23.92 7.94 28.32
C LEU I 68 24.52 9.04 29.19
N LEU I 69 24.35 10.29 28.76
CA LEU I 69 24.91 11.40 29.52
C LEU I 69 24.29 11.53 30.90
N GLY I 70 23.06 11.04 31.08
CA GLY I 70 22.40 11.10 32.38
C GLY I 70 22.94 10.08 33.37
N THR J 1 0.15 -13.97 -26.80
CA THR J 1 1.03 -13.33 -27.76
C THR J 1 2.48 -13.32 -27.27
N LEU J 2 3.40 -12.99 -28.18
CA LEU J 2 4.81 -12.93 -27.81
C LEU J 2 5.08 -11.83 -26.79
N ILE J 3 4.45 -10.67 -26.98
CA ILE J 3 4.75 -9.50 -26.16
C ILE J 3 4.42 -9.76 -24.69
N GLU J 4 3.43 -10.61 -24.42
CA GLU J 4 3.08 -10.92 -23.05
C GLU J 4 4.20 -11.68 -22.33
N LEU J 5 4.92 -12.53 -23.05
CA LEU J 5 5.83 -13.47 -22.40
C LEU J 5 7.06 -12.77 -21.83
N MET J 6 7.72 -11.92 -22.62
CA MET J 6 8.97 -11.33 -22.14
C MET J 6 8.72 -10.16 -21.20
N ILE J 7 7.49 -9.63 -21.19
CA ILE J 7 7.12 -8.66 -20.17
C ILE J 7 7.18 -9.32 -18.80
N VAL J 8 6.71 -10.57 -18.71
CA VAL J 8 6.92 -11.37 -17.50
C VAL J 8 8.41 -11.59 -17.27
N VAL J 9 9.15 -11.90 -18.34
CA VAL J 9 10.60 -12.10 -18.22
C VAL J 9 11.26 -10.81 -17.76
N ALA J 10 10.87 -9.68 -18.33
CA ALA J 10 11.39 -8.40 -17.86
C ALA J 10 11.01 -8.16 -16.41
N ILE J 11 9.77 -8.51 -16.03
CA ILE J 11 9.37 -8.43 -14.63
C ILE J 11 10.19 -9.41 -13.79
N ILE J 12 10.41 -10.61 -14.30
CA ILE J 12 11.23 -11.59 -13.59
C ILE J 12 12.64 -11.06 -13.40
N GLY J 13 13.22 -10.49 -14.45
CA GLY J 13 14.55 -9.92 -14.34
C GLY J 13 14.62 -8.75 -13.38
N ILE J 14 13.60 -7.89 -13.40
CA ILE J 14 13.58 -6.73 -12.50
C ILE J 14 13.48 -7.21 -11.06
N LEU J 15 12.57 -8.15 -10.78
CA LEU J 15 12.41 -8.65 -9.42
C LEU J 15 13.67 -9.36 -8.93
N ALA J 16 14.31 -10.15 -9.82
CA ALA J 16 15.50 -10.88 -9.41
C ALA J 16 16.69 -9.95 -9.17
N ALA J 17 16.66 -8.74 -9.74
CA ALA J 17 17.76 -7.79 -9.61
C ALA J 17 17.56 -6.82 -8.44
N ILE J 18 16.79 -7.21 -7.43
CA ILE J 18 16.55 -6.32 -6.30
C ILE J 18 17.83 -6.16 -5.49
N ALA J 19 18.01 -4.98 -4.90
CA ALA J 19 19.19 -4.69 -4.09
C ALA J 19 19.01 -5.32 -2.71
N ILE J 20 19.94 -6.20 -2.35
CA ILE J 20 19.89 -6.91 -1.07
C ILE J 20 20.75 -6.14 -0.07
N PRO J 21 20.19 -5.69 1.05
CA PRO J 21 20.99 -4.97 2.05
C PRO J 21 22.00 -5.88 2.71
N GLN J 22 23.04 -5.25 3.25
CA GLN J 22 24.13 -5.98 3.90
C GLN J 22 23.68 -6.54 5.24
N TYR J 23 23.18 -7.77 5.24
CA TYR J 23 22.65 -8.38 6.45
C TYR J 23 23.75 -8.76 7.44
N GLN J 24 25.02 -8.74 7.04
CA GLN J 24 26.09 -9.09 7.95
C GLN J 24 26.18 -8.10 9.11
N ASN J 25 25.81 -6.84 8.88
CA ASN J 25 25.83 -5.85 9.95
C ASN J 25 24.87 -6.23 11.06
N TYR J 26 23.69 -6.74 10.70
CA TYR J 26 22.70 -7.12 11.71
C TYR J 26 23.18 -8.32 12.53
N ILE J 27 23.66 -9.37 11.84
CA ILE J 27 24.06 -10.59 12.54
C ILE J 27 25.29 -10.33 13.41
N ALA J 28 26.28 -9.61 12.88
CA ALA J 28 27.48 -9.32 13.65
C ALA J 28 27.16 -8.48 14.88
N LYS J 29 26.28 -7.49 14.72
CA LYS J 29 25.87 -6.67 15.86
C LYS J 29 25.15 -7.50 16.91
N SER J 30 24.28 -8.42 16.47
CA SER J 30 23.58 -9.30 17.41
C SER J 30 24.55 -10.21 18.14
N GLN J 31 25.53 -10.77 17.42
CA GLN J 31 26.49 -11.66 18.06
C GLN J 31 27.34 -10.92 19.08
N VAL J 32 27.75 -9.69 18.77
CA VAL J 32 28.49 -8.89 19.74
C VAL J 32 27.61 -8.57 20.94
N SER J 33 26.36 -8.21 20.70
CA SER J 33 25.44 -7.91 21.80
C SER J 33 25.20 -9.14 22.67
N ARG J 34 25.05 -10.32 22.05
CA ARG J 34 24.86 -11.54 22.81
C ARG J 34 26.06 -11.85 23.70
N VAL J 35 27.27 -11.65 23.17
CA VAL J 35 28.47 -11.93 23.95
C VAL J 35 28.58 -10.98 25.13
N MET J 36 28.21 -9.71 24.93
CA MET J 36 28.32 -8.72 26.00
C MET J 36 27.46 -9.10 27.19
N SER J 37 26.24 -9.59 26.94
CA SER J 37 25.36 -10.00 28.02
C SER J 37 25.97 -11.17 28.80
N GLU J 38 26.52 -12.15 28.08
CA GLU J 38 27.10 -13.30 28.74
C GLU J 38 28.41 -12.95 29.43
N THR J 39 29.27 -12.17 28.75
CA THR J 39 30.50 -11.73 29.38
C THR J 39 30.23 -10.79 30.54
N GLY J 40 29.26 -9.89 30.39
CA GLY J 40 28.89 -8.99 31.46
C GLY J 40 28.21 -9.67 32.63
N SER J 41 27.64 -10.86 32.41
CA SER J 41 27.07 -11.62 33.51
C SER J 41 28.12 -12.09 34.49
N LEU J 42 29.39 -12.10 34.09
CA LEU J 42 30.47 -12.56 34.95
C LEU J 42 31.05 -11.45 35.82
N LYS J 43 30.60 -10.20 35.66
CA LYS J 43 31.12 -9.11 36.47
C LYS J 43 30.79 -9.31 37.94
N THR J 44 29.60 -9.83 38.24
CA THR J 44 29.21 -10.07 39.62
C THR J 44 30.13 -11.10 40.28
N VAL J 45 30.46 -12.16 39.56
CA VAL J 45 31.36 -13.18 40.11
C VAL J 45 32.74 -12.60 40.36
N ILE J 46 33.26 -11.83 39.41
CA ILE J 46 34.58 -11.22 39.56
C ILE J 46 34.56 -10.21 40.71
N GLU J 47 33.50 -9.39 40.77
CA GLU J 47 33.41 -8.39 41.83
C GLU J 47 33.33 -9.03 43.21
N THR J 48 32.51 -10.08 43.34
CA THR J 48 32.40 -10.77 44.63
C THR J 48 33.73 -11.40 45.04
N CYS J 49 34.43 -12.01 44.08
CA CYS J 49 35.69 -12.67 44.38
C CYS J 49 36.75 -11.67 44.80
N ILE J 50 36.85 -10.54 44.10
CA ILE J 50 37.87 -9.54 44.41
C ILE J 50 37.59 -8.90 45.76
N LEU J 51 36.33 -8.56 46.03
CA LEU J 51 35.98 -7.88 47.27
C LEU J 51 36.03 -8.81 48.48
N ASP J 52 36.09 -10.12 48.26
CA ASP J 52 36.26 -11.07 49.35
C ASP J 52 37.71 -11.50 49.56
N GLY J 53 38.60 -11.12 48.65
CA GLY J 53 40.00 -11.51 48.77
C GLY J 53 40.30 -12.92 48.32
N LYS J 54 39.33 -13.60 47.70
CA LYS J 54 39.56 -14.95 47.21
C LYS J 54 40.53 -14.93 46.04
N THR J 55 41.26 -16.04 45.88
CA THR J 55 42.27 -16.13 44.84
C THR J 55 41.63 -16.52 43.50
N ALA J 56 42.47 -16.56 42.46
CA ALA J 56 42.00 -16.93 41.14
C ALA J 56 41.47 -18.35 41.11
N ALA J 57 42.21 -19.27 41.75
CA ALA J 57 41.74 -20.65 41.85
C ALA J 57 40.58 -20.80 42.83
N ASN J 58 40.38 -19.82 43.71
CA ASN J 58 39.31 -19.85 44.69
C ASN J 58 38.05 -19.16 44.22
N CYS J 59 38.03 -18.67 42.98
CA CYS J 59 36.86 -17.96 42.46
C CYS J 59 36.05 -18.91 41.57
N GLU J 60 34.96 -19.44 42.12
CA GLU J 60 34.11 -20.35 41.38
C GLU J 60 33.25 -19.58 40.39
N LEU J 61 33.37 -19.93 39.12
CA LEU J 61 32.61 -19.29 38.05
C LEU J 61 31.53 -20.23 37.55
N GLY J 62 30.28 -19.77 37.58
CA GLY J 62 29.18 -20.54 37.04
C GLY J 62 28.95 -20.27 35.58
N TRP J 63 29.96 -20.51 34.75
CA TRP J 63 29.92 -20.20 33.33
C TRP J 63 29.53 -21.44 32.54
N THR J 64 28.65 -21.26 31.56
CA THR J 64 28.25 -22.33 30.65
C THR J 64 28.86 -22.07 29.28
N ASN J 65 29.20 -23.15 28.58
CA ASN J 65 29.83 -23.03 27.28
C ASN J 65 28.94 -22.25 26.32
N SER J 66 29.55 -21.33 25.57
CA SER J 66 28.85 -20.48 24.62
C SER J 66 29.18 -20.93 23.20
N ASN J 67 28.15 -21.04 22.36
CA ASN J 67 28.34 -21.44 20.97
C ASN J 67 29.16 -20.42 20.19
N LEU J 68 29.12 -19.14 20.56
CA LEU J 68 29.93 -18.11 19.93
C LEU J 68 31.28 -17.94 20.59
N LEU J 69 31.61 -18.81 21.57
CA LEU J 69 32.86 -18.76 22.31
C LEU J 69 33.04 -17.45 23.08
N GLY J 70 31.94 -16.87 23.56
CA GLY J 70 32.01 -15.66 24.33
C GLY J 70 32.36 -15.90 25.78
N THR K 1 2.45 -17.14 -38.23
CA THR K 1 3.76 -17.43 -38.80
C THR K 1 4.31 -18.76 -38.28
N LEU K 2 3.72 -19.26 -37.19
CA LEU K 2 3.99 -20.58 -36.65
C LEU K 2 5.38 -20.67 -36.02
N ILE K 3 6.15 -19.59 -36.11
CA ILE K 3 7.43 -19.51 -35.44
C ILE K 3 7.36 -18.64 -34.19
N GLU K 4 6.56 -17.57 -34.21
CA GLU K 4 6.38 -16.76 -33.01
C GLU K 4 5.64 -17.54 -31.93
N LEU K 5 4.55 -18.21 -32.30
CA LEU K 5 3.79 -18.99 -31.33
C LEU K 5 4.58 -20.20 -30.85
N MET K 6 5.32 -20.84 -31.73
CA MET K 6 6.15 -21.97 -31.33
C MET K 6 7.24 -21.54 -30.35
N ILE K 7 7.85 -20.38 -30.59
CA ILE K 7 8.85 -19.86 -29.65
C ILE K 7 8.19 -19.54 -28.31
N VAL K 8 6.95 -19.03 -28.34
CA VAL K 8 6.22 -18.74 -27.11
C VAL K 8 6.03 -20.02 -26.29
N VAL K 9 5.65 -21.11 -26.96
CA VAL K 9 5.46 -22.38 -26.25
C VAL K 9 6.78 -22.84 -25.63
N ALA K 10 7.88 -22.68 -26.36
CA ALA K 10 9.20 -23.01 -25.80
C ALA K 10 9.51 -22.13 -24.61
N ILE K 11 9.17 -20.84 -24.68
CA ILE K 11 9.35 -19.96 -23.54
C ILE K 11 8.48 -20.42 -22.38
N ILE K 12 7.23 -20.81 -22.67
CA ILE K 12 6.37 -21.41 -21.65
C ILE K 12 6.98 -22.71 -21.15
N GLY K 13 7.57 -23.50 -22.06
CA GLY K 13 8.26 -24.70 -21.64
C GLY K 13 9.43 -24.40 -20.72
N ILE K 14 10.18 -23.34 -21.01
CA ILE K 14 11.34 -23.00 -20.19
C ILE K 14 10.90 -22.50 -18.82
N LEU K 15 9.91 -21.59 -18.80
CA LEU K 15 9.47 -20.99 -17.55
C LEU K 15 8.89 -22.02 -16.59
N ALA K 16 8.10 -22.96 -17.12
CA ALA K 16 7.48 -23.98 -16.27
C ALA K 16 8.50 -24.95 -15.70
N ALA K 17 9.64 -25.13 -16.36
CA ALA K 17 10.65 -26.09 -15.93
C ALA K 17 11.71 -25.47 -15.03
N ILE K 18 11.36 -24.41 -14.30
CA ILE K 18 12.32 -23.78 -13.40
C ILE K 18 12.66 -24.73 -12.25
N ALA K 19 13.90 -24.67 -11.79
CA ALA K 19 14.35 -25.49 -10.69
C ALA K 19 13.85 -24.89 -9.37
N ILE K 20 13.04 -25.67 -8.64
CA ILE K 20 12.47 -25.23 -7.38
C ILE K 20 13.37 -25.75 -6.26
N PRO K 21 14.03 -24.87 -5.49
CA PRO K 21 14.84 -25.35 -4.37
C PRO K 21 13.98 -25.88 -3.24
N GLN K 22 14.61 -26.66 -2.36
CA GLN K 22 13.91 -27.30 -1.26
C GLN K 22 13.50 -26.29 -0.20
N TYR K 23 12.25 -25.82 -0.26
CA TYR K 23 11.72 -24.92 0.75
C TYR K 23 11.44 -25.62 2.07
N GLN K 24 11.50 -26.96 2.11
CA GLN K 24 11.30 -27.68 3.35
C GLN K 24 12.37 -27.34 4.38
N ASN K 25 13.58 -27.01 3.92
CA ASN K 25 14.65 -26.64 4.84
C ASN K 25 14.32 -25.38 5.61
N TYR K 26 13.75 -24.38 4.92
CA TYR K 26 13.46 -23.11 5.57
C TYR K 26 12.31 -23.26 6.58
N ILE K 27 11.26 -23.99 6.20
CA ILE K 27 10.09 -24.12 7.05
C ILE K 27 10.41 -24.92 8.31
N ALA K 28 11.08 -26.06 8.14
CA ALA K 28 11.36 -26.92 9.28
C ALA K 28 12.27 -26.22 10.29
N LYS K 29 13.27 -25.48 9.79
CA LYS K 29 14.17 -24.76 10.69
C LYS K 29 13.43 -23.70 11.49
N SER K 30 12.49 -23.00 10.84
CA SER K 30 11.72 -21.97 11.54
C SER K 30 10.86 -22.58 12.65
N GLN K 31 10.23 -23.73 12.37
CA GLN K 31 9.40 -24.36 13.39
C GLN K 31 10.21 -24.80 14.59
N VAL K 32 11.38 -25.41 14.34
CA VAL K 32 12.24 -25.84 15.44
C VAL K 32 12.75 -24.64 16.22
N SER K 33 13.19 -23.59 15.52
CA SER K 33 13.71 -22.41 16.19
C SER K 33 12.64 -21.73 17.04
N ARG K 34 11.41 -21.62 16.51
CA ARG K 34 10.33 -21.05 17.30
C ARG K 34 10.01 -21.91 18.52
N VAL K 35 9.97 -23.22 18.34
CA VAL K 35 9.75 -24.12 19.47
C VAL K 35 10.93 -24.03 20.44
N MET K 36 12.13 -23.81 19.92
CA MET K 36 13.30 -23.62 20.79
C MET K 36 13.09 -22.46 21.75
N SER K 37 12.46 -21.39 21.28
CA SER K 37 12.19 -20.24 22.15
C SER K 37 11.18 -20.60 23.23
N GLU K 38 10.08 -21.26 22.83
CA GLU K 38 9.04 -21.61 23.79
C GLU K 38 9.56 -22.55 24.87
N THR K 39 10.32 -23.57 24.47
CA THR K 39 10.88 -24.51 25.43
C THR K 39 11.93 -23.83 26.30
N GLY K 40 12.70 -22.89 25.72
CA GLY K 40 13.63 -22.12 26.52
C GLY K 40 12.97 -21.06 27.37
N SER K 41 11.74 -20.67 27.04
CA SER K 41 11.04 -19.65 27.82
C SER K 41 10.64 -20.14 29.20
N LEU K 42 10.33 -21.42 29.36
CA LEU K 42 9.91 -21.97 30.64
C LEU K 42 11.08 -22.34 31.54
N LYS K 43 12.31 -22.06 31.10
CA LYS K 43 13.47 -22.35 31.95
C LYS K 43 13.45 -21.53 33.23
N THR K 44 13.08 -20.25 33.12
CA THR K 44 13.10 -19.37 34.28
C THR K 44 12.20 -19.87 35.39
N VAL K 45 11.02 -20.39 35.02
CA VAL K 45 10.08 -20.88 36.02
C VAL K 45 10.61 -22.15 36.67
N ILE K 46 11.21 -23.05 35.88
CA ILE K 46 11.73 -24.30 36.42
C ILE K 46 12.86 -24.04 37.41
N GLU K 47 13.75 -23.10 37.08
CA GLU K 47 14.91 -22.83 37.92
C GLU K 47 14.50 -22.42 39.34
N THR K 48 13.63 -21.42 39.46
CA THR K 48 13.23 -20.95 40.77
C THR K 48 12.34 -21.97 41.49
N CYS K 49 11.52 -22.71 40.73
CA CYS K 49 10.77 -23.80 41.35
C CYS K 49 11.70 -24.81 41.98
N ILE K 50 12.80 -25.13 41.30
CA ILE K 50 13.83 -26.00 41.89
C ILE K 50 14.51 -25.29 43.06
N LEU K 51 14.87 -24.02 42.87
CA LEU K 51 15.61 -23.29 43.89
C LEU K 51 14.75 -22.92 45.10
N ASP K 52 13.44 -22.77 44.92
CA ASP K 52 12.57 -22.48 46.06
C ASP K 52 12.09 -23.75 46.76
N GLY K 53 12.34 -24.92 46.18
CA GLY K 53 11.99 -26.17 46.81
C GLY K 53 10.55 -26.60 46.62
N LYS K 54 9.79 -25.92 45.76
CA LYS K 54 8.41 -26.30 45.53
C LYS K 54 8.33 -27.63 44.80
N THR K 55 7.26 -28.37 45.05
CA THR K 55 7.08 -29.68 44.44
C THR K 55 6.66 -29.53 42.99
N ALA K 56 6.67 -30.66 42.25
CA ALA K 56 6.25 -30.63 40.86
C ALA K 56 4.79 -30.22 40.73
N ALA K 57 3.93 -30.73 41.60
CA ALA K 57 2.53 -30.34 41.58
C ALA K 57 2.32 -28.91 42.07
N ASN K 58 3.23 -28.40 42.91
CA ASN K 58 3.12 -27.06 43.47
C ASN K 58 3.74 -25.98 42.60
N CYS K 59 4.48 -26.35 41.55
CA CYS K 59 5.09 -25.38 40.64
C CYS K 59 4.08 -25.04 39.55
N GLU K 60 3.60 -23.81 39.56
CA GLU K 60 2.64 -23.35 38.57
C GLU K 60 3.38 -22.89 37.31
N LEU K 61 2.92 -23.36 36.16
CA LEU K 61 3.51 -22.99 34.88
C LEU K 61 2.59 -22.04 34.12
N GLY K 62 3.17 -20.98 33.57
CA GLY K 62 2.43 -20.07 32.74
C GLY K 62 2.47 -20.45 31.28
N TRP K 63 2.41 -21.76 31.01
CA TRP K 63 2.47 -22.28 29.66
C TRP K 63 1.09 -22.21 29.02
N THR K 64 1.04 -21.85 27.74
CA THR K 64 -0.19 -21.75 26.99
C THR K 64 -0.18 -22.74 25.84
N ASN K 65 -1.37 -23.22 25.48
CA ASN K 65 -1.48 -24.16 24.37
C ASN K 65 -1.14 -23.47 23.06
N SER K 66 -0.36 -24.15 22.23
CA SER K 66 0.13 -23.61 20.96
C SER K 66 -0.14 -24.59 19.84
N ASN K 67 -0.07 -24.08 18.60
CA ASN K 67 -0.26 -24.94 17.44
C ASN K 67 0.81 -26.03 17.35
N LEU K 68 2.03 -25.73 17.77
CA LEU K 68 3.13 -26.70 17.78
C LEU K 68 3.25 -27.23 19.21
N LEU K 69 3.03 -28.53 19.37
CA LEU K 69 3.05 -29.12 20.71
C LEU K 69 4.44 -29.13 21.33
N GLY K 70 5.48 -28.88 20.54
CA GLY K 70 6.84 -28.85 21.04
C GLY K 70 7.06 -27.78 22.09
N THR L 1 -1.05 -22.04 -48.43
CA THR L 1 -0.76 -22.48 -47.08
C THR L 1 -1.96 -22.29 -46.16
N LEU L 2 -3.10 -22.84 -46.55
CA LEU L 2 -4.32 -22.63 -45.78
C LEU L 2 -4.26 -23.31 -44.41
N ILE L 3 -3.94 -24.61 -44.39
CA ILE L 3 -3.98 -25.37 -43.14
C ILE L 3 -2.90 -24.89 -42.19
N GLU L 4 -1.90 -24.17 -42.70
CA GLU L 4 -0.78 -23.74 -41.87
C GLU L 4 -1.23 -22.70 -40.84
N LEU L 5 -2.12 -21.78 -41.24
CA LEU L 5 -2.45 -20.65 -40.38
C LEU L 5 -3.36 -21.04 -39.21
N MET L 6 -4.35 -21.91 -39.45
CA MET L 6 -5.27 -22.26 -38.37
C MET L 6 -4.60 -23.11 -37.30
N ILE L 7 -3.38 -23.59 -37.58
CA ILE L 7 -2.59 -24.19 -36.51
C ILE L 7 -2.32 -23.16 -35.41
N VAL L 8 -1.99 -21.93 -35.81
CA VAL L 8 -1.85 -20.84 -34.84
C VAL L 8 -3.20 -20.56 -34.18
N VAL L 9 -4.28 -20.55 -34.97
CA VAL L 9 -5.60 -20.30 -34.41
C VAL L 9 -5.96 -21.36 -33.37
N ALA L 10 -5.64 -22.62 -33.66
CA ALA L 10 -5.80 -23.67 -32.65
C ALA L 10 -4.89 -23.42 -31.46
N ILE L 11 -3.65 -22.99 -31.72
CA ILE L 11 -2.72 -22.69 -30.63
C ILE L 11 -3.23 -21.51 -29.81
N ILE L 12 -3.73 -20.46 -30.47
CA ILE L 12 -4.24 -19.30 -29.74
C ILE L 12 -5.41 -19.70 -28.85
N GLY L 13 -6.33 -20.51 -29.38
CA GLY L 13 -7.43 -21.00 -28.56
C GLY L 13 -6.94 -21.88 -27.42
N ILE L 14 -5.88 -22.66 -27.67
CA ILE L 14 -5.34 -23.53 -26.62
C ILE L 14 -4.74 -22.71 -25.50
N LEU L 15 -3.90 -21.73 -25.85
CA LEU L 15 -3.24 -20.91 -24.83
C LEU L 15 -4.24 -20.02 -24.11
N ALA L 16 -5.22 -19.47 -24.83
CA ALA L 16 -6.19 -18.57 -24.21
C ALA L 16 -7.08 -19.28 -23.20
N ALA L 17 -7.25 -20.61 -23.33
CA ALA L 17 -8.02 -21.40 -22.39
C ALA L 17 -7.16 -21.96 -21.26
N ILE L 18 -6.03 -21.31 -20.95
CA ILE L 18 -5.17 -21.76 -19.88
C ILE L 18 -5.89 -21.63 -18.54
N ALA L 19 -5.74 -22.64 -17.69
CA ALA L 19 -6.41 -22.63 -16.39
C ALA L 19 -5.80 -21.56 -15.49
N ILE L 20 -6.66 -20.75 -14.90
CA ILE L 20 -6.25 -19.72 -13.94
C ILE L 20 -6.67 -20.20 -12.55
N PRO L 21 -5.74 -20.57 -11.68
CA PRO L 21 -6.11 -21.00 -10.33
C PRO L 21 -6.65 -19.84 -9.51
N GLN L 22 -7.37 -20.18 -8.44
CA GLN L 22 -8.00 -19.17 -7.61
C GLN L 22 -6.96 -18.42 -6.80
N TYR L 23 -6.43 -17.33 -7.37
CA TYR L 23 -5.45 -16.50 -6.69
C TYR L 23 -6.04 -15.73 -5.50
N GLN L 24 -7.36 -15.71 -5.37
CA GLN L 24 -8.00 -15.03 -4.25
C GLN L 24 -7.60 -15.66 -2.92
N ASN L 25 -7.39 -16.97 -2.90
CA ASN L 25 -6.93 -17.64 -1.69
C ASN L 25 -5.56 -17.12 -1.27
N TYR L 26 -4.67 -16.90 -2.24
CA TYR L 26 -3.30 -16.50 -1.92
C TYR L 26 -3.24 -15.06 -1.44
N ILE L 27 -3.94 -14.15 -2.12
CA ILE L 27 -3.86 -12.73 -1.78
C ILE L 27 -4.55 -12.47 -0.44
N ALA L 28 -5.75 -13.02 -0.24
CA ALA L 28 -6.48 -12.76 0.99
C ALA L 28 -5.75 -13.32 2.20
N LYS L 29 -5.20 -14.53 2.07
CA LYS L 29 -4.46 -15.13 3.19
C LYS L 29 -3.24 -14.30 3.53
N SER L 30 -2.54 -13.80 2.52
CA SER L 30 -1.40 -12.91 2.78
C SER L 30 -1.88 -11.62 3.44
N GLN L 31 -3.01 -11.08 2.98
CA GLN L 31 -3.56 -9.89 3.62
C GLN L 31 -3.99 -10.17 5.06
N VAL L 32 -4.63 -11.33 5.29
CA VAL L 32 -5.05 -11.69 6.63
C VAL L 32 -3.84 -11.91 7.53
N SER L 33 -2.81 -12.59 7.00
CA SER L 33 -1.61 -12.85 7.79
C SER L 33 -0.89 -11.55 8.14
N ARG L 34 -0.87 -10.59 7.23
CA ARG L 34 -0.26 -9.30 7.51
C ARG L 34 -0.99 -8.58 8.63
N VAL L 35 -2.32 -8.70 8.66
CA VAL L 35 -3.12 -8.05 9.70
C VAL L 35 -2.68 -8.51 11.09
N MET L 36 -2.39 -9.80 11.24
CA MET L 36 -1.96 -10.32 12.53
C MET L 36 -0.67 -9.65 13.00
N SER L 37 0.27 -9.43 12.08
CA SER L 37 1.51 -8.73 12.45
C SER L 37 1.21 -7.33 12.96
N GLU L 38 0.30 -6.63 12.29
CA GLU L 38 -0.15 -5.33 12.78
C GLU L 38 -0.93 -5.49 14.09
N THR L 39 -1.77 -6.52 14.18
CA THR L 39 -2.58 -6.72 15.37
C THR L 39 -1.75 -7.25 16.53
N GLY L 40 -0.85 -8.20 16.26
CA GLY L 40 -0.05 -8.79 17.32
C GLY L 40 0.98 -7.86 17.91
N SER L 41 1.40 -6.84 17.16
CA SER L 41 2.38 -5.89 17.67
C SER L 41 1.82 -5.05 18.81
N LEU L 42 0.49 -4.91 18.90
CA LEU L 42 -0.12 -4.13 19.96
C LEU L 42 -0.33 -4.95 21.23
N LYS L 43 -0.06 -6.26 21.21
CA LYS L 43 -0.22 -7.06 22.42
C LYS L 43 0.72 -6.60 23.52
N THR L 44 1.96 -6.22 23.16
CA THR L 44 2.92 -5.75 24.15
C THR L 44 2.40 -4.49 24.84
N VAL L 45 1.85 -3.56 24.07
CA VAL L 45 1.33 -2.32 24.65
C VAL L 45 0.17 -2.62 25.58
N ILE L 46 -0.75 -3.48 25.16
CA ILE L 46 -1.92 -3.78 25.98
C ILE L 46 -1.51 -4.53 27.23
N GLU L 47 -0.63 -5.52 27.10
CA GLU L 47 -0.19 -6.29 28.26
C GLU L 47 0.53 -5.41 29.27
N THR L 48 1.41 -4.53 28.81
CA THR L 48 2.09 -3.62 29.71
C THR L 48 1.12 -2.65 30.38
N CYS L 49 0.15 -2.14 29.62
CA CYS L 49 -0.81 -1.20 30.17
C CYS L 49 -1.64 -1.82 31.28
N ILE L 50 -2.09 -3.07 31.08
CA ILE L 50 -2.88 -3.75 32.09
C ILE L 50 -2.06 -4.01 33.35
N LEU L 51 -0.83 -4.50 33.17
CA LEU L 51 0.03 -4.79 34.31
C LEU L 51 0.50 -3.51 35.01
N ASP L 52 0.57 -2.39 34.28
CA ASP L 52 0.93 -1.12 34.89
C ASP L 52 -0.18 -0.56 35.77
N GLY L 53 -1.43 -0.95 35.53
CA GLY L 53 -2.56 -0.44 36.28
C GLY L 53 -3.18 0.82 35.71
N LYS L 54 -2.66 1.34 34.62
CA LYS L 54 -3.22 2.54 34.01
C LYS L 54 -4.56 2.24 33.35
N THR L 55 -5.37 3.28 33.20
CA THR L 55 -6.70 3.14 32.61
C THR L 55 -6.60 3.10 31.09
N ALA L 56 -7.76 3.00 30.44
CA ALA L 56 -7.80 3.01 28.98
C ALA L 56 -7.30 4.33 28.43
N ALA L 57 -7.68 5.45 29.06
CA ALA L 57 -7.26 6.75 28.55
C ALA L 57 -5.78 7.00 28.78
N ASN L 58 -5.18 6.34 29.77
CA ASN L 58 -3.77 6.50 30.08
C ASN L 58 -2.87 5.57 29.28
N CYS L 59 -3.44 4.69 28.47
CA CYS L 59 -2.65 3.72 27.70
C CYS L 59 -2.34 4.31 26.34
N GLU L 60 -1.12 4.82 26.19
CA GLU L 60 -0.66 5.35 24.90
C GLU L 60 -0.46 4.21 23.93
N LEU L 61 -1.04 4.33 22.74
CA LEU L 61 -0.95 3.32 21.69
C LEU L 61 -0.14 3.87 20.53
N GLY L 62 0.94 3.19 20.18
CA GLY L 62 1.75 3.59 19.05
C GLY L 62 1.28 2.94 17.75
N TRP L 63 -0.02 3.02 17.48
CA TRP L 63 -0.59 2.43 16.28
C TRP L 63 -0.38 3.34 15.08
N THR L 64 0.02 2.75 13.97
CA THR L 64 0.20 3.46 12.71
C THR L 64 -0.87 3.01 11.73
N ASN L 65 -1.37 3.96 10.93
CA ASN L 65 -2.45 3.67 10.01
C ASN L 65 -2.04 2.60 9.01
N SER L 66 -2.93 1.64 8.79
CA SER L 66 -2.71 0.56 7.84
C SER L 66 -3.76 0.65 6.74
N ASN L 67 -3.33 0.40 5.50
CA ASN L 67 -4.25 0.45 4.37
C ASN L 67 -5.30 -0.67 4.41
N LEU L 68 -5.11 -1.69 5.24
CA LEU L 68 -6.07 -2.77 5.36
C LEU L 68 -7.08 -2.54 6.48
N LEU L 69 -6.95 -1.44 7.22
CA LEU L 69 -7.85 -1.05 8.32
C LEU L 69 -7.84 -2.05 9.47
N GLY L 70 -6.96 -3.05 9.45
CA GLY L 70 -6.92 -4.05 10.49
C GLY L 70 -6.14 -3.62 11.71
N THR M 1 -6.61 -22.40 -55.24
CA THR M 1 -7.56 -21.42 -55.75
C THR M 1 -7.20 -20.02 -55.27
N LEU M 2 -7.64 -19.01 -56.02
CA LEU M 2 -7.38 -17.62 -55.64
C LEU M 2 -8.11 -17.26 -54.35
N ILE M 3 -9.30 -17.82 -54.13
CA ILE M 3 -10.06 -17.50 -52.92
C ILE M 3 -9.33 -18.01 -51.68
N GLU M 4 -8.68 -19.16 -51.78
CA GLU M 4 -8.01 -19.73 -50.61
C GLU M 4 -6.88 -18.83 -50.12
N LEU M 5 -6.11 -18.26 -51.04
CA LEU M 5 -4.95 -17.46 -50.65
C LEU M 5 -5.38 -16.13 -50.04
N MET M 6 -6.41 -15.48 -50.58
CA MET M 6 -6.93 -14.26 -49.97
C MET M 6 -7.48 -14.54 -48.58
N ILE M 7 -8.02 -15.74 -48.36
CA ILE M 7 -8.47 -16.12 -47.03
C ILE M 7 -7.28 -16.15 -46.07
N VAL M 8 -6.16 -16.70 -46.52
CA VAL M 8 -4.93 -16.67 -45.73
C VAL M 8 -4.49 -15.23 -45.51
N VAL M 9 -4.61 -14.38 -46.53
CA VAL M 9 -4.24 -12.97 -46.40
C VAL M 9 -5.11 -12.30 -45.35
N ALA M 10 -6.42 -12.60 -45.36
CA ALA M 10 -7.31 -12.03 -44.35
C ALA M 10 -6.93 -12.49 -42.95
N ILE M 11 -6.53 -13.76 -42.81
CA ILE M 11 -6.13 -14.29 -41.51
C ILE M 11 -4.88 -13.58 -41.00
N ILE M 12 -3.91 -13.36 -41.88
CA ILE M 12 -2.65 -12.72 -41.47
C ILE M 12 -2.90 -11.31 -40.97
N GLY M 13 -3.72 -10.54 -41.70
CA GLY M 13 -4.01 -9.18 -41.28
C GLY M 13 -4.77 -9.13 -39.96
N ILE M 14 -5.71 -10.07 -39.77
CA ILE M 14 -6.48 -10.11 -38.53
C ILE M 14 -5.57 -10.40 -37.34
N LEU M 15 -4.70 -11.40 -37.47
CA LEU M 15 -3.86 -11.80 -36.36
C LEU M 15 -2.87 -10.70 -35.97
N ALA M 16 -2.27 -10.03 -36.95
CA ALA M 16 -1.24 -9.03 -36.67
C ALA M 16 -1.83 -7.76 -36.07
N ALA M 17 -3.13 -7.53 -36.19
CA ALA M 17 -3.77 -6.31 -35.72
C ALA M 17 -4.35 -6.47 -34.31
N ILE M 18 -3.82 -7.41 -33.52
CA ILE M 18 -4.32 -7.62 -32.17
C ILE M 18 -3.98 -6.42 -31.31
N ALA M 19 -4.89 -6.08 -30.39
CA ALA M 19 -4.73 -4.89 -29.56
C ALA M 19 -3.68 -5.13 -28.48
N ILE M 20 -2.77 -4.17 -28.33
CA ILE M 20 -1.75 -4.24 -27.28
C ILE M 20 -2.40 -3.87 -25.95
N PRO M 21 -2.23 -4.67 -24.91
CA PRO M 21 -2.85 -4.38 -23.62
C PRO M 21 -2.20 -3.26 -22.82
N GLN M 22 -1.34 -2.45 -23.45
CA GLN M 22 -0.68 -1.31 -22.81
C GLN M 22 0.15 -1.77 -21.60
N TYR M 23 1.20 -2.54 -21.93
CA TYR M 23 2.05 -3.12 -20.90
C TYR M 23 2.91 -2.09 -20.17
N GLN M 24 2.93 -0.84 -20.63
CA GLN M 24 3.67 0.19 -19.90
C GLN M 24 3.15 0.36 -18.48
N ASN M 25 1.83 0.29 -18.29
CA ASN M 25 1.25 0.37 -16.95
C ASN M 25 1.70 -0.79 -16.08
N TYR M 26 1.77 -2.00 -16.63
CA TYR M 26 2.19 -3.16 -15.86
C TYR M 26 3.66 -3.05 -15.45
N ILE M 27 4.52 -2.68 -16.40
CA ILE M 27 5.96 -2.64 -16.14
C ILE M 27 6.29 -1.52 -15.16
N ALA M 28 5.66 -0.36 -15.34
CA ALA M 28 5.98 0.79 -14.50
C ALA M 28 5.62 0.53 -13.04
N LYS M 29 4.47 -0.12 -12.80
CA LYS M 29 4.05 -0.40 -11.43
C LYS M 29 5.01 -1.36 -10.74
N SER M 30 5.49 -2.37 -11.48
CA SER M 30 6.40 -3.34 -10.89
C SER M 30 7.71 -2.68 -10.45
N GLN M 31 8.24 -1.77 -11.26
CA GLN M 31 9.47 -1.07 -10.91
C GLN M 31 9.28 -0.20 -9.67
N VAL M 32 8.14 0.49 -9.60
CA VAL M 32 7.84 1.31 -8.42
C VAL M 32 7.76 0.45 -7.18
N SER M 33 7.09 -0.71 -7.30
CA SER M 33 7.00 -1.62 -6.16
C SER M 33 8.38 -2.10 -5.72
N ARG M 34 9.30 -2.28 -6.67
CA ARG M 34 10.66 -2.69 -6.32
C ARG M 34 11.41 -1.60 -5.57
N VAL M 35 11.29 -0.36 -6.03
CA VAL M 35 12.07 0.73 -5.43
C VAL M 35 11.65 0.98 -4.00
N MET M 36 10.35 1.01 -3.73
CA MET M 36 9.87 1.24 -2.37
C MET M 36 10.27 0.10 -1.44
N SER M 37 10.45 -1.10 -1.98
CA SER M 37 10.88 -2.23 -1.15
C SER M 37 12.29 -2.03 -0.63
N GLU M 38 13.20 -1.56 -1.48
CA GLU M 38 14.58 -1.34 -1.06
C GLU M 38 14.66 -0.22 -0.04
N THR M 39 14.04 0.93 -0.35
CA THR M 39 14.02 2.03 0.61
C THR M 39 13.19 1.67 1.84
N GLY M 40 12.23 0.76 1.69
CA GLY M 40 11.51 0.26 2.84
C GLY M 40 12.40 -0.50 3.81
N SER M 41 13.30 -1.32 3.27
CA SER M 41 14.29 -1.99 4.11
C SER M 41 15.26 -0.99 4.73
N LEU M 42 15.40 0.19 4.14
CA LEU M 42 16.27 1.23 4.70
C LEU M 42 15.68 1.86 5.95
N LYS M 43 14.41 1.62 6.24
CA LYS M 43 13.79 2.19 7.43
C LYS M 43 14.40 1.63 8.71
N THR M 44 14.85 0.37 8.68
CA THR M 44 15.34 -0.27 9.90
C THR M 44 16.59 0.42 10.43
N VAL M 45 17.55 0.71 9.55
CA VAL M 45 18.82 1.28 10.00
C VAL M 45 18.65 2.73 10.45
N ILE M 46 17.84 3.51 9.73
CA ILE M 46 17.71 4.93 10.04
C ILE M 46 17.00 5.11 11.37
N GLU M 47 16.00 4.26 11.65
CA GLU M 47 15.21 4.40 12.87
C GLU M 47 16.09 4.24 14.12
N THR M 48 16.92 3.20 14.13
CA THR M 48 17.79 2.98 15.29
C THR M 48 18.83 4.08 15.43
N CYS M 49 19.37 4.56 14.32
CA CYS M 49 20.36 5.64 14.36
C CYS M 49 19.78 6.89 15.03
N ILE M 50 18.51 7.19 14.74
CA ILE M 50 17.82 8.28 15.43
C ILE M 50 17.65 7.94 16.91
N LEU M 51 17.24 6.71 17.21
CA LEU M 51 16.99 6.29 18.58
C LEU M 51 18.28 6.06 19.36
N ASP M 52 19.40 5.83 18.69
CA ASP M 52 20.68 5.67 19.38
C ASP M 52 21.36 7.00 19.66
N GLY M 53 21.12 8.01 18.83
CA GLY M 53 21.75 9.30 18.99
C GLY M 53 22.95 9.56 18.10
N LYS M 54 23.24 8.66 17.17
CA LYS M 54 24.36 8.87 16.27
C LYS M 54 24.03 9.96 15.25
N THR M 55 25.09 10.56 14.71
CA THR M 55 24.95 11.64 13.74
C THR M 55 24.74 11.07 12.34
N ALA M 56 24.54 11.97 11.37
CA ALA M 56 24.33 11.54 9.98
C ALA M 56 25.57 10.84 9.43
N ALA M 57 26.76 11.38 9.69
CA ALA M 57 27.98 10.75 9.19
C ALA M 57 28.34 9.52 10.01
N ASN M 58 27.76 9.36 11.19
CA ASN M 58 28.05 8.23 12.06
C ASN M 58 27.05 7.09 11.91
N CYS M 59 26.05 7.22 11.05
CA CYS M 59 25.05 6.17 10.85
C CYS M 59 25.52 5.28 9.70
N GLU M 60 25.68 3.99 9.98
CA GLU M 60 26.11 3.03 8.97
C GLU M 60 24.91 2.53 8.18
N LEU M 61 25.02 2.59 6.86
CA LEU M 61 23.98 2.13 5.95
C LEU M 61 24.51 0.96 5.13
N GLY M 62 23.81 -0.16 5.18
CA GLY M 62 24.18 -1.31 4.37
C GLY M 62 23.47 -1.32 3.03
N TRP M 63 23.52 -0.21 2.32
CA TRP M 63 22.79 -0.05 1.07
C TRP M 63 23.61 -0.59 -0.10
N THR M 64 22.92 -1.23 -1.04
CA THR M 64 23.52 -1.75 -2.26
C THR M 64 22.98 -0.97 -3.45
N ASN M 65 23.89 -0.57 -4.35
CA ASN M 65 23.49 0.22 -5.52
C ASN M 65 22.50 -0.56 -6.38
N SER M 66 21.43 0.12 -6.78
CA SER M 66 20.35 -0.50 -7.53
C SER M 66 20.35 0.02 -8.96
N ASN M 67 20.01 -0.87 -9.90
CA ASN M 67 19.95 -0.48 -11.31
C ASN M 67 18.87 0.54 -11.60
N LEU M 68 17.83 0.61 -10.77
CA LEU M 68 16.76 1.58 -10.95
C LEU M 68 17.05 2.91 -10.28
N LEU M 69 18.33 3.18 -9.98
CA LEU M 69 18.76 4.38 -9.27
C LEU M 69 18.08 4.51 -7.91
N GLY M 70 17.82 3.37 -7.28
CA GLY M 70 17.17 3.34 -5.98
C GLY M 70 15.68 3.60 -6.05
N THR N 1 -8.05 -19.42 -66.01
CA THR N 1 -7.03 -18.84 -66.88
C THR N 1 -5.65 -19.00 -66.26
N LEU N 2 -4.61 -18.82 -67.08
CA LEU N 2 -3.25 -18.92 -66.58
C LEU N 2 -2.90 -17.74 -65.69
N ILE N 3 -3.61 -16.61 -65.85
CA ILE N 3 -3.30 -15.41 -65.09
C ILE N 3 -3.67 -15.59 -63.62
N GLU N 4 -4.80 -16.26 -63.35
CA GLU N 4 -5.25 -16.43 -61.96
C GLU N 4 -4.28 -17.29 -61.15
N LEU N 5 -3.81 -18.39 -61.74
CA LEU N 5 -3.00 -19.35 -60.98
C LEU N 5 -1.61 -18.78 -60.65
N MET N 6 -0.97 -18.12 -61.61
CA MET N 6 0.36 -17.59 -61.37
C MET N 6 0.34 -16.48 -60.32
N ILE N 7 -0.73 -15.70 -60.29
CA ILE N 7 -0.88 -14.69 -59.24
C ILE N 7 -0.87 -15.36 -57.87
N VAL N 8 -1.52 -16.53 -57.76
CA VAL N 8 -1.39 -17.35 -56.57
C VAL N 8 0.06 -17.76 -56.36
N VAL N 9 0.76 -18.07 -57.46
CA VAL N 9 2.16 -18.48 -57.36
C VAL N 9 3.01 -17.35 -56.78
N ALA N 10 2.79 -16.12 -57.25
CA ALA N 10 3.59 -14.99 -56.76
C ALA N 10 3.35 -14.73 -55.28
N ILE N 11 2.08 -14.79 -54.85
CA ILE N 11 1.77 -14.50 -53.45
C ILE N 11 2.36 -15.56 -52.53
N ILE N 12 2.33 -16.83 -52.97
CA ILE N 12 2.95 -17.90 -52.18
C ILE N 12 4.43 -17.63 -52.01
N GLY N 13 5.10 -17.20 -53.08
CA GLY N 13 6.49 -16.79 -52.96
C GLY N 13 6.65 -15.57 -52.05
N ILE N 14 5.67 -14.67 -52.08
CA ILE N 14 5.71 -13.51 -51.20
C ILE N 14 5.60 -13.92 -49.74
N LEU N 15 4.61 -14.75 -49.42
CA LEU N 15 4.41 -15.17 -48.04
C LEU N 15 5.58 -16.02 -47.54
N ALA N 16 6.11 -16.90 -48.41
CA ALA N 16 7.24 -17.73 -48.01
C ALA N 16 8.52 -16.93 -47.82
N ALA N 17 8.54 -15.68 -48.26
CA ALA N 17 9.71 -14.82 -48.13
C ALA N 17 9.60 -13.84 -46.96
N ILE N 18 8.79 -14.19 -45.94
CA ILE N 18 8.66 -13.33 -44.78
C ILE N 18 9.95 -13.35 -43.97
N ALA N 19 10.38 -12.18 -43.52
CA ALA N 19 11.62 -12.08 -42.76
C ALA N 19 11.42 -12.61 -41.34
N ILE N 20 12.35 -13.43 -40.89
CA ILE N 20 12.35 -13.96 -39.52
C ILE N 20 13.10 -12.97 -38.64
N PRO N 21 12.44 -12.32 -37.67
CA PRO N 21 13.07 -11.26 -36.87
C PRO N 21 13.89 -11.76 -35.68
N GLN N 22 14.79 -12.71 -35.93
CA GLN N 22 15.83 -13.12 -34.99
C GLN N 22 15.23 -13.57 -33.65
N TYR N 23 14.50 -14.68 -33.73
CA TYR N 23 13.83 -15.24 -32.56
C TYR N 23 14.79 -15.85 -31.55
N GLN N 24 16.07 -16.02 -31.91
CA GLN N 24 17.04 -16.58 -30.98
C GLN N 24 17.21 -15.71 -29.74
N ASN N 25 17.10 -14.39 -29.90
CA ASN N 25 17.31 -13.48 -28.78
C ASN N 25 16.30 -13.71 -27.65
N TYR N 26 15.03 -13.91 -28.01
CA TYR N 26 13.98 -14.05 -27.00
C TYR N 26 14.17 -15.31 -26.17
N ILE N 27 14.53 -16.42 -26.82
CA ILE N 27 14.68 -17.69 -26.10
C ILE N 27 15.86 -17.63 -25.15
N ALA N 28 17.01 -17.12 -25.63
CA ALA N 28 18.21 -17.12 -24.81
C ALA N 28 18.06 -16.21 -23.60
N LYS N 29 17.44 -15.03 -23.78
CA LYS N 29 17.23 -14.13 -22.65
C LYS N 29 16.34 -14.79 -21.60
N SER N 30 15.28 -15.47 -22.04
CA SER N 30 14.43 -16.20 -21.10
C SER N 30 15.22 -17.31 -20.41
N GLN N 31 16.11 -17.98 -21.15
CA GLN N 31 16.97 -18.98 -20.54
C GLN N 31 17.91 -18.33 -19.52
N VAL N 32 18.49 -17.18 -19.86
CA VAL N 32 19.36 -16.47 -18.93
C VAL N 32 18.57 -15.93 -17.76
N SER N 33 17.38 -15.39 -18.03
CA SER N 33 16.56 -14.82 -16.95
C SER N 33 16.11 -15.91 -15.98
N ARG N 34 15.89 -17.13 -16.47
CA ARG N 34 15.56 -18.23 -15.57
C ARG N 34 16.76 -18.57 -14.69
N VAL N 35 17.97 -18.53 -15.25
CA VAL N 35 19.17 -18.82 -14.48
C VAL N 35 19.38 -17.75 -13.40
N MET N 36 18.89 -16.54 -13.65
CA MET N 36 18.93 -15.49 -12.63
C MET N 36 18.30 -15.96 -11.34
N SER N 37 17.10 -16.55 -11.42
CA SER N 37 16.38 -16.98 -10.23
C SER N 37 17.03 -18.22 -9.62
N GLU N 38 17.42 -19.19 -10.44
CA GLU N 38 17.97 -20.44 -9.91
C GLU N 38 19.30 -20.19 -9.22
N THR N 39 20.19 -19.41 -9.85
CA THR N 39 21.46 -19.10 -9.20
C THR N 39 21.28 -18.11 -8.06
N GLY N 40 20.35 -17.16 -8.21
CA GLY N 40 20.10 -16.21 -7.14
C GLY N 40 19.39 -16.81 -5.94
N SER N 41 18.68 -17.93 -6.12
CA SER N 41 17.99 -18.56 -5.01
C SER N 41 18.97 -19.16 -4.00
N LEU N 42 20.21 -19.40 -4.39
CA LEU N 42 21.21 -19.96 -3.49
C LEU N 42 21.87 -18.89 -2.61
N LYS N 43 21.64 -17.61 -2.91
CA LYS N 43 22.26 -16.55 -2.12
C LYS N 43 21.81 -16.61 -0.67
N THR N 44 20.52 -16.87 -0.44
CA THR N 44 20.00 -16.96 0.92
C THR N 44 20.67 -18.07 1.70
N VAL N 45 20.88 -19.23 1.06
CA VAL N 45 21.58 -20.33 1.71
C VAL N 45 23.04 -19.94 1.94
N ILE N 46 23.66 -19.27 0.97
CA ILE N 46 25.06 -18.89 1.10
C ILE N 46 25.24 -17.87 2.21
N GLU N 47 24.38 -16.86 2.27
CA GLU N 47 24.55 -15.81 3.28
C GLU N 47 24.30 -16.36 4.69
N THR N 48 23.33 -17.26 4.83
CA THR N 48 23.03 -17.84 6.14
C THR N 48 24.21 -18.64 6.66
N CYS N 49 24.81 -19.47 5.80
CA CYS N 49 25.94 -20.28 6.22
C CYS N 49 27.15 -19.42 6.58
N ILE N 50 27.39 -18.37 5.80
CA ILE N 50 28.52 -17.48 6.07
C ILE N 50 28.33 -16.80 7.42
N LEU N 51 27.13 -16.30 7.68
CA LEU N 51 26.87 -15.61 8.95
C LEU N 51 26.82 -16.58 10.13
N ASP N 52 26.28 -17.78 9.93
CA ASP N 52 26.23 -18.76 11.01
C ASP N 52 27.62 -19.28 11.36
N GLY N 53 28.55 -19.21 10.42
CA GLY N 53 29.90 -19.69 10.64
C GLY N 53 30.16 -21.12 10.24
N LYS N 54 29.21 -21.77 9.57
CA LYS N 54 29.37 -23.15 9.16
C LYS N 54 30.38 -23.25 8.02
N THR N 55 30.98 -24.42 7.90
CA THR N 55 32.00 -24.67 6.88
C THR N 55 31.35 -24.95 5.52
N ALA N 56 32.18 -25.11 4.50
CA ALA N 56 31.66 -25.44 3.17
C ALA N 56 30.96 -26.79 3.16
N ALA N 57 31.54 -27.79 3.83
CA ALA N 57 30.93 -29.10 3.90
C ALA N 57 29.74 -29.14 4.85
N ASN N 58 29.72 -28.27 5.85
CA ASN N 58 28.63 -28.24 6.82
C ASN N 58 27.44 -27.41 6.37
N CYS N 59 27.55 -26.72 5.24
CA CYS N 59 26.46 -25.93 4.69
C CYS N 59 25.61 -26.81 3.78
N GLU N 60 24.33 -26.90 4.09
CA GLU N 60 23.41 -27.74 3.32
C GLU N 60 22.66 -26.87 2.33
N LEU N 61 22.74 -27.21 1.05
CA LEU N 61 22.08 -26.47 -0.01
C LEU N 61 20.87 -27.26 -0.52
N GLY N 62 19.72 -26.60 -0.56
CA GLY N 62 18.53 -27.23 -1.10
C GLY N 62 18.48 -27.13 -2.61
N TRP N 63 19.57 -27.53 -3.27
CA TRP N 63 19.70 -27.37 -4.71
C TRP N 63 19.01 -28.53 -5.43
N THR N 64 18.15 -28.20 -6.38
CA THR N 64 17.46 -29.18 -7.21
C THR N 64 18.03 -29.13 -8.61
N ASN N 65 18.23 -30.31 -9.20
CA ASN N 65 18.87 -30.39 -10.52
C ASN N 65 18.08 -29.60 -11.55
N SER N 66 18.79 -28.77 -12.31
CA SER N 66 18.19 -27.91 -13.32
C SER N 66 18.59 -28.40 -14.71
N ASN N 67 17.61 -28.45 -15.62
CA ASN N 67 17.87 -28.93 -16.98
C ASN N 67 18.76 -27.99 -17.77
N LEU N 68 18.94 -26.75 -17.33
CA LEU N 68 19.81 -25.79 -17.99
C LEU N 68 21.22 -25.79 -17.42
N LEU N 69 21.50 -26.66 -16.44
CA LEU N 69 22.81 -26.79 -15.80
C LEU N 69 23.28 -25.50 -15.16
N GLY N 70 22.37 -24.60 -14.81
CA GLY N 70 22.74 -23.33 -14.21
C GLY N 70 23.24 -23.46 -12.77
N THR O 1 -6.25 -23.15 -78.35
CA THR O 1 -5.47 -22.76 -77.17
C THR O 1 -5.43 -23.90 -76.15
N LEU O 2 -5.16 -25.11 -76.63
CA LEU O 2 -5.13 -26.27 -75.74
C LEU O 2 -3.97 -26.22 -74.75
N ILE O 3 -2.80 -25.75 -75.20
CA ILE O 3 -1.61 -25.81 -74.36
C ILE O 3 -1.72 -24.85 -73.18
N GLU O 4 -2.57 -23.83 -73.31
CA GLU O 4 -2.73 -22.87 -72.21
C GLU O 4 -3.48 -23.48 -71.04
N LEU O 5 -4.58 -24.20 -71.33
CA LEU O 5 -5.36 -24.81 -70.25
C LEU O 5 -4.61 -25.97 -69.62
N MET O 6 -3.76 -26.66 -70.41
CA MET O 6 -2.97 -27.75 -69.87
C MET O 6 -2.00 -27.27 -68.81
N ILE O 7 -1.38 -26.10 -69.02
CA ILE O 7 -0.43 -25.57 -68.04
C ILE O 7 -1.15 -25.29 -66.72
N VAL O 8 -2.37 -24.75 -66.80
CA VAL O 8 -3.17 -24.54 -65.59
C VAL O 8 -3.47 -25.87 -64.91
N VAL O 9 -3.81 -26.89 -65.68
CA VAL O 9 -4.07 -28.21 -65.12
C VAL O 9 -2.83 -28.76 -64.43
N ALA O 10 -1.67 -28.60 -65.07
CA ALA O 10 -0.41 -29.04 -64.46
C ALA O 10 -0.10 -28.23 -63.20
N ILE O 11 -0.38 -26.92 -63.24
CA ILE O 11 -0.14 -26.08 -62.06
C ILE O 11 -1.04 -26.51 -60.90
N ILE O 12 -2.32 -26.75 -61.19
CA ILE O 12 -3.26 -27.12 -60.14
C ILE O 12 -2.85 -28.44 -59.48
N GLY O 13 -2.46 -29.42 -60.29
CA GLY O 13 -2.00 -30.68 -59.73
C GLY O 13 -0.75 -30.53 -58.88
N ILE O 14 0.19 -29.71 -59.34
CA ILE O 14 1.41 -29.47 -58.56
C ILE O 14 1.09 -28.68 -57.29
N LEU O 15 0.24 -27.65 -57.42
CA LEU O 15 -0.12 -26.85 -56.27
C LEU O 15 -0.84 -27.67 -55.20
N ALA O 16 -1.77 -28.53 -55.62
CA ALA O 16 -2.50 -29.34 -54.66
C ALA O 16 -1.63 -30.43 -54.03
N ALA O 17 -0.54 -30.82 -54.68
CA ALA O 17 0.33 -31.87 -54.18
C ALA O 17 1.45 -31.33 -53.30
N ILE O 18 1.25 -30.17 -52.66
CA ILE O 18 2.26 -29.62 -51.77
C ILE O 18 2.38 -30.51 -50.53
N ALA O 19 3.61 -30.70 -50.07
CA ALA O 19 3.86 -31.55 -48.91
C ALA O 19 3.37 -30.86 -47.64
N ILE O 20 2.63 -31.59 -46.82
CA ILE O 20 2.08 -31.07 -45.57
C ILE O 20 2.95 -31.58 -44.42
N PRO O 21 3.63 -30.70 -43.69
CA PRO O 21 4.42 -31.16 -42.54
C PRO O 21 3.51 -31.68 -41.44
N GLN O 22 4.09 -32.53 -40.59
CA GLN O 22 3.33 -33.15 -39.52
C GLN O 22 2.99 -32.13 -38.43
N TYR O 23 1.86 -31.45 -38.60
CA TYR O 23 1.43 -30.42 -37.65
C TYR O 23 0.98 -31.00 -36.33
N GLN O 24 0.77 -32.31 -36.24
CA GLN O 24 0.36 -32.92 -34.98
C GLN O 24 1.43 -32.75 -33.91
N ASN O 25 2.71 -32.69 -34.31
CA ASN O 25 3.78 -32.49 -33.34
C ASN O 25 3.64 -31.14 -32.64
N TYR O 26 3.30 -30.09 -33.39
CA TYR O 26 3.14 -28.76 -32.80
C TYR O 26 1.96 -28.75 -31.81
N ILE O 27 0.84 -29.35 -32.20
CA ILE O 27 -0.35 -29.32 -31.36
C ILE O 27 -0.17 -30.19 -30.13
N ALA O 28 0.37 -31.40 -30.31
CA ALA O 28 0.56 -32.30 -29.17
C ALA O 28 1.54 -31.72 -28.16
N LYS O 29 2.63 -31.11 -28.64
CA LYS O 29 3.57 -30.47 -27.73
C LYS O 29 2.94 -29.28 -27.03
N SER O 30 2.12 -28.51 -27.75
CA SER O 30 1.47 -27.35 -27.14
C SER O 30 0.52 -27.77 -26.02
N GLN O 31 -0.21 -28.87 -26.22
CA GLN O 31 -1.10 -29.37 -25.18
C GLN O 31 -0.31 -29.78 -23.93
N VAL O 32 0.83 -30.43 -24.12
CA VAL O 32 1.62 -30.90 -22.98
C VAL O 32 2.21 -29.72 -22.22
N SER O 33 2.67 -28.69 -22.93
CA SER O 33 3.28 -27.54 -22.27
C SER O 33 2.28 -26.83 -21.36
N ARG O 34 1.04 -26.69 -21.80
CA ARG O 34 0.03 -26.02 -20.98
C ARG O 34 -0.32 -26.84 -19.75
N VAL O 35 -0.33 -28.17 -19.88
CA VAL O 35 -0.74 -29.02 -18.77
C VAL O 35 0.22 -28.90 -17.60
N MET O 36 1.53 -28.91 -17.88
CA MET O 36 2.51 -28.83 -16.81
C MET O 36 2.44 -27.49 -16.09
N SER O 37 2.08 -26.43 -16.84
CA SER O 37 1.88 -25.12 -16.21
C SER O 37 0.71 -25.17 -15.22
N GLU O 38 -0.38 -25.82 -15.60
CA GLU O 38 -1.54 -25.90 -14.71
C GLU O 38 -1.27 -26.84 -13.54
N THR O 39 -0.71 -28.02 -13.80
CA THR O 39 -0.40 -28.94 -12.72
C THR O 39 0.73 -28.44 -11.85
N GLY O 40 1.71 -27.73 -12.45
CA GLY O 40 2.77 -27.14 -11.67
C GLY O 40 2.32 -25.99 -10.81
N SER O 41 1.18 -25.38 -11.12
CA SER O 41 0.64 -24.31 -10.28
C SER O 41 0.16 -24.84 -8.93
N LEU O 42 -0.24 -26.11 -8.87
CA LEU O 42 -0.71 -26.70 -7.62
C LEU O 42 0.43 -27.25 -6.77
N LYS O 43 1.68 -27.22 -7.27
CA LYS O 43 2.81 -27.71 -6.49
C LYS O 43 3.00 -26.90 -5.22
N THR O 44 2.86 -25.58 -5.31
CA THR O 44 3.00 -24.73 -4.13
C THR O 44 1.93 -25.06 -3.10
N VAL O 45 0.69 -25.27 -3.56
CA VAL O 45 -0.41 -25.57 -2.63
C VAL O 45 -0.15 -26.90 -1.92
N ILE O 46 0.34 -27.90 -2.66
CA ILE O 46 0.70 -29.17 -2.04
C ILE O 46 1.84 -28.98 -1.05
N GLU O 47 2.87 -28.21 -1.45
CA GLU O 47 4.00 -27.96 -0.55
C GLU O 47 3.56 -27.20 0.69
N THR O 48 2.71 -26.19 0.52
CA THR O 48 2.20 -25.44 1.67
C THR O 48 1.41 -26.35 2.60
N CYS O 49 0.56 -27.21 2.04
CA CYS O 49 -0.24 -28.11 2.86
C CYS O 49 0.62 -29.14 3.58
N ILE O 50 1.65 -29.65 2.89
CA ILE O 50 2.54 -30.64 3.52
C ILE O 50 3.34 -29.99 4.65
N LEU O 51 3.95 -28.84 4.38
CA LEU O 51 4.76 -28.17 5.38
C LEU O 51 3.93 -27.67 6.55
N ASP O 52 2.68 -27.28 6.31
CA ASP O 52 1.79 -26.87 7.41
C ASP O 52 1.34 -28.05 8.25
N GLY O 53 1.44 -29.27 7.73
CA GLY O 53 0.99 -30.44 8.45
C GLY O 53 -0.48 -30.74 8.32
N LYS O 54 -1.19 -30.06 7.42
CA LYS O 54 -2.61 -30.30 7.24
C LYS O 54 -2.86 -31.67 6.60
N THR O 55 -4.07 -32.18 6.81
CA THR O 55 -4.46 -33.47 6.28
C THR O 55 -4.86 -33.35 4.81
N ALA O 56 -5.16 -34.51 4.20
CA ALA O 56 -5.53 -34.51 2.78
C ALA O 56 -6.84 -33.78 2.54
N ALA O 57 -7.84 -34.02 3.39
CA ALA O 57 -9.14 -33.38 3.21
C ALA O 57 -9.12 -31.91 3.62
N ASN O 58 -8.13 -31.49 4.41
CA ASN O 58 -8.04 -30.12 4.88
C ASN O 58 -7.32 -29.20 3.91
N CYS O 59 -6.73 -29.73 2.85
CA CYS O 59 -5.98 -28.94 1.88
C CYS O 59 -6.95 -28.44 0.82
N GLU O 60 -7.35 -27.17 0.92
CA GLU O 60 -8.31 -26.59 0.00
C GLU O 60 -7.58 -26.15 -1.26
N LEU O 61 -7.82 -26.86 -2.37
CA LEU O 61 -7.15 -26.56 -3.62
C LEU O 61 -7.82 -25.40 -4.34
N GLY O 62 -7.01 -24.55 -4.95
CA GLY O 62 -7.52 -23.45 -5.75
C GLY O 62 -7.71 -23.85 -7.19
N TRP O 63 -7.60 -25.14 -7.47
CA TRP O 63 -7.73 -25.65 -8.83
C TRP O 63 -9.14 -25.42 -9.35
N THR O 64 -9.24 -25.05 -10.62
CA THR O 64 -10.50 -24.86 -11.30
C THR O 64 -10.60 -25.80 -12.49
N ASN O 65 -11.82 -26.20 -12.82
CA ASN O 65 -12.04 -27.06 -13.97
C ASN O 65 -11.66 -26.31 -15.25
N SER O 66 -10.93 -27.00 -16.12
CA SER O 66 -10.46 -26.41 -17.38
C SER O 66 -10.69 -27.40 -18.51
N ASN O 67 -10.43 -26.93 -19.73
CA ASN O 67 -10.49 -27.81 -20.89
C ASN O 67 -9.35 -28.84 -20.83
N LEU O 68 -9.30 -29.70 -21.83
CA LEU O 68 -8.44 -30.91 -21.81
C LEU O 68 -8.92 -31.76 -20.63
N LEU O 69 -8.02 -32.46 -19.93
CA LEU O 69 -8.38 -33.13 -18.69
C LEU O 69 -7.28 -32.99 -17.65
N GLY O 70 -6.46 -31.96 -17.75
CA GLY O 70 -5.38 -31.74 -16.81
C GLY O 70 -4.16 -32.60 -17.09
N THR P 1 -8.76 -27.15 -85.24
CA THR P 1 -10.00 -27.89 -85.49
C THR P 1 -11.09 -27.48 -84.51
N LEU P 2 -12.33 -27.87 -84.83
CA LEU P 2 -13.47 -27.46 -84.01
C LEU P 2 -13.57 -28.29 -82.73
N ILE P 3 -13.24 -29.59 -82.80
CA ILE P 3 -13.40 -30.45 -81.63
C ILE P 3 -12.45 -30.05 -80.51
N GLU P 4 -11.29 -29.48 -80.87
CA GLU P 4 -10.30 -29.11 -79.86
C GLU P 4 -10.84 -28.02 -78.94
N LEU P 5 -11.55 -27.04 -79.50
CA LEU P 5 -12.02 -25.91 -78.70
C LEU P 5 -13.12 -26.33 -77.74
N MET P 6 -14.01 -27.24 -78.16
CA MET P 6 -15.01 -27.76 -77.24
C MET P 6 -14.36 -28.47 -76.07
N ILE P 7 -13.26 -29.19 -76.31
CA ILE P 7 -12.49 -29.77 -75.23
C ILE P 7 -11.91 -28.68 -74.34
N VAL P 8 -11.38 -27.61 -74.95
CA VAL P 8 -10.84 -26.50 -74.19
C VAL P 8 -11.93 -25.80 -73.39
N VAL P 9 -13.08 -25.55 -74.02
CA VAL P 9 -14.17 -24.84 -73.34
C VAL P 9 -14.76 -25.72 -72.24
N ALA P 10 -14.85 -27.03 -72.47
CA ALA P 10 -15.36 -27.94 -71.45
C ALA P 10 -14.47 -27.94 -70.22
N ILE P 11 -13.15 -27.90 -70.43
CA ILE P 11 -12.22 -27.85 -69.30
C ILE P 11 -12.42 -26.56 -68.49
N ILE P 12 -12.54 -25.43 -69.19
CA ILE P 12 -12.73 -24.15 -68.49
C ILE P 12 -14.03 -24.18 -67.69
N GLY P 13 -15.11 -24.69 -68.29
CA GLY P 13 -16.37 -24.79 -67.58
C GLY P 13 -16.28 -25.68 -66.35
N ILE P 14 -15.60 -26.82 -66.49
CA ILE P 14 -15.44 -27.73 -65.36
C ILE P 14 -14.52 -27.11 -64.31
N LEU P 15 -13.42 -26.51 -64.76
CA LEU P 15 -12.43 -25.96 -63.82
C LEU P 15 -13.02 -24.80 -63.02
N ALA P 16 -13.66 -23.85 -63.69
CA ALA P 16 -14.17 -22.67 -62.99
C ALA P 16 -15.41 -22.98 -62.16
N ALA P 17 -16.05 -24.13 -62.38
CA ALA P 17 -17.18 -24.57 -61.57
C ALA P 17 -16.73 -25.40 -60.37
N ILE P 18 -15.49 -25.21 -59.90
CA ILE P 18 -14.98 -26.00 -58.79
C ILE P 18 -15.76 -25.66 -57.52
N ALA P 19 -16.05 -26.68 -56.72
CA ALA P 19 -16.79 -26.49 -55.49
C ALA P 19 -16.00 -25.62 -54.53
N ILE P 20 -16.68 -24.66 -53.90
CA ILE P 20 -16.04 -23.71 -53.00
C ILE P 20 -16.29 -24.18 -51.56
N PRO P 21 -15.27 -24.58 -50.81
CA PRO P 21 -15.46 -24.91 -49.41
C PRO P 21 -15.83 -23.67 -48.60
N GLN P 22 -16.52 -23.89 -47.50
CA GLN P 22 -17.01 -22.78 -46.69
C GLN P 22 -15.87 -22.11 -45.91
N TYR P 23 -15.21 -21.15 -46.54
CA TYR P 23 -14.16 -20.37 -45.88
C TYR P 23 -14.72 -19.43 -44.82
N GLN P 24 -16.04 -19.24 -44.79
CA GLN P 24 -16.63 -18.32 -43.83
C GLN P 24 -16.45 -18.81 -42.40
N ASN P 25 -16.35 -20.13 -42.20
CA ASN P 25 -16.19 -20.67 -40.86
C ASN P 25 -14.81 -20.37 -40.30
N TYR P 26 -13.76 -20.46 -41.12
CA TYR P 26 -12.39 -20.30 -40.63
C TYR P 26 -12.14 -18.88 -40.15
N ILE P 27 -12.68 -17.89 -40.86
CA ILE P 27 -12.47 -16.50 -40.47
C ILE P 27 -13.09 -16.23 -39.10
N ALA P 28 -14.29 -16.77 -38.86
CA ALA P 28 -14.95 -16.56 -37.58
C ALA P 28 -14.13 -17.14 -36.43
N LYS P 29 -13.57 -18.33 -36.62
CA LYS P 29 -12.73 -18.93 -35.58
C LYS P 29 -11.51 -18.06 -35.30
N SER P 30 -10.92 -17.49 -36.35
CA SER P 30 -9.81 -16.55 -36.15
C SER P 30 -10.29 -15.29 -35.43
N GLN P 31 -11.47 -14.78 -35.79
CA GLN P 31 -11.97 -13.57 -35.16
C GLN P 31 -12.36 -13.83 -33.70
N VAL P 32 -13.01 -14.95 -33.42
CA VAL P 32 -13.41 -15.26 -32.05
C VAL P 32 -12.19 -15.49 -31.18
N SER P 33 -11.20 -16.24 -31.68
CA SER P 33 -10.01 -16.51 -30.90
C SER P 33 -9.18 -15.24 -30.69
N ARG P 34 -9.19 -14.33 -31.66
CA ARG P 34 -8.49 -13.06 -31.48
C ARG P 34 -9.14 -12.22 -30.40
N VAL P 35 -10.46 -12.11 -30.41
CA VAL P 35 -11.18 -11.42 -29.33
C VAL P 35 -10.99 -12.18 -28.02
N MET P 36 -10.83 -13.50 -28.10
CA MET P 36 -10.61 -14.30 -26.91
C MET P 36 -9.36 -13.84 -26.16
N SER P 37 -8.28 -13.61 -26.89
CA SER P 37 -7.06 -13.08 -26.27
C SER P 37 -7.25 -11.64 -25.82
N GLU P 38 -7.94 -10.83 -26.63
CA GLU P 38 -8.14 -9.43 -26.30
C GLU P 38 -8.95 -9.27 -25.02
N THR P 39 -10.03 -10.05 -24.88
CA THR P 39 -10.82 -10.01 -23.66
C THR P 39 -10.14 -10.76 -22.52
N GLY P 40 -9.44 -11.84 -22.83
CA GLY P 40 -8.76 -12.61 -21.80
C GLY P 40 -7.56 -11.91 -21.19
N SER P 41 -6.92 -11.01 -21.93
CA SER P 41 -5.81 -10.25 -21.39
C SER P 41 -6.25 -9.26 -20.33
N LEU P 42 -7.53 -8.87 -20.33
CA LEU P 42 -8.07 -7.96 -19.33
C LEU P 42 -8.39 -8.65 -18.01
N LYS P 43 -8.29 -9.98 -17.95
CA LYS P 43 -8.56 -10.68 -16.70
C LYS P 43 -7.52 -10.33 -15.64
N THR P 44 -6.28 -10.05 -16.06
CA THR P 44 -5.22 -9.77 -15.10
C THR P 44 -5.49 -8.47 -14.34
N VAL P 45 -5.80 -7.40 -15.06
CA VAL P 45 -6.05 -6.11 -14.41
C VAL P 45 -7.35 -6.16 -13.62
N ILE P 46 -8.36 -6.86 -14.13
CA ILE P 46 -9.64 -6.96 -13.42
C ILE P 46 -9.46 -7.72 -12.11
N GLU P 47 -8.74 -8.85 -12.15
CA GLU P 47 -8.54 -9.64 -10.94
C GLU P 47 -7.73 -8.87 -9.90
N THR P 48 -6.69 -8.17 -10.34
CA THR P 48 -5.85 -7.42 -9.39
C THR P 48 -6.64 -6.29 -8.73
N CYS P 49 -7.46 -5.56 -9.52
CA CYS P 49 -8.25 -4.48 -8.95
C CYS P 49 -9.25 -4.98 -7.92
N ILE P 50 -9.89 -6.13 -8.21
CA ILE P 50 -10.88 -6.68 -7.29
C ILE P 50 -10.22 -7.06 -5.97
N LEU P 51 -9.07 -7.73 -6.03
CA LEU P 51 -8.36 -8.10 -4.81
C LEU P 51 -7.74 -6.89 -4.13
N ASP P 52 -7.39 -5.85 -4.88
CA ASP P 52 -6.83 -4.65 -4.27
C ASP P 52 -7.87 -3.86 -3.50
N GLY P 53 -9.15 -3.98 -3.88
CA GLY P 53 -10.22 -3.26 -3.24
C GLY P 53 -10.65 -1.97 -3.91
N LYS P 54 -10.12 -1.69 -5.09
CA LYS P 54 -10.48 -0.46 -5.80
C LYS P 54 -11.90 -0.55 -6.35
N THR P 55 -12.52 0.61 -6.52
CA THR P 55 -13.87 0.67 -7.04
C THR P 55 -13.86 0.53 -8.56
N ALA P 56 -15.05 0.58 -9.16
CA ALA P 56 -15.16 0.43 -10.61
C ALA P 56 -14.46 1.57 -11.34
N ALA P 57 -14.65 2.80 -10.86
CA ALA P 57 -14.00 3.94 -11.50
C ALA P 57 -12.56 4.11 -11.06
N ASN P 58 -12.13 3.41 -10.01
CA ASN P 58 -10.77 3.51 -9.52
C ASN P 58 -9.81 2.53 -10.19
N CYS P 59 -10.32 1.63 -11.03
CA CYS P 59 -9.48 0.67 -11.73
C CYS P 59 -9.20 1.19 -13.14
N GLU P 60 -7.92 1.36 -13.45
CA GLU P 60 -7.51 1.85 -14.77
C GLU P 60 -7.19 0.66 -15.66
N LEU P 61 -7.78 0.63 -16.85
CA LEU P 61 -7.54 -0.45 -17.80
C LEU P 61 -6.59 0.01 -18.89
N GLY P 62 -5.75 -0.90 -19.35
CA GLY P 62 -4.87 -0.64 -20.46
C GLY P 62 -5.51 -0.98 -21.78
N TRP P 63 -6.83 -0.78 -21.87
CA TRP P 63 -7.58 -1.12 -23.06
C TRP P 63 -7.43 0.00 -24.10
N THR P 64 -7.08 -0.37 -25.32
CA THR P 64 -6.89 0.57 -26.42
C THR P 64 -7.95 0.35 -27.48
N ASN P 65 -8.03 1.27 -28.43
CA ASN P 65 -8.95 1.14 -29.54
C ASN P 65 -8.59 -0.09 -30.38
N SER P 66 -9.55 -0.98 -30.56
CA SER P 66 -9.34 -2.24 -31.26
C SER P 66 -10.50 -2.50 -32.19
N ASN P 67 -10.22 -3.12 -33.33
CA ASN P 67 -11.28 -3.50 -34.25
C ASN P 67 -12.07 -4.68 -33.69
N LEU P 68 -13.07 -5.11 -34.46
CA LEU P 68 -14.08 -6.10 -34.06
C LEU P 68 -14.88 -5.66 -32.85
N LEU P 69 -14.76 -4.40 -32.43
CA LEU P 69 -15.51 -3.84 -31.31
C LEU P 69 -15.27 -4.62 -30.02
N GLY P 70 -14.09 -5.19 -29.86
CA GLY P 70 -13.76 -5.96 -28.68
C GLY P 70 -14.54 -7.26 -28.55
N THR Q 1 -15.67 -27.50 -94.00
CA THR Q 1 -16.37 -26.34 -94.54
C THR Q 1 -15.78 -25.04 -94.00
N LEU Q 2 -15.89 -23.97 -94.80
CA LEU Q 2 -15.38 -22.67 -94.38
C LEU Q 2 -16.11 -22.14 -93.16
N ILE Q 3 -17.40 -22.45 -93.03
CA ILE Q 3 -18.17 -21.97 -91.88
C ILE Q 3 -17.66 -22.60 -90.59
N GLU Q 4 -17.21 -23.86 -90.66
CA GLU Q 4 -16.63 -24.49 -89.48
C GLU Q 4 -15.33 -23.81 -89.06
N LEU Q 5 -14.50 -23.42 -90.04
CA LEU Q 5 -13.27 -22.72 -89.71
C LEU Q 5 -13.54 -21.34 -89.12
N MET Q 6 -14.53 -20.65 -89.67
CA MET Q 6 -14.92 -19.34 -89.14
C MET Q 6 -15.45 -19.41 -87.72
N ILE Q 7 -16.26 -20.44 -87.41
CA ILE Q 7 -16.82 -20.55 -86.07
C ILE Q 7 -15.71 -20.80 -85.04
N VAL Q 8 -14.60 -21.39 -85.48
CA VAL Q 8 -13.44 -21.55 -84.61
C VAL Q 8 -12.79 -20.20 -84.35
N VAL Q 9 -12.65 -19.38 -85.38
CA VAL Q 9 -12.01 -18.08 -85.25
C VAL Q 9 -12.78 -17.19 -84.27
N ALA Q 10 -14.12 -17.19 -84.40
CA ALA Q 10 -14.94 -16.42 -83.48
C ALA Q 10 -14.81 -16.93 -82.06
N ILE Q 11 -14.72 -18.25 -81.89
CA ILE Q 11 -14.49 -18.81 -80.56
C ILE Q 11 -13.14 -18.36 -80.01
N ILE Q 12 -12.11 -18.36 -80.86
CA ILE Q 12 -10.80 -17.83 -80.46
C ILE Q 12 -10.91 -16.35 -80.11
N GLY Q 13 -11.63 -15.59 -80.93
CA GLY Q 13 -11.81 -14.17 -80.63
C GLY Q 13 -12.59 -13.95 -79.34
N ILE Q 14 -13.63 -14.75 -79.11
CA ILE Q 14 -14.40 -14.62 -77.89
C ILE Q 14 -13.58 -15.06 -76.68
N LEU Q 15 -12.91 -16.22 -76.78
CA LEU Q 15 -12.16 -16.74 -75.64
C LEU Q 15 -10.99 -15.84 -75.26
N ALA Q 16 -10.26 -15.33 -76.26
CA ALA Q 16 -9.09 -14.51 -75.97
C ALA Q 16 -9.45 -13.14 -75.42
N ALA Q 17 -10.70 -12.70 -75.61
CA ALA Q 17 -11.16 -11.41 -75.09
C ALA Q 17 -11.77 -11.52 -73.69
N ILE Q 18 -11.35 -12.52 -72.92
CA ILE Q 18 -11.90 -12.72 -71.58
C ILE Q 18 -11.52 -11.54 -70.70
N ALA Q 19 -12.51 -11.02 -69.96
CA ALA Q 19 -12.26 -9.89 -69.07
C ALA Q 19 -11.30 -10.30 -67.97
N ILE Q 20 -10.18 -9.59 -67.88
CA ILE Q 20 -9.15 -9.87 -66.89
C ILE Q 20 -9.39 -8.98 -65.69
N PRO Q 21 -9.73 -9.52 -64.52
CA PRO Q 21 -9.93 -8.69 -63.34
C PRO Q 21 -8.61 -8.07 -62.88
N GLN Q 22 -8.73 -6.94 -62.18
CA GLN Q 22 -7.56 -6.20 -61.74
C GLN Q 22 -6.87 -6.92 -60.60
N TYR Q 23 -5.93 -7.81 -60.94
CA TYR Q 23 -5.21 -8.59 -59.94
C TYR Q 23 -4.21 -7.75 -59.16
N GLN Q 24 -4.01 -6.49 -59.54
CA GLN Q 24 -3.13 -5.60 -58.80
C GLN Q 24 -3.58 -5.43 -57.36
N ASN Q 25 -4.89 -5.47 -57.11
CA ASN Q 25 -5.41 -5.27 -55.76
C ASN Q 25 -4.93 -6.38 -54.82
N TYR Q 26 -5.01 -7.63 -55.27
CA TYR Q 26 -4.65 -8.76 -54.40
C TYR Q 26 -3.16 -8.76 -54.09
N ILE Q 27 -2.32 -8.50 -55.11
CA ILE Q 27 -0.88 -8.50 -54.90
C ILE Q 27 -0.47 -7.38 -53.96
N ALA Q 28 -1.01 -6.17 -54.17
CA ALA Q 28 -0.68 -5.06 -53.30
C ALA Q 28 -1.17 -5.29 -51.88
N LYS Q 29 -2.39 -5.80 -51.73
CA LYS Q 29 -2.90 -6.10 -50.39
C LYS Q 29 -2.06 -7.19 -49.72
N SER Q 30 -1.65 -8.21 -50.48
CA SER Q 30 -0.80 -9.25 -49.93
C SER Q 30 0.55 -8.68 -49.48
N GLN Q 31 1.14 -7.80 -50.30
CA GLN Q 31 2.40 -7.17 -49.90
C GLN Q 31 2.22 -6.30 -48.67
N VAL Q 32 1.13 -5.52 -48.64
CA VAL Q 32 0.87 -4.67 -47.47
C VAL Q 32 0.65 -5.52 -46.23
N SER Q 33 -0.12 -6.61 -46.36
CA SER Q 33 -0.36 -7.48 -45.23
C SER Q 33 0.94 -8.12 -44.72
N ARG Q 34 1.80 -8.55 -45.64
CA ARG Q 34 3.07 -9.15 -45.24
C ARG Q 34 3.95 -8.15 -44.51
N VAL Q 35 3.97 -6.91 -44.97
CA VAL Q 35 4.75 -5.87 -44.30
C VAL Q 35 4.24 -5.65 -42.88
N MET Q 36 2.93 -5.83 -42.68
CA MET Q 36 2.35 -5.61 -41.36
C MET Q 36 2.92 -6.59 -40.33
N SER Q 37 3.05 -7.86 -40.72
CA SER Q 37 3.58 -8.86 -39.80
C SER Q 37 5.02 -8.55 -39.42
N GLU Q 38 5.84 -8.12 -40.40
CA GLU Q 38 7.23 -7.79 -40.11
C GLU Q 38 7.34 -6.50 -39.32
N THR Q 39 6.64 -5.45 -39.76
CA THR Q 39 6.67 -4.18 -39.04
C THR Q 39 6.02 -4.29 -37.67
N GLY Q 40 4.92 -5.05 -37.57
CA GLY Q 40 4.30 -5.28 -36.28
C GLY Q 40 5.12 -6.15 -35.37
N SER Q 41 6.04 -6.95 -35.93
CA SER Q 41 6.94 -7.76 -35.10
C SER Q 41 7.99 -6.91 -34.40
N LEU Q 42 8.35 -5.76 -34.96
CA LEU Q 42 9.35 -4.90 -34.34
C LEU Q 42 8.79 -4.05 -33.21
N LYS Q 43 7.48 -4.05 -33.01
CA LYS Q 43 6.89 -3.29 -31.92
C LYS Q 43 7.34 -3.81 -30.56
N THR Q 44 7.45 -5.12 -30.42
CA THR Q 44 7.74 -5.72 -29.12
C THR Q 44 9.10 -5.30 -28.59
N VAL Q 45 10.12 -5.32 -29.46
CA VAL Q 45 11.46 -4.92 -29.03
C VAL Q 45 11.47 -3.46 -28.61
N ILE Q 46 10.73 -2.61 -29.33
CA ILE Q 46 10.64 -1.21 -28.96
C ILE Q 46 9.96 -1.04 -27.61
N GLU Q 47 8.89 -1.81 -27.36
CA GLU Q 47 8.23 -1.76 -26.07
C GLU Q 47 9.17 -2.18 -24.95
N THR Q 48 9.92 -3.27 -25.15
CA THR Q 48 10.86 -3.72 -24.13
C THR Q 48 11.99 -2.71 -23.93
N CYS Q 49 12.49 -2.13 -25.02
CA CYS Q 49 13.59 -1.18 -24.90
C CYS Q 49 13.17 0.08 -24.15
N ILE Q 50 11.98 0.62 -24.48
CA ILE Q 50 11.51 1.84 -23.84
C ILE Q 50 11.29 1.60 -22.34
N LEU Q 51 10.64 0.49 -22.01
CA LEU Q 51 10.37 0.19 -20.61
C LEU Q 51 11.62 -0.19 -19.84
N ASP Q 52 12.66 -0.69 -20.52
CA ASP Q 52 13.92 -1.00 -19.87
C ASP Q 52 14.71 0.26 -19.53
N GLY Q 53 14.53 1.33 -20.27
CA GLY Q 53 15.29 2.55 -20.07
C GLY Q 53 16.52 2.69 -20.93
N LYS Q 54 16.76 1.75 -21.84
CA LYS Q 54 17.93 1.83 -22.71
C LYS Q 54 17.77 2.95 -23.74
N THR Q 55 18.91 3.39 -24.27
CA THR Q 55 18.91 4.40 -25.32
C THR Q 55 18.69 3.74 -26.68
N ALA Q 56 18.55 4.56 -27.72
CA ALA Q 56 18.35 4.05 -29.07
C ALA Q 56 19.56 3.24 -29.53
N ALA Q 57 20.77 3.73 -29.25
CA ALA Q 57 21.97 3.01 -29.62
C ALA Q 57 22.15 1.72 -28.83
N ASN Q 58 21.57 1.63 -27.63
CA ASN Q 58 21.65 0.44 -26.80
C ASN Q 58 20.51 -0.55 -27.06
N CYS Q 59 19.54 -0.18 -27.90
CA CYS Q 59 18.45 -1.08 -28.24
C CYS Q 59 18.84 -1.89 -29.47
N GLU Q 60 18.95 -3.21 -29.29
CA GLU Q 60 19.35 -4.11 -30.35
C GLU Q 60 18.11 -4.72 -31.00
N LEU Q 61 17.92 -4.48 -32.29
CA LEU Q 61 16.80 -5.05 -33.02
C LEU Q 61 17.26 -6.27 -33.80
N GLY Q 62 16.45 -7.33 -33.76
CA GLY Q 62 16.75 -8.52 -34.51
C GLY Q 62 16.20 -8.44 -35.94
N TRP Q 63 16.18 -7.23 -36.48
CA TRP Q 63 15.62 -7.01 -37.82
C TRP Q 63 16.54 -7.59 -38.89
N THR Q 64 15.92 -8.24 -39.88
CA THR Q 64 16.62 -8.78 -41.02
C THR Q 64 16.11 -8.11 -42.29
N ASN Q 65 17.00 -7.98 -43.27
CA ASN Q 65 16.63 -7.36 -44.54
C ASN Q 65 15.60 -8.21 -45.27
N SER Q 66 14.62 -7.54 -45.88
CA SER Q 66 13.54 -8.20 -46.59
C SER Q 66 13.50 -7.72 -48.04
N ASN Q 67 12.85 -8.51 -48.89
CA ASN Q 67 12.68 -8.10 -50.29
C ASN Q 67 11.88 -6.81 -50.39
N LEU Q 68 10.83 -6.66 -49.58
CA LEU Q 68 10.08 -5.42 -49.53
C LEU Q 68 10.75 -4.46 -48.56
N LEU Q 69 11.05 -3.25 -49.04
CA LEU Q 69 11.73 -2.27 -48.20
C LEU Q 69 10.86 -1.82 -47.03
N GLY Q 70 9.55 -1.97 -47.11
CA GLY Q 70 8.66 -1.58 -46.03
C GLY Q 70 8.69 -2.52 -44.86
N THR R 1 -13.72 -29.36 -117.03
CA THR R 1 -13.76 -28.78 -115.70
C THR R 1 -14.06 -29.84 -114.65
N LEU R 2 -14.27 -31.08 -115.10
CA LEU R 2 -14.55 -32.16 -114.17
C LEU R 2 -13.33 -32.49 -113.31
N ILE R 3 -12.13 -32.24 -113.84
CA ILE R 3 -10.92 -32.48 -113.07
C ILE R 3 -10.84 -31.56 -111.86
N GLU R 4 -11.29 -30.31 -112.01
CA GLU R 4 -11.34 -29.40 -110.87
C GLU R 4 -12.30 -29.91 -109.80
N LEU R 5 -13.47 -30.41 -110.23
CA LEU R 5 -14.46 -30.90 -109.26
C LEU R 5 -13.94 -32.15 -108.54
N MET R 6 -13.23 -33.02 -109.27
CA MET R 6 -12.65 -34.20 -108.63
C MET R 6 -11.61 -33.82 -107.59
N ILE R 7 -10.84 -32.76 -107.87
CA ILE R 7 -9.84 -32.29 -106.90
C ILE R 7 -10.52 -31.82 -105.62
N VAL R 8 -11.63 -31.09 -105.75
CA VAL R 8 -12.38 -30.65 -104.58
C VAL R 8 -12.91 -31.85 -103.80
N VAL R 9 -13.35 -32.89 -104.52
CA VAL R 9 -13.81 -34.11 -103.85
C VAL R 9 -12.66 -34.75 -103.08
N ALA R 10 -11.48 -34.81 -103.69
CA ALA R 10 -10.31 -35.35 -103.00
C ALA R 10 -9.94 -34.50 -101.79
N ILE R 11 -10.03 -33.17 -101.93
CA ILE R 11 -9.67 -32.27 -100.84
C ILE R 11 -10.60 -32.45 -99.65
N ILE R 12 -11.90 -32.54 -99.90
CA ILE R 12 -12.87 -32.73 -98.81
C ILE R 12 -12.62 -34.04 -98.09
N GLY R 13 -12.35 -35.11 -98.86
CA GLY R 13 -11.99 -36.37 -98.23
C GLY R 13 -10.73 -36.26 -97.40
N ILE R 14 -9.76 -35.45 -97.86
CA ILE R 14 -8.56 -35.21 -97.09
C ILE R 14 -8.88 -34.48 -95.80
N LEU R 15 -9.71 -33.43 -95.89
CA LEU R 15 -10.06 -32.65 -94.70
C LEU R 15 -10.84 -33.48 -93.69
N ALA R 16 -11.79 -34.30 -94.15
CA ALA R 16 -12.61 -35.09 -93.25
C ALA R 16 -11.84 -36.24 -92.61
N ALA R 17 -10.68 -36.62 -93.17
CA ALA R 17 -9.89 -37.72 -92.67
C ALA R 17 -8.77 -37.27 -91.74
N ILE R 18 -8.95 -36.15 -91.05
CA ILE R 18 -7.94 -35.70 -90.10
C ILE R 18 -7.90 -36.63 -88.89
N ALA R 19 -6.70 -36.85 -88.37
CA ALA R 19 -6.51 -37.74 -87.24
C ALA R 19 -7.01 -37.07 -85.97
N ILE R 20 -8.02 -37.67 -85.34
CA ILE R 20 -8.61 -37.12 -84.11
C ILE R 20 -7.87 -37.73 -82.93
N PRO R 21 -7.21 -36.92 -82.11
CA PRO R 21 -6.49 -37.46 -80.95
C PRO R 21 -7.45 -37.94 -79.88
N GLN R 22 -6.92 -38.79 -79.00
CA GLN R 22 -7.71 -39.27 -77.87
C GLN R 22 -7.87 -38.17 -76.83
N TYR R 23 -8.91 -37.34 -77.00
CA TYR R 23 -9.16 -36.23 -76.10
C TYR R 23 -9.62 -36.69 -74.72
N GLN R 24 -9.91 -37.97 -74.55
CA GLN R 24 -10.30 -38.49 -73.24
C GLN R 24 -9.21 -38.26 -72.20
N ASN R 25 -7.95 -38.25 -72.62
CA ASN R 25 -6.86 -38.08 -71.67
C ASN R 25 -6.91 -36.72 -70.99
N TYR R 26 -7.14 -35.65 -71.75
CA TYR R 26 -7.19 -34.31 -71.16
C TYR R 26 -8.40 -34.16 -70.25
N ILE R 27 -9.57 -34.64 -70.69
CA ILE R 27 -10.80 -34.44 -69.93
C ILE R 27 -10.73 -35.20 -68.60
N ALA R 28 -10.29 -36.46 -68.64
CA ALA R 28 -10.21 -37.26 -67.43
C ALA R 28 -9.19 -36.68 -66.45
N LYS R 29 -8.03 -36.23 -66.96
CA LYS R 29 -7.01 -35.67 -66.10
C LYS R 29 -7.48 -34.37 -65.45
N SER R 30 -8.15 -33.52 -66.22
CA SER R 30 -8.66 -32.26 -65.66
C SER R 30 -9.73 -32.51 -64.60
N GLN R 31 -10.63 -33.48 -64.86
CA GLN R 31 -11.64 -33.82 -63.87
C GLN R 31 -11.03 -34.43 -62.61
N VAL R 32 -10.02 -35.28 -62.78
CA VAL R 32 -9.32 -35.83 -61.63
C VAL R 32 -8.56 -34.75 -60.89
N SER R 33 -7.95 -33.81 -61.63
CA SER R 33 -7.20 -32.73 -60.98
C SER R 33 -8.12 -31.84 -60.16
N ARG R 34 -9.35 -31.63 -60.63
CA ARG R 34 -10.32 -30.87 -59.85
C ARG R 34 -10.68 -31.58 -58.55
N VAL R 35 -10.80 -32.91 -58.59
CA VAL R 35 -11.21 -33.67 -57.41
C VAL R 35 -10.17 -33.57 -56.31
N MET R 36 -8.88 -33.56 -56.67
CA MET R 36 -7.83 -33.48 -55.66
C MET R 36 -7.93 -32.19 -54.86
N SER R 37 -8.22 -31.07 -55.53
CA SER R 37 -8.30 -29.79 -54.83
C SER R 37 -9.45 -29.79 -53.83
N GLU R 38 -10.60 -30.37 -54.21
CA GLU R 38 -11.73 -30.43 -53.27
C GLU R 38 -11.47 -31.44 -52.16
N THR R 39 -11.01 -32.64 -52.51
CA THR R 39 -10.72 -33.63 -51.48
C THR R 39 -9.54 -33.22 -50.62
N GLY R 40 -8.52 -32.60 -51.23
CA GLY R 40 -7.41 -32.07 -50.47
C GLY R 40 -7.76 -30.85 -49.64
N SER R 41 -8.81 -30.12 -50.02
CA SER R 41 -9.26 -29.01 -49.19
C SER R 41 -9.89 -29.50 -47.89
N LEU R 42 -10.33 -30.75 -47.86
CA LEU R 42 -10.89 -31.32 -46.64
C LEU R 42 -9.82 -31.70 -45.63
N LYS R 43 -8.54 -31.68 -46.02
CA LYS R 43 -7.47 -31.89 -45.05
C LYS R 43 -7.42 -30.74 -44.05
N THR R 44 -7.99 -29.60 -44.40
CA THR R 44 -7.98 -28.44 -43.51
C THR R 44 -8.76 -28.72 -42.21
N VAL R 45 -9.96 -29.27 -42.34
CA VAL R 45 -10.82 -29.44 -41.18
C VAL R 45 -10.57 -30.79 -40.50
N ILE R 46 -10.20 -31.80 -41.27
CA ILE R 46 -9.96 -33.13 -40.70
C ILE R 46 -8.80 -33.09 -39.72
N GLU R 47 -7.72 -32.38 -40.07
CA GLU R 47 -6.58 -32.26 -39.18
C GLU R 47 -6.96 -31.52 -37.90
N THR R 48 -7.72 -30.43 -38.01
CA THR R 48 -8.08 -29.65 -36.82
C THR R 48 -8.98 -30.44 -35.89
N CYS R 49 -9.96 -31.17 -36.43
CA CYS R 49 -10.89 -31.92 -35.59
C CYS R 49 -10.17 -33.04 -34.83
N ILE R 50 -9.26 -33.75 -35.50
CA ILE R 50 -8.51 -34.81 -34.84
C ILE R 50 -7.64 -34.22 -33.73
N LEU R 51 -6.98 -33.09 -34.02
CA LEU R 51 -6.15 -32.43 -33.01
C LEU R 51 -6.98 -31.80 -31.90
N ASP R 52 -8.23 -31.43 -32.19
CA ASP R 52 -9.10 -30.88 -31.15
C ASP R 52 -9.64 -31.98 -30.24
N GLY R 53 -9.75 -33.21 -30.73
CA GLY R 53 -10.34 -34.29 -29.97
C GLY R 53 -11.83 -34.48 -30.16
N LYS R 54 -12.43 -33.77 -31.12
CA LYS R 54 -13.85 -33.90 -31.38
C LYS R 54 -14.16 -35.25 -32.03
N THR R 55 -15.42 -35.66 -31.92
CA THR R 55 -15.87 -36.91 -32.51
C THR R 55 -16.22 -36.71 -33.98
N ALA R 56 -16.59 -37.80 -34.65
CA ALA R 56 -16.99 -37.72 -36.04
C ALA R 56 -18.24 -36.86 -36.21
N ALA R 57 -19.22 -37.03 -35.33
CA ALA R 57 -20.43 -36.21 -35.39
C ALA R 57 -20.17 -34.79 -34.92
N ASN R 58 -19.16 -34.57 -34.08
CA ASN R 58 -18.86 -33.26 -33.53
C ASN R 58 -17.99 -32.41 -34.46
N CYS R 59 -17.53 -32.96 -35.58
CA CYS R 59 -16.71 -32.24 -36.53
C CYS R 59 -17.60 -31.66 -37.63
N GLU R 60 -17.52 -30.34 -37.81
CA GLU R 60 -18.30 -29.65 -38.83
C GLU R 60 -17.44 -29.43 -40.07
N LEU R 61 -17.90 -29.94 -41.20
CA LEU R 61 -17.19 -29.81 -42.47
C LEU R 61 -17.83 -28.71 -43.30
N GLY R 62 -17.01 -27.83 -43.87
CA GLY R 62 -17.50 -26.80 -44.74
C GLY R 62 -17.62 -27.27 -46.17
N TRP R 63 -17.95 -28.55 -46.35
CA TRP R 63 -18.03 -29.13 -47.68
C TRP R 63 -19.29 -28.67 -48.40
N THR R 64 -19.18 -28.46 -49.70
CA THR R 64 -20.28 -28.03 -50.54
C THR R 64 -20.50 -29.05 -51.65
N ASN R 65 -21.76 -29.17 -52.10
CA ASN R 65 -22.10 -30.11 -53.15
C ASN R 65 -21.34 -29.77 -54.43
N SER R 66 -20.79 -30.80 -55.06
CA SER R 66 -19.98 -30.65 -56.27
C SER R 66 -20.64 -31.41 -57.42
N ASN R 67 -20.48 -30.89 -58.64
CA ASN R 67 -21.04 -31.55 -59.81
C ASN R 67 -20.41 -32.92 -60.02
N LEU R 68 -19.14 -33.08 -59.65
CA LEU R 68 -18.48 -34.38 -59.71
C LEU R 68 -18.63 -35.07 -58.34
N LEU R 69 -19.07 -36.32 -58.36
CA LEU R 69 -19.30 -37.05 -57.12
C LEU R 69 -18.03 -37.26 -56.32
N GLY R 70 -16.87 -37.29 -56.98
CA GLY R 70 -15.61 -37.49 -56.30
C GLY R 70 -15.17 -36.31 -55.46
N THR S 1 -17.77 -32.85 -123.44
CA THR S 1 -19.10 -33.26 -123.90
C THR S 1 -20.18 -32.71 -122.96
N LEU S 2 -21.43 -32.77 -123.42
CA LEU S 2 -22.53 -32.21 -122.65
C LEU S 2 -22.76 -32.97 -121.35
N ILE S 3 -22.68 -34.30 -121.40
CA ILE S 3 -22.97 -35.09 -120.20
C ILE S 3 -21.93 -34.87 -119.11
N GLU S 4 -20.69 -34.57 -119.50
CA GLU S 4 -19.68 -34.24 -118.50
C GLU S 4 -20.00 -32.93 -117.79
N LEU S 5 -20.58 -31.97 -118.52
CA LEU S 5 -21.03 -30.73 -117.89
C LEU S 5 -22.16 -30.99 -116.90
N MET S 6 -23.06 -31.93 -117.24
CA MET S 6 -24.14 -32.28 -116.31
C MET S 6 -23.57 -32.89 -115.03
N ILE S 7 -22.53 -33.71 -115.15
CA ILE S 7 -21.88 -34.28 -113.98
C ILE S 7 -21.29 -33.17 -113.12
N VAL S 8 -20.63 -32.19 -113.76
CA VAL S 8 -20.06 -31.06 -113.03
C VAL S 8 -21.16 -30.28 -112.32
N VAL S 9 -22.27 -30.01 -113.02
CA VAL S 9 -23.40 -29.32 -112.41
C VAL S 9 -23.99 -30.16 -111.28
N ALA S 10 -24.11 -31.47 -111.49
CA ALA S 10 -24.66 -32.35 -110.46
C ALA S 10 -23.79 -32.35 -109.22
N ILE S 11 -22.46 -32.38 -109.39
CA ILE S 11 -21.57 -32.35 -108.23
C ILE S 11 -21.68 -31.03 -107.50
N ILE S 12 -21.85 -29.92 -108.24
CA ILE S 12 -21.98 -28.61 -107.61
C ILE S 12 -23.18 -28.58 -106.67
N GLY S 13 -24.28 -29.21 -107.07
CA GLY S 13 -25.46 -29.24 -106.22
C GLY S 13 -25.23 -29.96 -104.92
N ILE S 14 -24.45 -31.05 -104.95
CA ILE S 14 -24.23 -31.85 -103.74
C ILE S 14 -23.45 -31.04 -102.70
N LEU S 15 -22.40 -30.34 -103.13
CA LEU S 15 -21.57 -29.59 -102.19
C LEU S 15 -22.31 -28.39 -101.63
N ALA S 16 -23.16 -27.75 -102.43
CA ALA S 16 -23.87 -26.56 -101.97
C ALA S 16 -25.02 -26.89 -101.02
N ALA S 17 -25.48 -28.15 -101.01
CA ALA S 17 -26.59 -28.57 -100.17
C ALA S 17 -26.13 -29.37 -98.96
N ILE S 18 -24.95 -29.04 -98.40
CA ILE S 18 -24.44 -29.76 -97.26
C ILE S 18 -25.31 -29.48 -96.04
N ALA S 19 -25.39 -30.45 -95.13
CA ALA S 19 -26.22 -30.32 -93.94
C ALA S 19 -25.52 -29.43 -92.92
N ILE S 20 -26.26 -28.47 -92.39
CA ILE S 20 -25.70 -27.55 -91.39
C ILE S 20 -25.71 -28.26 -90.04
N PRO S 21 -24.56 -28.37 -89.36
CA PRO S 21 -24.50 -29.05 -88.06
C PRO S 21 -25.05 -28.25 -86.89
N GLN S 22 -25.79 -27.16 -87.15
CA GLN S 22 -26.38 -26.33 -86.10
C GLN S 22 -25.30 -25.76 -85.18
N TYR S 23 -24.44 -24.92 -85.78
CA TYR S 23 -23.32 -24.35 -85.07
C TYR S 23 -23.71 -23.31 -84.03
N GLN S 24 -25.00 -22.91 -83.98
CA GLN S 24 -25.42 -21.95 -82.97
C GLN S 24 -25.22 -22.49 -81.56
N ASN S 25 -25.28 -23.81 -81.39
CA ASN S 25 -25.14 -24.40 -80.06
C ASN S 25 -23.75 -24.17 -79.47
N TYR S 26 -22.71 -24.29 -80.31
CA TYR S 26 -21.34 -24.17 -79.80
C TYR S 26 -21.03 -22.76 -79.34
N ILE S 27 -21.48 -21.75 -80.10
CA ILE S 27 -21.20 -20.36 -79.72
C ILE S 27 -21.86 -20.01 -78.40
N ALA S 28 -23.12 -20.44 -78.23
CA ALA S 28 -23.84 -20.14 -76.99
C ALA S 28 -23.14 -20.76 -75.79
N LYS S 29 -22.65 -21.99 -75.93
CA LYS S 29 -21.90 -22.62 -74.85
C LYS S 29 -20.64 -21.83 -74.50
N SER S 30 -19.91 -21.38 -75.52
CA SER S 30 -18.69 -20.62 -75.28
C SER S 30 -18.99 -19.27 -74.62
N GLN S 31 -20.06 -18.60 -75.07
CA GLN S 31 -20.41 -17.31 -74.49
C GLN S 31 -20.83 -17.46 -73.03
N VAL S 32 -21.61 -18.49 -72.72
CA VAL S 32 -22.02 -18.72 -71.33
C VAL S 32 -20.83 -19.12 -70.48
N SER S 33 -19.90 -19.89 -71.05
CA SER S 33 -18.74 -20.34 -70.28
C SER S 33 -17.87 -19.18 -69.84
N ARG S 34 -17.66 -18.19 -70.71
CA ARG S 34 -16.76 -17.09 -70.38
C ARG S 34 -17.39 -16.14 -69.37
N VAL S 35 -18.68 -15.85 -69.51
CA VAL S 35 -19.35 -14.98 -68.53
C VAL S 35 -19.39 -15.68 -67.17
N MET S 36 -19.50 -17.01 -67.17
CA MET S 36 -19.37 -17.77 -65.93
C MET S 36 -18.00 -17.56 -65.32
N SER S 37 -16.96 -17.57 -66.15
CA SER S 37 -15.62 -17.25 -65.67
C SER S 37 -15.54 -15.80 -65.21
N GLU S 38 -16.15 -14.89 -65.97
CA GLU S 38 -16.10 -13.47 -65.60
C GLU S 38 -16.87 -13.22 -64.31
N THR S 39 -18.06 -13.80 -64.17
CA THR S 39 -18.83 -13.65 -62.94
C THR S 39 -18.27 -14.49 -61.81
N GLY S 40 -17.66 -15.63 -62.13
CA GLY S 40 -17.07 -16.47 -61.10
C GLY S 40 -15.83 -15.91 -60.46
N SER S 41 -15.12 -15.02 -61.17
CA SER S 41 -13.93 -14.40 -60.61
C SER S 41 -14.27 -13.34 -59.56
N LEU S 42 -15.49 -12.83 -59.57
CA LEU S 42 -15.91 -11.84 -58.60
C LEU S 42 -16.37 -12.45 -57.28
N LYS S 43 -16.42 -13.77 -57.19
CA LYS S 43 -16.77 -14.41 -55.92
C LYS S 43 -15.72 -14.13 -54.86
N THR S 44 -14.45 -14.13 -55.24
CA THR S 44 -13.37 -13.96 -54.27
C THR S 44 -13.44 -12.60 -53.58
N VAL S 45 -13.65 -11.53 -54.36
CA VAL S 45 -13.73 -10.20 -53.77
C VAL S 45 -15.00 -10.07 -52.93
N ILE S 46 -16.10 -10.66 -53.40
CA ILE S 46 -17.34 -10.62 -52.64
C ILE S 46 -17.20 -11.39 -51.32
N GLU S 47 -16.57 -12.57 -51.38
CA GLU S 47 -16.40 -13.38 -50.19
C GLU S 47 -15.53 -12.67 -49.15
N THR S 48 -14.47 -11.99 -49.61
CA THR S 48 -13.62 -11.25 -48.69
C THR S 48 -14.37 -10.08 -48.06
N CYS S 49 -15.20 -9.39 -48.85
CA CYS S 49 -15.88 -8.21 -48.35
C CYS S 49 -16.86 -8.54 -47.24
N ILE S 50 -17.65 -9.61 -47.41
CA ILE S 50 -18.62 -9.98 -46.38
C ILE S 50 -17.89 -10.46 -45.12
N LEU S 51 -16.77 -11.16 -45.29
CA LEU S 51 -15.97 -11.59 -44.15
C LEU S 51 -15.26 -10.42 -43.48
N ASP S 52 -15.03 -9.33 -44.21
CA ASP S 52 -14.36 -8.16 -43.64
C ASP S 52 -15.34 -7.26 -42.89
N GLY S 53 -16.64 -7.37 -43.17
CA GLY S 53 -17.62 -6.52 -42.55
C GLY S 53 -17.89 -5.21 -43.26
N LYS S 54 -17.21 -4.95 -44.38
CA LYS S 54 -17.43 -3.72 -45.12
C LYS S 54 -18.80 -3.75 -45.81
N THR S 55 -19.40 -2.57 -45.94
CA THR S 55 -20.67 -2.43 -46.62
C THR S 55 -20.46 -2.48 -48.14
N ALA S 56 -21.56 -2.35 -48.88
CA ALA S 56 -21.47 -2.37 -50.34
C ALA S 56 -20.64 -1.21 -50.85
N ALA S 57 -20.64 -0.09 -50.13
CA ALA S 57 -19.87 1.07 -50.56
C ALA S 57 -18.37 0.90 -50.33
N ASN S 58 -17.97 0.19 -49.27
CA ASN S 58 -16.56 0.00 -48.96
C ASN S 58 -15.94 -1.21 -49.64
N CYS S 59 -16.71 -1.96 -50.43
CA CYS S 59 -16.21 -3.11 -51.13
C CYS S 59 -15.67 -2.68 -52.49
N GLU S 60 -14.35 -2.77 -52.67
CA GLU S 60 -13.71 -2.35 -53.91
C GLU S 60 -13.64 -3.53 -54.87
N LEU S 61 -14.11 -3.33 -56.10
CA LEU S 61 -14.13 -4.38 -57.09
C LEU S 61 -13.02 -4.20 -58.11
N GLY S 62 -12.47 -5.32 -58.58
CA GLY S 62 -11.49 -5.32 -59.64
C GLY S 62 -12.13 -5.65 -60.98
N TRP S 63 -13.45 -5.51 -61.05
CA TRP S 63 -14.18 -5.81 -62.28
C TRP S 63 -13.77 -4.86 -63.40
N THR S 64 -13.63 -5.41 -64.61
CA THR S 64 -13.25 -4.63 -65.78
C THR S 64 -14.29 -4.82 -66.88
N ASN S 65 -14.19 -3.98 -67.91
CA ASN S 65 -15.13 -4.04 -69.02
C ASN S 65 -14.93 -5.32 -69.82
N SER S 66 -16.05 -5.92 -70.24
CA SER S 66 -16.04 -7.10 -71.08
C SER S 66 -16.91 -6.85 -72.31
N ASN S 67 -16.58 -7.51 -73.42
CA ASN S 67 -17.35 -7.33 -74.64
C ASN S 67 -18.79 -7.80 -74.46
N LEU S 68 -18.99 -8.89 -73.72
CA LEU S 68 -20.34 -9.32 -73.36
C LEU S 68 -20.87 -8.49 -72.21
N LEU S 69 -22.16 -8.16 -72.25
CA LEU S 69 -22.75 -7.34 -71.20
C LEU S 69 -22.72 -8.04 -69.85
N GLY S 70 -22.61 -9.36 -69.82
CA GLY S 70 -22.54 -10.10 -68.58
C GLY S 70 -21.20 -9.98 -67.89
N THR T 1 -24.11 -32.56 -132.90
CA THR T 1 -24.83 -31.46 -133.53
C THR T 1 -24.28 -30.11 -133.08
N LEU T 2 -24.62 -29.06 -133.82
CA LEU T 2 -24.12 -27.72 -133.50
C LEU T 2 -24.85 -27.15 -132.29
N ILE T 3 -26.11 -27.52 -132.09
CA ILE T 3 -26.89 -26.99 -130.97
C ILE T 3 -26.28 -27.44 -129.64
N GLU T 4 -25.92 -28.72 -129.54
CA GLU T 4 -25.38 -29.24 -128.29
C GLU T 4 -24.08 -28.56 -127.90
N LEU T 5 -23.18 -28.37 -128.87
CA LEU T 5 -21.89 -27.74 -128.57
C LEU T 5 -22.07 -26.29 -128.14
N MET T 6 -23.02 -25.59 -128.76
CA MET T 6 -23.29 -24.21 -128.36
C MET T 6 -23.79 -24.14 -126.92
N ILE T 7 -24.62 -25.12 -126.52
CA ILE T 7 -25.06 -25.19 -125.13
C ILE T 7 -23.89 -25.44 -124.20
N VAL T 8 -22.95 -26.30 -124.62
CA VAL T 8 -21.80 -26.63 -123.80
C VAL T 8 -20.95 -25.38 -123.54
N VAL T 9 -20.74 -24.57 -124.58
CA VAL T 9 -19.97 -23.34 -124.43
C VAL T 9 -20.67 -22.38 -123.48
N ALA T 10 -22.00 -22.26 -123.61
CA ALA T 10 -22.75 -21.37 -122.72
C ALA T 10 -22.68 -21.84 -121.29
N ILE T 11 -22.79 -23.14 -121.05
CA ILE T 11 -22.74 -23.67 -119.69
C ILE T 11 -21.37 -23.43 -119.08
N ILE T 12 -20.31 -23.65 -119.86
CA ILE T 12 -18.95 -23.44 -119.35
C ILE T 12 -18.73 -21.97 -118.98
N GLY T 13 -19.21 -21.06 -119.84
CA GLY T 13 -19.07 -19.64 -119.54
C GLY T 13 -19.83 -19.23 -118.29
N ILE T 14 -21.02 -19.79 -118.09
CA ILE T 14 -21.80 -19.46 -116.89
C ILE T 14 -21.07 -19.92 -115.64
N LEU T 15 -20.51 -21.13 -115.68
CA LEU T 15 -19.83 -21.67 -114.50
C LEU T 15 -18.61 -20.83 -114.13
N ALA T 16 -17.84 -20.39 -115.12
CA ALA T 16 -16.69 -19.54 -114.83
C ALA T 16 -17.11 -18.15 -114.34
N ALA T 17 -18.34 -17.73 -114.60
CA ALA T 17 -18.85 -16.44 -114.19
C ALA T 17 -19.51 -16.46 -112.82
N ILE T 18 -19.13 -17.40 -111.96
CA ILE T 18 -19.67 -17.45 -110.61
C ILE T 18 -19.17 -16.25 -109.82
N ALA T 19 -20.02 -15.77 -108.90
CA ALA T 19 -19.66 -14.64 -108.06
C ALA T 19 -18.81 -15.13 -106.89
N ILE T 20 -17.54 -14.75 -106.88
CA ILE T 20 -16.60 -15.14 -105.84
C ILE T 20 -16.78 -14.17 -104.66
N PRO T 21 -17.11 -14.65 -103.47
CA PRO T 21 -17.20 -13.74 -102.32
C PRO T 21 -15.83 -13.21 -101.92
N GLN T 22 -15.85 -12.13 -101.15
CA GLN T 22 -14.61 -11.46 -100.78
C GLN T 22 -13.84 -12.28 -99.76
N TYR T 23 -13.01 -13.20 -100.25
CA TYR T 23 -12.22 -14.06 -99.37
C TYR T 23 -11.08 -13.31 -98.69
N GLN T 24 -10.77 -12.09 -99.13
CA GLN T 24 -9.71 -11.32 -98.48
C GLN T 24 -10.07 -10.98 -97.04
N ASN T 25 -11.34 -10.64 -96.81
CA ASN T 25 -11.78 -10.29 -95.45
C ASN T 25 -11.68 -11.48 -94.50
N TYR T 26 -12.06 -12.67 -94.98
CA TYR T 26 -12.04 -13.85 -94.12
C TYR T 26 -10.64 -14.18 -93.64
N ILE T 27 -9.65 -14.05 -94.53
CA ILE T 27 -8.26 -14.31 -94.15
C ILE T 27 -7.81 -13.32 -93.09
N ALA T 28 -8.17 -12.04 -93.24
CA ALA T 28 -7.74 -11.02 -92.30
C ALA T 28 -8.31 -11.27 -90.91
N LYS T 29 -9.58 -11.68 -90.82
CA LYS T 29 -10.19 -11.92 -89.52
C LYS T 29 -9.47 -13.05 -88.78
N SER T 30 -9.09 -14.11 -89.50
CA SER T 30 -8.32 -15.18 -88.87
C SER T 30 -6.95 -14.68 -88.43
N GLN T 31 -6.29 -13.88 -89.26
CA GLN T 31 -4.98 -13.33 -88.89
C GLN T 31 -5.08 -12.40 -87.69
N VAL T 32 -6.09 -11.52 -87.68
CA VAL T 32 -6.25 -10.58 -86.57
C VAL T 32 -6.57 -11.31 -85.28
N SER T 33 -7.44 -12.33 -85.36
CA SER T 33 -7.81 -13.08 -84.16
C SER T 33 -6.61 -13.80 -83.57
N ARG T 34 -5.74 -14.35 -84.42
CA ARG T 34 -4.54 -15.03 -83.92
C ARG T 34 -3.57 -14.04 -83.28
N VAL T 35 -3.41 -12.86 -83.89
CA VAL T 35 -2.43 -11.89 -83.40
C VAL T 35 -2.81 -11.38 -82.01
N MET T 36 -4.08 -11.04 -81.80
CA MET T 36 -4.50 -10.52 -80.50
C MET T 36 -4.36 -11.60 -79.43
N SER T 37 -4.65 -12.85 -79.78
CA SER T 37 -4.41 -13.95 -78.84
C SER T 37 -2.94 -14.10 -78.54
N GLU T 38 -2.08 -13.98 -79.55
CA GLU T 38 -0.64 -14.07 -79.34
C GLU T 38 -0.16 -12.93 -78.44
N THR T 39 -0.61 -11.71 -78.70
CA THR T 39 -0.29 -10.59 -77.82
C THR T 39 -1.06 -10.68 -76.50
N GLY T 40 -2.24 -11.31 -76.52
CA GLY T 40 -2.98 -11.51 -75.29
C GLY T 40 -2.32 -12.47 -74.33
N SER T 41 -1.48 -13.37 -74.84
CA SER T 41 -0.70 -14.23 -73.96
C SER T 41 0.45 -13.49 -73.30
N LEU T 42 0.94 -12.41 -73.91
CA LEU T 42 2.03 -11.63 -73.33
C LEU T 42 1.54 -10.66 -72.26
N LYS T 43 0.22 -10.55 -72.05
CA LYS T 43 -0.28 -9.74 -70.97
C LYS T 43 0.08 -10.33 -69.61
N THR T 44 0.04 -11.66 -69.50
CA THR T 44 0.20 -12.32 -68.21
C THR T 44 1.59 -12.07 -67.62
N VAL T 45 2.63 -12.26 -68.43
CA VAL T 45 4.00 -12.11 -67.93
C VAL T 45 4.30 -10.66 -67.59
N ILE T 46 3.79 -9.72 -68.38
CA ILE T 46 4.02 -8.30 -68.10
C ILE T 46 3.37 -7.90 -66.79
N GLU T 47 2.15 -8.40 -66.55
CA GLU T 47 1.42 -8.02 -65.35
C GLU T 47 2.15 -8.44 -64.08
N THR T 48 2.70 -9.67 -64.07
CA THR T 48 3.43 -10.12 -62.89
C THR T 48 4.71 -9.32 -62.68
N CYS T 49 5.40 -8.99 -63.78
CA CYS T 49 6.63 -8.20 -63.66
C CYS T 49 6.35 -6.82 -63.10
N ILE T 50 5.23 -6.20 -63.52
CA ILE T 50 4.86 -4.90 -62.97
C ILE T 50 4.55 -5.00 -61.48
N LEU T 51 3.80 -6.03 -61.09
CA LEU T 51 3.46 -6.22 -59.69
C LEU T 51 4.66 -6.64 -58.85
N ASP T 52 5.59 -7.39 -59.43
CA ASP T 52 6.81 -7.76 -58.73
C ASP T 52 7.72 -6.55 -58.50
N GLY T 53 7.65 -5.57 -59.40
CA GLY T 53 8.52 -4.41 -59.33
C GLY T 53 9.79 -4.51 -60.14
N LYS T 54 9.93 -5.55 -60.95
CA LYS T 54 11.12 -5.69 -61.79
C LYS T 54 11.10 -4.64 -62.90
N THR T 55 12.29 -4.32 -63.40
CA THR T 55 12.44 -3.37 -64.49
C THR T 55 12.21 -4.06 -65.83
N ALA T 56 12.29 -3.27 -66.90
CA ALA T 56 12.10 -3.83 -68.24
C ALA T 56 13.21 -4.82 -68.59
N ALA T 57 14.47 -4.46 -68.29
CA ALA T 57 15.58 -5.34 -68.60
C ALA T 57 15.61 -6.56 -67.68
N ASN T 58 14.97 -6.47 -66.52
CA ASN T 58 14.96 -7.55 -65.55
C ASN T 58 13.78 -8.51 -65.74
N CYS T 59 12.85 -8.19 -66.64
CA CYS T 59 11.70 -9.05 -66.89
C CYS T 59 11.97 -9.91 -68.13
N GLU T 60 11.91 -11.22 -67.96
CA GLU T 60 12.19 -12.16 -69.05
C GLU T 60 10.88 -12.65 -69.64
N LEU T 61 10.71 -12.47 -70.94
CA LEU T 61 9.47 -12.84 -71.63
C LEU T 61 9.64 -14.15 -72.37
N GLY T 62 8.60 -14.97 -72.35
CA GLY T 62 8.60 -16.23 -73.07
C GLY T 62 8.04 -16.10 -74.47
N TRP T 63 8.23 -14.94 -75.09
CA TRP T 63 7.73 -14.71 -76.43
C TRP T 63 8.47 -15.57 -77.45
N THR T 64 7.72 -16.10 -78.41
CA THR T 64 8.26 -16.91 -79.49
C THR T 64 7.95 -16.24 -80.82
N ASN T 65 8.93 -16.22 -81.72
CA ASN T 65 8.76 -15.60 -83.01
C ASN T 65 7.67 -16.33 -83.81
N SER T 66 6.79 -15.55 -84.43
CA SER T 66 5.66 -16.06 -85.17
C SER T 66 5.81 -15.70 -86.65
N ASN T 67 5.15 -16.47 -87.52
CA ASN T 67 5.18 -16.17 -88.95
C ASN T 67 4.59 -14.80 -89.25
N LEU T 68 3.63 -14.35 -88.44
CA LEU T 68 3.10 -13.00 -88.56
C LEU T 68 3.97 -12.05 -87.75
N LEU T 69 4.27 -10.88 -88.32
CA LEU T 69 5.11 -9.91 -87.64
C LEU T 69 4.48 -9.39 -86.35
N GLY T 70 3.16 -9.42 -86.25
CA GLY T 70 2.48 -8.97 -85.05
C GLY T 70 2.16 -10.09 -84.07
N THR U 1 -25.12 -29.79 -143.53
CA THR U 1 -24.02 -29.42 -144.41
C THR U 1 -22.68 -29.71 -143.75
N LEU U 2 -21.66 -30.00 -144.58
CA LEU U 2 -20.36 -30.39 -144.07
C LEU U 2 -19.68 -29.24 -143.32
N ILE U 3 -19.97 -27.99 -143.71
CA ILE U 3 -19.29 -26.85 -143.11
C ILE U 3 -19.64 -26.72 -141.63
N GLU U 4 -20.89 -27.05 -141.27
CA GLU U 4 -21.27 -26.98 -139.87
C GLU U 4 -20.63 -28.11 -139.06
N LEU U 5 -20.48 -29.29 -139.67
CA LEU U 5 -19.88 -30.41 -138.96
C LEU U 5 -18.41 -30.14 -138.61
N MET U 6 -17.64 -29.58 -139.54
CA MET U 6 -16.24 -29.30 -139.26
C MET U 6 -16.10 -28.22 -138.20
N ILE U 7 -17.04 -27.29 -138.15
CA ILE U 7 -17.06 -26.30 -137.07
C ILE U 7 -17.28 -26.99 -135.73
N VAL U 8 -18.22 -27.94 -135.69
CA VAL U 8 -18.43 -28.73 -134.49
C VAL U 8 -17.17 -29.51 -134.14
N VAL U 9 -16.49 -30.06 -135.15
CA VAL U 9 -15.21 -30.73 -134.94
C VAL U 9 -14.19 -29.75 -134.39
N ALA U 10 -14.18 -28.52 -134.91
CA ALA U 10 -13.26 -27.51 -134.41
C ALA U 10 -13.57 -27.14 -132.96
N ILE U 11 -14.86 -27.04 -132.62
CA ILE U 11 -15.24 -26.68 -131.25
C ILE U 11 -14.82 -27.78 -130.28
N ILE U 12 -14.94 -29.04 -130.68
CA ILE U 12 -14.54 -30.15 -129.83
C ILE U 12 -13.05 -30.10 -129.55
N GLY U 13 -12.25 -29.82 -130.57
CA GLY U 13 -10.81 -29.81 -130.40
C GLY U 13 -10.33 -28.75 -129.42
N ILE U 14 -10.92 -27.55 -129.49
CA ILE U 14 -10.52 -26.48 -128.58
C ILE U 14 -10.85 -26.86 -127.14
N LEU U 15 -12.02 -27.45 -126.91
CA LEU U 15 -12.40 -27.88 -125.57
C LEU U 15 -11.47 -28.96 -125.05
N ALA U 16 -11.10 -29.91 -125.91
CA ALA U 16 -10.18 -30.97 -125.51
C ALA U 16 -8.77 -30.46 -125.27
N ALA U 17 -8.47 -29.22 -125.70
CA ALA U 17 -7.17 -28.61 -125.51
C ALA U 17 -7.11 -27.68 -124.30
N ILE U 18 -8.01 -27.87 -123.33
CA ILE U 18 -7.99 -27.01 -122.14
C ILE U 18 -6.77 -27.32 -121.30
N ALA U 19 -6.29 -26.31 -120.59
CA ALA U 19 -5.05 -26.39 -119.82
C ALA U 19 -5.36 -26.73 -118.37
N ILE U 20 -4.67 -27.73 -117.84
CA ILE U 20 -4.80 -28.12 -116.43
C ILE U 20 -3.77 -27.31 -115.64
N PRO U 21 -4.20 -26.48 -114.67
CA PRO U 21 -3.29 -25.61 -113.94
C PRO U 21 -2.57 -26.30 -112.78
N GLN U 22 -2.08 -27.51 -113.02
CA GLN U 22 -1.24 -28.26 -112.08
C GLN U 22 -1.91 -28.36 -110.70
N TYR U 23 -3.02 -29.12 -110.69
CA TYR U 23 -3.80 -29.28 -109.48
C TYR U 23 -3.07 -30.06 -108.38
N GLN U 24 -1.93 -30.68 -108.71
CA GLN U 24 -1.19 -31.46 -107.72
C GLN U 24 -0.72 -30.59 -106.54
N ASN U 25 -0.36 -29.33 -106.82
CA ASN U 25 0.14 -28.47 -105.75
C ASN U 25 -0.90 -28.26 -104.66
N TYR U 26 -2.17 -28.03 -105.06
CA TYR U 26 -3.23 -27.83 -104.08
C TYR U 26 -3.42 -29.07 -103.22
N ILE U 27 -3.42 -30.26 -103.83
CA ILE U 27 -3.54 -31.49 -103.07
C ILE U 27 -2.31 -31.68 -102.17
N ALA U 28 -1.12 -31.46 -102.72
CA ALA U 28 0.09 -31.60 -101.92
C ALA U 28 0.12 -30.60 -100.77
N LYS U 29 -0.26 -29.35 -101.03
CA LYS U 29 -0.27 -28.36 -99.97
C LYS U 29 -1.32 -28.69 -98.91
N SER U 30 -2.50 -29.16 -99.35
CA SER U 30 -3.55 -29.49 -98.39
C SER U 30 -3.13 -30.66 -97.49
N GLN U 31 -2.49 -31.67 -98.07
CA GLN U 31 -2.05 -32.81 -97.28
C GLN U 31 -0.99 -32.41 -96.26
N VAL U 32 -0.04 -31.56 -96.67
CA VAL U 32 0.99 -31.09 -95.73
C VAL U 32 0.35 -30.24 -94.64
N SER U 33 -0.65 -29.43 -95.00
CA SER U 33 -1.35 -28.62 -94.00
C SER U 33 -2.03 -29.50 -92.97
N ARG U 34 -2.61 -30.62 -93.40
CA ARG U 34 -3.23 -31.55 -92.46
C ARG U 34 -2.19 -32.23 -91.58
N VAL U 35 -0.99 -32.46 -92.11
CA VAL U 35 0.02 -33.21 -91.37
C VAL U 35 0.48 -32.45 -90.13
N MET U 36 0.76 -31.15 -90.27
CA MET U 36 1.26 -30.39 -89.13
C MET U 36 0.21 -30.25 -88.05
N SER U 37 -1.05 -30.06 -88.45
CA SER U 37 -2.12 -29.92 -87.46
C SER U 37 -2.31 -31.20 -86.66
N GLU U 38 -2.16 -32.36 -87.31
CA GLU U 38 -2.25 -33.63 -86.60
C GLU U 38 -1.12 -33.76 -85.58
N THR U 39 0.09 -33.34 -85.95
CA THR U 39 1.19 -33.36 -85.00
C THR U 39 1.10 -32.19 -84.03
N GLY U 40 0.21 -31.23 -84.30
CA GLY U 40 0.02 -30.11 -83.41
C GLY U 40 -0.47 -30.49 -82.03
N SER U 41 -1.30 -31.53 -81.93
CA SER U 41 -1.76 -32.01 -80.63
C SER U 41 -0.68 -32.77 -79.88
N LEU U 42 0.28 -33.35 -80.58
CA LEU U 42 1.38 -34.06 -79.94
C LEU U 42 2.28 -33.13 -79.13
N LYS U 43 2.32 -31.83 -79.46
CA LYS U 43 3.10 -30.90 -78.67
C LYS U 43 2.58 -30.81 -77.25
N THR U 44 1.25 -30.81 -77.08
CA THR U 44 0.67 -30.71 -75.74
C THR U 44 1.04 -31.91 -74.89
N VAL U 45 0.95 -33.11 -75.45
CA VAL U 45 1.27 -34.32 -74.69
C VAL U 45 2.75 -34.34 -74.32
N ILE U 46 3.62 -34.00 -75.27
CA ILE U 46 5.05 -33.94 -74.97
C ILE U 46 5.35 -32.82 -73.97
N GLU U 47 4.60 -31.72 -74.05
CA GLU U 47 4.81 -30.61 -73.12
C GLU U 47 4.53 -31.03 -71.69
N THR U 48 3.49 -31.85 -71.47
CA THR U 48 3.22 -32.37 -70.14
C THR U 48 4.40 -33.16 -69.60
N CYS U 49 4.92 -34.09 -70.40
CA CYS U 49 5.90 -35.05 -69.90
C CYS U 49 7.24 -34.37 -69.58
N ILE U 50 7.64 -33.41 -70.40
CA ILE U 50 8.90 -32.71 -70.17
C ILE U 50 8.85 -31.96 -68.83
N LEU U 51 7.73 -31.29 -68.56
CA LEU U 51 7.52 -30.63 -67.28
C LEU U 51 7.33 -31.63 -66.14
N ASP U 52 6.67 -32.76 -66.38
CA ASP U 52 6.46 -33.69 -65.28
C ASP U 52 7.75 -34.44 -64.95
N GLY U 53 8.65 -34.56 -65.91
CA GLY U 53 9.84 -35.36 -65.75
C GLY U 53 9.69 -36.81 -66.14
N LYS U 54 8.56 -37.18 -66.72
CA LYS U 54 8.31 -38.56 -67.09
C LYS U 54 9.25 -38.99 -68.21
N THR U 55 9.58 -40.28 -68.20
CA THR U 55 10.43 -40.85 -69.24
C THR U 55 9.59 -41.13 -70.49
N ALA U 56 10.26 -41.54 -71.56
CA ALA U 56 9.56 -41.81 -72.82
C ALA U 56 8.60 -42.98 -72.66
N ALA U 57 8.99 -44.01 -71.91
CA ALA U 57 8.11 -45.16 -71.72
C ALA U 57 6.92 -44.82 -70.83
N ASN U 58 7.10 -43.91 -69.88
CA ASN U 58 6.02 -43.50 -68.99
C ASN U 58 5.18 -42.37 -69.56
N CYS U 59 5.51 -41.88 -70.76
CA CYS U 59 4.80 -40.77 -71.37
C CYS U 59 3.75 -41.32 -72.32
N GLU U 60 2.48 -41.11 -71.99
CA GLU U 60 1.36 -41.67 -72.76
C GLU U 60 0.94 -40.68 -73.84
N LEU U 61 1.12 -41.07 -75.10
CA LEU U 61 0.72 -40.25 -76.24
C LEU U 61 -0.72 -40.56 -76.63
N GLY U 62 -1.48 -39.52 -76.98
CA GLY U 62 -2.82 -39.69 -77.48
C GLY U 62 -2.90 -39.70 -78.99
N TRP U 63 -1.82 -40.14 -79.64
CA TRP U 63 -1.76 -40.19 -81.09
C TRP U 63 -2.64 -41.30 -81.64
N THR U 64 -3.29 -41.02 -82.76
CA THR U 64 -4.12 -41.99 -83.47
C THR U 64 -3.60 -42.17 -84.88
N ASN U 65 -3.69 -43.40 -85.38
CA ASN U 65 -3.19 -43.70 -86.72
C ASN U 65 -3.94 -42.89 -87.77
N SER U 66 -3.19 -42.32 -88.71
CA SER U 66 -3.73 -41.47 -89.76
C SER U 66 -3.50 -42.13 -91.11
N ASN U 67 -4.41 -41.89 -92.05
CA ASN U 67 -4.26 -42.43 -93.39
C ASN U 67 -2.98 -41.94 -94.06
N LEU U 68 -2.52 -40.74 -93.71
CA LEU U 68 -1.21 -40.25 -94.15
C LEU U 68 -0.17 -40.69 -93.12
N LEU U 69 0.95 -41.24 -93.62
CA LEU U 69 1.98 -41.76 -92.73
C LEU U 69 2.59 -40.67 -91.85
N GLY U 70 2.47 -39.41 -92.25
CA GLY U 70 3.00 -38.31 -91.46
C GLY U 70 2.15 -37.98 -90.24
N SER V 1 11.97 -39.79 -39.51
CA SER V 1 12.64 -38.66 -40.16
C SER V 1 13.16 -37.67 -39.11
N THR V 2 14.48 -37.60 -38.98
CA THR V 2 15.14 -36.71 -38.05
C THR V 2 16.05 -35.75 -38.82
N ALA V 3 16.76 -34.90 -38.08
CA ALA V 3 17.65 -33.93 -38.71
C ALA V 3 18.88 -34.61 -39.31
N ALA V 4 19.44 -35.61 -38.63
CA ALA V 4 20.63 -36.26 -39.13
C ALA V 4 20.36 -37.02 -40.42
N VAL V 5 19.23 -37.76 -40.47
CA VAL V 5 18.85 -38.53 -41.65
C VAL V 5 17.37 -38.28 -41.92
N THR V 6 17.05 -37.98 -43.18
CA THR V 6 15.67 -37.73 -43.58
C THR V 6 15.07 -38.94 -44.26
N GLY V 7 13.76 -38.87 -44.50
CA GLY V 7 13.09 -39.97 -45.18
C GLY V 7 13.52 -40.12 -46.63
N GLN V 8 13.78 -39.01 -47.30
CA GLN V 8 14.12 -39.01 -48.71
C GLN V 8 15.50 -38.42 -48.94
N THR V 9 16.13 -38.81 -50.05
CA THR V 9 17.46 -38.33 -50.37
C THR V 9 17.46 -36.92 -50.93
N GLY V 10 16.29 -36.39 -51.30
CA GLY V 10 16.23 -35.06 -51.88
C GLY V 10 16.36 -33.92 -50.90
N LEU V 11 16.33 -34.20 -49.61
CA LEU V 11 16.45 -33.18 -48.58
C LEU V 11 17.61 -33.53 -47.65
N THR V 12 18.52 -32.57 -47.44
CA THR V 12 19.64 -32.74 -46.54
C THR V 12 19.64 -31.61 -45.53
N ILE V 13 19.91 -31.94 -44.27
CA ILE V 13 19.95 -30.97 -43.19
C ILE V 13 21.34 -30.98 -42.59
N THR V 14 21.99 -29.82 -42.58
CA THR V 14 23.31 -29.65 -41.99
C THR V 14 23.14 -29.04 -40.60
N TYR V 15 23.21 -29.88 -39.57
CA TYR V 15 23.01 -29.40 -38.20
C TYR V 15 24.30 -28.83 -37.63
N PRO V 16 24.29 -27.59 -37.17
CA PRO V 16 25.49 -27.05 -36.52
C PRO V 16 25.67 -27.62 -35.13
N ALA V 17 26.91 -27.98 -34.80
CA ALA V 17 27.24 -28.57 -33.51
C ALA V 17 27.87 -27.58 -32.53
N SER V 18 28.29 -26.41 -33.00
CA SER V 18 28.93 -25.41 -32.15
C SER V 18 28.23 -24.07 -32.35
N ALA V 19 28.76 -23.04 -31.68
CA ALA V 19 28.18 -21.70 -31.71
C ALA V 19 28.79 -20.81 -32.77
N THR V 20 29.72 -21.32 -33.58
CA THR V 20 30.38 -20.51 -34.61
C THR V 20 30.13 -21.05 -36.01
N GLU V 21 29.12 -21.90 -36.18
CA GLU V 21 28.80 -22.49 -37.47
C GLU V 21 27.33 -22.29 -37.78
N SER V 22 27.02 -22.23 -39.07
CA SER V 22 25.69 -21.92 -39.56
C SER V 22 24.89 -23.20 -39.84
N ALA V 23 23.57 -23.05 -39.84
CA ALA V 23 22.66 -24.13 -40.17
C ALA V 23 22.18 -23.99 -41.61
N ALA V 24 21.84 -25.11 -42.22
CA ALA V 24 21.44 -25.13 -43.62
C ALA V 24 20.39 -26.21 -43.86
N ILE V 25 19.42 -25.90 -44.71
CA ILE V 25 18.42 -26.85 -45.17
C ILE V 25 18.47 -26.84 -46.70
N GLN V 26 18.90 -27.95 -47.28
CA GLN V 26 19.11 -28.05 -48.73
C GLN V 26 18.13 -29.03 -49.33
N GLY V 27 17.48 -28.61 -50.42
CA GLY V 27 16.58 -29.48 -51.15
C GLY V 27 16.95 -29.59 -52.61
N THR V 28 17.02 -30.82 -53.13
CA THR V 28 17.40 -31.07 -54.51
C THR V 28 16.17 -31.51 -55.30
N PHE V 29 15.93 -30.85 -56.42
CA PHE V 29 14.78 -31.18 -57.26
C PHE V 29 14.98 -32.53 -57.94
N GLY V 30 13.88 -33.13 -58.38
CA GLY V 30 13.94 -34.38 -59.08
C GLY V 30 12.58 -35.03 -59.17
N ASN V 31 12.58 -36.26 -59.69
CA ASN V 31 11.37 -37.06 -59.85
C ASN V 31 10.32 -36.32 -60.68
N SER V 32 9.37 -35.66 -60.02
CA SER V 32 8.28 -34.98 -60.71
C SER V 32 8.62 -33.55 -61.10
N ALA V 33 9.84 -33.09 -60.80
CA ALA V 33 10.22 -31.73 -61.13
C ALA V 33 10.55 -31.62 -62.62
N ALA V 34 10.68 -30.38 -63.08
CA ALA V 34 11.00 -30.12 -64.48
C ALA V 34 12.39 -30.67 -64.81
N ILE V 35 12.53 -31.16 -66.04
CA ILE V 35 13.81 -31.72 -66.48
C ILE V 35 14.86 -30.60 -66.58
N LYS V 36 14.41 -29.37 -66.86
CA LYS V 36 15.34 -28.24 -66.90
C LYS V 36 15.99 -28.00 -65.54
N ILE V 37 15.27 -28.31 -64.47
CA ILE V 37 15.79 -28.14 -63.11
C ILE V 37 15.91 -29.49 -62.44
N LYS V 38 16.19 -30.53 -63.23
CA LYS V 38 16.24 -31.90 -62.74
C LYS V 38 17.33 -32.12 -61.69
N ASN V 39 18.33 -31.25 -61.62
CA ASN V 39 19.39 -31.44 -60.64
C ASN V 39 19.80 -30.15 -59.93
N GLN V 40 19.04 -29.07 -60.06
CA GLN V 40 19.34 -27.85 -59.33
C GLN V 40 19.05 -28.04 -57.84
N THR V 41 19.63 -27.15 -57.03
CA THR V 41 19.50 -27.22 -55.59
C THR V 41 18.96 -25.91 -55.04
N LEU V 42 18.13 -26.03 -54.00
CA LEU V 42 17.62 -24.87 -53.27
C LEU V 42 17.98 -25.06 -51.80
N THR V 43 18.56 -24.02 -51.20
CA THR V 43 19.06 -24.11 -49.84
C THR V 43 18.54 -22.97 -48.99
N TRP V 44 18.20 -23.29 -47.74
CA TRP V 44 17.87 -22.32 -46.71
C TRP V 44 18.97 -22.38 -45.65
N THR V 45 19.71 -21.29 -45.51
CA THR V 45 20.83 -21.23 -44.57
C THR V 45 20.50 -20.30 -43.41
N ARG V 46 20.93 -20.69 -42.22
CA ARG V 46 20.68 -19.94 -41.00
C ARG V 46 22.01 -19.53 -40.37
N THR V 47 22.21 -18.23 -40.21
CA THR V 47 23.44 -17.73 -39.64
C THR V 47 23.53 -18.09 -38.17
N PRO V 48 24.75 -18.18 -37.63
CA PRO V 48 24.90 -18.41 -36.18
C PRO V 48 24.23 -17.35 -35.34
N GLU V 49 24.19 -16.10 -35.81
CA GLU V 49 23.45 -15.05 -35.11
C GLU V 49 21.95 -15.28 -35.10
N GLY V 50 21.42 -15.96 -36.12
CA GLY V 50 20.01 -16.27 -36.18
C GLY V 50 19.24 -15.67 -37.33
N ALA V 51 19.89 -15.46 -38.48
CA ALA V 51 19.23 -14.92 -39.66
C ALA V 51 19.03 -16.03 -40.68
N TRP V 52 17.79 -16.22 -41.12
CA TRP V 52 17.45 -17.22 -42.12
C TRP V 52 17.43 -16.58 -43.50
N SER V 53 18.17 -17.18 -44.44
CA SER V 53 18.22 -16.68 -45.80
C SER V 53 18.25 -17.87 -46.76
N CYS V 54 17.81 -17.62 -47.98
CA CYS V 54 17.64 -18.65 -48.98
C CYS V 54 18.56 -18.41 -50.17
N ALA V 55 18.99 -19.50 -50.79
CA ALA V 55 19.82 -19.44 -51.98
C ALA V 55 19.51 -20.64 -52.86
N THR V 56 19.82 -20.52 -54.14
CA THR V 56 19.56 -21.59 -55.09
C THR V 56 20.42 -21.40 -56.32
N THR V 57 20.60 -22.48 -57.08
CA THR V 57 21.39 -22.47 -58.30
C THR V 57 20.53 -22.44 -59.56
N VAL V 58 19.22 -22.26 -59.43
CA VAL V 58 18.36 -22.19 -60.61
C VAL V 58 18.55 -20.85 -61.32
N GLU V 59 18.23 -20.84 -62.62
CA GLU V 59 18.44 -19.66 -63.44
C GLU V 59 17.62 -18.48 -62.93
N ALA V 60 18.07 -17.28 -63.32
CA ALA V 60 17.43 -16.05 -62.85
C ALA V 60 15.99 -15.95 -63.33
N LYS V 61 15.72 -16.36 -64.57
CA LYS V 61 14.37 -16.31 -65.12
C LYS V 61 13.41 -17.26 -64.41
N PHE V 62 13.92 -18.21 -63.62
CA PHE V 62 13.09 -19.08 -62.80
C PHE V 62 13.02 -18.65 -61.35
N LYS V 63 13.90 -17.74 -60.92
CA LYS V 63 13.96 -17.38 -59.51
C LYS V 63 12.79 -16.48 -59.13
N PRO V 64 12.00 -16.85 -58.12
CA PRO V 64 11.04 -15.91 -57.54
C PRO V 64 11.74 -14.85 -56.70
N ALA V 65 10.93 -13.92 -56.19
CA ALA V 65 11.49 -12.82 -55.40
C ALA V 65 12.03 -13.28 -54.06
N GLY V 66 11.64 -14.47 -53.59
CA GLY V 66 12.04 -14.92 -52.27
C GLY V 66 13.48 -15.36 -52.16
N CYS V 67 14.10 -15.82 -53.24
CA CYS V 67 15.46 -16.33 -53.23
C CYS V 67 16.31 -15.74 -54.35
N ALA V 68 16.17 -14.43 -54.59
CA ALA V 68 16.96 -13.74 -55.60
C ALA V 68 18.27 -13.26 -54.99
N SER V 69 19.14 -14.23 -54.71
CA SER V 69 20.44 -13.94 -54.11
C SER V 69 21.48 -14.97 -54.55
N SER W 1 22.77 -17.90 109.54
CA SER W 1 22.32 -18.54 110.77
C SER W 1 23.38 -18.45 111.85
N THR W 2 24.03 -19.57 112.14
CA THR W 2 25.10 -19.64 113.13
C THR W 2 26.37 -20.17 112.47
N ALA W 3 27.45 -20.17 113.25
CA ALA W 3 28.70 -20.75 112.76
C ALA W 3 28.58 -22.26 112.58
N ALA W 4 27.89 -22.93 113.50
CA ALA W 4 27.78 -24.38 113.44
C ALA W 4 26.92 -24.81 112.26
N VAL W 5 25.73 -24.20 112.11
CA VAL W 5 24.78 -24.57 111.07
C VAL W 5 24.46 -23.34 110.23
N THR W 6 24.40 -23.52 108.92
CA THR W 6 24.14 -22.44 107.98
C THR W 6 22.82 -22.69 107.24
N GLY W 7 22.21 -21.59 106.78
CA GLY W 7 20.95 -21.66 106.09
C GLY W 7 21.02 -22.10 104.64
N GLN W 8 22.22 -22.20 104.08
CA GLN W 8 22.40 -22.66 102.71
C GLN W 8 23.52 -23.69 102.67
N THR W 9 23.38 -24.67 101.78
CA THR W 9 24.39 -25.73 101.70
C THR W 9 25.66 -25.24 101.01
N GLY W 10 25.61 -24.08 100.36
CA GLY W 10 26.76 -23.56 99.64
C GLY W 10 27.82 -22.90 100.48
N LEU W 11 27.56 -22.67 101.77
CA LEU W 11 28.50 -22.01 102.66
C LEU W 11 28.70 -22.86 103.90
N THR W 12 29.97 -23.10 104.25
CA THR W 12 30.34 -23.83 105.46
C THR W 12 31.29 -22.97 106.29
N ILE W 13 31.18 -23.08 107.61
CA ILE W 13 31.97 -22.29 108.53
C ILE W 13 32.84 -23.23 109.35
N THR W 14 34.14 -23.00 109.34
CA THR W 14 35.09 -23.79 110.12
C THR W 14 35.52 -22.95 111.32
N TYR W 15 34.72 -23.01 112.38
CA TYR W 15 35.01 -22.28 113.62
C TYR W 15 36.07 -23.01 114.43
N PRO W 16 37.15 -22.33 114.81
CA PRO W 16 38.19 -23.00 115.60
C PRO W 16 37.71 -23.23 117.03
N ALA W 17 37.98 -24.44 117.55
CA ALA W 17 37.64 -24.77 118.92
C ALA W 17 38.65 -24.25 119.92
N SER W 18 39.77 -23.70 119.46
CA SER W 18 40.80 -23.15 120.33
C SER W 18 41.60 -22.12 119.54
N ALA W 19 42.70 -21.66 120.14
CA ALA W 19 43.58 -20.70 119.49
C ALA W 19 44.74 -21.36 118.77
N THR W 20 44.79 -22.69 118.74
CA THR W 20 45.90 -23.42 118.11
C THR W 20 45.58 -23.83 116.68
N GLU W 21 44.41 -23.50 116.15
CA GLU W 21 44.06 -23.80 114.77
C GLU W 21 43.42 -22.59 114.12
N SER W 22 43.49 -22.55 112.80
CA SER W 22 43.01 -21.41 112.03
C SER W 22 41.49 -21.46 111.86
N ALA W 23 40.94 -20.38 111.32
CA ALA W 23 39.52 -20.25 111.02
C ALA W 23 39.34 -20.02 109.53
N ALA W 24 38.39 -20.75 108.94
CA ALA W 24 38.15 -20.69 107.51
C ALA W 24 36.65 -20.63 107.24
N ILE W 25 36.27 -19.84 106.24
CA ILE W 25 34.91 -19.78 105.74
C ILE W 25 34.96 -20.22 104.27
N GLN W 26 34.22 -21.28 103.94
CA GLN W 26 34.27 -21.88 102.62
C GLN W 26 32.98 -21.58 101.86
N GLY W 27 33.14 -21.11 100.63
CA GLY W 27 31.99 -20.80 99.79
C GLY W 27 32.04 -21.49 98.44
N THR W 28 31.04 -22.30 98.14
CA THR W 28 30.95 -23.02 96.88
C THR W 28 29.90 -22.39 95.99
N PHE W 29 30.27 -22.04 94.76
CA PHE W 29 29.36 -21.39 93.84
C PHE W 29 28.28 -22.37 93.38
N GLY W 30 27.32 -21.84 92.64
CA GLY W 30 26.22 -22.63 92.15
C GLY W 30 25.00 -21.77 91.92
N ASN W 31 23.85 -22.45 91.78
CA ASN W 31 22.57 -21.79 91.51
C ASN W 31 22.64 -20.94 90.24
N SER W 32 22.84 -19.64 90.41
CA SER W 32 22.91 -18.71 89.30
C SER W 32 24.33 -18.51 88.78
N ALA W 33 25.31 -19.21 89.34
CA ALA W 33 26.69 -19.05 88.89
C ALA W 33 26.90 -19.74 87.54
N ALA W 34 28.01 -19.40 86.90
CA ALA W 34 28.33 -19.98 85.61
C ALA W 34 28.63 -21.46 85.74
N ILE W 35 28.28 -22.21 84.69
CA ILE W 35 28.47 -23.66 84.70
C ILE W 35 29.95 -24.02 84.77
N LYS W 36 30.80 -23.22 84.12
CA LYS W 36 32.24 -23.48 84.16
C LYS W 36 32.78 -23.35 85.58
N ILE W 37 32.10 -22.59 86.43
CA ILE W 37 32.51 -22.43 87.82
C ILE W 37 31.41 -22.92 88.74
N LYS W 38 30.66 -23.93 88.28
CA LYS W 38 29.55 -24.44 89.06
C LYS W 38 30.03 -25.05 90.38
N ASN W 39 31.13 -25.78 90.36
CA ASN W 39 31.62 -26.49 91.53
C ASN W 39 32.94 -25.93 92.06
N GLN W 40 33.31 -24.71 91.68
CA GLN W 40 34.50 -24.10 92.24
C GLN W 40 34.25 -23.64 93.68
N THR W 41 35.34 -23.40 94.39
CA THR W 41 35.28 -23.03 95.80
C THR W 41 36.09 -21.77 96.05
N LEU W 42 35.59 -20.95 96.98
CA LEU W 42 36.27 -19.73 97.41
C LEU W 42 36.28 -19.72 98.94
N THR W 43 37.44 -19.45 99.53
CA THR W 43 37.59 -19.52 100.97
C THR W 43 38.46 -18.37 101.48
N TRP W 44 38.19 -17.96 102.71
CA TRP W 44 39.00 -16.99 103.44
C TRP W 44 39.53 -17.67 104.70
N THR W 45 40.84 -17.59 104.92
CA THR W 45 41.49 -18.25 106.04
C THR W 45 41.92 -17.22 107.07
N ARG W 46 41.55 -17.45 108.32
CA ARG W 46 41.93 -16.58 109.43
C ARG W 46 42.95 -17.31 110.29
N THR W 47 44.17 -16.80 110.32
CA THR W 47 45.22 -17.40 111.11
C THR W 47 44.96 -17.16 112.60
N PRO W 48 45.50 -18.03 113.46
CA PRO W 48 45.30 -17.82 114.91
C PRO W 48 45.83 -16.49 115.41
N GLU W 49 46.89 -15.95 114.80
CA GLU W 49 47.41 -14.64 115.19
C GLU W 49 46.50 -13.50 114.75
N GLY W 50 45.53 -13.75 113.88
CA GLY W 50 44.60 -12.73 113.44
C GLY W 50 44.82 -12.17 112.06
N ALA W 51 45.62 -12.83 111.22
CA ALA W 51 45.87 -12.36 109.86
C ALA W 51 44.90 -13.03 108.90
N TRP W 52 44.14 -12.21 108.17
CA TRP W 52 43.17 -12.70 107.21
C TRP W 52 43.79 -12.84 105.82
N SER W 53 43.41 -13.90 105.11
CA SER W 53 43.93 -14.16 103.78
C SER W 53 42.86 -14.84 102.95
N CYS W 54 43.01 -14.76 101.63
CA CYS W 54 42.03 -15.27 100.68
C CYS W 54 42.71 -16.19 99.66
N ALA W 55 41.98 -17.24 99.27
CA ALA W 55 42.44 -18.16 98.23
C ALA W 55 41.23 -18.85 97.62
N THR W 56 41.42 -19.37 96.41
CA THR W 56 40.37 -20.11 95.73
C THR W 56 41.01 -21.11 94.76
N THR W 57 40.23 -22.14 94.42
CA THR W 57 40.70 -23.20 93.54
C THR W 57 40.39 -22.95 92.08
N VAL W 58 39.77 -21.82 91.74
CA VAL W 58 39.38 -21.58 90.36
C VAL W 58 40.59 -21.12 89.54
N GLU W 59 40.42 -21.11 88.22
CA GLU W 59 41.49 -20.80 87.29
C GLU W 59 42.09 -19.41 87.58
N ALA W 60 43.40 -19.32 87.37
CA ALA W 60 44.12 -18.08 87.67
C ALA W 60 43.67 -16.94 86.76
N LYS W 61 43.36 -17.25 85.50
CA LYS W 61 42.86 -16.22 84.59
C LYS W 61 41.52 -15.65 85.07
N PHE W 62 40.81 -16.38 85.93
CA PHE W 62 39.55 -15.92 86.49
C PHE W 62 39.71 -15.32 87.89
N LYS W 63 40.80 -15.63 88.57
CA LYS W 63 41.00 -15.14 89.95
C LYS W 63 41.15 -13.62 89.96
N PRO W 64 40.50 -12.92 90.87
CA PRO W 64 40.66 -11.47 90.95
C PRO W 64 42.02 -11.08 91.50
N ALA W 65 42.33 -9.79 91.38
CA ALA W 65 43.61 -9.28 91.84
C ALA W 65 43.76 -9.41 93.36
N GLY W 66 42.68 -9.19 94.11
CA GLY W 66 42.75 -9.26 95.56
C GLY W 66 42.98 -10.66 96.11
N CYS W 67 42.61 -11.69 95.34
CA CYS W 67 42.81 -13.07 95.77
C CYS W 67 43.71 -13.84 94.79
N ALA W 68 44.59 -13.13 94.08
CA ALA W 68 45.50 -13.76 93.12
C ALA W 68 46.68 -14.38 93.87
N SER W 69 46.42 -15.52 94.49
CA SER W 69 47.43 -16.22 95.26
C SER W 69 47.35 -17.73 95.03
N SER X 1 9.56 12.42 98.45
CA SER X 1 10.87 12.51 99.09
C SER X 1 10.86 11.85 100.45
N THR X 2 9.72 11.28 100.84
CA THR X 2 9.56 10.62 102.12
C THR X 2 8.96 9.24 101.91
N ALA X 3 8.93 8.46 102.99
CA ALA X 3 8.29 7.15 102.93
C ALA X 3 6.77 7.27 102.89
N ALA X 4 6.21 8.26 103.59
CA ALA X 4 4.76 8.43 103.59
C ALA X 4 4.24 8.88 102.23
N VAL X 5 4.86 9.89 101.64
CA VAL X 5 4.48 10.39 100.33
C VAL X 5 5.71 10.36 99.43
N THR X 6 5.53 9.88 98.21
CA THR X 6 6.63 9.69 97.25
C THR X 6 6.52 10.71 96.12
N GLY X 7 7.62 10.85 95.38
CA GLY X 7 7.67 11.82 94.31
C GLY X 7 6.91 11.44 93.06
N GLN X 8 6.46 10.19 92.96
CA GLN X 8 5.67 9.73 91.84
C GLN X 8 4.70 8.67 92.31
N THR X 9 3.62 8.49 91.54
CA THR X 9 2.59 7.52 91.90
C THR X 9 3.02 6.09 91.63
N GLY X 10 4.04 5.88 90.79
CA GLY X 10 4.49 4.54 90.47
C GLY X 10 5.31 3.85 91.53
N LEU X 11 5.79 4.58 92.53
CA LEU X 11 6.60 4.03 93.61
C LEU X 11 5.96 4.38 94.94
N THR X 12 5.76 3.38 95.78
CA THR X 12 5.29 3.58 97.14
C THR X 12 6.00 2.59 98.06
N ILE X 13 6.16 3.00 99.31
CA ILE X 13 6.92 2.25 100.30
C ILE X 13 6.04 2.04 101.53
N THR X 14 5.94 0.80 102.00
CA THR X 14 5.17 0.49 103.20
C THR X 14 6.11 0.55 104.40
N TYR X 15 6.03 1.63 105.17
CA TYR X 15 6.89 1.81 106.33
C TYR X 15 6.29 1.11 107.54
N PRO X 16 7.01 0.17 108.17
CA PRO X 16 6.46 -0.51 109.34
C PRO X 16 6.25 0.44 110.51
N ALA X 17 5.22 0.15 111.30
CA ALA X 17 4.92 0.92 112.51
C ALA X 17 5.32 0.22 113.79
N SER X 18 5.69 -1.06 113.73
CA SER X 18 6.10 -1.82 114.90
C SER X 18 7.11 -2.87 114.48
N ALA X 19 7.77 -3.48 115.48
CA ALA X 19 8.76 -4.51 115.21
C ALA X 19 8.15 -5.83 114.77
N THR X 20 6.83 -5.98 114.85
CA THR X 20 6.16 -7.22 114.48
C THR X 20 5.64 -7.20 113.04
N GLU X 21 5.91 -6.14 112.30
CA GLU X 21 5.47 -6.03 110.92
C GLU X 21 6.66 -5.71 110.01
N SER X 22 6.55 -6.15 108.76
CA SER X 22 7.65 -6.06 107.82
C SER X 22 7.62 -4.72 107.07
N ALA X 23 8.54 -4.57 106.12
CA ALA X 23 8.63 -3.38 105.28
C ALA X 23 8.60 -3.79 103.83
N ALA X 24 8.05 -2.91 102.99
CA ALA X 24 7.91 -3.18 101.57
C ALA X 24 8.19 -1.93 100.76
N ILE X 25 9.00 -2.09 99.71
CA ILE X 25 9.25 -1.04 98.73
C ILE X 25 8.84 -1.61 97.39
N GLN X 26 7.65 -1.21 96.91
CA GLN X 26 7.06 -1.78 95.71
C GLN X 26 6.98 -0.71 94.62
N GLY X 27 7.25 -1.11 93.39
CA GLY X 27 7.15 -0.23 92.25
C GLY X 27 6.41 -0.87 91.09
N THR X 28 5.54 -0.10 90.44
CA THR X 28 4.74 -0.58 89.31
C THR X 28 5.29 0.00 88.02
N PHE X 29 5.55 -0.86 87.05
CA PHE X 29 6.05 -0.40 85.76
C PHE X 29 4.98 0.40 85.02
N GLY X 30 5.45 1.21 84.08
CA GLY X 30 4.54 2.03 83.30
C GLY X 30 5.30 3.16 82.62
N ASN X 31 4.52 4.12 82.11
CA ASN X 31 5.05 5.27 81.38
C ASN X 31 5.90 4.80 80.21
N SER X 32 7.21 4.74 80.40
CA SER X 32 8.12 4.30 79.36
C SER X 32 8.33 2.79 79.34
N ALA X 33 7.65 2.06 80.21
CA ALA X 33 7.77 0.61 80.24
C ALA X 33 7.06 -0.01 79.04
N ALA X 34 7.40 -1.27 78.75
CA ALA X 34 6.82 -1.97 77.62
C ALA X 34 5.33 -2.23 77.86
N ILE X 35 4.58 -2.33 76.77
CA ILE X 35 3.14 -2.57 76.85
C ILE X 35 2.87 -3.91 77.53
N LYS X 36 3.69 -4.91 77.25
CA LYS X 36 3.48 -6.23 77.84
C LYS X 36 3.64 -6.17 79.36
N ILE X 37 4.62 -5.42 79.85
CA ILE X 37 4.86 -5.28 81.27
C ILE X 37 4.34 -3.93 81.79
N LYS X 38 3.37 -3.33 81.10
CA LYS X 38 2.92 -1.98 81.45
C LYS X 38 2.21 -1.93 82.79
N ASN X 39 1.68 -3.05 83.28
CA ASN X 39 0.95 -3.05 84.54
C ASN X 39 1.50 -4.05 85.56
N GLN X 40 2.69 -4.61 85.32
CA GLN X 40 3.29 -5.51 86.27
C GLN X 40 3.91 -4.74 87.43
N THR X 41 4.11 -5.43 88.55
CA THR X 41 4.65 -4.83 89.76
C THR X 41 5.86 -5.62 90.25
N LEU X 42 6.87 -4.88 90.71
CA LEU X 42 8.06 -5.44 91.33
C LEU X 42 8.22 -4.83 92.70
N THR X 43 8.55 -5.65 93.70
CA THR X 43 8.60 -5.20 95.08
C THR X 43 9.82 -5.76 95.80
N TRP X 44 10.31 -4.98 96.76
CA TRP X 44 11.32 -5.42 97.72
C TRP X 44 10.64 -5.62 99.06
N THR X 45 10.89 -6.76 99.70
CA THR X 45 10.32 -7.08 101.00
C THR X 45 11.43 -7.24 102.02
N ARG X 46 11.33 -6.52 103.13
CA ARG X 46 12.29 -6.60 104.22
C ARG X 46 11.61 -7.24 105.43
N THR X 47 12.16 -8.36 105.88
CA THR X 47 11.63 -9.05 107.05
C THR X 47 11.93 -8.23 108.31
N PRO X 48 11.15 -8.43 109.37
CA PRO X 48 11.45 -7.73 110.63
C PRO X 48 12.83 -8.02 111.19
N GLU X 49 13.43 -9.16 110.83
CA GLU X 49 14.78 -9.48 111.26
C GLU X 49 15.85 -8.76 110.46
N GLY X 50 15.46 -8.01 109.42
CA GLY X 50 16.40 -7.28 108.61
C GLY X 50 16.83 -7.95 107.32
N ALA X 51 16.18 -9.04 106.92
CA ALA X 51 16.52 -9.76 105.70
C ALA X 51 15.68 -9.23 104.55
N TRP X 52 16.34 -8.89 103.45
CA TRP X 52 15.69 -8.35 102.26
C TRP X 52 15.43 -9.44 101.24
N SER X 53 14.30 -9.32 100.55
CA SER X 53 13.93 -10.27 99.51
C SER X 53 13.23 -9.52 98.39
N CYS X 54 13.36 -10.05 97.18
CA CYS X 54 12.79 -9.44 95.99
C CYS X 54 11.66 -10.32 95.45
N ALA X 55 10.59 -9.67 95.00
CA ALA X 55 9.45 -10.36 94.43
C ALA X 55 8.88 -9.51 93.31
N THR X 56 8.28 -10.18 92.32
CA THR X 56 7.70 -9.49 91.19
C THR X 56 6.63 -10.37 90.55
N THR X 57 5.70 -9.73 89.85
CA THR X 57 4.63 -10.42 89.15
C THR X 57 4.86 -10.52 87.65
N VAL X 58 6.04 -10.14 87.17
CA VAL X 58 6.35 -10.15 85.74
C VAL X 58 6.51 -11.59 85.29
N GLU X 59 6.52 -11.80 83.97
CA GLU X 59 6.62 -13.14 83.42
C GLU X 59 7.97 -13.77 83.76
N ALA X 60 7.99 -15.10 83.80
CA ALA X 60 9.19 -15.83 84.23
C ALA X 60 10.35 -15.60 83.28
N LYS X 61 10.08 -15.62 81.96
CA LYS X 61 11.15 -15.44 80.99
C LYS X 61 11.78 -14.05 81.05
N PHE X 62 11.12 -13.09 81.67
CA PHE X 62 11.67 -11.75 81.86
C PHE X 62 12.32 -11.56 83.23
N LYS X 63 12.08 -12.46 84.17
CA LYS X 63 12.63 -12.32 85.51
C LYS X 63 14.15 -12.48 85.48
N PRO X 64 14.90 -11.62 86.16
CA PRO X 64 16.35 -11.78 86.21
C PRO X 64 16.77 -12.86 87.22
N ALA X 65 18.08 -13.10 87.27
CA ALA X 65 18.59 -14.12 88.18
C ALA X 65 18.48 -13.68 89.63
N GLY X 66 18.49 -12.37 89.89
CA GLY X 66 18.42 -11.88 91.26
C GLY X 66 17.05 -11.90 91.88
N CYS X 67 16.00 -12.05 91.07
CA CYS X 67 14.63 -12.07 91.55
C CYS X 67 13.87 -13.29 91.05
N ALA X 68 14.52 -14.46 91.07
CA ALA X 68 13.82 -15.70 90.70
C ALA X 68 12.75 -16.05 91.73
N SER X 69 13.05 -15.86 93.01
CA SER X 69 12.12 -16.14 94.11
C SER X 69 11.64 -17.59 94.10
N SER Y 1 41.17 17.76 80.98
CA SER Y 1 40.35 18.97 80.95
C SER Y 1 39.88 19.34 82.35
N THR Y 2 39.09 20.40 82.45
CA THR Y 2 38.59 20.88 83.73
C THR Y 2 37.22 21.52 83.51
N ALA Y 3 36.53 21.80 84.61
CA ALA Y 3 35.20 22.41 84.52
C ALA Y 3 35.28 23.83 83.98
N ALA Y 4 36.40 24.53 84.22
CA ALA Y 4 36.53 25.90 83.76
C ALA Y 4 36.58 25.97 82.24
N VAL Y 5 37.44 25.17 81.61
CA VAL Y 5 37.58 25.13 80.16
C VAL Y 5 37.77 23.69 79.74
N THR Y 6 37.10 23.29 78.66
CA THR Y 6 37.17 21.94 78.14
C THR Y 6 38.11 21.87 76.93
N GLY Y 7 38.37 20.64 76.48
CA GLY Y 7 39.22 20.44 75.33
C GLY Y 7 38.58 20.82 74.01
N GLN Y 8 37.25 20.88 73.96
CA GLN Y 8 36.52 21.22 72.75
C GLN Y 8 35.45 22.26 73.07
N THR Y 9 35.12 23.07 72.06
CA THR Y 9 34.12 24.11 72.23
C THR Y 9 32.70 23.57 72.18
N GLY Y 10 32.53 22.30 71.78
CA GLY Y 10 31.20 21.72 71.71
C GLY Y 10 30.62 21.25 73.02
N LEU Y 11 31.42 21.28 74.09
CA LEU Y 11 30.96 20.88 75.42
C LEU Y 11 31.17 22.04 76.38
N THR Y 12 30.15 22.33 77.20
CA THR Y 12 30.18 23.44 78.14
C THR Y 12 29.79 22.94 79.52
N ILE Y 13 30.56 23.36 80.53
CA ILE Y 13 30.32 23.00 81.92
C ILE Y 13 30.00 24.26 82.70
N THR Y 14 28.83 24.29 83.32
CA THR Y 14 28.40 25.42 84.14
C THR Y 14 28.55 25.00 85.61
N TYR Y 15 29.70 25.31 86.20
CA TYR Y 15 30.01 24.90 87.57
C TYR Y 15 29.42 25.88 88.56
N PRO Y 16 28.59 25.41 89.49
CA PRO Y 16 28.01 26.32 90.49
C PRO Y 16 29.07 26.87 91.43
N ALA Y 17 28.84 28.09 91.90
CA ALA Y 17 29.74 28.76 92.81
C ALA Y 17 29.22 28.87 94.23
N SER Y 18 27.92 28.72 94.44
CA SER Y 18 27.32 28.82 95.77
C SER Y 18 26.35 27.67 95.95
N ALA Y 19 25.60 27.71 97.05
CA ALA Y 19 24.63 26.67 97.39
C ALA Y 19 23.27 26.90 96.75
N THR Y 20 23.07 28.01 96.05
CA THR Y 20 21.79 28.33 95.42
C THR Y 20 21.91 28.37 93.90
N GLU Y 21 22.83 27.60 93.34
CA GLU Y 21 23.04 27.53 91.90
C GLU Y 21 22.97 26.09 91.43
N SER Y 22 22.59 25.91 90.18
CA SER Y 22 22.41 24.60 89.58
C SER Y 22 23.50 24.33 88.56
N ALA Y 23 24.13 23.16 88.66
CA ALA Y 23 25.13 22.75 87.68
C ALA Y 23 24.47 22.39 86.36
N ALA Y 24 25.25 22.47 85.29
CA ALA Y 24 24.75 22.17 83.95
C ALA Y 24 25.87 21.62 83.09
N ILE Y 25 25.54 20.60 82.30
CA ILE Y 25 26.45 20.01 81.32
C ILE Y 25 25.76 20.06 79.97
N GLN Y 26 26.20 20.98 79.11
CA GLN Y 26 25.58 21.19 77.81
C GLN Y 26 26.55 20.78 76.71
N GLY Y 27 26.05 19.97 75.77
CA GLY Y 27 26.83 19.55 74.62
C GLY Y 27 26.14 19.88 73.32
N THR Y 28 26.86 20.53 72.40
CA THR Y 28 26.30 20.96 71.12
C THR Y 28 26.77 20.03 70.01
N PHE Y 29 25.84 19.57 69.19
CA PHE Y 29 26.16 18.68 68.09
C PHE Y 29 26.99 19.40 67.04
N GLY Y 30 27.68 18.62 66.22
CA GLY Y 30 28.47 19.18 65.15
C GLY Y 30 29.47 18.17 64.64
N ASN Y 31 30.40 18.67 63.82
CA ASN Y 31 31.46 17.87 63.22
C ASN Y 31 30.88 16.71 62.41
N SER Y 32 30.79 15.54 63.03
CA SER Y 32 30.25 14.35 62.38
C SER Y 32 28.77 14.13 62.68
N ALA Y 33 28.11 15.09 63.32
CA ALA Y 33 26.69 14.96 63.60
C ALA Y 33 25.86 15.17 62.33
N ALA Y 34 24.59 14.80 62.42
CA ALA Y 34 23.70 14.95 61.28
C ALA Y 34 23.50 16.42 60.94
N ILE Y 35 23.33 16.69 59.65
CA ILE Y 35 23.16 18.06 59.18
C ILE Y 35 21.91 18.68 59.78
N LYS Y 36 20.83 17.89 59.92
CA LYS Y 36 19.58 18.43 60.44
C LYS Y 36 19.74 18.87 61.89
N ILE Y 37 20.55 18.16 62.66
CA ILE Y 37 20.75 18.46 64.07
C ILE Y 37 22.14 19.06 64.29
N LYS Y 38 22.68 19.71 63.26
CA LYS Y 38 24.06 20.19 63.31
C LYS Y 38 24.27 21.28 64.36
N ASN Y 39 23.20 21.94 64.81
CA ASN Y 39 23.35 23.05 65.75
C ASN Y 39 22.44 22.93 66.97
N GLN Y 40 21.78 21.79 67.16
CA GLN Y 40 20.96 21.59 68.34
C GLN Y 40 21.85 21.44 69.58
N THR Y 41 21.27 21.72 70.74
CA THR Y 41 21.99 21.65 72.01
C THR Y 41 21.33 20.62 72.91
N LEU Y 42 22.17 19.87 73.65
CA LEU Y 42 21.72 18.89 74.61
C LEU Y 42 22.32 19.24 75.97
N THR Y 43 21.47 19.38 76.98
CA THR Y 43 21.89 19.86 78.28
C THR Y 43 21.49 18.88 79.38
N TRP Y 44 22.42 18.67 80.31
CA TRP Y 44 22.17 17.90 81.53
C TRP Y 44 22.39 18.83 82.72
N THR Y 45 21.31 19.14 83.44
CA THR Y 45 21.36 20.07 84.55
C THR Y 45 21.10 19.34 85.86
N ARG Y 46 21.78 19.79 86.91
CA ARG Y 46 21.63 19.23 88.25
C ARG Y 46 21.04 20.30 89.16
N THR Y 47 19.97 19.94 89.86
CA THR Y 47 19.36 20.85 90.82
C THR Y 47 20.30 21.06 92.00
N PRO Y 48 20.17 22.19 92.71
CA PRO Y 48 21.08 22.45 93.84
C PRO Y 48 21.03 21.39 94.92
N GLU Y 49 19.92 20.68 95.08
CA GLU Y 49 19.81 19.65 96.11
C GLU Y 49 20.21 18.27 95.60
N GLY Y 50 20.71 18.17 94.38
CA GLY Y 50 21.30 16.94 93.88
C GLY Y 50 20.47 16.12 92.92
N ALA Y 51 19.30 16.60 92.51
CA ALA Y 51 18.47 15.89 91.55
C ALA Y 51 18.95 16.19 90.14
N TRP Y 52 19.11 15.14 89.34
CA TRP Y 52 19.59 15.27 87.97
C TRP Y 52 18.44 15.13 86.98
N SER Y 53 18.44 15.99 85.97
CA SER Y 53 17.39 15.98 84.96
C SER Y 53 18.02 16.25 83.60
N CYS Y 54 17.30 15.87 82.54
CA CYS Y 54 17.78 15.98 81.18
C CYS Y 54 16.78 16.75 80.32
N ALA Y 55 17.31 17.51 79.37
CA ALA Y 55 16.49 18.22 78.40
C ALA Y 55 17.33 18.43 77.14
N THR Y 56 16.64 18.63 76.02
CA THR Y 56 17.32 18.85 74.75
C THR Y 56 16.41 19.63 73.82
N THR Y 57 17.02 20.37 72.90
CA THR Y 57 16.30 21.15 71.91
C THR Y 57 16.12 20.40 70.60
N VAL Y 58 16.52 19.13 70.53
CA VAL Y 58 16.36 18.35 69.32
C VAL Y 58 14.88 18.09 69.07
N GLU Y 59 14.54 17.90 67.79
CA GLU Y 59 13.15 17.71 67.40
C GLU Y 59 12.57 16.46 68.07
N ALA Y 60 11.24 16.46 68.20
CA ALA Y 60 10.56 15.41 68.96
C ALA Y 60 10.77 14.04 68.34
N LYS Y 61 10.94 13.97 67.01
CA LYS Y 61 11.13 12.69 66.37
C LYS Y 61 12.48 12.07 66.67
N PHE Y 62 13.40 12.84 67.27
CA PHE Y 62 14.70 12.32 67.66
C PHE Y 62 14.92 12.32 69.16
N LYS Y 63 13.97 12.81 69.94
CA LYS Y 63 14.12 12.78 71.40
C LYS Y 63 13.97 11.36 71.93
N PRO Y 64 14.93 10.85 72.69
CA PRO Y 64 14.77 9.53 73.29
C PRO Y 64 13.78 9.56 74.45
N ALA Y 65 13.46 8.36 74.93
CA ALA Y 65 12.53 8.25 76.07
C ALA Y 65 13.15 8.78 77.35
N GLY Y 66 14.49 8.72 77.47
CA GLY Y 66 15.13 9.20 78.69
C GLY Y 66 15.00 10.69 78.88
N CYS Y 67 15.13 11.46 77.80
CA CYS Y 67 15.04 12.92 77.85
C CYS Y 67 13.79 13.45 77.15
N ALA Y 68 12.67 12.75 77.27
CA ALA Y 68 11.42 13.16 76.66
C ALA Y 68 10.67 14.14 77.56
N SER Y 69 11.25 15.33 77.72
CA SER Y 69 10.67 16.38 78.54
C SER Y 69 11.11 17.76 78.07
N SER Z 1 45.33 -16.73 74.27
CA SER Z 1 45.99 -15.52 73.80
C SER Z 1 46.17 -14.52 74.94
N THR Z 2 47.33 -13.87 74.98
CA THR Z 2 47.65 -12.88 75.99
C THR Z 2 48.02 -11.57 75.30
N ALA Z 3 48.34 -10.55 76.11
CA ALA Z 3 48.76 -9.28 75.56
C ALA Z 3 50.09 -9.40 74.81
N ALA Z 4 51.04 -10.14 75.37
CA ALA Z 4 52.34 -10.28 74.72
C ALA Z 4 52.27 -11.11 73.45
N VAL Z 5 51.58 -12.26 73.51
CA VAL Z 5 51.47 -13.16 72.38
C VAL Z 5 50.01 -13.52 72.19
N THR Z 6 49.57 -13.50 70.93
CA THR Z 6 48.20 -13.84 70.56
C THR Z 6 48.20 -14.92 69.48
N GLY Z 7 47.03 -15.51 69.27
CA GLY Z 7 46.86 -16.56 68.29
C GLY Z 7 46.63 -16.09 66.87
N GLN Z 8 46.58 -14.78 66.63
CA GLN Z 8 46.36 -14.23 65.31
C GLN Z 8 47.57 -13.41 64.88
N THR Z 9 48.06 -13.67 63.67
CA THR Z 9 49.24 -12.96 63.18
C THR Z 9 48.90 -11.53 62.78
N GLY Z 10 47.64 -11.24 62.47
CA GLY Z 10 47.25 -9.90 62.07
C GLY Z 10 47.08 -8.91 63.19
N LEU Z 11 47.15 -9.37 64.45
CA LEU Z 11 47.00 -8.50 65.61
C LEU Z 11 48.26 -8.56 66.46
N THR Z 12 48.79 -7.39 66.81
CA THR Z 12 49.87 -7.28 67.77
C THR Z 12 49.52 -6.19 68.78
N ILE Z 13 49.95 -6.39 70.03
CA ILE Z 13 49.60 -5.51 71.12
C ILE Z 13 50.88 -4.96 71.73
N THR Z 14 50.97 -3.64 71.84
CA THR Z 14 52.09 -2.97 72.47
C THR Z 14 51.73 -2.70 73.93
N TYR Z 15 52.06 -3.64 74.81
CA TYR Z 15 51.73 -3.46 76.22
C TYR Z 15 52.73 -2.55 76.89
N PRO Z 16 52.26 -1.48 77.55
CA PRO Z 16 53.17 -0.52 78.19
C PRO Z 16 53.77 -1.10 79.47
N ALA Z 17 55.09 -1.24 79.48
CA ALA Z 17 55.81 -1.70 80.66
C ALA Z 17 56.17 -0.57 81.61
N SER Z 18 55.80 0.66 81.27
CA SER Z 18 56.10 1.82 82.10
C SER Z 18 54.93 2.79 82.04
N ALA Z 19 54.92 3.75 82.97
CA ALA Z 19 53.91 4.79 83.02
C ALA Z 19 54.22 5.96 82.10
N THR Z 20 55.35 5.92 81.39
CA THR Z 20 55.74 7.00 80.48
C THR Z 20 55.74 6.56 79.03
N GLU Z 21 55.10 5.45 78.71
CA GLU Z 21 54.97 4.98 77.34
C GLU Z 21 53.52 4.62 77.05
N SER Z 22 53.14 4.75 75.79
CA SER Z 22 51.76 4.58 75.38
C SER Z 22 51.46 3.12 75.05
N ALA Z 23 50.17 2.81 74.96
CA ALA Z 23 49.69 1.49 74.60
C ALA Z 23 48.93 1.56 73.29
N ALA Z 24 48.99 0.48 72.52
CA ALA Z 24 48.36 0.45 71.21
C ALA Z 24 47.98 -0.97 70.84
N ILE Z 25 46.91 -1.11 70.06
CA ILE Z 25 46.49 -2.37 69.47
C ILE Z 25 46.50 -2.18 67.96
N GLN Z 26 47.33 -2.96 67.27
CA GLN Z 26 47.51 -2.85 65.83
C GLN Z 26 46.76 -3.96 65.12
N GLY Z 27 45.90 -3.59 64.19
CA GLY Z 27 45.14 -4.56 63.42
C GLY Z 27 45.38 -4.44 61.92
N THR Z 28 45.96 -5.48 61.34
CA THR Z 28 46.29 -5.49 59.91
C THR Z 28 45.28 -6.35 59.17
N PHE Z 29 44.70 -5.80 58.11
CA PHE Z 29 43.70 -6.50 57.33
C PHE Z 29 44.35 -7.64 56.53
N GLY Z 30 43.51 -8.45 55.90
CA GLY Z 30 43.97 -9.54 55.07
C GLY Z 30 42.95 -10.66 55.06
N ASN Z 31 43.39 -11.80 54.53
CA ASN Z 31 42.57 -13.00 54.43
C ASN Z 31 41.28 -12.71 53.68
N SER Z 32 40.19 -12.50 54.41
CA SER Z 32 38.88 -12.26 53.81
C SER Z 32 38.66 -10.79 53.44
N ALA Z 33 39.63 -9.92 53.73
CA ALA Z 33 39.48 -8.51 53.41
C ALA Z 33 39.62 -8.27 51.91
N ALA Z 34 39.27 -7.06 51.48
CA ALA Z 34 39.35 -6.70 50.08
C ALA Z 34 40.80 -6.61 49.62
N ILE Z 35 41.01 -6.83 48.32
CA ILE Z 35 42.35 -6.82 47.76
C ILE Z 35 42.96 -5.43 47.87
N LYS Z 36 42.14 -4.38 47.70
CA LYS Z 36 42.64 -3.02 47.82
C LYS Z 36 43.15 -2.73 49.23
N ILE Z 37 42.48 -3.30 50.24
CA ILE Z 37 42.86 -3.10 51.63
C ILE Z 37 43.52 -4.36 52.17
N LYS Z 38 44.15 -5.13 51.28
CA LYS Z 38 44.75 -6.39 51.68
C LYS Z 38 45.90 -6.21 52.67
N ASN Z 39 46.63 -5.10 52.59
CA ASN Z 39 47.81 -4.91 53.43
C ASN Z 39 47.71 -3.68 54.32
N GLN Z 40 46.57 -3.00 54.36
CA GLN Z 40 46.41 -1.84 55.23
C GLN Z 40 46.25 -2.30 56.67
N THR Z 41 46.39 -1.35 57.60
CA THR Z 41 46.33 -1.65 59.03
C THR Z 41 45.59 -0.53 59.75
N LEU Z 42 45.04 -0.89 60.92
CA LEU Z 42 44.32 0.04 61.77
C LEU Z 42 44.87 -0.08 63.18
N THR Z 43 45.11 1.07 63.83
CA THR Z 43 45.73 1.10 65.15
C THR Z 43 44.82 1.85 66.12
N TRP Z 44 44.58 1.23 67.28
CA TRP Z 44 43.92 1.88 68.40
C TRP Z 44 44.97 2.16 69.47
N THR Z 45 45.25 3.43 69.71
CA THR Z 45 46.31 3.84 70.62
C THR Z 45 45.71 4.39 71.92
N ARG Z 46 46.40 4.16 73.03
CA ARG Z 46 46.01 4.67 74.33
C ARG Z 46 47.15 5.52 74.88
N THR Z 47 46.84 6.77 75.24
CA THR Z 47 47.83 7.64 75.84
C THR Z 47 48.12 7.19 77.27
N PRO Z 48 49.28 7.55 77.81
CA PRO Z 48 49.60 7.14 79.19
C PRO Z 48 48.60 7.63 80.23
N GLU Z 49 48.01 8.82 80.04
CA GLU Z 49 47.07 9.35 81.02
C GLU Z 49 45.64 8.86 80.82
N GLY Z 50 45.37 8.11 79.76
CA GLY Z 50 44.07 7.48 79.61
C GLY Z 50 43.15 8.14 78.59
N ALA Z 51 43.69 8.53 77.44
CA ALA Z 51 42.90 9.07 76.34
C ALA Z 51 42.97 8.12 75.15
N TRP Z 52 41.81 7.74 74.63
CA TRP Z 52 41.72 6.80 73.53
C TRP Z 52 41.38 7.53 72.23
N SER Z 53 41.96 7.05 71.13
CA SER Z 53 41.74 7.63 69.81
C SER Z 53 41.99 6.56 68.76
N CYS Z 54 41.56 6.85 67.53
CA CYS Z 54 41.65 5.90 66.43
C CYS Z 54 42.46 6.47 65.28
N ALA Z 55 43.18 5.58 64.59
CA ALA Z 55 43.96 5.95 63.42
C ALA Z 55 44.18 4.70 62.57
N THR Z 56 44.37 4.91 61.27
CA THR Z 56 44.57 3.79 60.35
C THR Z 56 45.24 4.31 59.09
N THR Z 57 45.77 3.37 58.30
CA THR Z 57 46.41 3.67 57.02
C THR Z 57 45.47 3.45 55.84
N VAL Z 58 44.21 3.09 56.09
CA VAL Z 58 43.25 2.88 55.01
C VAL Z 58 42.95 4.22 54.33
N GLU Z 59 42.61 4.14 53.04
CA GLU Z 59 42.33 5.34 52.27
C GLU Z 59 41.14 6.10 52.86
N ALA Z 60 41.16 7.42 52.66
CA ALA Z 60 40.19 8.30 53.31
C ALA Z 60 38.77 7.98 52.90
N LYS Z 61 38.55 7.67 51.62
CA LYS Z 61 37.21 7.36 51.16
C LYS Z 61 36.66 6.08 51.78
N PHE Z 62 37.53 5.19 52.26
CA PHE Z 62 37.10 4.04 53.04
C PHE Z 62 37.19 4.27 54.55
N LYS Z 63 37.75 5.41 54.97
CA LYS Z 63 37.80 5.72 56.39
C LYS Z 63 36.40 6.07 56.91
N PRO Z 64 36.10 5.75 58.16
CA PRO Z 64 34.82 6.16 58.74
C PRO Z 64 34.90 7.58 59.31
N ALA Z 65 33.79 8.00 59.91
CA ALA Z 65 33.78 9.27 60.62
C ALA Z 65 34.52 9.20 61.95
N GLY Z 66 34.56 8.02 62.58
CA GLY Z 66 35.21 7.85 63.86
C GLY Z 66 36.70 7.56 63.80
N CYS Z 67 37.25 7.34 62.61
CA CYS Z 67 38.68 7.06 62.45
C CYS Z 67 39.29 7.87 61.31
N ALA Z 68 38.85 9.10 61.13
CA ALA Z 68 39.36 9.99 60.10
C ALA Z 68 40.25 11.04 60.76
N SER Z 69 41.55 10.77 60.78
CA SER Z 69 42.51 11.69 61.39
C SER Z 69 43.79 11.78 60.55
N SER AA 1 10.80 -22.83 71.44
CA SER AA 1 10.76 -21.70 72.34
C SER AA 1 11.64 -21.92 73.56
N THR AA 2 12.07 -23.17 73.76
CA THR AA 2 12.93 -23.54 74.87
C THR AA 2 14.16 -24.26 74.33
N ALA AA 3 15.23 -24.25 75.13
CA ALA AA 3 16.46 -24.90 74.71
C ALA AA 3 16.31 -26.42 74.66
N ALA AA 4 15.52 -26.99 75.57
CA ALA AA 4 15.34 -28.44 75.58
C ALA AA 4 14.58 -28.90 74.34
N VAL AA 5 13.45 -28.27 74.05
CA VAL AA 5 12.63 -28.60 72.88
C VAL AA 5 12.26 -27.31 72.17
N THR AA 6 12.47 -27.26 70.86
CA THR AA 6 12.17 -26.09 70.05
C THR AA 6 10.91 -26.33 69.23
N GLY AA 7 10.33 -25.23 68.74
CA GLY AA 7 9.16 -25.29 67.91
C GLY AA 7 9.41 -25.59 66.45
N GLN AA 8 10.67 -25.73 66.04
CA GLN AA 8 11.02 -26.07 64.67
C GLN AA 8 11.79 -27.37 64.66
N THR AA 9 11.37 -28.30 63.78
CA THR AA 9 11.98 -29.62 63.73
C THR AA 9 13.42 -29.55 63.22
N GLY AA 10 13.72 -28.61 62.33
CA GLY AA 10 15.07 -28.46 61.83
C GLY AA 10 16.02 -27.75 62.76
N LEU AA 11 15.54 -27.24 63.88
CA LEU AA 11 16.37 -26.57 64.87
C LEU AA 11 16.43 -27.40 66.15
N THR AA 12 17.64 -27.75 66.56
CA THR AA 12 17.86 -28.49 67.79
C THR AA 12 18.99 -27.82 68.57
N ILE AA 13 18.85 -27.77 69.90
CA ILE AA 13 19.81 -27.10 70.77
C ILE AA 13 20.51 -28.14 71.62
N THR AA 14 21.83 -28.17 71.55
CA THR AA 14 22.66 -29.05 72.37
C THR AA 14 23.15 -28.24 73.56
N TYR AA 15 22.40 -28.26 74.65
CA TYR AA 15 22.76 -27.45 75.81
C TYR AA 15 23.68 -28.23 76.73
N PRO AA 16 24.88 -27.73 76.99
CA PRO AA 16 25.79 -28.43 77.90
C PRO AA 16 25.29 -28.41 79.33
N ALA AA 17 25.62 -29.46 80.07
CA ALA AA 17 25.27 -29.57 81.47
C ALA AA 17 26.49 -29.57 82.39
N SER AA 18 27.69 -29.71 81.86
CA SER AA 18 28.91 -29.76 82.65
C SER AA 18 29.89 -28.71 82.14
N ALA AA 19 31.01 -28.58 82.85
CA ALA AA 19 32.00 -27.55 82.56
C ALA AA 19 33.03 -27.99 81.52
N THR AA 20 33.03 -29.26 81.12
CA THR AA 20 34.02 -29.78 80.19
C THR AA 20 33.42 -30.16 78.84
N GLU AA 21 32.22 -29.67 78.53
CA GLU AA 21 31.56 -30.00 77.28
C GLU AA 21 31.09 -28.73 76.59
N SER AA 22 30.96 -28.82 75.26
CA SER AA 22 30.69 -27.68 74.40
C SER AA 22 29.20 -27.54 74.12
N ALA AA 23 28.85 -26.43 73.47
CA ALA AA 23 27.49 -26.14 73.03
C ALA AA 23 27.43 -26.08 71.51
N ALA AA 24 26.27 -26.42 70.97
CA ALA AA 24 26.10 -26.48 69.52
C ALA AA 24 24.71 -26.00 69.14
N ILE AA 25 24.64 -25.27 68.02
CA ILE AA 25 23.39 -24.80 67.43
C ILE AA 25 23.45 -25.12 65.95
N GLN AA 26 22.60 -26.05 65.50
CA GLN AA 26 22.61 -26.50 64.12
C GLN AA 26 21.33 -26.06 63.42
N GLY AA 27 21.46 -25.76 62.12
CA GLY AA 27 20.30 -25.43 61.31
C GLY AA 27 20.24 -26.30 60.07
N THR AA 28 19.21 -27.14 59.99
CA THR AA 28 19.05 -28.07 58.88
C THR AA 28 18.09 -27.47 57.86
N PHE AA 29 18.52 -27.45 56.60
CA PHE AA 29 17.72 -26.83 55.55
C PHE AA 29 16.48 -27.67 55.24
N GLY AA 30 15.53 -27.06 54.55
CA GLY AA 30 14.33 -27.75 54.15
C GLY AA 30 13.27 -26.78 53.67
N ASN AA 31 12.18 -27.35 53.20
CA ASN AA 31 11.01 -26.60 52.73
C ASN AA 31 11.38 -25.61 51.63
N SER AA 32 11.55 -24.34 52.00
CA SER AA 32 11.83 -23.29 51.03
C SER AA 32 13.27 -23.29 50.56
N ALA AA 33 14.14 -24.10 51.15
CA ALA AA 33 15.53 -24.16 50.71
C ALA AA 33 15.62 -24.82 49.34
N ALA AA 34 16.75 -24.57 48.67
CA ALA AA 34 16.97 -25.13 47.35
C ALA AA 34 17.06 -26.65 47.39
N ILE AA 35 16.65 -27.29 46.30
CA ILE AA 35 16.68 -28.75 46.23
C ILE AA 35 18.12 -29.25 46.34
N LYS AA 36 19.06 -28.50 45.76
CA LYS AA 36 20.47 -28.88 45.83
C LYS AA 36 20.97 -28.91 47.27
N ILE AA 37 20.56 -27.92 48.07
CA ILE AA 37 21.02 -27.79 49.45
C ILE AA 37 19.90 -28.16 50.41
N LYS AA 38 18.98 -29.01 49.96
CA LYS AA 38 17.77 -29.30 50.73
C LYS AA 38 18.09 -29.99 52.05
N ASN AA 39 18.95 -31.01 52.02
CA ASN AA 39 19.22 -31.82 53.20
C ASN AA 39 20.53 -31.48 53.89
N GLN AA 40 21.16 -30.36 53.51
CA GLN AA 40 22.40 -29.95 54.15
C GLN AA 40 22.11 -29.34 55.52
N THR AA 41 23.18 -29.10 56.27
CA THR AA 41 23.06 -28.57 57.63
C THR AA 41 24.14 -27.51 57.87
N LEU AA 42 23.80 -26.56 58.74
CA LEU AA 42 24.71 -25.50 59.15
C LEU AA 42 24.71 -25.45 60.67
N THR AA 43 25.90 -25.43 61.27
CA THR AA 43 26.03 -25.54 62.72
C THR AA 43 26.95 -24.46 63.26
N TRP AA 44 26.69 -24.07 64.50
CA TRP AA 44 27.54 -23.14 65.25
C TRP AA 44 28.05 -23.86 66.49
N THR AA 45 29.38 -23.89 66.65
CA THR AA 45 30.03 -24.59 67.75
C THR AA 45 30.59 -23.58 68.74
N ARG AA 46 30.25 -23.76 70.02
CA ARG AA 46 30.79 -22.93 71.10
C ARG AA 46 31.62 -23.81 72.02
N THR AA 47 32.91 -23.54 72.11
CA THR AA 47 33.77 -24.27 73.01
C THR AA 47 33.43 -23.91 74.46
N PRO AA 48 33.72 -24.81 75.41
CA PRO AA 48 33.44 -24.50 76.82
C PRO AA 48 34.17 -23.28 77.33
N GLU AA 49 35.33 -22.94 76.74
CA GLU AA 49 36.08 -21.76 77.15
C GLU AA 49 35.44 -20.45 76.70
N GLY AA 50 34.42 -20.50 75.85
CA GLY AA 50 33.72 -19.31 75.43
C GLY AA 50 33.99 -18.85 74.02
N ALA AA 51 34.51 -19.70 73.16
CA ALA AA 51 34.83 -19.33 71.77
C ALA AA 51 33.76 -19.88 70.85
N TRP AA 52 33.24 -19.02 69.97
CA TRP AA 52 32.22 -19.40 69.00
C TRP AA 52 32.83 -19.55 67.61
N SER AA 53 32.26 -20.48 66.84
CA SER AA 53 32.70 -20.70 65.46
C SER AA 53 31.53 -21.23 64.66
N CYS AA 54 31.63 -21.08 63.34
CA CYS AA 54 30.58 -21.49 62.42
C CYS AA 54 31.12 -22.50 61.41
N ALA AA 55 30.32 -23.52 61.13
CA ALA AA 55 30.70 -24.53 60.16
C ALA AA 55 29.45 -25.09 59.50
N THR AA 56 29.61 -25.64 58.30
CA THR AA 56 28.50 -26.20 57.56
C THR AA 56 29.03 -27.25 56.60
N THR AA 57 28.13 -28.15 56.18
CA THR AA 57 28.48 -29.26 55.31
C THR AA 57 28.08 -29.02 53.86
N VAL AA 58 27.68 -27.79 53.52
CA VAL AA 58 27.25 -27.47 52.16
C VAL AA 58 28.48 -27.44 51.26
N GLU AA 59 28.26 -27.43 49.94
CA GLU AA 59 29.36 -27.38 48.99
C GLU AA 59 30.22 -26.14 49.20
N ALA AA 60 31.47 -26.22 48.74
CA ALA AA 60 32.43 -25.15 49.00
C ALA AA 60 32.00 -23.83 48.36
N LYS AA 61 31.51 -23.88 47.12
CA LYS AA 61 31.14 -22.65 46.42
C LYS AA 61 29.94 -21.95 47.06
N PHE AA 62 29.14 -22.67 47.84
CA PHE AA 62 28.03 -22.06 48.56
C PHE AA 62 28.44 -21.52 49.92
N LYS AA 63 29.67 -21.76 50.35
CA LYS AA 63 30.11 -21.33 51.68
C LYS AA 63 30.51 -19.86 51.64
N PRO AA 64 29.89 -19.02 52.47
CA PRO AA 64 30.39 -17.65 52.62
C PRO AA 64 31.69 -17.63 53.43
N ALA AA 65 32.37 -16.49 53.37
CA ALA AA 65 33.67 -16.35 54.02
C ALA AA 65 33.59 -16.50 55.53
N GLY AA 66 32.44 -16.18 56.13
CA GLY AA 66 32.33 -16.24 57.58
C GLY AA 66 32.29 -17.63 58.16
N CYS AA 67 31.97 -18.64 57.35
CA CYS AA 67 31.90 -20.02 57.79
C CYS AA 67 32.77 -20.93 56.92
N ALA AA 68 33.87 -20.38 56.40
CA ALA AA 68 34.77 -21.14 55.52
C ALA AA 68 35.80 -21.92 56.33
N SER AA 69 35.30 -22.88 57.11
CA SER AA 69 36.15 -23.72 57.93
C SER AA 69 35.99 -25.19 57.56
N SER BA 1 3.62 11.40 59.18
CA SER BA 1 2.91 10.12 59.19
C SER BA 1 3.15 9.38 60.50
N THR BA 2 2.07 9.02 61.19
CA THR BA 2 2.13 8.34 62.47
C THR BA 2 1.41 6.99 62.37
N ALA BA 3 1.50 6.22 63.45
CA ALA BA 3 0.80 4.94 63.49
C ALA BA 3 -0.70 5.13 63.46
N ALA BA 4 -1.21 6.13 64.18
CA ALA BA 4 -2.65 6.38 64.20
C ALA BA 4 -3.17 6.79 62.83
N VAL BA 5 -2.48 7.72 62.16
CA VAL BA 5 -2.84 8.16 60.82
C VAL BA 5 -1.57 8.29 59.99
N THR BA 6 -1.60 7.78 58.77
CA THR BA 6 -0.45 7.78 57.87
C THR BA 6 -0.69 8.71 56.70
N GLY BA 7 0.36 8.90 55.91
CA GLY BA 7 0.29 9.73 54.72
C GLY BA 7 -0.30 9.07 53.49
N GLN BA 8 -0.63 7.79 53.56
CA GLN BA 8 -1.20 7.05 52.45
C GLN BA 8 -2.47 6.34 52.91
N THR BA 9 -3.51 6.37 52.07
CA THR BA 9 -4.76 5.73 52.43
C THR BA 9 -4.69 4.21 52.33
N GLY BA 10 -3.81 3.70 51.47
CA GLY BA 10 -3.70 2.26 51.27
C GLY BA 10 -2.90 1.51 52.31
N LEU BA 11 -2.35 2.20 53.30
CA LEU BA 11 -1.57 1.57 54.36
C LEU BA 11 -2.22 1.89 55.70
N THR BA 12 -2.51 0.86 56.48
CA THR BA 12 -3.08 1.00 57.81
C THR BA 12 -2.31 0.14 58.79
N ILE BA 13 -2.22 0.62 60.03
CA ILE BA 13 -1.51 -0.07 61.10
C ILE BA 13 -2.45 -0.20 62.29
N THR BA 14 -2.56 -1.41 62.82
CA THR BA 14 -3.36 -1.69 64.02
C THR BA 14 -2.42 -1.68 65.21
N TYR BA 15 -2.34 -0.54 65.90
CA TYR BA 15 -1.44 -0.38 67.04
C TYR BA 15 -2.11 -0.83 68.33
N PRO BA 16 -1.53 -1.79 69.04
CA PRO BA 16 -2.16 -2.27 70.27
C PRO BA 16 -2.12 -1.22 71.38
N ALA BA 17 -3.16 -1.24 72.21
CA ALA BA 17 -3.22 -0.41 73.40
C ALA BA 17 -3.22 -1.22 74.68
N SER BA 18 -3.20 -2.55 74.58
CA SER BA 18 -3.16 -3.43 75.74
C SER BA 18 -2.27 -4.62 75.43
N ALA BA 19 -1.78 -5.25 76.50
CA ALA BA 19 -0.86 -6.38 76.37
C ALA BA 19 -1.54 -7.65 75.90
N THR BA 20 -2.88 -7.68 75.84
CA THR BA 20 -3.63 -8.88 75.48
C THR BA 20 -4.21 -8.80 74.06
N GLU BA 21 -3.67 -7.91 73.22
CA GLU BA 21 -4.13 -7.77 71.85
C GLU BA 21 -2.94 -7.69 70.91
N SER BA 22 -3.14 -8.13 69.68
CA SER BA 22 -2.07 -8.21 68.69
C SER BA 22 -1.98 -6.93 67.88
N ALA BA 23 -1.00 -6.88 66.97
CA ALA BA 23 -0.76 -5.74 66.10
C ALA BA 23 -0.73 -6.21 64.66
N ALA BA 24 -1.08 -5.30 63.75
CA ALA BA 24 -1.10 -5.63 62.33
C ALA BA 24 -0.73 -4.39 61.51
N ILE BA 25 0.00 -4.61 60.42
CA ILE BA 25 0.34 -3.58 59.46
C ILE BA 25 -0.17 -4.05 58.11
N GLN BA 26 -1.29 -3.49 57.66
CA GLN BA 26 -1.99 -3.94 56.48
C GLN BA 26 -1.79 -2.97 55.32
N GLY BA 27 -1.50 -3.51 54.14
CA GLY BA 27 -1.37 -2.72 52.94
C GLY BA 27 -2.20 -3.26 51.78
N THR BA 28 -3.05 -2.42 51.22
CA THR BA 28 -3.90 -2.79 50.08
C THR BA 28 -3.30 -2.21 48.81
N PHE BA 29 -3.20 -3.05 47.77
CA PHE BA 29 -2.63 -2.62 46.50
C PHE BA 29 -3.56 -1.62 45.81
N GLY BA 30 -3.02 -1.00 44.77
CA GLY BA 30 -3.79 -0.04 44.00
C GLY BA 30 -2.88 0.82 43.16
N ASN BA 31 -3.52 1.79 42.47
CA ASN BA 31 -2.81 2.75 41.65
C ASN BA 31 -1.97 2.07 40.57
N SER BA 32 -0.68 1.90 40.84
CA SER BA 32 0.24 1.27 39.90
C SER BA 32 0.23 -0.25 39.98
N ALA BA 33 -0.57 -0.83 40.87
CA ALA BA 33 -0.63 -2.28 41.00
C ALA BA 33 -1.33 -2.89 39.79
N ALA BA 34 -1.10 -4.18 39.61
CA ALA BA 34 -1.72 -4.91 38.51
C ALA BA 34 -3.23 -4.98 38.70
N ILE BA 35 -3.95 -5.03 37.58
CA ILE BA 35 -5.41 -5.07 37.63
C ILE BA 35 -5.88 -6.36 38.29
N LYS BA 36 -5.15 -7.45 38.06
CA LYS BA 36 -5.50 -8.74 38.65
C LYS BA 36 -5.44 -8.68 40.17
N ILE BA 37 -4.47 -7.95 40.72
CA ILE BA 37 -4.25 -7.88 42.16
C ILE BA 37 -4.54 -6.47 42.66
N LYS BA 38 -5.46 -5.78 41.99
CA LYS BA 38 -5.72 -4.37 42.30
C LYS BA 38 -6.22 -4.16 43.72
N ASN BA 39 -7.13 -5.03 44.20
CA ASN BA 39 -7.77 -4.80 45.48
C ASN BA 39 -7.34 -5.79 46.56
N GLN BA 40 -6.28 -6.55 46.34
CA GLN BA 40 -5.83 -7.49 47.35
C GLN BA 40 -5.21 -6.74 48.53
N THR BA 41 -5.29 -7.36 49.71
CA THR BA 41 -4.80 -6.75 50.94
C THR BA 41 -3.69 -7.60 51.52
N LEU BA 42 -2.59 -6.94 51.87
CA LEU BA 42 -1.41 -7.61 52.39
C LEU BA 42 -1.09 -7.05 53.76
N THR BA 43 -0.89 -7.93 54.74
CA THR BA 43 -0.78 -7.52 56.13
C THR BA 43 0.41 -8.20 56.81
N TRP BA 44 1.00 -7.48 57.75
CA TRP BA 44 2.01 -8.02 58.66
C TRP BA 44 1.45 -7.98 60.07
N THR BA 45 1.13 -9.14 60.62
CA THR BA 45 0.52 -9.24 61.94
C THR BA 45 1.58 -9.64 62.97
N ARG BA 46 1.54 -8.98 64.12
CA ARG BA 46 2.50 -9.20 65.18
C ARG BA 46 1.76 -9.67 66.43
N THR BA 47 2.18 -10.81 66.97
CA THR BA 47 1.56 -11.34 68.16
C THR BA 47 1.87 -10.46 69.36
N PRO BA 48 1.01 -10.47 70.39
CA PRO BA 48 1.30 -9.69 71.61
C PRO BA 48 2.60 -10.09 72.27
N GLU BA 49 3.02 -11.35 72.12
CA GLU BA 49 4.24 -11.84 72.74
C GLU BA 49 5.50 -11.44 71.98
N GLY BA 50 5.37 -10.82 70.81
CA GLY BA 50 6.51 -10.34 70.06
C GLY BA 50 6.87 -11.14 68.83
N ALA BA 51 6.04 -12.08 68.40
CA ALA BA 51 6.33 -12.88 67.21
C ALA BA 51 5.71 -12.23 65.98
N TRP BA 52 6.53 -12.04 64.95
CA TRP BA 52 6.09 -11.42 63.71
C TRP BA 52 5.77 -12.50 62.67
N SER BA 53 4.63 -12.33 62.00
CA SER BA 53 4.22 -13.25 60.94
C SER BA 53 3.49 -12.46 59.87
N CYS BA 54 3.44 -13.03 58.66
CA CYS BA 54 2.79 -12.39 57.53
C CYS BA 54 1.79 -13.33 56.89
N ALA BA 55 0.73 -12.75 56.33
CA ALA BA 55 -0.25 -13.50 55.57
C ALA BA 55 -0.86 -12.57 54.53
N THR BA 56 -1.40 -13.17 53.47
CA THR BA 56 -1.97 -12.39 52.38
C THR BA 56 -3.10 -13.17 51.74
N THR BA 57 -4.00 -12.44 51.09
CA THR BA 57 -5.15 -13.02 50.41
C THR BA 57 -4.95 -13.11 48.90
N VAL BA 58 -3.76 -12.78 48.41
CA VAL BA 58 -3.48 -12.82 46.97
C VAL BA 58 -3.41 -14.28 46.55
N GLU BA 59 -3.47 -14.54 45.24
CA GLU BA 59 -3.48 -15.91 44.75
C GLU BA 59 -2.16 -16.59 45.06
N ALA BA 60 -2.21 -17.93 45.16
CA ALA BA 60 -1.05 -18.69 45.59
C ALA BA 60 0.12 -18.53 44.61
N LYS BA 61 -0.17 -18.54 43.31
CA LYS BA 61 0.89 -18.35 42.33
C LYS BA 61 1.51 -16.96 42.41
N PHE BA 62 0.81 -16.00 43.01
CA PHE BA 62 1.38 -14.69 43.30
C PHE BA 62 2.00 -14.61 44.68
N LYS BA 63 1.84 -15.63 45.52
CA LYS BA 63 2.43 -15.61 46.85
C LYS BA 63 3.90 -16.03 46.78
N PRO BA 64 4.82 -15.21 47.30
CA PRO BA 64 6.22 -15.65 47.38
C PRO BA 64 6.41 -16.66 48.50
N ALA BA 65 7.64 -17.17 48.60
CA ALA BA 65 7.96 -18.14 49.64
C ALA BA 65 7.89 -17.52 51.02
N GLY BA 66 7.99 -16.19 51.12
CA GLY BA 66 7.96 -15.54 52.42
C GLY BA 66 6.61 -15.67 53.12
N CYS BA 67 5.53 -15.46 52.39
CA CYS BA 67 4.19 -15.43 52.98
C CYS BA 67 3.23 -16.44 52.37
N ALA BA 68 3.73 -17.58 51.91
CA ALA BA 68 2.87 -18.63 51.35
C ALA BA 68 2.39 -19.54 52.46
N SER BA 69 1.60 -18.96 53.36
CA SER BA 69 1.06 -19.70 54.50
C SER BA 69 -0.35 -20.20 54.20
N SER CA 1 35.57 11.68 41.73
CA SER CA 1 34.14 11.92 41.67
C SER CA 1 33.58 12.23 43.04
N THR CA 2 33.29 13.51 43.27
CA THR CA 2 32.74 13.98 44.54
C THR CA 2 31.38 14.63 44.29
N ALA CA 3 30.72 15.02 45.37
CA ALA CA 3 29.43 15.71 45.24
C ALA CA 3 29.60 17.09 44.62
N ALA CA 4 30.69 17.80 44.97
CA ALA CA 4 30.89 19.15 44.46
C ALA CA 4 31.10 19.15 42.95
N VAL CA 5 31.97 18.26 42.46
CA VAL CA 5 32.24 18.15 41.02
C VAL CA 5 32.29 16.68 40.64
N THR CA 6 31.68 16.34 39.51
CA THR CA 6 31.65 14.98 39.00
C THR CA 6 32.44 14.90 37.71
N GLY CA 7 32.66 13.66 37.26
CA GLY CA 7 33.34 13.43 36.00
C GLY CA 7 32.49 13.53 34.76
N GLN CA 8 31.17 13.65 34.93
CA GLN CA 8 30.24 13.75 33.80
C GLN CA 8 29.48 15.07 33.89
N THR CA 9 29.43 15.79 32.77
CA THR CA 9 28.76 17.09 32.76
C THR CA 9 27.25 16.94 32.81
N GLY CA 10 26.72 15.79 32.38
CA GLY CA 10 25.29 15.57 32.38
C GLY CA 10 24.69 15.21 33.71
N LEU CA 11 25.51 15.00 34.75
CA LEU CA 11 25.05 14.67 36.08
C LEU CA 11 25.52 15.74 37.05
N THR CA 12 24.60 16.26 37.86
CA THR CA 12 24.92 17.27 38.86
C THR CA 12 24.26 16.89 40.18
N ILE CA 13 24.90 17.28 41.27
CA ILE CA 13 24.40 17.04 42.63
C ILE CA 13 24.29 18.38 43.33
N THR CA 14 23.10 18.70 43.83
CA THR CA 14 22.87 19.91 44.60
C THR CA 14 22.99 19.57 46.08
N TYR CA 15 24.06 20.02 46.71
CA TYR CA 15 24.30 19.58 48.08
C TYR CA 15 23.68 20.57 49.07
N PRO CA 16 23.07 20.06 50.14
CA PRO CA 16 22.53 20.96 51.18
C PRO CA 16 23.62 21.35 52.18
N ALA CA 17 23.90 22.65 52.24
CA ALA CA 17 24.89 23.19 53.16
C ALA CA 17 24.30 23.57 54.51
N SER CA 18 22.99 23.46 54.67
CA SER CA 18 22.32 23.81 55.92
C SER CA 18 21.25 22.76 56.22
N ALA CA 19 20.55 22.94 57.33
CA ALA CA 19 19.51 22.02 57.75
C ALA CA 19 18.13 22.41 57.25
N THR CA 20 18.02 23.46 56.43
CA THR CA 20 16.73 23.94 55.96
C THR CA 20 16.59 23.84 54.45
N GLU CA 21 17.47 23.09 53.78
CA GLU CA 21 17.44 22.97 52.33
C GLU CA 21 17.55 21.51 51.93
N SER CA 22 17.09 21.21 50.72
CA SER CA 22 17.00 19.86 50.21
C SER CA 22 18.24 19.48 49.39
N ALA CA 23 18.32 18.21 49.03
CA ALA CA 23 19.37 17.68 48.18
C ALA CA 23 18.77 17.10 46.91
N ALA CA 24 19.48 17.27 45.80
CA ALA CA 24 18.97 16.87 44.50
C ALA CA 24 20.04 16.09 43.73
N ILE CA 25 19.59 15.13 42.94
CA ILE CA 25 20.44 14.36 42.03
C ILE CA 25 19.81 14.45 40.65
N GLN CA 26 20.35 15.33 39.81
CA GLN CA 26 19.78 15.60 38.49
C GLN CA 26 20.70 15.06 37.40
N GLY CA 27 20.11 14.31 36.46
CA GLY CA 27 20.84 13.81 35.32
C GLY CA 27 20.23 14.23 34.01
N THR CA 28 21.05 14.74 33.09
CA THR CA 28 20.58 15.22 31.80
C THR CA 28 20.94 14.21 30.72
N PHE CA 29 19.96 13.86 29.88
CA PHE CA 29 20.17 12.90 28.82
C PHE CA 29 21.15 13.46 27.78
N GLY CA 30 21.68 12.56 26.97
CA GLY CA 30 22.57 12.94 25.89
C GLY CA 30 23.45 11.77 25.49
N ASN CA 31 24.39 12.06 24.58
CA ASN CA 31 25.33 11.08 24.07
C ASN CA 31 24.60 9.90 23.43
N SER CA 32 24.39 8.83 24.20
CA SER CA 32 23.72 7.64 23.70
C SER CA 32 22.20 7.72 23.81
N ALA CA 33 21.68 8.83 24.31
CA ALA CA 33 20.23 9.01 24.38
C ALA CA 33 19.66 9.32 22.99
N ALA CA 34 18.35 9.16 22.85
CA ALA CA 34 17.69 9.41 21.59
C ALA CA 34 17.64 10.90 21.28
N ILE CA 35 17.42 11.22 19.99
CA ILE CA 35 17.30 12.61 19.57
C ILE CA 35 16.08 13.27 20.22
N LYS CA 36 14.98 12.52 20.35
CA LYS CA 36 13.76 13.09 20.92
C LYS CA 36 13.97 13.52 22.37
N ILE CA 37 14.72 12.73 23.13
CA ILE CA 37 14.95 13.02 24.54
C ILE CA 37 16.39 13.50 24.76
N LYS CA 38 16.97 14.10 23.73
CA LYS CA 38 18.37 14.53 23.80
C LYS CA 38 18.61 15.60 24.86
N ASN CA 39 17.58 16.36 25.23
CA ASN CA 39 17.77 17.49 26.16
C ASN CA 39 16.90 17.38 27.41
N GLN CA 40 16.18 16.27 27.59
CA GLN CA 40 15.32 16.13 28.75
C GLN CA 40 16.16 15.88 30.01
N THR CA 41 15.55 16.10 31.17
CA THR CA 41 16.23 15.95 32.45
C THR CA 41 15.41 15.04 33.36
N LEU CA 42 16.12 14.16 34.06
CA LEU CA 42 15.54 13.32 35.10
C LEU CA 42 16.32 13.54 36.38
N THR CA 43 15.61 13.86 37.46
CA THR CA 43 16.25 14.24 38.71
C THR CA 43 15.61 13.51 39.89
N TRP CA 44 16.40 13.33 40.95
CA TRP CA 44 15.93 12.80 42.23
C TRP CA 44 16.03 13.91 43.27
N THR CA 45 14.93 14.18 43.95
CA THR CA 45 14.86 15.23 44.95
C THR CA 45 14.65 14.60 46.33
N ARG CA 46 15.48 14.98 47.29
CA ARG CA 46 15.39 14.52 48.66
C ARG CA 46 14.99 15.68 49.54
N THR CA 47 13.82 15.58 50.18
CA THR CA 47 13.36 16.62 51.08
C THR CA 47 14.24 16.66 52.33
N PRO CA 48 14.31 17.81 53.00
CA PRO CA 48 15.09 17.87 54.26
C PRO CA 48 14.58 16.90 55.31
N GLU CA 49 13.31 16.51 55.26
CA GLU CA 49 12.77 15.54 56.20
C GLU CA 49 13.39 14.15 56.01
N GLY CA 50 14.03 13.91 54.88
CA GLY CA 50 14.64 12.62 54.60
C GLY CA 50 13.89 11.75 53.60
N ALA CA 51 12.94 12.31 52.85
CA ALA CA 51 12.15 11.54 51.91
C ALA CA 51 12.66 11.78 50.48
N TRP CA 52 12.81 10.70 49.74
CA TRP CA 52 13.29 10.74 48.36
C TRP CA 52 12.12 10.66 47.38
N SER CA 53 12.28 11.32 46.24
CA SER CA 53 11.25 11.31 45.20
C SER CA 53 11.91 11.57 43.85
N CYS CA 54 11.20 11.19 42.78
CA CYS CA 54 11.69 11.33 41.42
C CYS CA 54 10.73 12.16 40.59
N ALA CA 55 11.30 12.91 39.65
CA ALA CA 55 10.54 13.70 38.70
C ALA CA 55 11.37 13.87 37.43
N THR CA 56 10.68 14.09 36.32
CA THR CA 56 11.36 14.18 35.03
C THR CA 56 10.54 15.05 34.09
N THR CA 57 11.23 15.58 33.07
CA THR CA 57 10.62 16.43 32.06
C THR CA 57 10.39 15.70 30.73
N VAL CA 58 10.62 14.38 30.71
CA VAL CA 58 10.42 13.59 29.49
C VAL CA 58 8.92 13.49 29.22
N GLU CA 59 8.55 13.07 28.02
CA GLU CA 59 7.13 13.00 27.65
C GLU CA 59 6.39 12.01 28.55
N ALA CA 60 5.09 12.28 28.72
CA ALA CA 60 4.28 11.49 29.64
C ALA CA 60 4.20 10.03 29.20
N LYS CA 61 4.05 9.78 27.90
CA LYS CA 61 4.04 8.40 27.42
C LYS CA 61 5.38 7.71 27.65
N PHE CA 62 6.46 8.46 27.79
CA PHE CA 62 7.74 7.91 28.20
C PHE CA 62 7.88 7.81 29.72
N LYS CA 63 6.92 8.34 30.47
CA LYS CA 63 6.99 8.27 31.93
C LYS CA 63 6.33 6.98 32.42
N PRO CA 64 7.10 6.07 33.03
CA PRO CA 64 6.49 4.94 33.69
C PRO CA 64 5.95 5.34 35.07
N ALA CA 65 5.34 4.37 35.74
CA ALA CA 65 4.77 4.62 37.06
C ALA CA 65 5.84 4.98 38.08
N GLY CA 66 7.10 4.70 37.78
CA GLY CA 66 8.16 5.02 38.73
C GLY CA 66 8.35 6.50 38.97
N CYS CA 67 8.31 7.30 37.90
CA CYS CA 67 8.51 8.74 38.00
C CYS CA 67 7.37 9.56 37.41
N ALA CA 68 6.18 8.97 37.24
CA ALA CA 68 5.02 9.69 36.73
C ALA CA 68 4.42 10.51 37.85
N SER CA 69 4.85 11.77 37.96
CA SER CA 69 4.34 12.66 39.00
C SER CA 69 4.06 14.05 38.45
N SER DA 1 33.58 -24.53 36.28
CA SER DA 1 34.58 -23.58 35.81
C SER DA 1 35.13 -22.76 36.96
N THR DA 2 36.29 -22.15 36.74
CA THR DA 2 36.97 -21.35 37.74
C THR DA 2 37.59 -20.13 37.06
N ALA DA 3 37.89 -19.09 37.86
CA ALA DA 3 38.56 -17.93 37.32
C ALA DA 3 39.96 -18.28 36.80
N ALA DA 4 40.67 -19.14 37.52
CA ALA DA 4 42.00 -19.55 37.08
C ALA DA 4 41.95 -20.29 35.74
N VAL DA 5 41.00 -21.22 35.60
CA VAL DA 5 40.82 -21.96 34.36
C VAL DA 5 39.32 -22.16 34.13
N THR DA 6 38.84 -21.82 32.94
CA THR DA 6 37.44 -21.97 32.58
C THR DA 6 37.25 -23.18 31.67
N GLY DA 7 35.99 -23.58 31.51
CA GLY DA 7 35.66 -24.68 30.65
C GLY DA 7 35.58 -24.37 29.17
N GLN DA 8 35.67 -23.09 28.81
CA GLN DA 8 35.61 -22.66 27.42
C GLN DA 8 36.90 -21.96 27.04
N THR DA 9 37.47 -22.36 25.89
CA THR DA 9 38.71 -21.74 25.44
C THR DA 9 38.49 -20.31 24.96
N GLY DA 10 37.25 -19.96 24.59
CA GLY DA 10 36.94 -18.64 24.09
C GLY DA 10 36.77 -17.58 25.15
N LEU DA 11 36.83 -17.94 26.43
CA LEU DA 11 36.69 -17.00 27.53
C LEU DA 11 37.99 -16.92 28.30
N THR DA 12 38.47 -15.70 28.54
CA THR DA 12 39.71 -15.46 29.25
C THR DA 12 39.45 -14.56 30.45
N ILE DA 13 39.98 -14.95 31.60
CA ILE DA 13 39.80 -14.21 32.86
C ILE DA 13 41.16 -13.71 33.31
N THR DA 14 41.27 -12.41 33.56
CA THR DA 14 42.49 -11.80 34.08
C THR DA 14 42.24 -11.42 35.54
N TYR DA 15 42.68 -12.28 36.47
CA TYR DA 15 42.45 -12.10 37.89
C TYR DA 15 43.62 -11.35 38.53
N PRO DA 16 43.37 -10.19 39.13
CA PRO DA 16 44.47 -9.46 39.77
C PRO DA 16 45.00 -10.19 40.99
N ALA DA 17 46.28 -9.97 41.28
CA ALA DA 17 46.93 -10.56 42.45
C ALA DA 17 47.32 -9.53 43.51
N SER DA 18 47.22 -8.24 43.20
CA SER DA 18 47.56 -7.18 44.15
C SER DA 18 46.54 -6.06 44.00
N ALA DA 19 46.78 -4.96 44.72
CA ALA DA 19 45.87 -3.82 44.74
C ALA DA 19 46.18 -2.78 43.68
N THR DA 20 47.19 -3.01 42.83
CA THR DA 20 47.60 -2.02 41.83
C THR DA 20 47.43 -2.51 40.40
N GLU DA 21 46.88 -3.70 40.19
CA GLU DA 21 46.68 -4.23 38.85
C GLU DA 21 45.20 -4.37 38.56
N SER DA 22 44.84 -4.22 37.29
CA SER DA 22 43.45 -4.23 36.86
C SER DA 22 42.98 -5.63 36.52
N ALA DA 23 41.67 -5.80 36.51
CA ALA DA 23 41.03 -7.07 36.16
C ALA DA 23 40.36 -6.94 34.81
N ALA DA 24 40.33 -8.06 34.07
CA ALA DA 24 39.76 -8.06 32.73
C ALA DA 24 39.21 -9.44 32.40
N ILE DA 25 38.14 -9.47 31.61
CA ILE DA 25 37.56 -10.70 31.07
C ILE DA 25 37.60 -10.58 29.55
N GLN DA 26 38.37 -11.46 28.91
CA GLN DA 26 38.58 -11.39 27.47
C GLN DA 26 37.85 -12.53 26.78
N GLY DA 27 37.11 -12.20 25.73
CA GLY DA 27 36.41 -13.20 24.96
C GLY DA 27 36.67 -13.08 23.47
N THR DA 28 37.09 -14.18 22.85
CA THR DA 28 37.37 -14.22 21.42
C THR DA 28 36.24 -14.96 20.72
N PHE DA 29 35.72 -14.36 19.65
CA PHE DA 29 34.64 -14.98 18.90
C PHE DA 29 35.14 -16.21 18.16
N GLY DA 30 34.21 -17.06 17.76
CA GLY DA 30 34.56 -18.26 17.03
C GLY DA 30 33.40 -19.24 16.98
N ASN DA 31 33.70 -20.41 16.41
CA ASN DA 31 32.72 -21.49 16.28
C ASN DA 31 31.50 -21.03 15.50
N SER DA 32 30.45 -20.63 16.21
CA SER DA 32 29.21 -20.18 15.59
C SER DA 32 29.23 -18.69 15.26
N ALA DA 33 30.32 -17.99 15.52
CA ALA DA 33 30.40 -16.57 15.22
C ALA DA 33 30.52 -16.34 13.72
N ALA DA 34 30.25 -15.11 13.30
CA ALA DA 34 30.31 -14.76 11.89
C ALA DA 34 31.75 -14.83 11.39
N ILE DA 35 31.89 -15.08 10.09
CA ILE DA 35 33.21 -15.21 9.48
C ILE DA 35 33.99 -13.92 9.60
N LYS DA 36 33.33 -12.78 9.35
CA LYS DA 36 34.02 -11.49 9.38
C LYS DA 36 34.55 -11.18 10.78
N ILE DA 37 33.83 -11.59 11.81
CA ILE DA 37 34.21 -11.29 13.19
C ILE DA 37 34.68 -12.58 13.88
N LYS DA 38 35.15 -13.54 13.08
CA LYS DA 38 35.52 -14.83 13.63
C LYS DA 38 36.75 -14.75 14.53
N ASN DA 39 37.55 -13.69 14.40
CA ASN DA 39 38.80 -13.58 15.14
C ASN DA 39 38.87 -12.34 16.02
N GLN DA 40 37.77 -11.60 16.18
CA GLN DA 40 37.78 -10.42 17.03
C GLN DA 40 37.69 -10.82 18.50
N THR DA 41 37.93 -9.84 19.37
CA THR DA 41 37.90 -10.06 20.81
C THR DA 41 37.09 -8.96 21.49
N LEU DA 42 36.43 -9.33 22.57
CA LEU DA 42 35.68 -8.40 23.41
C LEU DA 42 36.19 -8.52 24.84
N THR DA 43 36.48 -7.39 25.47
CA THR DA 43 37.05 -7.39 26.81
C THR DA 43 36.24 -6.50 27.74
N TRP DA 44 36.15 -6.92 29.00
CA TRP DA 44 35.56 -6.14 30.07
C TRP DA 44 36.62 -5.97 31.16
N THR DA 45 37.13 -4.74 31.30
CA THR DA 45 38.26 -4.47 32.17
C THR DA 45 37.78 -3.76 33.42
N ARG DA 46 38.30 -4.19 34.58
CA ARG DA 46 38.00 -3.57 35.85
C ARG DA 46 39.27 -2.93 36.41
N THR DA 47 39.24 -1.62 36.59
CA THR DA 47 40.37 -0.90 37.15
C THR DA 47 40.52 -1.23 38.63
N PRO DA 48 41.71 -0.99 39.20
CA PRO DA 48 41.89 -1.23 40.65
C PRO DA 48 40.94 -0.44 41.52
N GLU DA 49 40.44 0.71 41.04
CA GLU DA 49 39.44 1.46 41.79
C GLU DA 49 38.09 0.77 41.82
N GLY DA 50 37.88 -0.27 41.02
CA GLY DA 50 36.63 -1.00 41.01
C GLY DA 50 35.66 -0.62 39.91
N ALA DA 51 36.07 0.23 38.97
CA ALA DA 51 35.22 0.64 37.86
C ALA DA 51 35.37 -0.31 36.70
N TRP DA 52 34.26 -0.69 36.09
CA TRP DA 52 34.25 -1.61 34.95
C TRP DA 52 34.10 -0.83 33.65
N SER DA 53 34.82 -1.28 32.62
CA SER DA 53 34.74 -0.67 31.30
C SER DA 53 34.77 -1.77 30.26
N CYS DA 54 34.21 -1.47 29.08
CA CYS DA 54 34.12 -2.43 28.01
C CYS DA 54 34.78 -1.89 26.75
N ALA DA 55 35.52 -2.77 26.07
CA ALA DA 55 36.17 -2.43 24.82
C ALA DA 55 36.18 -3.66 23.92
N THR DA 56 36.34 -3.43 22.63
CA THR DA 56 36.34 -4.52 21.67
C THR DA 56 37.15 -4.11 20.45
N THR DA 57 37.66 -5.11 19.73
CA THR DA 57 38.46 -4.90 18.53
C THR DA 57 37.64 -5.05 17.26
N VAL DA 58 36.33 -5.24 17.38
CA VAL DA 58 35.46 -5.43 16.22
C VAL DA 58 35.34 -4.10 15.50
N GLU DA 59 34.89 -4.12 14.25
CA GLU DA 59 34.77 -2.91 13.45
C GLU DA 59 33.79 -1.94 14.08
N ALA DA 60 33.89 -0.67 13.68
CA ALA DA 60 33.07 0.38 14.27
C ALA DA 60 31.59 0.15 14.01
N LYS DA 61 31.24 -0.26 12.79
CA LYS DA 61 29.84 -0.45 12.45
C LYS DA 61 29.19 -1.62 13.19
N PHE DA 62 29.97 -2.57 13.68
CA PHE DA 62 29.45 -3.65 14.51
C PHE DA 62 29.48 -3.31 16.00
N LYS DA 63 30.07 -2.18 16.38
CA LYS DA 63 30.16 -1.81 17.78
C LYS DA 63 28.84 -1.22 18.26
N PRO DA 64 28.25 -1.77 19.33
CA PRO DA 64 27.06 -1.13 19.91
C PRO DA 64 27.45 0.12 20.68
N ALA DA 65 26.42 0.83 21.15
CA ALA DA 65 26.65 2.04 21.94
C ALA DA 65 27.30 1.70 23.28
N GLY DA 66 27.16 0.46 23.75
CA GLY DA 66 27.72 0.10 25.04
C GLY DA 66 29.24 0.10 25.05
N CYS DA 67 29.86 -0.43 24.01
CA CYS DA 67 31.32 -0.57 23.94
C CYS DA 67 31.91 0.14 22.72
N ALA DA 68 31.44 1.35 22.42
CA ALA DA 68 31.91 2.07 21.24
C ALA DA 68 33.27 2.73 21.45
N SER DA 69 33.74 2.85 22.68
CA SER DA 69 35.02 3.48 22.95
C SER DA 69 36.19 2.61 22.47
N SER EA 1 0.12 -25.34 32.65
CA SER EA 1 -0.59 -25.38 33.92
C SER EA 1 0.37 -25.61 35.09
N THR EA 2 0.68 -26.89 35.34
CA THR EA 2 1.59 -27.27 36.41
C THR EA 2 2.71 -28.13 35.85
N ALA EA 3 3.80 -28.24 36.62
CA ALA EA 3 4.91 -29.08 36.21
C ALA EA 3 4.52 -30.55 36.17
N ALA EA 4 3.69 -30.99 37.13
CA ALA EA 4 3.25 -32.38 37.16
C ALA EA 4 2.40 -32.72 35.94
N VAL EA 5 1.43 -31.86 35.63
CA VAL EA 5 0.55 -32.07 34.48
C VAL EA 5 0.36 -30.73 33.77
N THR EA 6 0.49 -30.73 32.45
CA THR EA 6 0.33 -29.54 31.63
C THR EA 6 -0.94 -29.64 30.79
N GLY EA 7 -1.29 -28.52 30.15
CA GLY EA 7 -2.46 -28.46 29.31
C GLY EA 7 -2.28 -29.00 27.91
N GLN EA 8 -1.09 -29.47 27.56
CA GLN EA 8 -0.82 -30.03 26.24
C GLN EA 8 -0.20 -31.41 26.40
N THR EA 9 -0.68 -32.35 25.57
CA THR EA 9 -0.19 -33.73 25.67
C THR EA 9 1.20 -33.87 25.08
N GLY EA 10 1.56 -33.03 24.11
CA GLY EA 10 2.86 -33.13 23.47
C GLY EA 10 4.02 -32.55 24.23
N LEU EA 11 3.76 -31.85 25.33
CA LEU EA 11 4.81 -31.24 26.14
C LEU EA 11 4.84 -31.91 27.51
N THR EA 12 5.99 -32.44 27.88
CA THR EA 12 6.20 -33.04 29.19
C THR EA 12 7.50 -32.51 29.78
N ILE EA 13 7.54 -32.39 31.11
CA ILE EA 13 8.68 -31.83 31.81
C ILE EA 13 9.12 -32.82 32.87
N THR EA 14 10.41 -33.15 32.88
CA THR EA 14 10.98 -34.05 33.87
C THR EA 14 11.50 -33.23 35.05
N TYR EA 15 10.72 -33.18 36.13
CA TYR EA 15 11.11 -32.42 37.31
C TYR EA 15 11.87 -33.33 38.28
N PRO EA 16 13.10 -32.98 38.64
CA PRO EA 16 13.86 -33.82 39.58
C PRO EA 16 13.22 -33.80 40.96
N ALA EA 17 13.34 -34.93 41.65
CA ALA EA 17 12.80 -35.08 42.99
C ALA EA 17 13.85 -35.00 44.09
N SER EA 18 15.13 -35.00 43.73
CA SER EA 18 16.22 -34.91 44.70
C SER EA 18 17.30 -33.99 44.13
N ALA EA 19 18.40 -33.87 44.86
CA ALA EA 19 19.52 -33.05 44.43
C ALA EA 19 20.46 -33.78 43.48
N THR EA 20 20.22 -35.07 43.22
CA THR EA 20 21.08 -35.86 42.36
C THR EA 20 20.46 -36.13 40.99
N GLU EA 21 19.28 -35.59 40.71
CA GLU EA 21 18.61 -35.80 39.44
C GLU EA 21 18.58 -34.49 38.64
N SER EA 22 18.24 -34.61 37.37
CA SER EA 22 18.27 -33.49 36.44
C SER EA 22 16.86 -33.02 36.09
N ALA EA 23 16.77 -31.78 35.62
CA ALA EA 23 15.53 -31.21 35.10
C ALA EA 23 15.57 -31.18 33.58
N ALA EA 24 14.44 -31.52 32.97
CA ALA EA 24 14.36 -31.57 31.53
C ALA EA 24 12.97 -31.13 31.07
N ILE EA 25 12.92 -30.36 30.00
CA ILE EA 25 11.67 -29.94 29.36
C ILE EA 25 11.69 -30.51 27.95
N GLN EA 26 10.70 -31.35 27.64
CA GLN EA 26 10.64 -32.04 26.35
C GLN EA 26 9.37 -31.65 25.62
N GLY EA 27 9.51 -31.28 24.35
CA GLY EA 27 8.37 -30.98 23.51
C GLY EA 27 8.41 -31.74 22.20
N THR EA 28 7.27 -32.28 21.80
CA THR EA 28 7.16 -33.06 20.57
C THR EA 28 6.41 -32.26 19.52
N PHE EA 29 6.96 -32.24 18.31
CA PHE EA 29 6.29 -31.53 17.21
C PHE EA 29 5.05 -32.29 16.76
N GLY EA 30 4.34 -31.71 15.82
CA GLY EA 30 3.14 -32.31 15.27
C GLY EA 30 2.09 -31.25 14.99
N ASN EA 31 0.87 -31.73 14.72
CA ASN EA 31 -0.27 -30.87 14.47
C ASN EA 31 0.01 -29.91 13.32
N SER EA 32 0.44 -28.69 13.66
CA SER EA 32 0.78 -27.69 12.66
C SER EA 32 2.25 -27.74 12.24
N ALA EA 33 3.02 -28.66 12.80
CA ALA EA 33 4.43 -28.76 12.45
C ALA EA 33 4.60 -29.47 11.11
N ALA EA 34 5.81 -29.40 10.57
CA ALA EA 34 6.10 -30.05 9.30
C ALA EA 34 6.02 -31.56 9.45
N ILE EA 35 5.54 -32.22 8.38
CA ILE EA 35 5.37 -33.66 8.40
C ILE EA 35 6.72 -34.36 8.52
N LYS EA 36 7.76 -33.80 7.89
CA LYS EA 36 9.09 -34.40 7.97
C LYS EA 36 9.59 -34.46 9.41
N ILE EA 37 9.08 -33.57 10.27
CA ILE EA 37 9.46 -33.55 11.67
C ILE EA 37 8.24 -33.83 12.53
N LYS EA 38 7.35 -34.69 12.04
CA LYS EA 38 6.06 -34.90 12.69
C LYS EA 38 6.20 -35.39 14.13
N ASN EA 39 7.07 -36.37 14.37
CA ASN EA 39 7.21 -36.98 15.68
C ASN EA 39 8.58 -36.73 16.31
N GLN EA 40 9.32 -35.74 15.83
CA GLN EA 40 10.60 -35.42 16.43
C GLN EA 40 10.39 -34.64 17.73
N THR EA 41 11.41 -34.67 18.58
CA THR EA 41 11.36 -34.05 19.90
C THR EA 41 12.57 -33.16 20.10
N LEU EA 42 12.35 -32.07 20.85
CA LEU EA 42 13.42 -31.15 21.25
C LEU EA 42 13.39 -31.05 22.76
N THR EA 43 14.55 -31.21 23.39
CA THR EA 43 14.64 -31.25 24.84
C THR EA 43 15.60 -30.20 25.37
N TRP EA 44 15.19 -29.53 26.44
CA TRP EA 44 16.05 -28.66 27.23
C TRP EA 44 16.30 -29.33 28.57
N THR EA 45 17.50 -29.89 28.74
CA THR EA 45 17.85 -30.60 29.95
C THR EA 45 18.71 -29.70 30.85
N ARG EA 46 18.43 -29.74 32.15
CA ARG EA 46 19.12 -28.92 33.14
C ARG EA 46 19.93 -29.82 34.05
N THR EA 47 21.24 -29.61 34.08
CA THR EA 47 22.12 -30.37 34.94
C THR EA 47 21.83 -30.05 36.41
N PRO EA 48 22.07 -31.00 37.31
CA PRO EA 48 21.82 -30.74 38.74
C PRO EA 48 22.66 -29.62 39.31
N GLU EA 49 23.79 -29.29 38.69
CA GLU EA 49 24.56 -28.13 39.10
C GLU EA 49 23.94 -26.82 38.60
N GLY EA 50 22.91 -26.88 37.77
CA GLY EA 50 22.22 -25.71 37.30
C GLY EA 50 22.52 -25.27 35.90
N ALA EA 51 23.19 -26.10 35.10
CA ALA EA 51 23.54 -25.74 33.73
C ALA EA 51 22.49 -26.29 32.77
N TRP EA 52 22.09 -25.46 31.82
CA TRP EA 52 21.06 -25.82 30.84
C TRP EA 52 21.71 -26.12 29.50
N SER EA 53 21.23 -27.17 28.85
CA SER EA 53 21.69 -27.53 27.51
C SER EA 53 20.51 -28.04 26.70
N CYS EA 54 20.56 -27.80 25.39
CA CYS EA 54 19.46 -28.12 24.50
C CYS EA 54 19.88 -29.21 23.51
N ALA EA 55 18.96 -30.12 23.25
CA ALA EA 55 19.17 -31.19 22.28
C ALA EA 55 17.86 -31.48 21.58
N THR EA 56 17.96 -32.05 20.38
CA THR EA 56 16.77 -32.38 19.61
C THR EA 56 17.07 -33.54 18.68
N THR EA 57 16.01 -34.22 18.26
CA THR EA 57 16.10 -35.34 17.33
C THR EA 57 15.91 -34.93 15.88
N VAL EA 58 15.75 -33.63 15.61
CA VAL EA 58 15.55 -33.16 14.25
C VAL EA 58 16.85 -33.32 13.45
N GLU EA 59 16.70 -33.46 12.14
CA GLU EA 59 17.84 -33.67 11.25
C GLU EA 59 18.86 -32.54 11.39
N ALA EA 60 20.10 -32.84 10.99
CA ALA EA 60 21.20 -31.90 11.20
C ALA EA 60 21.00 -30.60 10.43
N LYS EA 61 20.53 -30.70 9.18
CA LYS EA 61 20.35 -29.51 8.37
C LYS EA 61 19.26 -28.57 8.92
N PHE EA 62 18.31 -29.12 9.68
CA PHE EA 62 17.28 -28.30 10.29
C PHE EA 62 17.62 -27.84 11.69
N LYS EA 63 18.71 -28.35 12.27
CA LYS EA 63 19.06 -27.99 13.64
C LYS EA 63 19.58 -26.56 13.70
N PRO EA 64 19.08 -25.74 14.63
CA PRO EA 64 19.65 -24.41 14.82
C PRO EA 64 21.06 -24.48 15.41
N ALA EA 65 21.80 -23.39 15.27
CA ALA EA 65 23.17 -23.34 15.77
C ALA EA 65 23.24 -23.48 17.28
N GLY EA 66 22.15 -23.14 18.00
CA GLY EA 66 22.17 -23.22 19.44
C GLY EA 66 21.97 -24.61 20.02
N CYS EA 67 21.30 -25.49 19.28
CA CYS EA 67 21.04 -26.85 19.72
C CYS EA 67 21.76 -27.86 18.84
N ALA EA 68 23.02 -27.55 18.48
CA ALA EA 68 23.85 -28.45 17.69
C ALA EA 68 24.66 -29.36 18.62
N SER EA 69 23.93 -30.05 19.49
CA SER EA 69 24.54 -30.93 20.46
C SER EA 69 24.12 -32.38 20.23
N SER FA 1 -3.33 7.93 19.09
CA SER FA 1 -4.14 6.74 19.33
C SER FA 1 -3.90 6.19 20.73
N THR FA 2 -4.98 5.87 21.43
CA THR FA 2 -4.92 5.30 22.77
C THR FA 2 -5.74 4.01 22.81
N ALA FA 3 -5.68 3.31 23.94
CA ALA FA 3 -6.50 2.11 24.11
C ALA FA 3 -7.98 2.46 24.12
N ALA FA 4 -8.36 3.56 24.77
CA ALA FA 4 -9.76 3.96 24.81
C ALA FA 4 -10.25 4.37 23.43
N VAL FA 5 -9.50 5.26 22.75
CA VAL FA 5 -9.87 5.75 21.43
C VAL FA 5 -8.66 5.65 20.53
N THR FA 6 -8.88 5.15 19.32
CA THR FA 6 -7.81 4.95 18.34
C THR FA 6 -8.00 5.90 17.16
N GLY FA 7 -6.90 6.12 16.44
CA GLY FA 7 -6.92 6.95 15.25
C GLY FA 7 -7.42 6.28 14.00
N GLN FA 8 -7.73 4.99 14.06
CA GLN FA 8 -8.25 4.23 12.93
C GLN FA 8 -9.59 3.63 13.30
N THR FA 9 -10.55 3.71 12.37
CA THR FA 9 -11.89 3.22 12.65
C THR FA 9 -11.98 1.69 12.64
N GLY FA 10 -11.11 1.02 11.88
CA GLY FA 10 -11.14 -0.43 11.79
C GLY FA 10 -10.47 -1.17 12.93
N LEU FA 11 -9.88 -0.45 13.88
CA LEU FA 11 -9.22 -1.04 15.03
C LEU FA 11 -10.02 -0.76 16.28
N THR FA 12 -10.34 -1.80 17.04
CA THR FA 12 -11.08 -1.68 18.28
C THR FA 12 -10.28 -2.30 19.41
N ILE FA 13 -10.13 -1.58 20.50
CA ILE FA 13 -9.36 -2.02 21.66
C ILE FA 13 -10.29 -2.05 22.85
N THR FA 14 -10.44 -3.24 23.45
CA THR FA 14 -11.29 -3.43 24.63
C THR FA 14 -10.37 -3.44 25.85
N TYR FA 15 -10.40 -2.37 26.62
CA TYR FA 15 -9.56 -2.29 27.81
C TYR FA 15 -10.34 -2.76 29.03
N PRO FA 16 -9.89 -3.81 29.71
CA PRO FA 16 -10.61 -4.29 30.89
C PRO FA 16 -10.52 -3.31 32.05
N ALA FA 17 -11.54 -3.35 32.91
CA ALA FA 17 -11.60 -2.49 34.08
C ALA FA 17 -11.54 -3.25 35.40
N SER FA 18 -11.67 -4.57 35.39
CA SER FA 18 -11.63 -5.38 36.60
C SER FA 18 -10.75 -6.60 36.34
N ALA FA 19 -10.61 -7.43 37.37
CA ALA FA 19 -9.80 -8.64 37.28
C ALA FA 19 -10.55 -9.82 36.70
N THR FA 20 -11.82 -9.64 36.33
CA THR FA 20 -12.64 -10.72 35.80
C THR FA 20 -12.98 -10.58 34.33
N GLU FA 21 -12.79 -9.40 33.74
CA GLU FA 21 -13.13 -9.15 32.34
C GLU FA 21 -11.87 -9.29 31.49
N SER FA 22 -12.08 -9.75 30.26
CA SER FA 22 -10.99 -10.10 29.35
C SER FA 22 -10.66 -8.94 28.42
N ALA FA 23 -9.37 -8.73 28.20
CA ALA FA 23 -8.88 -7.75 27.25
C ALA FA 23 -9.01 -8.30 25.83
N ALA FA 24 -9.22 -7.39 24.88
CA ALA FA 24 -9.44 -7.79 23.51
C ALA FA 24 -8.93 -6.71 22.56
N ILE FA 25 -8.40 -7.15 21.41
CA ILE FA 25 -7.98 -6.28 20.33
C ILE FA 25 -8.74 -6.71 19.08
N GLN FA 26 -9.50 -5.79 18.50
CA GLN FA 26 -10.34 -6.09 17.36
C GLN FA 26 -9.90 -5.29 16.14
N GLY FA 27 -9.77 -5.99 15.01
CA GLY FA 27 -9.40 -5.35 13.76
C GLY FA 27 -10.29 -5.77 12.61
N THR FA 28 -10.78 -4.81 11.84
CA THR FA 28 -11.68 -5.07 10.73
C THR FA 28 -10.99 -4.74 9.41
N PHE FA 29 -11.10 -5.64 8.45
CA PHE FA 29 -10.53 -5.39 7.13
C PHE FA 29 -11.29 -4.27 6.43
N GLY FA 30 -10.69 -3.74 5.38
CA GLY FA 30 -11.34 -2.71 4.58
C GLY FA 30 -10.33 -1.94 3.77
N ASN FA 31 -10.85 -0.92 3.08
CA ASN FA 31 -10.05 -0.04 2.22
C ASN FA 31 -9.31 -0.84 1.15
N SER FA 32 -8.05 -1.17 1.41
CA SER FA 32 -7.23 -1.91 0.48
C SER FA 32 -7.35 -3.43 0.65
N ALA FA 33 -8.20 -3.87 1.57
CA ALA FA 33 -8.39 -5.31 1.78
C ALA FA 33 -9.21 -5.91 0.64
N ALA FA 34 -9.17 -7.23 0.56
CA ALA FA 34 -9.90 -7.94 -0.48
C ALA FA 34 -11.41 -7.77 -0.29
N ILE FA 35 -12.13 -7.76 -1.41
CA ILE FA 35 -13.59 -7.57 -1.37
C ILE FA 35 -14.26 -8.75 -0.67
N LYS FA 36 -13.72 -9.96 -0.83
CA LYS FA 36 -14.31 -11.13 -0.18
C LYS FA 36 -14.27 -11.00 1.33
N ILE FA 37 -13.19 -10.44 1.87
CA ILE FA 37 -13.04 -10.27 3.31
C ILE FA 37 -13.16 -8.80 3.67
N LYS FA 38 -13.88 -8.04 2.84
CA LYS FA 38 -13.96 -6.59 3.03
C LYS FA 38 -14.56 -6.21 4.37
N ASN FA 39 -15.49 -7.04 4.89
CA ASN FA 39 -16.19 -6.72 6.13
C ASN FA 39 -15.97 -7.77 7.22
N GLN FA 40 -14.97 -8.63 7.07
CA GLN FA 40 -14.67 -9.59 8.11
C GLN FA 40 -13.79 -8.94 9.18
N THR FA 41 -13.70 -9.62 10.34
CA THR FA 41 -12.92 -9.12 11.46
C THR FA 41 -12.04 -10.22 12.02
N LEU FA 42 -10.87 -9.82 12.51
CA LEU FA 42 -9.96 -10.70 13.22
C LEU FA 42 -9.70 -10.09 14.59
N THR FA 43 -9.72 -10.93 15.63
CA THR FA 43 -9.64 -10.43 16.99
C THR FA 43 -8.62 -11.22 17.80
N TRP FA 44 -7.94 -10.52 18.70
CA TRP FA 44 -7.08 -11.11 19.72
C TRP FA 44 -7.69 -10.81 21.08
N THR FA 45 -8.02 -11.84 21.84
CA THR FA 45 -8.59 -11.68 23.17
C THR FA 45 -7.62 -12.17 24.22
N ARG FA 46 -7.59 -11.46 25.35
CA ARG FA 46 -6.68 -11.76 26.45
C ARG FA 46 -7.51 -12.11 27.68
N THR FA 47 -7.35 -13.35 28.17
CA THR FA 47 -8.11 -13.82 29.30
C THR FA 47 -7.70 -13.11 30.58
N PRO FA 48 -8.56 -13.10 31.61
CA PRO FA 48 -8.19 -12.44 32.86
C PRO FA 48 -6.91 -12.96 33.49
N GLU FA 49 -6.61 -14.25 33.34
CA GLU FA 49 -5.33 -14.76 33.83
C GLU FA 49 -4.15 -14.32 32.97
N GLY FA 50 -4.41 -13.81 31.76
CA GLY FA 50 -3.37 -13.26 30.92
C GLY FA 50 -3.02 -14.06 29.68
N ALA FA 51 -3.92 -14.89 29.17
CA ALA FA 51 -3.65 -15.72 28.00
C ALA FA 51 -4.16 -15.03 26.76
N TRP FA 52 -3.29 -14.89 25.76
CA TRP FA 52 -3.65 -14.29 24.48
C TRP FA 52 -4.03 -15.37 23.48
N SER FA 53 -5.14 -15.15 22.79
CA SER FA 53 -5.61 -16.09 21.79
C SER FA 53 -6.18 -15.32 20.61
N CYS FA 54 -6.20 -15.96 19.44
CA CYS FA 54 -6.61 -15.32 18.20
C CYS FA 54 -7.76 -16.11 17.57
N ALA FA 55 -8.66 -15.36 16.93
CA ALA FA 55 -9.76 -15.94 16.17
C ALA FA 55 -10.12 -14.99 15.04
N THR FA 56 -10.77 -15.52 14.02
CA THR FA 56 -11.14 -14.72 12.86
C THR FA 56 -12.40 -15.28 12.24
N THR FA 57 -13.10 -14.42 11.50
CA THR FA 57 -14.37 -14.77 10.85
C THR FA 57 -14.21 -15.08 9.37
N VAL FA 58 -12.97 -15.10 8.87
CA VAL FA 58 -12.73 -15.40 7.45
C VAL FA 58 -12.99 -16.88 7.20
N GLU FA 59 -13.04 -17.27 5.93
CA GLU FA 59 -13.30 -18.67 5.59
C GLU FA 59 -12.13 -19.55 6.01
N ALA FA 60 -12.39 -20.86 6.05
CA ALA FA 60 -11.38 -21.81 6.49
C ALA FA 60 -10.16 -21.81 5.58
N LYS FA 61 -10.38 -21.66 4.27
CA LYS FA 61 -9.27 -21.62 3.33
C LYS FA 61 -8.40 -20.38 3.48
N PHE FA 62 -8.91 -19.32 4.12
CA PHE FA 62 -8.13 -18.12 4.38
C PHE FA 62 -7.48 -18.12 5.76
N LYS FA 63 -7.72 -19.13 6.57
CA LYS FA 63 -7.16 -19.16 7.92
C LYS FA 63 -5.84 -19.92 7.94
N PRO FA 64 -4.74 -19.27 8.29
CA PRO FA 64 -3.48 -20.01 8.49
C PRO FA 64 -3.53 -20.79 9.80
N ALA FA 65 -2.44 -21.53 10.05
CA ALA FA 65 -2.35 -22.33 11.27
C ALA FA 65 -2.33 -21.46 12.51
N GLY FA 66 -2.00 -20.17 12.36
CA GLY FA 66 -1.93 -19.29 13.53
C GLY FA 66 -3.27 -19.06 14.19
N CYS FA 67 -4.31 -18.80 13.39
CA CYS FA 67 -5.61 -18.42 13.92
C CYS FA 67 -6.74 -19.32 13.44
N ALA FA 68 -6.44 -20.54 13.00
CA ALA FA 68 -7.48 -21.48 12.57
C ALA FA 68 -8.06 -22.18 13.81
N SER FA 69 -8.67 -21.37 14.66
CA SER FA 69 -9.27 -21.88 15.89
C SER FA 69 -10.74 -22.24 15.68
N SER GA 1 26.30 3.89 1.65
CA SER GA 1 27.44 3.96 2.55
C SER GA 1 27.01 4.44 3.94
N THR GA 2 26.90 5.76 4.09
CA THR GA 2 26.49 6.38 5.33
C THR GA 2 25.25 7.25 5.09
N ALA GA 3 24.63 7.67 6.19
CA ALA GA 3 23.46 8.53 6.08
C ALA GA 3 23.82 9.89 5.48
N ALA GA 4 24.96 10.45 5.86
CA ALA GA 4 25.39 11.73 5.33
C ALA GA 4 25.69 11.65 3.83
N VAL GA 5 26.44 10.64 3.42
CA VAL GA 5 26.76 10.41 2.02
C VAL GA 5 26.63 8.92 1.72
N THR GA 6 25.98 8.59 0.61
CA THR GA 6 25.73 7.21 0.22
C THR GA 6 26.51 6.86 -1.04
N GLY GA 7 26.36 5.62 -1.47
CA GLY GA 7 27.00 5.12 -2.67
C GLY GA 7 26.22 5.30 -3.97
N GLN GA 8 25.03 5.88 -3.91
CA GLN GA 8 24.20 6.07 -5.09
C GLN GA 8 23.75 7.51 -5.19
N THR GA 9 23.75 8.05 -6.41
CA THR GA 9 23.40 9.44 -6.62
C THR GA 9 21.91 9.70 -6.48
N GLY GA 10 21.06 8.73 -6.84
CA GLY GA 10 19.63 8.92 -6.78
C GLY GA 10 18.99 8.77 -5.43
N LEU GA 11 19.79 8.46 -4.40
CA LEU GA 11 19.29 8.25 -3.05
C LEU GA 11 19.70 9.41 -2.17
N THR GA 12 18.72 10.00 -1.48
CA THR GA 12 18.97 11.08 -0.54
C THR GA 12 18.36 10.74 0.81
N ILE GA 13 19.11 11.00 1.87
CA ILE GA 13 18.70 10.70 3.24
C ILE GA 13 18.59 12.02 3.99
N THR GA 14 17.41 12.27 4.57
CA THR GA 14 17.19 13.46 5.39
C THR GA 14 17.35 13.04 6.85
N TYR GA 15 18.57 13.17 7.38
CA TYR GA 15 18.87 12.76 8.74
C TYR GA 15 18.51 13.88 9.70
N PRO GA 16 17.63 13.63 10.67
CA PRO GA 16 17.27 14.69 11.62
C PRO GA 16 18.43 15.04 12.53
N ALA GA 17 18.48 16.32 12.91
CA ALA GA 17 19.49 16.81 13.84
C ALA GA 17 18.88 17.37 15.12
N SER GA 18 17.57 17.51 15.20
CA SER GA 18 16.89 18.04 16.38
C SER GA 18 15.68 17.17 16.68
N ALA GA 19 15.17 17.31 17.91
CA ALA GA 19 14.02 16.54 18.35
C ALA GA 19 12.71 16.99 17.70
N THR GA 20 12.71 18.12 17.00
CA THR GA 20 11.49 18.67 16.40
C THR GA 20 11.53 18.68 14.88
N GLU GA 21 12.25 17.75 14.26
CA GLU GA 21 12.29 17.63 12.81
C GLU GA 21 12.15 16.18 12.39
N SER GA 22 11.72 15.98 11.14
CA SER GA 22 11.41 14.66 10.63
C SER GA 22 12.59 14.06 9.88
N ALA GA 23 12.45 12.78 9.54
CA ALA GA 23 13.43 12.05 8.75
C ALA GA 23 12.79 11.55 7.46
N ALA GA 24 13.56 11.53 6.39
CA ALA GA 24 13.01 11.16 5.08
C ALA GA 24 14.05 10.37 4.30
N ILE GA 25 13.57 9.35 3.59
CA ILE GA 25 14.39 8.57 2.66
C ILE GA 25 13.71 8.66 1.31
N GLN GA 26 14.40 9.26 0.33
CA GLN GA 26 13.83 9.53 -0.98
C GLN GA 26 14.67 8.87 -2.05
N GLY GA 27 14.02 8.19 -2.98
CA GLY GA 27 14.69 7.56 -4.11
C GLY GA 27 14.13 8.08 -5.43
N THR GA 28 15.02 8.27 -6.39
CA THR GA 28 14.66 8.82 -7.69
C THR GA 28 14.79 7.76 -8.76
N PHE GA 29 13.72 7.57 -9.53
CA PHE GA 29 13.72 6.55 -10.59
C PHE GA 29 14.63 6.99 -11.73
N GLY GA 30 15.32 6.01 -12.32
CA GLY GA 30 16.19 6.31 -13.43
C GLY GA 30 17.01 5.09 -13.84
N ASN GA 31 17.92 5.33 -14.78
CA ASN GA 31 18.81 4.29 -15.32
C ASN GA 31 18.01 3.15 -15.93
N SER GA 32 17.83 2.06 -15.18
CA SER GA 32 17.11 0.90 -15.65
C SER GA 32 15.61 1.04 -15.46
N ALA GA 33 15.14 2.15 -14.90
CA ALA GA 33 13.72 2.37 -14.72
C ALA GA 33 13.07 2.73 -16.05
N ALA GA 34 11.73 2.74 -16.04
CA ALA GA 34 10.98 3.09 -17.24
C ALA GA 34 11.20 4.55 -17.60
N ILE GA 35 11.17 4.83 -18.90
CA ILE GA 35 11.33 6.20 -19.38
C ILE GA 35 10.15 7.06 -18.94
N LYS GA 36 8.96 6.47 -18.92
CA LYS GA 36 7.77 7.23 -18.52
C LYS GA 36 7.86 7.72 -17.08
N ILE GA 37 8.36 6.88 -16.18
CA ILE GA 37 8.43 7.22 -14.76
C ILE GA 37 9.84 7.73 -14.41
N LYS GA 38 10.60 8.14 -15.42
CA LYS GA 38 11.92 8.70 -15.19
C LYS GA 38 11.82 10.03 -14.44
N ASN GA 39 12.81 10.30 -13.60
CA ASN GA 39 13.00 11.51 -12.81
C ASN GA 39 11.97 11.67 -11.70
N GLN GA 40 11.00 10.76 -11.58
CA GLN GA 40 10.05 10.83 -10.48
C GLN GA 40 10.72 10.34 -9.19
N THR GA 41 10.15 10.76 -8.07
CA THR GA 41 10.72 10.47 -6.76
C THR GA 41 9.70 9.78 -5.87
N LEU GA 42 10.16 8.75 -5.16
CA LEU GA 42 9.40 8.09 -4.12
C LEU GA 42 10.13 8.29 -2.81
N THR GA 43 9.42 8.76 -1.79
CA THR GA 43 10.04 9.10 -0.52
C THR GA 43 9.38 8.36 0.62
N TRP GA 44 10.20 7.91 1.57
CA TRP GA 44 9.74 7.36 2.83
C TRP GA 44 10.08 8.36 3.94
N THR GA 45 9.05 8.90 4.57
CA THR GA 45 9.20 9.95 5.57
C THR GA 45 8.90 9.39 6.96
N ARG GA 46 9.65 9.88 7.94
CA ARG GA 46 9.47 9.49 9.33
C ARG GA 46 9.26 10.75 10.18
N THR GA 47 8.13 10.81 10.88
CA THR GA 47 7.92 11.88 11.83
C THR GA 47 8.84 11.71 13.04
N PRO GA 48 9.19 12.81 13.71
CA PRO GA 48 10.02 12.69 14.93
C PRO GA 48 9.35 11.86 16.01
N GLU GA 49 8.03 11.69 15.97
CA GLU GA 49 7.31 10.85 16.92
C GLU GA 49 7.56 9.37 16.69
N GLY GA 50 7.80 8.94 15.45
CA GLY GA 50 8.10 7.56 15.15
C GLY GA 50 7.13 6.84 14.23
N ALA GA 51 6.41 7.56 13.38
CA ALA GA 51 5.48 6.95 12.44
C ALA GA 51 6.03 7.07 11.03
N TRP GA 52 6.01 5.97 10.29
CA TRP GA 52 6.50 5.92 8.91
C TRP GA 52 5.33 5.93 7.94
N SER GA 53 5.56 6.53 6.78
CA SER GA 53 4.58 6.56 5.69
C SER GA 53 5.32 6.72 4.37
N CYS GA 54 4.61 6.42 3.28
CA CYS GA 54 5.20 6.44 1.95
C CYS GA 54 4.44 7.40 1.05
N ALA GA 55 5.15 8.00 0.10
CA ALA GA 55 4.57 8.87 -0.90
C ALA GA 55 5.41 8.81 -2.15
N THR GA 56 4.80 9.17 -3.28
CA THR GA 56 5.49 9.11 -4.57
C THR GA 56 4.85 10.11 -5.52
N THR GA 57 5.61 10.47 -6.56
CA THR GA 57 5.16 11.42 -7.57
C THR GA 57 4.77 10.75 -8.88
N VAL GA 58 4.73 9.42 -8.92
CA VAL GA 58 4.36 8.69 -10.14
C VAL GA 58 2.86 8.82 -10.36
N GLU GA 59 2.40 8.42 -11.54
CA GLU GA 59 0.97 8.47 -11.85
C GLU GA 59 0.20 7.52 -10.94
N ALA GA 60 -1.10 7.79 -10.81
CA ALA GA 60 -1.92 7.03 -9.87
C ALA GA 60 -1.98 5.55 -10.25
N LYS GA 61 -2.12 5.26 -11.55
CA LYS GA 61 -2.16 3.86 -11.98
C LYS GA 61 -0.84 3.15 -11.73
N PHE GA 62 0.27 3.88 -11.58
CA PHE GA 62 1.54 3.29 -11.19
C PHE GA 62 1.74 3.25 -9.69
N LYS GA 63 0.88 3.91 -8.92
CA LYS GA 63 1.06 3.99 -7.47
C LYS GA 63 0.60 2.70 -6.81
N PRO GA 64 1.43 2.06 -5.97
CA PRO GA 64 0.96 0.92 -5.19
C PRO GA 64 -0.04 1.34 -4.13
N ALA GA 65 -0.88 0.38 -3.73
CA ALA GA 65 -1.90 0.66 -2.73
C ALA GA 65 -1.32 1.02 -1.38
N GLY GA 66 -0.10 0.61 -1.09
CA GLY GA 66 0.55 0.93 0.17
C GLY GA 66 1.18 2.30 0.17
N CYS GA 67 1.28 2.93 -1.00
CA CYS GA 67 1.87 4.24 -1.14
C CYS GA 67 0.90 5.26 -1.74
N ALA GA 68 -0.40 4.95 -1.74
CA ALA GA 68 -1.39 5.90 -2.24
C ALA GA 68 -1.51 7.09 -1.30
N SER GA 69 -1.60 8.28 -1.89
CA SER GA 69 -1.68 9.52 -1.10
C SER GA 69 -2.99 9.59 -0.32
N SER HA 1 22.87 -29.76 -2.99
CA SER HA 1 23.09 -30.62 -1.83
C SER HA 1 23.88 -29.89 -0.75
N THR HA 2 25.18 -29.72 -0.99
CA THR HA 2 26.07 -29.05 -0.05
C THR HA 2 26.81 -27.91 -0.76
N ALA HA 3 27.34 -27.00 0.04
CA ALA HA 3 28.14 -25.90 -0.52
C ALA HA 3 29.48 -26.41 -1.03
N ALA HA 4 30.09 -27.38 -0.32
CA ALA HA 4 31.38 -27.91 -0.75
C ALA HA 4 31.26 -28.63 -2.09
N VAL HA 5 30.23 -29.47 -2.25
CA VAL HA 5 30.01 -30.21 -3.49
C VAL HA 5 28.52 -30.20 -3.79
N THR HA 6 28.17 -30.03 -5.06
CA THR HA 6 26.78 -29.98 -5.50
C THR HA 6 26.43 -31.21 -6.33
N GLY HA 7 25.14 -31.48 -6.43
CA GLY HA 7 24.64 -32.60 -7.21
C GLY HA 7 24.54 -32.36 -8.69
N GLN HA 8 24.89 -31.17 -9.16
CA GLN HA 8 24.87 -30.83 -10.57
C GLN HA 8 26.27 -30.45 -11.02
N THR HA 9 26.67 -30.93 -12.21
CA THR HA 9 27.98 -30.59 -12.75
C THR HA 9 28.05 -29.14 -13.23
N GLY HA 10 26.94 -28.55 -13.61
CA GLY HA 10 26.91 -27.19 -14.11
C GLY HA 10 26.87 -26.10 -13.06
N LEU HA 11 26.84 -26.46 -11.78
CA LEU HA 11 26.77 -25.49 -10.69
C LEU HA 11 27.99 -25.65 -9.80
N THR HA 12 28.66 -24.54 -9.51
CA THR HA 12 29.80 -24.51 -8.60
C THR HA 12 29.59 -23.45 -7.54
N ILE HA 13 30.00 -23.76 -6.31
CA ILE HA 13 29.84 -22.86 -5.18
C ILE HA 13 31.22 -22.55 -4.61
N THR HA 14 31.53 -21.26 -4.49
CA THR HA 14 32.78 -20.81 -3.91
C THR HA 14 32.52 -20.36 -2.48
N TYR HA 15 33.01 -21.15 -1.51
CA TYR HA 15 32.81 -20.86 -0.10
C TYR HA 15 34.03 -20.16 0.48
N PRO HA 16 33.83 -19.06 1.22
CA PRO HA 16 34.97 -18.32 1.77
C PRO HA 16 35.57 -19.04 2.97
N ALA HA 17 36.90 -19.20 2.94
CA ALA HA 17 37.63 -19.81 4.04
C ALA HA 17 38.20 -18.79 5.02
N SER HA 18 38.08 -17.50 4.73
CA SER HA 18 38.56 -16.44 5.61
C SER HA 18 37.62 -15.25 5.51
N ALA HA 19 37.92 -14.21 6.27
CA ALA HA 19 37.11 -12.99 6.28
C ALA HA 19 37.56 -11.98 5.24
N THR HA 20 38.65 -12.25 4.51
CA THR HA 20 39.19 -11.30 3.54
C THR HA 20 39.12 -11.84 2.11
N GLU HA 21 38.26 -12.81 1.85
CA GLU HA 21 38.09 -13.35 0.51
C GLU HA 21 36.60 -13.40 0.18
N SER HA 22 36.30 -13.32 -1.11
CA SER HA 22 34.93 -13.24 -1.59
C SER HA 22 34.36 -14.64 -1.83
N ALA HA 23 33.04 -14.69 -2.00
CA ALA HA 23 32.32 -15.91 -2.33
C ALA HA 23 31.65 -15.74 -3.69
N ALA HA 24 31.58 -16.85 -4.43
CA ALA HA 24 31.02 -16.82 -5.78
C ALA HA 24 30.09 -18.01 -5.98
N ILE HA 25 28.99 -17.78 -6.70
CA ILE HA 25 28.05 -18.83 -7.08
C ILE HA 25 28.08 -18.89 -8.61
N GLN HA 26 28.95 -19.74 -9.15
CA GLN HA 26 29.21 -19.79 -10.58
C GLN HA 26 28.46 -20.96 -11.21
N GLY HA 27 27.77 -20.67 -12.31
CA GLY HA 27 27.09 -21.69 -13.07
C GLY HA 27 27.36 -21.57 -14.56
N THR HA 28 27.68 -22.70 -15.20
CA THR HA 28 27.97 -22.73 -16.62
C THR HA 28 26.81 -23.40 -17.36
N PHE HA 29 26.38 -22.79 -18.46
CA PHE HA 29 25.26 -23.33 -19.22
C PHE HA 29 25.62 -24.69 -19.82
N GLY HA 30 24.61 -25.36 -20.35
CA GLY HA 30 24.80 -26.66 -20.95
C GLY HA 30 23.50 -27.42 -21.01
N ASN HA 31 23.62 -28.72 -21.34
CA ASN HA 31 22.49 -29.63 -21.44
C ASN HA 31 21.46 -29.10 -22.44
N SER HA 32 20.38 -28.50 -21.95
CA SER HA 32 19.32 -27.98 -22.80
C SER HA 32 19.50 -26.50 -23.12
N ALA HA 33 20.61 -25.89 -22.74
CA ALA HA 33 20.84 -24.49 -23.01
C ALA HA 33 21.03 -24.26 -24.50
N ALA HA 34 20.92 -23.00 -24.91
CA ALA HA 34 21.11 -22.65 -26.31
C ALA HA 34 22.53 -22.92 -26.75
N ILE HA 35 22.68 -23.34 -28.01
CA ILE HA 35 23.99 -23.68 -28.54
C ILE HA 35 24.91 -22.45 -28.57
N LYS HA 36 24.34 -21.28 -28.84
CA LYS HA 36 25.15 -20.05 -28.83
C LYS HA 36 25.71 -19.78 -27.43
N ILE HA 37 24.93 -20.08 -26.39
CA ILE HA 37 25.36 -19.84 -25.02
C ILE HA 37 25.68 -21.16 -24.33
N LYS HA 38 26.07 -22.16 -25.11
CA LYS HA 38 26.27 -23.51 -24.56
C LYS HA 38 27.35 -23.53 -23.49
N ASN HA 39 28.46 -22.81 -23.70
CA ASN HA 39 29.61 -22.89 -22.81
C ASN HA 39 29.88 -21.58 -22.09
N GLN HA 40 28.88 -20.71 -21.96
CA GLN HA 40 29.09 -19.46 -21.24
C GLN HA 40 28.97 -19.68 -19.73
N THR HA 41 29.64 -18.81 -18.98
CA THR HA 41 29.69 -18.91 -17.53
C THR HA 41 28.90 -17.78 -16.90
N LEU HA 42 28.23 -18.09 -15.80
CA LEU HA 42 27.38 -17.15 -15.09
C LEU HA 42 27.60 -17.32 -13.60
N THR HA 43 28.02 -16.24 -12.93
CA THR HA 43 28.41 -16.32 -11.54
C THR HA 43 27.77 -15.19 -10.73
N TRP HA 44 27.53 -15.46 -9.45
CA TRP HA 44 27.07 -14.48 -8.48
C TRP HA 44 28.13 -14.38 -7.38
N THR HA 45 28.73 -13.20 -7.24
CA THR HA 45 29.83 -13.00 -6.32
C THR HA 45 29.39 -12.13 -5.14
N ARG HA 46 29.98 -12.39 -3.97
CA ARG HA 46 29.68 -11.67 -2.75
C ARG HA 46 30.97 -11.13 -2.16
N THR HA 47 31.03 -9.81 -1.95
CA THR HA 47 32.19 -9.20 -1.33
C THR HA 47 32.24 -9.58 0.15
N PRO HA 48 33.44 -9.56 0.75
CA PRO HA 48 33.56 -9.90 2.18
C PRO HA 48 32.73 -9.01 3.09
N GLU HA 49 32.51 -7.75 2.73
CA GLU HA 49 31.72 -6.85 3.56
C GLU HA 49 30.24 -7.17 3.55
N GLY HA 50 29.79 -8.06 2.66
CA GLY HA 50 28.39 -8.43 2.58
C GLY HA 50 27.63 -7.86 1.40
N ALA HA 51 28.31 -7.52 0.31
CA ALA HA 51 27.68 -6.96 -0.87
C ALA HA 51 27.66 -8.00 -1.99
N TRP HA 52 26.48 -8.22 -2.57
CA TRP HA 52 26.30 -9.15 -3.67
C TRP HA 52 26.22 -8.39 -4.99
N SER HA 53 26.96 -8.86 -5.99
CA SER HA 53 26.93 -8.26 -7.31
C SER HA 53 26.86 -9.37 -8.35
N CYS HA 54 26.33 -9.03 -9.52
CA CYS HA 54 26.07 -10.00 -10.57
C CYS HA 54 26.87 -9.66 -11.82
N ALA HA 55 27.41 -10.69 -12.46
CA ALA HA 55 28.15 -10.54 -13.69
C ALA HA 55 28.06 -11.83 -14.49
N THR HA 56 28.29 -11.72 -15.79
CA THR HA 56 28.25 -12.88 -16.67
C THR HA 56 29.07 -12.59 -17.92
N THR HA 57 29.46 -13.67 -18.61
CA THR HA 57 30.25 -13.56 -19.83
C THR HA 57 29.39 -13.64 -21.09
N VAL HA 58 28.06 -13.71 -20.95
CA VAL HA 58 27.20 -13.81 -22.12
C VAL HA 58 27.18 -12.49 -22.88
N GLU HA 59 26.72 -12.55 -24.13
CA GLU HA 59 26.72 -11.38 -24.99
C GLU HA 59 25.77 -10.31 -24.45
N ALA HA 60 26.06 -9.06 -24.78
CA ALA HA 60 25.27 -7.93 -24.29
C ALA HA 60 23.83 -7.98 -24.77
N LYS HA 61 23.56 -8.66 -25.89
CA LYS HA 61 22.18 -8.88 -26.30
C LYS HA 61 21.43 -9.72 -25.29
N PHE HA 62 22.10 -10.74 -24.74
CA PHE HA 62 21.48 -11.70 -23.84
C PHE HA 62 21.58 -11.30 -22.38
N LYS HA 63 22.32 -10.24 -22.06
CA LYS HA 63 22.49 -9.82 -20.68
C LYS HA 63 21.23 -9.12 -20.17
N PRO HA 64 20.72 -9.51 -19.01
CA PRO HA 64 19.65 -8.71 -18.39
C PRO HA 64 20.19 -7.40 -17.85
N ALA HA 65 19.29 -6.44 -17.69
CA ALA HA 65 19.68 -5.13 -17.17
C ALA HA 65 20.21 -5.22 -15.74
N GLY HA 66 19.81 -6.24 -14.99
CA GLY HA 66 20.30 -6.42 -13.63
C GLY HA 66 21.69 -7.01 -13.53
N CYS HA 67 22.26 -7.47 -14.64
CA CYS HA 67 23.61 -8.04 -14.66
C CYS HA 67 24.41 -7.50 -15.83
N ALA HA 68 24.16 -6.26 -16.22
CA ALA HA 68 24.90 -5.63 -17.32
C ALA HA 68 26.18 -4.99 -16.78
N SER HA 69 27.13 -5.86 -16.48
CA SER HA 69 28.43 -5.42 -15.95
C SER HA 69 29.56 -6.32 -16.44
N SER IA 1 -12.77 -27.36 -4.31
CA SER IA 1 -11.97 -28.53 -4.62
C SER IA 1 -10.84 -28.70 -3.60
N THR IA 2 -10.64 -29.93 -3.14
CA THR IA 2 -9.58 -30.25 -2.19
C THR IA 2 -8.66 -31.32 -2.79
N ALA IA 3 -7.53 -31.53 -2.12
CA ALA IA 3 -6.58 -32.55 -2.56
C ALA IA 3 -7.17 -33.95 -2.43
N ALA IA 4 -7.94 -34.19 -1.36
CA ALA IA 4 -8.51 -35.52 -1.14
C ALA IA 4 -9.47 -35.90 -2.26
N VAL IA 5 -10.35 -34.99 -2.66
CA VAL IA 5 -11.30 -35.21 -3.74
C VAL IA 5 -11.19 -34.00 -4.66
N THR IA 6 -10.55 -34.16 -5.81
CA THR IA 6 -10.36 -33.06 -6.73
C THR IA 6 -11.63 -32.78 -7.53
N GLY IA 7 -11.71 -31.58 -8.09
CA GLY IA 7 -12.84 -31.18 -8.90
C GLY IA 7 -12.82 -31.66 -10.33
N GLN IA 8 -11.75 -32.34 -10.75
CA GLN IA 8 -11.63 -32.87 -12.10
C GLN IA 8 -11.30 -34.34 -12.04
N THR IA 9 -11.96 -35.13 -12.88
CA THR IA 9 -11.71 -36.57 -12.91
C THR IA 9 -10.32 -36.91 -13.44
N GLY IA 10 -9.73 -36.05 -14.26
CA GLY IA 10 -8.40 -36.27 -14.78
C GLY IA 10 -7.26 -35.84 -13.90
N LEU IA 11 -7.54 -35.20 -12.77
CA LEU IA 11 -6.53 -34.72 -11.84
C LEU IA 11 -6.58 -35.56 -10.58
N THR IA 12 -5.45 -36.18 -10.23
CA THR IA 12 -5.35 -37.02 -9.04
C THR IA 12 -4.19 -36.57 -8.19
N ILE IA 13 -4.41 -36.48 -6.89
CA ILE IA 13 -3.41 -35.99 -5.94
C ILE IA 13 -3.10 -37.11 -4.95
N THR IA 14 -1.81 -37.41 -4.80
CA THR IA 14 -1.34 -38.39 -3.82
C THR IA 14 -0.85 -37.63 -2.59
N TYR IA 15 -1.65 -37.65 -1.52
CA TYR IA 15 -1.29 -36.91 -0.32
C TYR IA 15 -0.48 -37.78 0.62
N PRO IA 16 0.74 -37.37 0.98
CA PRO IA 16 1.54 -38.17 1.91
C PRO IA 16 1.06 -37.97 3.35
N ALA IA 17 0.69 -39.08 4.00
CA ALA IA 17 0.27 -39.07 5.39
C ALA IA 17 1.43 -39.27 6.36
N SER IA 18 2.63 -39.48 5.85
CA SER IA 18 3.80 -39.70 6.69
C SER IA 18 4.98 -38.93 6.10
N ALA IA 19 6.13 -39.02 6.78
CA ALA IA 19 7.34 -38.33 6.37
C ALA IA 19 8.22 -39.16 5.44
N THR IA 20 7.80 -40.36 5.07
CA THR IA 20 8.61 -41.25 4.26
C THR IA 20 8.04 -41.50 2.88
N GLU IA 21 6.80 -41.07 2.61
CA GLU IA 21 6.17 -41.28 1.32
C GLU IA 21 6.12 -39.99 0.52
N SER IA 22 6.00 -40.13 -0.79
CA SER IA 22 6.08 -39.02 -1.72
C SER IA 22 4.70 -38.58 -2.19
N ALA IA 23 4.62 -37.31 -2.58
CA ALA IA 23 3.39 -36.74 -3.13
C ALA IA 23 3.46 -36.72 -4.65
N ALA IA 24 2.30 -36.95 -5.27
CA ALA IA 24 2.23 -37.02 -6.72
C ALA IA 24 0.99 -36.29 -7.21
N ILE IA 25 1.16 -35.52 -8.29
CA ILE IA 25 0.07 -34.80 -8.94
C ILE IA 25 -0.01 -35.34 -10.36
N GLN IA 26 -0.95 -36.25 -10.60
CA GLN IA 26 -1.08 -36.94 -11.87
C GLN IA 26 -2.17 -36.30 -12.70
N GLY IA 27 -1.81 -35.89 -13.91
CA GLY IA 27 -2.76 -35.31 -14.84
C GLY IA 27 -2.87 -36.09 -16.13
N THR IA 28 -4.01 -36.74 -16.34
CA THR IA 28 -4.24 -37.55 -17.52
C THR IA 28 -4.95 -36.74 -18.60
N PHE IA 29 -4.48 -36.89 -19.84
CA PHE IA 29 -5.08 -36.17 -20.95
C PHE IA 29 -6.46 -36.74 -21.26
N GLY IA 30 -7.21 -36.01 -22.08
CA GLY IA 30 -8.51 -36.46 -22.51
C GLY IA 30 -9.36 -35.29 -22.96
N ASN IA 31 -10.60 -35.62 -23.35
CA ASN IA 31 -11.58 -34.65 -23.81
C ASN IA 31 -11.05 -33.82 -24.98
N SER IA 32 -10.54 -32.63 -24.69
CA SER IA 32 -10.01 -31.73 -25.70
C SER IA 32 -8.58 -32.07 -26.10
N ALA IA 33 -7.97 -33.06 -25.46
CA ALA IA 33 -6.61 -33.45 -25.79
C ALA IA 33 -6.57 -34.17 -27.12
N ALA IA 34 -5.37 -34.24 -27.70
CA ALA IA 34 -5.19 -34.89 -28.98
C ALA IA 34 -5.50 -36.38 -28.87
N ILE IA 35 -6.02 -36.94 -29.97
CA ILE IA 35 -6.41 -38.35 -29.98
C ILE IA 35 -5.20 -39.26 -29.79
N LYS IA 36 -4.04 -38.87 -30.35
CA LYS IA 36 -2.84 -39.68 -30.21
C LYS IA 36 -2.40 -39.78 -28.76
N ILE IA 37 -2.51 -38.68 -28.01
CA ILE IA 37 -2.09 -38.65 -26.62
C ILE IA 37 -3.31 -38.64 -25.71
N LYS IA 38 -4.41 -39.22 -26.18
CA LYS IA 38 -5.68 -39.15 -25.47
C LYS IA 38 -5.61 -39.84 -24.10
N ASN IA 39 -4.94 -40.99 -24.02
CA ASN IA 39 -4.95 -41.79 -22.80
C ASN IA 39 -3.61 -41.77 -22.07
N GLN IA 40 -2.77 -40.78 -22.33
CA GLN IA 40 -1.50 -40.68 -21.63
C GLN IA 40 -1.66 -39.83 -20.36
N THR IA 41 -0.69 -39.96 -19.46
CA THR IA 41 -0.74 -39.30 -18.16
C THR IA 41 0.52 -38.45 -17.96
N LEU IA 42 0.34 -37.32 -17.27
CA LEU IA 42 1.44 -36.45 -16.89
C LEU IA 42 1.42 -36.26 -15.38
N THR IA 43 2.56 -36.45 -14.74
CA THR IA 43 2.61 -36.47 -13.28
C THR IA 43 3.71 -35.55 -12.77
N TRP IA 44 3.49 -35.00 -11.57
CA TRP IA 44 4.50 -34.25 -10.83
C TRP IA 44 4.70 -34.92 -9.48
N THR IA 45 5.88 -35.50 -9.27
CA THR IA 45 6.19 -36.22 -8.05
C THR IA 45 7.22 -35.46 -7.22
N ARG IA 46 7.03 -35.47 -5.91
CA ARG IA 46 7.87 -34.73 -4.97
C ARG IA 46 8.49 -35.71 -3.98
N THR IA 47 9.82 -35.69 -3.89
CA THR IA 47 10.50 -36.49 -2.89
C THR IA 47 10.25 -35.95 -1.49
N PRO IA 48 10.35 -36.79 -0.47
CA PRO IA 48 10.14 -36.31 0.90
C PRO IA 48 11.08 -35.19 1.32
N GLU IA 49 12.27 -35.11 0.73
CA GLU IA 49 13.22 -34.05 1.05
C GLU IA 49 12.80 -32.69 0.51
N GLY IA 50 11.81 -32.64 -0.37
CA GLY IA 50 11.37 -31.39 -0.96
C GLY IA 50 11.82 -31.14 -2.38
N ALA IA 51 12.25 -32.18 -3.10
CA ALA IA 51 12.69 -32.04 -4.49
C ALA IA 51 11.57 -32.50 -5.42
N TRP IA 52 11.18 -31.62 -6.33
CA TRP IA 52 10.12 -31.89 -7.29
C TRP IA 52 10.70 -32.34 -8.62
N SER IA 53 9.99 -33.25 -9.29
CA SER IA 53 10.43 -33.76 -10.58
C SER IA 53 9.20 -34.08 -11.44
N CYS IA 54 9.42 -34.13 -12.75
CA CYS IA 54 8.35 -34.30 -13.72
C CYS IA 54 8.56 -35.58 -14.53
N ALA IA 55 7.47 -36.31 -14.76
CA ALA IA 55 7.50 -37.50 -15.60
C ALA IA 55 6.26 -37.51 -16.47
N THR IA 56 6.40 -38.03 -17.69
CA THR IA 56 5.30 -38.08 -18.63
C THR IA 56 5.41 -39.36 -19.45
N THR IA 57 4.26 -39.88 -19.87
CA THR IA 57 4.20 -41.11 -20.64
C THR IA 57 4.00 -40.87 -22.14
N VAL IA 58 4.05 -39.62 -22.58
CA VAL IA 58 3.89 -39.30 -24.00
C VAL IA 58 5.19 -39.61 -24.73
N GLU IA 59 5.15 -39.61 -26.06
CA GLU IA 59 6.33 -39.92 -26.84
C GLU IA 59 7.38 -38.83 -26.69
N ALA IA 60 8.61 -39.17 -27.10
CA ALA IA 60 9.73 -38.24 -26.94
C ALA IA 60 9.52 -36.97 -27.75
N LYS IA 61 8.99 -37.10 -28.97
CA LYS IA 61 8.78 -35.93 -29.81
C LYS IA 61 7.77 -34.95 -29.22
N PHE IA 62 6.87 -35.42 -28.36
CA PHE IA 62 5.93 -34.54 -27.69
C PHE IA 62 6.40 -34.09 -26.31
N LYS IA 63 7.51 -34.64 -25.82
CA LYS IA 63 8.02 -34.28 -24.50
C LYS IA 63 8.79 -32.96 -24.58
N PRO IA 64 8.49 -31.98 -23.74
CA PRO IA 64 9.32 -30.78 -23.67
C PRO IA 64 10.66 -31.07 -23.01
N ALA IA 65 11.53 -30.05 -23.03
CA ALA IA 65 12.85 -30.21 -22.43
C ALA IA 65 12.76 -30.36 -20.91
N GLY IA 66 11.77 -29.74 -20.29
CA GLY IA 66 11.65 -29.84 -18.84
C GLY IA 66 11.32 -31.25 -18.36
N CYS IA 67 10.37 -31.91 -19.04
CA CYS IA 67 9.93 -33.25 -18.66
C CYS IA 67 10.43 -34.29 -19.64
N ALA IA 68 11.67 -34.12 -20.12
CA ALA IA 68 12.27 -35.13 -20.99
C ALA IA 68 12.68 -36.38 -20.23
N SER IA 69 12.79 -36.31 -18.90
CA SER IA 69 13.18 -37.45 -18.09
C SER IA 69 12.08 -38.50 -18.05
N SER JA 1 -8.83 4.80 -20.02
CA SER JA 1 -9.80 3.71 -20.02
C SER JA 1 -9.94 3.10 -18.63
N THR JA 2 -11.12 3.25 -18.04
CA THR JA 2 -11.39 2.77 -16.69
C THR JA 2 -12.35 1.59 -16.74
N ALA JA 3 -12.42 0.87 -15.62
CA ALA JA 3 -13.32 -0.28 -15.54
C ALA JA 3 -14.78 0.17 -15.59
N ALA JA 4 -15.09 1.33 -15.03
CA ALA JA 4 -16.46 1.83 -15.06
C ALA JA 4 -16.91 2.08 -16.50
N VAL JA 5 -16.06 2.71 -17.30
CA VAL JA 5 -16.35 2.97 -18.71
C VAL JA 5 -15.03 3.00 -19.48
N THR JA 6 -15.03 2.38 -20.65
CA THR JA 6 -13.84 2.30 -21.50
C THR JA 6 -14.02 3.17 -22.74
N GLY JA 7 -13.00 3.16 -23.59
CA GLY JA 7 -13.02 3.90 -24.83
C GLY JA 7 -13.71 3.22 -25.98
N GLN JA 8 -14.17 1.99 -25.81
CA GLN JA 8 -14.83 1.25 -26.88
C GLN JA 8 -16.24 0.90 -26.47
N THR JA 9 -17.19 1.14 -27.38
CA THR JA 9 -18.59 0.88 -27.08
C THR JA 9 -18.90 -0.62 -27.07
N GLY JA 10 -18.13 -1.42 -27.79
CA GLY JA 10 -18.38 -2.84 -27.85
C GLY JA 10 -17.87 -3.64 -26.66
N LEU JA 11 -17.21 -2.98 -25.72
CA LEU JA 11 -16.65 -3.64 -24.54
C LEU JA 11 -17.23 -3.01 -23.28
N THR JA 12 -17.74 -3.86 -22.38
CA THR JA 12 -18.20 -3.42 -21.07
C THR JA 12 -17.77 -4.44 -20.03
N ILE JA 13 -17.58 -3.96 -18.79
CA ILE JA 13 -17.13 -4.79 -17.69
C ILE JA 13 -18.01 -4.53 -16.48
N THR JA 14 -18.53 -5.59 -15.88
CA THR JA 14 -19.31 -5.51 -14.64
C THR JA 14 -18.36 -5.70 -13.47
N TYR JA 15 -18.20 -4.65 -12.67
CA TYR JA 15 -17.31 -4.71 -11.52
C TYR JA 15 -18.06 -5.15 -10.27
N PRO JA 16 -17.49 -6.04 -9.47
CA PRO JA 16 -18.16 -6.50 -8.24
C PRO JA 16 -18.06 -5.44 -7.14
N ALA JA 17 -19.20 -4.97 -6.67
CA ALA JA 17 -19.25 -4.02 -5.57
C ALA JA 17 -19.38 -4.68 -4.21
N SER JA 18 -19.56 -6.00 -4.17
CA SER JA 18 -19.70 -6.73 -2.91
C SER JA 18 -19.02 -8.08 -3.07
N ALA JA 19 -19.12 -8.90 -2.02
CA ALA JA 19 -18.48 -10.20 -1.99
C ALA JA 19 -19.40 -11.35 -2.42
N THR JA 20 -20.64 -11.04 -2.82
CA THR JA 20 -21.59 -12.08 -3.20
C THR JA 20 -22.08 -11.91 -4.64
N GLU JA 21 -21.33 -11.21 -5.48
CA GLU JA 21 -21.69 -11.02 -6.88
C GLU JA 21 -20.49 -11.33 -7.76
N SER JA 22 -20.77 -11.80 -8.97
CA SER JA 22 -19.74 -12.24 -9.90
C SER JA 22 -19.30 -11.09 -10.79
N ALA JA 23 -18.04 -11.15 -11.23
CA ALA JA 23 -17.48 -10.18 -12.14
C ALA JA 23 -17.56 -10.70 -13.57
N ALA JA 24 -17.76 -9.79 -14.51
CA ALA JA 24 -17.96 -10.16 -15.91
C ALA JA 24 -17.29 -9.14 -16.82
N ILE JA 25 -16.73 -9.63 -17.92
CA ILE JA 25 -16.16 -8.80 -18.97
C ILE JA 25 -16.84 -9.21 -20.27
N GLN JA 26 -17.58 -8.28 -20.87
CA GLN JA 26 -18.39 -8.56 -22.05
C GLN JA 26 -17.82 -7.84 -23.26
N GLY JA 27 -17.71 -8.57 -24.37
CA GLY JA 27 -17.28 -7.99 -25.62
C GLY JA 27 -18.24 -8.28 -26.76
N THR JA 28 -18.83 -7.23 -27.33
CA THR JA 28 -19.79 -7.36 -28.40
C THR JA 28 -19.11 -7.13 -29.74
N PHE JA 29 -19.30 -8.06 -30.67
CA PHE JA 29 -18.67 -7.96 -31.97
C PHE JA 29 -19.25 -6.80 -32.77
N GLY JA 30 -18.50 -6.37 -33.78
CA GLY JA 30 -18.95 -5.27 -34.61
C GLY JA 30 -17.79 -4.69 -35.40
N ASN JA 31 -18.01 -3.46 -35.87
CA ASN JA 31 -16.99 -2.71 -36.61
C ASN JA 31 -16.51 -3.50 -37.82
N SER JA 32 -15.37 -4.17 -37.70
CA SER JA 32 -14.79 -4.96 -38.78
C SER JA 32 -15.07 -6.45 -38.64
N ALA JA 33 -15.94 -6.85 -37.71
CA ALA JA 33 -16.28 -8.26 -37.56
C ALA JA 33 -17.20 -8.71 -38.70
N ALA JA 34 -17.31 -10.03 -38.83
CA ALA JA 34 -18.17 -10.60 -39.85
C ALA JA 34 -19.63 -10.26 -39.58
N ILE JA 35 -20.39 -10.05 -40.66
CA ILE JA 35 -21.79 -9.65 -40.53
C ILE JA 35 -22.61 -10.74 -39.87
N LYS JA 36 -22.29 -12.01 -40.15
CA LYS JA 36 -23.02 -13.10 -39.53
C LYS JA 36 -22.89 -13.08 -38.01
N ILE JA 37 -21.80 -12.52 -37.50
CA ILE JA 37 -21.57 -12.43 -36.07
C ILE JA 37 -21.51 -10.97 -35.65
N LYS JA 38 -22.24 -10.11 -36.37
CA LYS JA 38 -22.19 -8.68 -36.11
C LYS JA 38 -22.82 -8.29 -34.77
N ASN JA 39 -23.69 -9.15 -34.21
CA ASN JA 39 -24.37 -8.79 -32.98
C ASN JA 39 -24.28 -9.85 -31.89
N GLN JA 40 -23.54 -10.94 -32.11
CA GLN JA 40 -23.32 -11.91 -31.06
C GLN JA 40 -22.22 -11.45 -30.12
N THR JA 41 -22.23 -11.97 -28.89
CA THR JA 41 -21.38 -11.48 -27.83
C THR JA 41 -20.53 -12.61 -27.27
N LEU JA 42 -19.35 -12.24 -26.78
CA LEU JA 42 -18.46 -13.14 -26.06
C LEU JA 42 -18.12 -12.50 -24.73
N THR JA 43 -18.26 -13.28 -23.65
CA THR JA 43 -18.10 -12.75 -22.30
C THR JA 43 -17.20 -13.65 -21.47
N TRP JA 44 -16.49 -13.05 -20.52
CA TRP JA 44 -15.72 -13.76 -19.50
C TRP JA 44 -16.41 -13.55 -18.16
N THR JA 45 -16.75 -14.65 -17.49
CA THR JA 45 -17.43 -14.60 -16.20
C THR JA 45 -16.47 -15.02 -15.10
N ARG JA 46 -16.38 -14.20 -14.05
CA ARG JA 46 -15.53 -14.47 -12.90
C ARG JA 46 -16.40 -14.73 -11.69
N THR JA 47 -16.36 -15.96 -11.17
CA THR JA 47 -17.11 -16.30 -9.98
C THR JA 47 -16.49 -15.61 -8.76
N PRO JA 48 -17.31 -15.28 -7.76
CA PRO JA 48 -16.78 -14.62 -6.55
C PRO JA 48 -15.72 -15.44 -5.83
N GLU JA 49 -15.72 -16.77 -5.99
CA GLU JA 49 -14.69 -17.60 -5.39
C GLU JA 49 -13.31 -17.38 -6.00
N GLY JA 50 -13.22 -16.67 -7.11
CA GLY JA 50 -11.97 -16.47 -7.80
C GLY JA 50 -11.75 -17.31 -9.04
N ALA JA 51 -12.79 -17.98 -9.53
CA ALA JA 51 -12.68 -18.84 -10.70
C ALA JA 51 -13.23 -18.10 -11.92
N TRP JA 52 -12.54 -18.25 -13.05
CA TRP JA 52 -12.92 -17.62 -14.31
C TRP JA 52 -13.64 -18.62 -15.20
N SER JA 53 -14.67 -18.15 -15.88
CA SER JA 53 -15.44 -19.00 -16.80
C SER JA 53 -15.75 -18.20 -18.05
N CYS JA 54 -15.98 -18.93 -19.14
CA CYS JA 54 -16.20 -18.33 -20.45
C CYS JA 54 -17.45 -18.89 -21.10
N ALA JA 55 -18.18 -18.02 -21.79
CA ALA JA 55 -19.36 -18.41 -22.56
C ALA JA 55 -19.54 -17.43 -23.70
N THR JA 56 -20.22 -17.88 -24.75
CA THR JA 56 -20.43 -17.04 -25.92
C THR JA 56 -21.71 -17.48 -26.63
N THR JA 57 -22.21 -16.61 -27.50
CA THR JA 57 -23.47 -16.85 -28.20
C THR JA 57 -23.26 -17.20 -29.68
N VAL JA 58 -22.03 -17.44 -30.10
CA VAL JA 58 -21.76 -17.81 -31.49
C VAL JA 58 -22.15 -19.26 -31.72
N GLU JA 59 -22.21 -19.68 -32.98
CA GLU JA 59 -22.63 -21.03 -33.32
C GLU JA 59 -21.55 -22.04 -32.92
N ALA JA 60 -21.95 -23.32 -32.95
CA ALA JA 60 -21.06 -24.37 -32.48
C ALA JA 60 -19.84 -24.55 -33.37
N LYS JA 61 -20.04 -24.57 -34.69
CA LYS JA 61 -18.93 -24.80 -35.61
C LYS JA 61 -17.91 -23.66 -35.56
N PHE JA 62 -18.35 -22.44 -35.31
CA PHE JA 62 -17.45 -21.31 -35.14
C PHE JA 62 -16.89 -21.23 -33.72
N LYS JA 63 -17.37 -22.06 -32.81
CA LYS JA 63 -16.94 -22.00 -31.41
C LYS JA 63 -15.75 -22.90 -31.19
N PRO JA 64 -14.60 -22.37 -30.76
CA PRO JA 64 -13.44 -23.22 -30.48
C PRO JA 64 -13.60 -23.94 -29.15
N ALA JA 65 -12.60 -24.77 -28.85
CA ALA JA 65 -12.64 -25.57 -27.63
C ALA JA 65 -12.40 -24.75 -26.37
N GLY JA 66 -12.01 -23.48 -26.50
CA GLY JA 66 -11.67 -22.68 -25.36
C GLY JA 66 -12.84 -22.23 -24.49
N CYS JA 67 -14.05 -22.19 -25.04
CA CYS JA 67 -15.23 -21.76 -24.30
C CYS JA 67 -16.41 -22.69 -24.58
N ALA JA 68 -16.17 -24.00 -24.47
CA ALA JA 68 -17.17 -25.01 -24.78
C ALA JA 68 -18.33 -25.06 -23.80
N SER JA 69 -18.18 -24.45 -22.62
CA SER JA 69 -19.24 -24.45 -21.61
C SER JA 69 -19.95 -23.10 -21.56
N SER KA 1 21.73 -4.47 -36.42
CA SER KA 1 20.58 -3.58 -36.57
C SER KA 1 20.13 -3.05 -35.21
N THR KA 2 20.38 -1.77 -34.97
CA THR KA 2 20.00 -1.11 -33.72
C THR KA 2 18.85 -0.15 -33.99
N ALA KA 3 18.29 0.37 -32.89
CA ALA KA 3 17.17 1.31 -33.02
C ALA KA 3 17.61 2.61 -33.69
N ALA KA 4 18.76 3.15 -33.28
CA ALA KA 4 19.23 4.41 -33.85
C ALA KA 4 19.56 4.26 -35.33
N VAL KA 5 20.25 3.18 -35.70
CA VAL KA 5 20.62 2.92 -37.09
C VAL KA 5 20.40 1.45 -37.39
N THR KA 6 19.76 1.17 -38.53
CA THR KA 6 19.48 -0.20 -38.94
C THR KA 6 20.26 -0.53 -40.21
N GLY KA 7 20.25 -1.81 -40.56
CA GLY KA 7 20.93 -2.30 -41.74
C GLY KA 7 20.17 -2.18 -43.04
N GLN KA 8 18.94 -1.68 -43.00
CA GLN KA 8 18.11 -1.54 -44.18
C GLN KA 8 17.70 -0.08 -44.35
N THR KA 9 17.77 0.41 -45.59
CA THR KA 9 17.43 1.80 -45.87
C THR KA 9 15.93 2.06 -45.84
N GLY KA 10 15.12 1.02 -46.02
CA GLY KA 10 13.68 1.17 -46.03
C GLY KA 10 13.00 1.13 -44.67
N LEU KA 11 13.77 1.02 -43.59
CA LEU KA 11 13.22 0.94 -42.24
C LEU KA 11 13.81 2.05 -41.38
N THR KA 12 12.94 2.80 -40.71
CA THR KA 12 13.35 3.85 -39.79
C THR KA 12 12.61 3.67 -38.47
N ILE KA 13 13.30 3.93 -37.37
CA ILE KA 13 12.75 3.81 -36.03
C ILE KA 13 12.85 5.16 -35.34
N THR KA 14 11.73 5.64 -34.82
CA THR KA 14 11.68 6.86 -34.02
C THR KA 14 11.63 6.46 -32.55
N TYR KA 15 12.75 6.64 -31.86
CA TYR KA 15 12.87 6.22 -30.46
C TYR KA 15 12.69 7.41 -29.53
N PRO KA 16 11.70 7.39 -28.64
CA PRO KA 16 11.53 8.50 -27.69
C PRO KA 16 12.67 8.57 -26.70
N ALA KA 17 12.97 9.79 -26.25
CA ALA KA 17 14.00 10.02 -25.25
C ALA KA 17 13.43 10.52 -23.93
N SER KA 18 12.17 10.92 -23.89
CA SER KA 18 11.53 11.40 -22.67
C SER KA 18 10.18 10.73 -22.52
N ALA KA 19 9.47 11.08 -21.45
CA ALA KA 19 8.18 10.48 -21.13
C ALA KA 19 7.03 11.07 -21.95
N THR KA 20 7.28 12.15 -22.69
CA THR KA 20 6.25 12.79 -23.49
C THR KA 20 6.38 12.52 -24.98
N GLU KA 21 7.47 11.89 -25.42
CA GLU KA 21 7.68 11.61 -26.83
C GLU KA 21 7.07 10.26 -27.20
N SER KA 22 6.68 10.15 -28.46
CA SER KA 22 5.98 8.98 -28.99
C SER KA 22 6.89 8.20 -29.92
N ALA KA 23 6.86 6.88 -29.79
CA ALA KA 23 7.64 6.00 -30.65
C ALA KA 23 6.95 5.84 -32.01
N ALA KA 24 7.78 5.64 -33.04
CA ALA KA 24 7.26 5.42 -34.38
C ALA KA 24 8.14 4.42 -35.10
N ILE KA 25 7.51 3.44 -35.74
CA ILE KA 25 8.19 2.43 -36.55
C ILE KA 25 7.65 2.56 -37.96
N GLN KA 26 8.40 3.22 -38.83
CA GLN KA 26 7.95 3.54 -40.18
C GLN KA 26 8.74 2.73 -41.20
N GLY KA 27 8.03 2.14 -42.16
CA GLY KA 27 8.65 1.41 -43.25
C GLY KA 27 8.14 1.85 -44.60
N THR KA 28 9.05 2.23 -45.49
CA THR KA 28 8.71 2.70 -46.83
C THR KA 28 8.88 1.56 -47.83
N PHE KA 29 7.86 1.35 -48.66
CA PHE KA 29 7.90 0.26 -49.63
C PHE KA 29 8.96 0.52 -50.69
N GLY KA 30 9.31 -0.54 -51.40
CA GLY KA 30 10.26 -0.43 -52.49
C GLY KA 30 10.85 -1.78 -52.84
N ASN KA 31 11.86 -1.74 -53.71
CA ASN KA 31 12.57 -2.93 -54.17
C ASN KA 31 11.61 -3.93 -54.81
N SER KA 32 11.16 -4.91 -54.02
CA SER KA 32 10.26 -5.95 -54.52
C SER KA 32 8.79 -5.57 -54.40
N ALA KA 33 8.49 -4.37 -53.91
CA ALA KA 33 7.11 -3.92 -53.81
C ALA KA 33 6.56 -3.57 -55.18
N ALA KA 34 5.24 -3.40 -55.24
CA ALA KA 34 4.58 -3.05 -56.49
C ALA KA 34 4.97 -1.64 -56.93
N ILE KA 35 4.96 -1.43 -58.24
CA ILE KA 35 5.32 -0.13 -58.79
C ILE KA 35 4.32 0.93 -58.36
N LYS KA 36 3.04 0.57 -58.26
CA LYS KA 36 2.03 1.52 -57.81
C LYS KA 36 2.29 1.97 -56.38
N ILE KA 37 2.89 1.11 -55.55
CA ILE KA 37 3.15 1.43 -54.15
C ILE KA 37 4.65 1.55 -53.93
N LYS KA 38 5.38 1.98 -54.96
CA LYS KA 38 6.84 1.99 -54.91
C LYS KA 38 7.39 2.92 -53.83
N ASN KA 39 6.68 4.00 -53.49
CA ASN KA 39 7.19 4.97 -52.53
C ASN KA 39 6.21 5.25 -51.39
N GLN KA 40 5.22 4.39 -51.18
CA GLN KA 40 4.32 4.56 -50.07
C GLN KA 40 5.03 4.27 -48.75
N THR KA 41 4.53 4.87 -47.68
CA THR KA 41 5.14 4.74 -46.36
C THR KA 41 4.17 4.08 -45.40
N LEU KA 42 4.68 3.13 -44.62
CA LEU KA 42 3.90 2.38 -43.64
C LEU KA 42 4.55 2.55 -42.28
N THR KA 43 3.78 3.03 -41.31
CA THR KA 43 4.34 3.37 -40.01
C THR KA 43 3.47 2.84 -38.87
N TRP KA 44 4.13 2.46 -37.78
CA TRP KA 44 3.48 2.18 -36.50
C TRP KA 44 3.87 3.28 -35.53
N THR KA 45 2.87 3.92 -34.91
CA THR KA 45 3.11 4.96 -33.93
C THR KA 45 2.65 4.50 -32.56
N ARG KA 46 3.46 4.79 -31.54
CA ARG KA 46 3.19 4.40 -30.16
C ARG KA 46 3.11 5.65 -29.30
N THR KA 47 1.96 5.85 -28.66
CA THR KA 47 1.79 6.99 -27.78
C THR KA 47 2.65 6.80 -26.53
N PRO KA 48 3.05 7.90 -25.88
CA PRO KA 48 3.85 7.78 -24.66
C PRO KA 48 3.17 6.99 -23.56
N GLU KA 49 1.84 6.97 -23.54
CA GLU KA 49 1.09 6.23 -22.52
C GLU KA 49 1.16 4.72 -22.71
N GLY KA 50 1.69 4.25 -23.84
CA GLY KA 50 1.83 2.83 -24.08
C GLY KA 50 0.79 2.22 -24.99
N ALA KA 51 0.13 3.03 -25.83
CA ALA KA 51 -0.88 2.53 -26.76
C ALA KA 51 -0.31 2.54 -28.17
N TRP KA 52 -0.39 1.40 -28.84
CA TRP KA 52 0.09 1.26 -30.20
C TRP KA 52 -1.07 1.48 -31.18
N SER KA 53 -0.85 2.36 -32.14
CA SER KA 53 -1.86 2.68 -33.14
C SER KA 53 -1.23 2.66 -34.51
N CYS KA 54 -2.05 2.43 -35.53
CA CYS KA 54 -1.59 2.16 -36.88
C CYS KA 54 -2.03 3.28 -37.82
N ALA KA 55 -1.16 3.60 -38.77
CA ALA KA 55 -1.45 4.57 -39.82
C ALA KA 55 -0.60 4.26 -41.04
N THR KA 56 -1.16 4.53 -42.22
CA THR KA 56 -0.46 4.23 -43.47
C THR KA 56 -0.94 5.21 -44.54
N THR KA 57 -0.11 5.35 -45.57
CA THR KA 57 -0.38 6.28 -46.67
C THR KA 57 -0.79 5.58 -47.96
N VAL KA 58 -0.99 4.27 -47.93
CA VAL KA 58 -1.41 3.52 -49.11
C VAL KA 58 -2.89 3.80 -49.33
N GLU KA 59 -3.41 3.43 -50.49
CA GLU KA 59 -4.81 3.69 -50.80
C GLU KA 59 -5.73 2.84 -49.93
N ALA KA 60 -6.98 3.28 -49.82
CA ALA KA 60 -7.95 2.61 -48.95
C ALA KA 60 -8.21 1.19 -49.41
N LYS KA 61 -8.30 0.96 -50.73
CA LYS KA 61 -8.52 -0.38 -51.25
C LYS KA 61 -7.37 -1.33 -50.96
N PHE KA 62 -6.21 -0.81 -50.57
CA PHE KA 62 -5.06 -1.63 -50.20
C PHE KA 62 -4.87 -1.74 -48.69
N LYS KA 63 -5.62 -0.97 -47.91
CA LYS KA 63 -5.47 -1.00 -46.46
C LYS KA 63 -6.14 -2.24 -45.88
N PRO KA 64 -5.45 -3.01 -45.05
CA PRO KA 64 -6.09 -4.19 -44.43
C PRO KA 64 -7.12 -3.78 -43.39
N ALA KA 65 -7.90 -4.77 -42.95
CA ALA KA 65 -9.00 -4.50 -42.03
C ALA KA 65 -8.52 -3.93 -40.70
N GLY KA 66 -7.43 -4.46 -40.15
CA GLY KA 66 -6.94 -3.95 -38.89
C GLY KA 66 -6.50 -2.50 -38.97
N CYS KA 67 -5.81 -2.14 -40.05
CA CYS KA 67 -5.36 -0.77 -40.26
C CYS KA 67 -6.23 -0.01 -41.25
N ALA KA 68 -7.44 -0.50 -41.51
CA ALA KA 68 -8.36 0.26 -42.35
C ALA KA 68 -8.70 1.56 -41.65
N SER KA 69 -8.13 2.65 -42.17
CA SER KA 69 -8.29 3.96 -41.56
C SER KA 69 -9.75 4.33 -41.42
N SER LA 1 -23.56 -30.71 -42.87
CA SER LA 1 -22.46 -31.50 -43.39
C SER LA 1 -21.39 -31.73 -42.33
N THR LA 2 -21.34 -32.96 -41.80
CA THR LA 2 -20.39 -33.35 -40.77
C THR LA 2 -19.56 -34.52 -41.26
N ALA LA 3 -18.59 -34.92 -40.43
CA ALA LA 3 -17.79 -36.10 -40.76
C ALA LA 3 -18.63 -37.37 -40.71
N ALA LA 4 -19.57 -37.44 -39.78
CA ALA LA 4 -20.42 -38.62 -39.66
C ALA LA 4 -21.27 -38.83 -40.91
N VAL LA 5 -21.95 -37.79 -41.37
CA VAL LA 5 -22.80 -37.85 -42.56
C VAL LA 5 -22.45 -36.64 -43.43
N THR LA 6 -22.14 -36.90 -44.70
CA THR LA 6 -21.77 -35.84 -45.62
C THR LA 6 -23.00 -35.34 -46.39
N GLY LA 7 -22.82 -34.22 -47.08
CA GLY LA 7 -23.91 -33.68 -47.88
C GLY LA 7 -24.30 -34.57 -49.04
N GLN LA 8 -23.31 -35.26 -49.63
CA GLN LA 8 -23.54 -36.11 -50.79
C GLN LA 8 -23.09 -37.53 -50.49
N THR LA 9 -23.66 -38.48 -51.23
CA THR LA 9 -23.27 -39.88 -51.08
C THR LA 9 -21.94 -40.19 -51.73
N GLY LA 10 -21.47 -39.35 -52.63
CA GLY LA 10 -20.20 -39.58 -53.31
C GLY LA 10 -18.97 -39.25 -52.51
N LEU LA 11 -19.13 -38.67 -51.32
CA LEU LA 11 -18.02 -38.32 -50.44
C LEU LA 11 -18.16 -39.09 -49.15
N THR LA 12 -17.08 -39.73 -48.71
CA THR LA 12 -17.08 -40.52 -47.49
C THR LA 12 -15.89 -40.14 -46.63
N ILE LA 13 -16.14 -39.95 -45.34
CA ILE LA 13 -15.12 -39.54 -44.39
C ILE LA 13 -14.95 -40.65 -43.36
N THR LA 14 -13.72 -41.14 -43.19
CA THR LA 14 -13.40 -42.16 -42.21
C THR LA 14 -12.68 -41.48 -41.05
N TYR LA 15 -13.43 -41.22 -39.97
CA TYR LA 15 -12.86 -40.54 -38.81
C TYR LA 15 -12.36 -41.54 -37.78
N PRO LA 16 -11.08 -41.48 -37.40
CA PRO LA 16 -10.57 -42.43 -36.42
C PRO LA 16 -11.18 -42.19 -35.04
N ALA LA 17 -11.29 -43.28 -34.28
CA ALA LA 17 -11.84 -43.24 -32.93
C ALA LA 17 -10.81 -43.52 -31.85
N SER LA 18 -9.64 -44.03 -32.20
CA SER LA 18 -8.59 -44.35 -31.25
C SER LA 18 -7.27 -43.74 -31.72
N ALA LA 19 -6.22 -43.97 -30.94
CA ALA LA 19 -4.90 -43.43 -31.24
C ALA LA 19 -4.11 -44.29 -32.22
N THR LA 20 -4.67 -45.41 -32.66
CA THR LA 20 -3.98 -46.32 -33.57
C THR LA 20 -4.63 -46.39 -34.94
N GLU LA 21 -5.77 -45.75 -35.14
CA GLU LA 21 -6.46 -45.78 -36.42
C GLU LA 21 -6.05 -44.61 -37.30
N SER LA 22 -6.37 -44.72 -38.58
CA SER LA 22 -5.99 -43.73 -39.58
C SER LA 22 -7.24 -43.12 -40.20
N ALA LA 23 -7.17 -41.81 -40.48
CA ALA LA 23 -8.26 -41.11 -41.15
C ALA LA 23 -8.20 -41.35 -42.65
N ALA LA 24 -9.37 -41.26 -43.29
CA ALA LA 24 -9.45 -41.46 -44.72
C ALA LA 24 -10.55 -40.58 -45.30
N ILE LA 25 -10.24 -39.90 -46.40
CA ILE LA 25 -11.19 -39.07 -47.14
C ILE LA 25 -11.27 -39.64 -48.54
N GLN LA 26 -12.33 -40.41 -48.82
CA GLN LA 26 -12.49 -41.10 -50.09
C GLN LA 26 -13.61 -40.47 -50.89
N GLY LA 27 -13.34 -40.20 -52.17
CA GLY LA 27 -14.35 -39.65 -53.06
C GLY LA 27 -14.49 -40.44 -54.34
N THR LA 28 -15.67 -41.00 -54.57
CA THR LA 28 -15.95 -41.80 -55.76
C THR LA 28 -16.57 -40.93 -56.84
N PHE LA 29 -16.02 -41.02 -58.06
CA PHE LA 29 -16.51 -40.23 -59.17
C PHE LA 29 -17.95 -40.60 -59.51
N GLY LA 30 -18.58 -39.75 -60.30
CA GLY LA 30 -19.94 -39.99 -60.74
C GLY LA 30 -20.58 -38.70 -61.21
N ASN LA 31 -21.88 -38.81 -61.50
CA ASN LA 31 -22.69 -37.69 -61.97
C ASN LA 31 -22.13 -37.07 -63.24
N SER LA 32 -21.33 -36.01 -63.10
CA SER LA 32 -20.77 -35.29 -64.23
C SER LA 32 -19.40 -35.81 -64.64
N ALA LA 33 -18.92 -36.87 -64.00
CA ALA LA 33 -17.63 -37.44 -64.36
C ALA LA 33 -17.72 -38.16 -65.71
N ALA LA 34 -16.56 -38.42 -66.30
CA ALA LA 34 -16.51 -39.11 -67.58
C ALA LA 34 -16.99 -40.54 -67.43
N ILE LA 35 -17.48 -41.09 -68.54
CA ILE LA 35 -17.98 -42.47 -68.55
C ILE LA 35 -16.84 -43.44 -68.25
N LYS LA 36 -15.64 -43.14 -68.74
CA LYS LA 36 -14.50 -44.00 -68.47
C LYS LA 36 -14.16 -44.03 -66.98
N ILE LA 37 -14.31 -42.90 -66.30
CA ILE LA 37 -14.01 -42.80 -64.88
C ILE LA 37 -15.29 -42.69 -64.08
N LYS LA 38 -16.38 -43.28 -64.60
CA LYS LA 38 -17.69 -43.14 -63.97
C LYS LA 38 -17.70 -43.71 -62.55
N ASN LA 39 -17.07 -44.86 -62.34
CA ASN LA 39 -17.10 -45.54 -61.05
C ASN LA 39 -15.73 -45.60 -60.38
N GLN LA 40 -14.80 -44.73 -60.76
CA GLN LA 40 -13.51 -44.67 -60.10
C GLN LA 40 -13.60 -43.82 -58.84
N THR LA 41 -12.54 -43.84 -58.03
CA THR LA 41 -12.54 -43.11 -56.78
C THR LA 41 -11.14 -42.58 -56.49
N LEU LA 42 -11.08 -41.55 -55.65
CA LEU LA 42 -9.83 -40.98 -55.18
C LEU LA 42 -9.93 -40.80 -53.67
N THR LA 43 -8.90 -41.20 -52.95
CA THR LA 43 -8.93 -41.21 -51.50
C THR LA 43 -7.71 -40.49 -50.92
N TRP LA 44 -7.94 -39.72 -49.87
CA TRP LA 44 -6.89 -39.10 -49.08
C TRP LA 44 -6.84 -39.79 -47.72
N THR LA 45 -5.73 -40.45 -47.42
CA THR LA 45 -5.56 -41.17 -46.18
C THR LA 45 -4.51 -40.49 -45.31
N ARG LA 46 -4.72 -40.52 -43.99
CA ARG LA 46 -3.87 -39.86 -43.02
C ARG LA 46 -3.40 -40.87 -42.00
N THR LA 47 -2.08 -41.08 -41.94
CA THR LA 47 -1.53 -42.03 -40.98
C THR LA 47 -1.68 -41.48 -39.56
N PRO LA 48 -1.75 -42.38 -38.56
CA PRO LA 48 -1.90 -41.91 -37.17
C PRO LA 48 -0.77 -41.02 -36.70
N GLU LA 49 0.42 -41.14 -37.28
CA GLU LA 49 1.54 -40.27 -36.90
C GLU LA 49 1.36 -38.86 -37.44
N GLY LA 50 0.54 -38.67 -38.47
CA GLY LA 50 0.28 -37.35 -39.02
C GLY LA 50 0.82 -37.16 -40.42
N ALA LA 51 0.84 -38.22 -41.21
CA ALA LA 51 1.31 -38.18 -42.59
C ALA LA 51 0.14 -38.38 -43.54
N TRP LA 52 0.01 -37.50 -44.52
CA TRP LA 52 -1.04 -37.59 -45.53
C TRP LA 52 -0.47 -38.15 -46.83
N SER LA 53 -1.27 -38.99 -47.49
CA SER LA 53 -0.88 -39.56 -48.77
C SER LA 53 -2.12 -39.77 -49.62
N CYS LA 54 -1.91 -39.88 -50.92
CA CYS LA 54 -2.99 -39.95 -51.90
C CYS LA 54 -2.92 -41.28 -52.64
N ALA LA 55 -4.10 -41.88 -52.86
CA ALA LA 55 -4.21 -43.10 -53.64
C ALA LA 55 -5.40 -42.96 -54.58
N THR LA 56 -5.25 -43.53 -55.77
CA THR LA 56 -6.28 -43.43 -56.80
C THR LA 56 -6.33 -44.74 -57.58
N THR LA 57 -7.54 -45.13 -57.98
CA THR LA 57 -7.77 -46.36 -58.73
C THR LA 57 -8.00 -46.11 -60.22
N VAL LA 58 -7.73 -44.90 -60.70
CA VAL LA 58 -7.91 -44.58 -62.11
C VAL LA 58 -6.72 -45.10 -62.89
N GLU LA 59 -6.82 -45.16 -64.22
CA GLU LA 59 -5.74 -45.70 -65.04
C GLU LA 59 -4.49 -44.83 -64.92
N ALA LA 60 -3.37 -45.40 -65.37
CA ALA LA 60 -2.07 -44.75 -65.22
C ALA LA 60 -2.01 -43.44 -65.99
N LYS LA 61 -2.57 -43.41 -67.21
CA LYS LA 61 -2.51 -42.20 -68.01
C LYS LA 61 -3.32 -41.05 -67.40
N PHE LA 62 -4.34 -41.36 -66.62
CA PHE LA 62 -5.12 -40.32 -65.95
C PHE LA 62 -4.57 -39.96 -64.58
N LYS LA 63 -3.58 -40.70 -64.09
CA LYS LA 63 -2.99 -40.40 -62.79
C LYS LA 63 -2.00 -39.25 -62.90
N PRO LA 64 -2.17 -38.18 -62.13
CA PRO LA 64 -1.17 -37.11 -62.11
C PRO LA 64 0.05 -37.52 -61.30
N ALA LA 65 1.04 -36.62 -61.30
CA ALA LA 65 2.24 -36.84 -60.50
C ALA LA 65 1.94 -36.75 -59.01
N GLY LA 66 0.88 -36.03 -58.64
CA GLY LA 66 0.56 -35.88 -57.22
C GLY LA 66 0.15 -37.19 -56.56
N CYS LA 67 -0.68 -37.99 -57.25
CA CYS LA 67 -1.16 -39.27 -56.75
C CYS LA 67 -0.65 -40.43 -57.59
N ALA LA 68 0.62 -40.37 -58.00
CA ALA LA 68 1.23 -41.43 -58.82
C ALA LA 68 1.76 -42.54 -57.91
N SER LA 69 0.82 -43.33 -57.40
CA SER LA 69 1.16 -44.44 -56.52
C SER LA 69 0.19 -45.61 -56.70
N SER MA 1 -15.64 -1.96 -60.06
CA SER MA 1 -15.52 -0.71 -59.32
C SER MA 1 -15.93 -0.90 -57.86
N THR MA 2 -17.23 -0.79 -57.60
CA THR MA 2 -17.78 -0.91 -56.25
C THR MA 2 -18.94 -1.89 -56.25
N ALA MA 3 -19.13 -2.56 -55.11
CA ALA MA 3 -20.23 -3.51 -54.99
C ALA MA 3 -21.58 -2.81 -55.10
N ALA MA 4 -21.69 -1.61 -54.52
CA ALA MA 4 -22.95 -0.87 -54.58
C ALA MA 4 -23.27 -0.45 -56.01
N VAL MA 5 -22.30 0.16 -56.69
CA VAL MA 5 -22.48 0.62 -58.07
C VAL MA 5 -21.26 0.19 -58.88
N THR MA 6 -21.52 -0.42 -60.04
CA THR MA 6 -20.47 -0.93 -60.91
C THR MA 6 -20.38 -0.08 -62.18
N GLY MA 7 -19.37 -0.39 -62.99
CA GLY MA 7 -19.15 0.32 -64.23
C GLY MA 7 -19.99 -0.15 -65.40
N GLN MA 8 -20.83 -1.16 -65.22
CA GLN MA 8 -21.65 -1.69 -66.28
C GLN MA 8 -23.09 -1.84 -65.79
N THR MA 9 -24.04 -1.60 -66.70
CA THR MA 9 -25.45 -1.78 -66.37
C THR MA 9 -25.87 -3.24 -66.36
N GLY MA 10 -25.19 -4.10 -67.13
CA GLY MA 10 -25.58 -5.49 -67.25
C GLY MA 10 -25.14 -6.41 -66.14
N LEU MA 11 -24.35 -5.90 -65.19
CA LEU MA 11 -23.89 -6.70 -64.06
C LEU MA 11 -24.40 -6.06 -62.77
N THR MA 12 -25.09 -6.86 -61.94
CA THR MA 12 -25.63 -6.40 -60.68
C THR MA 12 -25.14 -7.29 -59.55
N ILE MA 13 -24.84 -6.68 -58.42
CA ILE MA 13 -24.37 -7.39 -57.23
C ILE MA 13 -25.27 -7.02 -56.06
N THR MA 14 -25.90 -8.03 -55.45
CA THR MA 14 -26.75 -7.85 -54.29
C THR MA 14 -25.91 -8.09 -53.04
N TYR MA 15 -25.52 -7.01 -52.37
CA TYR MA 15 -24.66 -7.12 -51.20
C TYR MA 15 -25.50 -7.28 -49.95
N PRO MA 16 -25.34 -8.35 -49.19
CA PRO MA 16 -26.12 -8.53 -47.97
C PRO MA 16 -25.75 -7.50 -46.91
N ALA MA 17 -26.75 -7.11 -46.12
CA ALA MA 17 -26.55 -6.19 -45.00
C ALA MA 17 -26.83 -6.82 -43.65
N SER MA 18 -27.45 -7.99 -43.62
CA SER MA 18 -27.79 -8.68 -42.37
C SER MA 18 -27.25 -10.11 -42.45
N ALA MA 19 -27.44 -10.86 -41.37
CA ALA MA 19 -26.92 -12.20 -41.24
C ALA MA 19 -27.88 -13.27 -41.74
N THR MA 20 -29.08 -12.89 -42.18
CA THR MA 20 -30.11 -13.86 -42.58
C THR MA 20 -30.50 -13.72 -44.05
N GLU MA 21 -29.69 -13.02 -44.85
CA GLU MA 21 -29.98 -12.86 -46.27
C GLU MA 21 -28.78 -13.35 -47.08
N SER MA 22 -29.06 -13.71 -48.33
CA SER MA 22 -28.07 -14.30 -49.22
C SER MA 22 -27.49 -13.22 -50.14
N ALA MA 23 -26.28 -13.50 -50.63
CA ALA MA 23 -25.60 -12.65 -51.59
C ALA MA 23 -25.82 -13.19 -53.01
N ALA MA 24 -25.85 -12.27 -53.97
CA ALA MA 24 -26.11 -12.65 -55.35
C ALA MA 24 -25.33 -11.75 -56.29
N ILE MA 25 -24.75 -12.35 -57.32
CA ILE MA 25 -24.05 -11.64 -58.39
C ILE MA 25 -24.71 -12.06 -59.70
N GLN MA 26 -25.35 -11.12 -60.38
CA GLN MA 26 -26.13 -11.40 -61.57
C GLN MA 26 -25.48 -10.79 -62.79
N GLY MA 27 -25.40 -11.57 -63.87
CA GLY MA 27 -24.86 -11.09 -65.12
C GLY MA 27 -25.81 -11.32 -66.28
N THR MA 28 -26.14 -10.24 -66.99
CA THR MA 28 -27.09 -10.29 -68.10
C THR MA 28 -26.37 -10.19 -69.43
N PHE MA 29 -26.70 -11.10 -70.35
CA PHE MA 29 -26.08 -11.08 -71.66
C PHE MA 29 -26.52 -9.87 -72.47
N GLY MA 30 -25.73 -9.53 -73.47
CA GLY MA 30 -26.04 -8.42 -74.33
C GLY MA 30 -24.80 -7.95 -75.08
N ASN MA 31 -24.97 -6.82 -75.76
CA ASN MA 31 -23.89 -6.20 -76.54
C ASN MA 31 -23.36 -7.17 -77.59
N SER MA 32 -22.27 -7.87 -77.27
CA SER MA 32 -21.63 -8.80 -78.19
C SER MA 32 -22.18 -10.21 -78.07
N ALA MA 33 -23.19 -10.43 -77.23
CA ALA MA 33 -23.73 -11.76 -77.04
C ALA MA 33 -24.58 -12.18 -78.24
N ALA MA 34 -24.88 -13.48 -78.31
CA ALA MA 34 -25.70 -14.00 -79.39
C ALA MA 34 -27.13 -13.49 -79.26
N ILE MA 35 -27.83 -13.42 -80.40
CA ILE MA 35 -29.18 -12.90 -80.43
C ILE MA 35 -30.13 -13.82 -79.66
N LYS MA 36 -29.90 -15.14 -79.74
CA LYS MA 36 -30.80 -16.09 -79.11
C LYS MA 36 -30.86 -15.92 -77.60
N ILE MA 37 -29.71 -15.69 -76.96
CA ILE MA 37 -29.65 -15.54 -75.51
C ILE MA 37 -29.31 -14.10 -75.19
N LYS MA 38 -29.71 -13.17 -76.06
CA LYS MA 38 -29.34 -11.77 -75.91
C LYS MA 38 -29.89 -11.14 -74.63
N ASN MA 39 -30.92 -11.74 -74.02
CA ASN MA 39 -31.54 -11.11 -72.86
C ASN MA 39 -31.62 -12.04 -71.65
N GLN MA 40 -30.91 -13.17 -71.65
CA GLN MA 40 -30.91 -14.04 -70.49
C GLN MA 40 -29.97 -13.51 -69.42
N THR MA 41 -30.06 -14.10 -68.22
CA THR MA 41 -29.26 -13.69 -67.08
C THR MA 41 -28.51 -14.89 -66.52
N LEU MA 42 -27.32 -14.62 -65.98
CA LEU MA 42 -26.52 -15.62 -65.28
C LEU MA 42 -26.21 -15.08 -63.89
N THR MA 43 -26.54 -15.86 -62.87
CA THR MA 43 -26.43 -15.42 -61.49
C THR MA 43 -25.65 -16.42 -60.65
N TRP MA 44 -24.84 -15.89 -59.73
CA TRP MA 44 -24.17 -16.68 -58.71
C TRP MA 44 -24.65 -16.21 -57.34
N THR MA 45 -25.39 -17.08 -56.65
CA THR MA 45 -25.95 -16.75 -55.35
C THR MA 45 -25.16 -17.45 -54.25
N ARG MA 46 -25.02 -16.77 -53.11
CA ARG MA 46 -24.25 -17.28 -51.98
C ARG MA 46 -25.16 -17.35 -50.77
N THR MA 47 -25.30 -18.56 -50.21
CA THR MA 47 -26.16 -18.77 -49.06
C THR MA 47 -25.57 -18.09 -47.83
N PRO MA 48 -26.42 -17.75 -46.84
CA PRO MA 48 -25.89 -17.18 -45.58
C PRO MA 48 -24.91 -18.11 -44.89
N GLU MA 49 -25.06 -19.42 -45.05
CA GLU MA 49 -24.09 -20.36 -44.49
C GLU MA 49 -22.71 -20.20 -45.12
N GLY MA 50 -22.63 -19.81 -46.40
CA GLY MA 50 -21.36 -19.64 -47.05
C GLY MA 50 -21.13 -20.58 -48.23
N ALA MA 51 -22.21 -20.95 -48.91
CA ALA MA 51 -22.15 -21.87 -50.04
C ALA MA 51 -22.45 -21.11 -51.33
N TRP MA 52 -21.57 -21.25 -52.32
CA TRP MA 52 -21.74 -20.62 -53.61
C TRP MA 52 -22.38 -21.60 -54.59
N SER MA 53 -23.34 -21.11 -55.37
CA SER MA 53 -24.03 -21.94 -56.33
C SER MA 53 -24.34 -21.11 -57.58
N CYS MA 54 -24.52 -21.80 -58.70
CA CYS MA 54 -24.72 -21.17 -59.99
C CYS MA 54 -26.13 -21.46 -60.52
N ALA MA 55 -26.65 -20.51 -61.28
CA ALA MA 55 -27.96 -20.67 -61.90
C ALA MA 55 -28.03 -19.76 -63.13
N THR MA 56 -28.75 -20.23 -64.14
CA THR MA 56 -28.92 -19.47 -65.37
C THR MA 56 -30.25 -19.84 -66.00
N THR MA 57 -30.77 -18.93 -66.83
CA THR MA 57 -32.05 -19.11 -67.50
C THR MA 57 -31.89 -19.54 -68.96
N VAL MA 58 -30.66 -19.80 -69.41
CA VAL MA 58 -30.43 -20.20 -70.80
C VAL MA 58 -30.99 -21.60 -71.01
N GLU MA 59 -31.12 -22.00 -72.27
CA GLU MA 59 -31.70 -23.30 -72.59
C GLU MA 59 -30.79 -24.43 -72.11
N ALA MA 60 -31.38 -25.62 -72.01
CA ALA MA 60 -30.66 -26.77 -71.45
C ALA MA 60 -29.45 -27.13 -72.29
N LYS MA 61 -29.59 -27.11 -73.62
CA LYS MA 61 -28.46 -27.41 -74.49
C LYS MA 61 -27.36 -26.35 -74.42
N PHE MA 62 -27.67 -25.16 -73.89
CA PHE MA 62 -26.68 -24.11 -73.72
C PHE MA 62 -26.05 -24.09 -72.34
N LYS MA 63 -26.64 -24.79 -71.37
CA LYS MA 63 -26.10 -24.77 -70.01
C LYS MA 63 -24.81 -25.57 -69.94
N PRO MA 64 -23.79 -25.07 -69.23
CA PRO MA 64 -22.57 -25.86 -69.03
C PRO MA 64 -22.79 -26.95 -68.01
N ALA MA 65 -21.75 -27.76 -67.81
CA ALA MA 65 -21.82 -28.86 -66.85
C ALA MA 65 -21.87 -28.37 -65.41
N GLY MA 66 -21.47 -27.12 -65.15
CA GLY MA 66 -21.44 -26.59 -63.80
C GLY MA 66 -22.67 -25.84 -63.35
N CYS MA 67 -23.58 -25.49 -64.26
CA CYS MA 67 -24.75 -24.69 -63.93
C CYS MA 67 -26.02 -25.35 -64.44
N ALA MA 68 -26.18 -26.65 -64.21
CA ALA MA 68 -27.37 -27.39 -64.63
C ALA MA 68 -28.41 -27.36 -63.51
N SER MA 69 -28.98 -26.18 -63.30
CA SER MA 69 -30.03 -25.97 -62.30
C SER MA 69 -29.58 -26.30 -60.88
N SER NA 1 11.82 -12.15 -75.52
CA SER NA 1 13.04 -12.16 -74.73
C SER NA 1 12.89 -11.31 -73.47
N THR NA 2 13.23 -10.03 -73.59
CA THR NA 2 13.12 -9.08 -72.49
C THR NA 2 12.17 -7.95 -72.87
N ALA NA 3 11.75 -7.18 -71.85
CA ALA NA 3 10.82 -6.10 -72.10
C ALA NA 3 11.51 -4.92 -72.80
N ALA NA 4 12.76 -4.64 -72.44
CA ALA NA 4 13.48 -3.54 -73.06
C ALA NA 4 13.73 -3.82 -74.55
N VAL NA 5 14.18 -5.03 -74.87
CA VAL NA 5 14.42 -5.44 -76.25
C VAL NA 5 13.93 -6.87 -76.42
N THR NA 6 13.22 -7.13 -77.51
CA THR NA 6 12.65 -8.44 -77.80
C THR NA 6 13.37 -9.09 -78.97
N GLY NA 7 13.03 -10.35 -79.22
CA GLY NA 7 13.55 -11.07 -80.37
C GLY NA 7 12.85 -10.80 -81.67
N GLN NA 8 11.77 -10.01 -81.66
CA GLN NA 8 11.02 -9.69 -82.86
C GLN NA 8 10.90 -8.17 -83.01
N THR NA 9 11.23 -7.68 -84.21
CA THR NA 9 11.09 -6.25 -84.49
C THR NA 9 9.63 -5.83 -84.51
N GLY NA 10 8.73 -6.73 -84.88
CA GLY NA 10 7.31 -6.45 -84.92
C GLY NA 10 6.60 -6.46 -83.58
N LEU NA 11 7.32 -6.77 -82.51
CA LEU NA 11 6.76 -6.76 -81.16
C LEU NA 11 7.41 -5.64 -80.36
N THR NA 12 6.60 -4.75 -79.82
CA THR NA 12 7.08 -3.63 -79.03
C THR NA 12 6.36 -3.61 -77.68
N ILE NA 13 7.14 -3.39 -76.62
CA ILE NA 13 6.64 -3.38 -75.25
C ILE NA 13 7.03 -2.05 -74.62
N THR NA 14 6.07 -1.38 -74.00
CA THR NA 14 6.32 -0.14 -73.25
C THR NA 14 6.17 -0.47 -71.77
N TYR NA 15 7.31 -0.56 -71.07
CA TYR NA 15 7.34 -0.93 -69.66
C TYR NA 15 7.24 0.31 -68.79
N PRO NA 16 6.32 0.33 -67.83
CA PRO NA 16 6.16 1.53 -66.99
C PRO NA 16 7.38 1.76 -66.11
N ALA NA 17 7.66 3.04 -65.84
CA ALA NA 17 8.76 3.42 -64.97
C ALA NA 17 8.30 4.09 -63.69
N SER NA 18 7.02 4.45 -63.58
CA SER NA 18 6.45 5.02 -62.37
C SER NA 18 5.01 4.57 -62.24
N ALA NA 19 4.33 5.07 -61.21
CA ALA NA 19 2.95 4.68 -60.95
C ALA NA 19 1.93 5.47 -61.76
N THR NA 20 2.35 6.52 -62.45
CA THR NA 20 1.44 7.34 -63.26
C THR NA 20 1.49 7.00 -64.74
N GLU NA 21 2.30 6.03 -65.14
CA GLU NA 21 2.45 5.66 -66.55
C GLU NA 21 1.74 4.34 -66.82
N SER NA 22 1.44 4.10 -68.09
CA SER NA 22 0.71 2.93 -68.53
C SER NA 22 1.60 2.02 -69.35
N ALA NA 23 1.42 0.71 -69.17
CA ALA NA 23 2.15 -0.29 -69.93
C ALA NA 23 1.44 -0.58 -71.24
N ALA NA 24 2.22 -0.85 -72.29
CA ALA NA 24 1.66 -1.09 -73.61
C ALA NA 24 2.35 -2.29 -74.24
N ILE NA 25 1.57 -3.13 -74.91
CA ILE NA 25 2.06 -4.27 -75.68
C ILE NA 25 1.56 -4.09 -77.10
N GLN NA 26 2.41 -3.55 -77.98
CA GLN NA 26 2.02 -3.19 -79.33
C GLN NA 26 2.69 -4.12 -80.34
N GLY NA 27 1.91 -4.57 -81.31
CA GLY NA 27 2.44 -5.43 -82.37
C GLY NA 27 2.03 -4.98 -83.75
N THR NA 28 3.01 -4.84 -84.64
CA THR NA 28 2.77 -4.42 -86.02
C THR NA 28 2.79 -5.65 -86.93
N PHE NA 29 1.78 -5.76 -87.79
CA PHE NA 29 1.67 -6.90 -88.68
C PHE NA 29 2.77 -6.85 -89.74
N GLY NA 30 2.79 -7.88 -90.57
CA GLY NA 30 3.76 -7.96 -91.65
C GLY NA 30 4.13 -9.41 -91.92
N ASN NA 31 5.25 -9.56 -92.65
CA ASN NA 31 5.77 -10.86 -93.05
C ASN NA 31 4.74 -11.67 -93.82
N SER NA 32 4.10 -12.63 -93.16
CA SER NA 32 3.11 -13.48 -93.79
C SER NA 32 1.70 -12.91 -93.71
N ALA NA 33 1.52 -11.72 -93.14
CA ALA NA 33 0.21 -11.12 -93.05
C ALA NA 33 -0.26 -10.63 -94.42
N ALA NA 34 -1.52 -10.22 -94.48
CA ALA NA 34 -2.10 -9.74 -95.72
C ALA NA 34 -1.44 -8.43 -96.14
N ILE NA 35 -1.46 -8.18 -97.46
CA ILE NA 35 -0.87 -6.95 -97.99
C ILE NA 35 -1.62 -5.72 -97.51
N LYS NA 36 -2.95 -5.83 -97.41
CA LYS NA 36 -3.77 -4.69 -96.99
C LYS NA 36 -3.48 -4.30 -95.55
N ILE NA 37 -3.19 -5.28 -94.69
CA ILE NA 37 -2.95 -5.02 -93.28
C ILE NA 37 -1.46 -5.17 -92.99
N LYS NA 38 -0.63 -4.90 -93.99
CA LYS NA 38 0.81 -5.10 -93.86
C LYS NA 38 1.40 -4.19 -92.79
N ASN NA 39 0.96 -2.94 -92.72
CA ASN NA 39 1.55 -1.95 -91.82
C ASN NA 39 0.58 -1.49 -90.74
N GLN NA 40 -0.44 -2.28 -90.42
CA GLN NA 40 -1.31 -1.96 -89.30
C GLN NA 40 -0.68 -2.46 -87.99
N THR NA 41 -1.22 -1.98 -86.88
CA THR NA 41 -0.69 -2.29 -85.56
C THR NA 41 -1.80 -2.77 -84.64
N LEU NA 42 -1.43 -3.66 -83.72
CA LEU NA 42 -2.32 -4.16 -82.69
C LEU NA 42 -1.65 -3.94 -81.34
N THR NA 43 -2.37 -3.33 -80.41
CA THR NA 43 -1.80 -2.95 -79.12
C THR NA 43 -2.70 -3.39 -77.98
N TRP NA 44 -2.05 -3.76 -76.87
CA TRP NA 44 -2.72 -4.02 -75.60
C TRP NA 44 -2.29 -2.95 -74.61
N THR NA 45 -3.27 -2.25 -74.03
CA THR NA 45 -3.00 -1.15 -73.12
C THR NA 45 -3.41 -1.55 -71.70
N ARG NA 46 -2.49 -1.40 -70.75
CA ARG NA 46 -2.75 -1.65 -69.35
C ARG NA 46 -2.65 -0.32 -68.61
N THR NA 47 -3.74 0.07 -67.95
CA THR NA 47 -3.73 1.26 -67.13
C THR NA 47 -2.84 1.07 -65.91
N PRO NA 48 -2.28 2.14 -65.36
CA PRO NA 48 -1.48 2.00 -64.13
C PRO NA 48 -2.25 1.39 -62.98
N GLU NA 49 -3.58 1.56 -62.96
CA GLU NA 49 -4.39 0.95 -61.91
C GLU NA 49 -4.46 -0.56 -62.03
N GLY NA 50 -4.32 -1.11 -63.23
CA GLY NA 50 -4.35 -2.55 -63.41
C GLY NA 50 -5.49 -3.06 -64.27
N ALA NA 51 -5.93 -2.25 -65.24
CA ALA NA 51 -6.98 -2.63 -66.17
C ALA NA 51 -6.41 -2.75 -67.57
N TRP NA 52 -6.69 -3.86 -68.24
CA TRP NA 52 -6.16 -4.15 -69.56
C TRP NA 52 -7.21 -3.84 -70.63
N SER NA 53 -6.75 -3.42 -71.80
CA SER NA 53 -7.63 -3.14 -72.92
C SER NA 53 -6.89 -3.38 -74.23
N CYS NA 54 -7.65 -3.59 -75.29
CA CYS NA 54 -7.11 -3.87 -76.62
C CYS NA 54 -7.64 -2.86 -77.63
N ALA NA 55 -6.80 -2.54 -78.61
CA ALA NA 55 -7.19 -1.64 -79.68
C ALA NA 55 -6.33 -1.94 -80.91
N THR NA 56 -6.85 -1.55 -82.07
CA THR NA 56 -6.14 -1.76 -83.33
C THR NA 56 -6.59 -0.70 -84.34
N THR NA 57 -5.75 -0.49 -85.35
CA THR NA 57 -6.03 0.49 -86.39
C THR NA 57 -6.56 -0.14 -87.68
N VAL NA 58 -6.89 -1.43 -87.64
CA VAL NA 58 -7.39 -2.13 -88.83
C VAL NA 58 -8.81 -1.66 -89.10
N GLU NA 59 -9.31 -1.90 -90.31
CA GLU NA 59 -10.65 -1.47 -90.68
C GLU NA 59 -11.70 -2.12 -89.81
N ALA NA 60 -12.91 -1.56 -89.86
CA ALA NA 60 -13.98 -2.00 -88.96
C ALA NA 60 -14.38 -3.44 -89.23
N LYS NA 61 -14.50 -3.83 -90.50
CA LYS NA 61 -14.97 -5.17 -90.83
C LYS NA 61 -13.94 -6.27 -90.54
N PHE NA 62 -12.69 -5.91 -90.27
CA PHE NA 62 -11.67 -6.88 -89.93
C PHE NA 62 -11.45 -7.02 -88.43
N LYS NA 63 -12.09 -6.18 -87.62
CA LYS NA 63 -11.84 -6.21 -86.18
C LYS NA 63 -12.55 -7.40 -85.53
N PRO NA 64 -12.01 -7.95 -84.45
CA PRO NA 64 -12.75 -8.94 -83.67
C PRO NA 64 -13.76 -8.27 -82.75
N ALA NA 65 -14.58 -9.11 -82.11
CA ALA NA 65 -15.58 -8.59 -81.17
C ALA NA 65 -14.93 -8.00 -79.93
N GLY NA 66 -13.84 -8.61 -79.44
CA GLY NA 66 -13.19 -8.11 -78.24
C GLY NA 66 -12.52 -6.77 -78.45
N CYS NA 67 -11.86 -6.60 -79.60
CA CYS NA 67 -11.12 -5.37 -79.91
C CYS NA 67 -11.88 -4.48 -80.89
N ALA NA 68 -13.20 -4.40 -80.74
CA ALA NA 68 -14.04 -3.60 -81.62
C ALA NA 68 -14.22 -2.17 -81.12
N SER NA 69 -13.31 -1.67 -80.30
CA SER NA 69 -13.41 -0.31 -79.78
C SER NA 69 -12.03 0.33 -79.66
N SER OA 1 0.31 -43.65 -78.65
CA SER OA 1 0.56 -44.63 -77.60
C SER OA 1 1.53 -44.06 -76.56
N THR OA 2 2.82 -44.32 -76.75
CA THR OA 2 3.86 -43.85 -75.84
C THR OA 2 4.91 -43.07 -76.62
N ALA OA 3 5.62 -42.19 -75.89
CA ALA OA 3 6.68 -41.42 -76.52
C ALA OA 3 7.82 -42.32 -76.97
N ALA OA 4 8.15 -43.35 -76.19
CA ALA OA 4 9.23 -44.25 -76.56
C ALA OA 4 8.89 -45.04 -77.81
N VAL OA 5 7.72 -45.67 -77.83
CA VAL OA 5 7.25 -46.44 -78.98
C VAL OA 5 5.83 -46.02 -79.31
N THR OA 6 5.56 -45.74 -80.58
CA THR OA 6 4.26 -45.29 -81.04
C THR OA 6 3.60 -46.36 -81.89
N GLY OA 7 2.30 -46.19 -82.12
CA GLY OA 7 1.55 -47.13 -82.92
C GLY OA 7 1.72 -46.97 -84.42
N GLN OA 8 2.40 -45.92 -84.87
CA GLN OA 8 2.64 -45.67 -86.28
C GLN OA 8 4.13 -45.66 -86.55
N THR OA 9 4.56 -46.42 -87.56
CA THR OA 9 5.97 -46.46 -87.92
C THR OA 9 6.41 -45.22 -88.67
N GLY OA 10 5.47 -44.45 -89.22
CA GLY OA 10 5.79 -43.22 -89.91
C GLY OA 10 6.00 -42.02 -89.04
N LEU OA 11 5.82 -42.17 -87.72
CA LEU OA 11 5.99 -41.08 -86.76
C LEU OA 11 7.02 -41.50 -85.74
N THR OA 12 7.99 -40.63 -85.47
CA THR OA 12 9.03 -40.88 -84.49
C THR OA 12 9.04 -39.76 -83.45
N ILE OA 13 9.34 -40.13 -82.21
CA ILE OA 13 9.39 -39.20 -81.09
C ILE OA 13 10.80 -39.26 -80.50
N THR OA 14 11.46 -38.11 -80.45
CA THR OA 14 12.79 -37.98 -79.84
C THR OA 14 12.63 -37.30 -78.49
N TYR OA 15 12.99 -38.01 -77.42
CA TYR OA 15 12.79 -37.47 -76.07
C TYR OA 15 14.14 -37.17 -75.44
N PRO OA 16 14.39 -35.92 -75.05
CA PRO OA 16 15.63 -35.59 -74.35
C PRO OA 16 15.69 -36.23 -72.97
N ALA OA 17 16.90 -36.59 -72.55
CA ALA OA 17 17.10 -37.25 -71.27
C ALA OA 17 18.23 -36.61 -70.47
N SER OA 18 19.09 -35.85 -71.16
CA SER OA 18 20.26 -35.23 -70.54
C SER OA 18 19.99 -33.80 -70.09
N ALA OA 19 18.75 -33.36 -70.17
CA ALA OA 19 18.31 -32.02 -69.75
C ALA OA 19 18.99 -30.90 -70.54
N THR OA 20 19.68 -31.23 -71.64
CA THR OA 20 20.31 -30.21 -72.46
C THR OA 20 20.13 -30.47 -73.95
N GLU OA 21 19.33 -31.46 -74.34
CA GLU OA 21 19.10 -31.78 -75.74
C GLU OA 21 17.68 -31.43 -76.16
N SER OA 22 17.49 -31.34 -77.46
CA SER OA 22 16.25 -30.89 -78.06
C SER OA 22 15.26 -32.04 -78.19
N ALA OA 23 13.97 -31.70 -78.13
CA ALA OA 23 12.90 -32.64 -78.37
C ALA OA 23 12.41 -32.49 -79.80
N ALA OA 24 12.13 -33.64 -80.44
CA ALA OA 24 11.75 -33.64 -81.85
C ALA OA 24 10.59 -34.60 -82.07
N ILE OA 25 9.64 -34.17 -82.91
CA ILE OA 25 8.54 -35.00 -83.37
C ILE OA 25 8.56 -34.95 -84.89
N GLN OA 26 8.97 -36.06 -85.51
CA GLN OA 26 9.19 -36.12 -86.95
C GLN OA 26 8.07 -36.91 -87.61
N GLY OA 27 7.63 -36.41 -88.77
CA GLY OA 27 6.60 -37.09 -89.54
C GLY OA 27 6.99 -37.28 -91.00
N THR OA 28 7.00 -38.53 -91.45
CA THR OA 28 7.33 -38.86 -92.83
C THR OA 28 6.07 -39.30 -93.56
N PHE OA 29 5.87 -38.75 -94.76
CA PHE OA 29 4.66 -39.03 -95.53
C PHE OA 29 4.67 -40.48 -96.03
N GLY OA 30 3.55 -40.88 -96.62
CA GLY OA 30 3.44 -42.20 -97.20
C GLY OA 30 1.99 -42.64 -97.24
N ASN OA 31 1.79 -43.90 -97.60
CA ASN OA 31 0.47 -44.53 -97.71
C ASN OA 31 -0.42 -43.78 -98.70
N SER OA 32 -1.33 -42.96 -98.19
CA SER OA 32 -2.28 -42.23 -99.01
C SER OA 32 -1.73 -40.91 -99.53
N ALA OA 33 -0.48 -40.58 -99.19
CA ALA OA 33 0.10 -39.32 -99.63
C ALA OA 33 0.42 -39.36 -101.12
N ALA OA 34 0.64 -38.17 -101.68
CA ALA OA 34 1.00 -38.07 -103.08
C ALA OA 34 2.36 -38.68 -103.34
N ILE OA 35 2.55 -39.20 -104.55
CA ILE OA 35 3.81 -39.82 -104.91
C ILE OA 35 4.94 -38.80 -104.92
N LYS OA 36 4.63 -37.56 -105.33
CA LYS OA 36 5.66 -36.53 -105.40
C LYS OA 36 6.23 -36.21 -104.02
N ILE OA 37 5.39 -36.17 -102.99
CA ILE OA 37 5.83 -35.85 -101.64
C ILE OA 37 5.81 -37.11 -100.79
N LYS OA 38 5.96 -38.27 -101.44
CA LYS OA 38 5.76 -39.54 -100.78
C LYS OA 38 6.82 -39.80 -99.70
N ASN OA 39 8.08 -39.50 -99.98
CA ASN OA 39 9.18 -39.90 -99.10
C ASN OA 39 9.85 -38.73 -98.40
N GLN OA 40 9.19 -37.58 -98.32
CA GLN OA 40 9.76 -36.46 -97.59
C GLN OA 40 9.36 -36.53 -96.11
N THR OA 41 10.04 -35.73 -95.30
CA THR OA 41 9.87 -35.76 -93.85
C THR OA 41 9.47 -34.39 -93.34
N LEU OA 42 8.68 -34.39 -92.26
CA LEU OA 42 8.27 -33.18 -91.57
C LEU OA 42 8.56 -33.35 -90.09
N THR OA 43 9.45 -32.54 -89.55
CA THR OA 43 9.86 -32.62 -88.16
C THR OA 43 9.83 -31.25 -87.50
N TRP OA 44 9.52 -31.23 -86.21
CA TRP OA 44 9.50 -30.01 -85.42
C TRP OA 44 10.63 -30.09 -84.40
N THR OA 45 11.34 -28.98 -84.22
CA THR OA 45 12.50 -28.93 -83.33
C THR OA 45 12.16 -28.08 -82.12
N ARG OA 46 12.29 -28.68 -80.94
CA ARG OA 46 12.01 -27.99 -79.68
C ARG OA 46 13.30 -27.79 -78.91
N THR OA 47 13.70 -26.54 -78.74
CA THR OA 47 14.87 -26.23 -77.93
C THR OA 47 14.58 -26.53 -76.46
N PRO OA 48 15.62 -26.89 -75.69
CA PRO OA 48 15.41 -27.11 -74.25
C PRO OA 48 14.91 -25.88 -73.50
N GLU OA 49 15.23 -24.67 -73.97
CA GLU OA 49 14.81 -23.47 -73.25
C GLU OA 49 13.29 -23.30 -73.23
N GLY OA 50 12.57 -23.85 -74.21
CA GLY OA 50 11.13 -23.80 -74.19
C GLY OA 50 10.50 -23.10 -75.39
N ALA OA 51 11.19 -23.12 -76.52
CA ALA OA 51 10.67 -22.55 -77.76
C ALA OA 51 10.52 -23.65 -78.80
N TRP OA 52 9.35 -23.72 -79.42
CA TRP OA 52 9.06 -24.72 -80.44
C TRP OA 52 9.30 -24.14 -81.83
N SER OA 53 9.77 -25.00 -82.74
CA SER OA 53 10.04 -24.59 -84.11
C SER OA 53 9.59 -25.70 -85.05
N CYS OA 54 9.31 -25.33 -86.29
CA CYS OA 54 8.82 -26.24 -87.31
C CYS OA 54 9.76 -26.28 -88.49
N ALA OA 55 9.90 -27.46 -89.09
CA ALA OA 55 10.76 -27.63 -90.25
C ALA OA 55 10.17 -28.70 -91.15
N THR OA 56 10.53 -28.65 -92.43
CA THR OA 56 10.06 -29.62 -93.39
C THR OA 56 11.02 -29.68 -94.57
N THR OA 57 10.99 -30.80 -95.28
CA THR OA 57 11.82 -31.01 -96.47
C THR OA 57 11.02 -30.94 -97.76
N VAL OA 58 9.74 -30.57 -97.70
CA VAL OA 58 8.92 -30.51 -98.91
C VAL OA 58 9.33 -29.31 -99.76
N GLU OA 59 8.92 -29.33 -101.02
CA GLU OA 59 9.34 -28.30 -101.97
C GLU OA 59 8.80 -26.93 -101.57
N ALA OA 60 9.44 -25.89 -102.12
CA ALA OA 60 9.15 -24.52 -101.71
C ALA OA 60 7.71 -24.13 -102.03
N LYS OA 61 7.22 -24.50 -103.22
CA LYS OA 61 5.86 -24.15 -103.59
C LYS OA 61 4.82 -24.88 -102.75
N PHE OA 62 5.21 -25.99 -102.11
CA PHE OA 62 4.31 -26.70 -101.21
C PHE OA 62 4.44 -26.25 -99.76
N LYS OA 63 5.43 -25.42 -99.44
CA LYS OA 63 5.64 -25.00 -98.06
C LYS OA 63 4.63 -23.93 -97.67
N PRO OA 64 3.84 -24.16 -96.62
CA PRO OA 64 3.00 -23.08 -96.09
C PRO OA 64 3.85 -22.01 -95.42
N ALA OA 65 3.25 -20.84 -95.24
CA ALA OA 65 3.97 -19.71 -94.65
C ALA OA 65 4.40 -20.00 -93.22
N GLY OA 66 3.68 -20.87 -92.52
CA GLY OA 66 4.02 -21.16 -91.13
C GLY OA 66 5.36 -21.87 -90.99
N CYS OA 67 5.61 -22.87 -91.83
CA CYS OA 67 6.84 -23.66 -91.77
C CYS OA 67 7.75 -23.42 -92.97
N ALA OA 68 7.85 -22.18 -93.43
CA ALA OA 68 8.75 -21.83 -94.54
C ALA OA 68 10.17 -21.63 -94.02
N SER OA 69 10.72 -22.70 -93.46
CA SER OA 69 12.06 -22.66 -92.88
C SER OA 69 12.83 -23.93 -93.20
#